data_7THT
#
_entry.id   7THT
#
loop_
_entity.id
_entity.type
_entity.pdbx_description
1 polymer 'Spike glycoprotein'
2 polymer 'DH1042 heavy chain'
3 polymer 'DH1042 light chain'
4 branched beta-D-mannopyranose-(1-4)-2-acetamido-2-deoxy-beta-D-glucopyranose-(1-4)-2-acetamido-2-deoxy-beta-D-glucopyranose
5 branched 2-acetamido-2-deoxy-beta-D-glucopyranose-(1-4)-2-acetamido-2-deoxy-beta-D-glucopyranose
6 non-polymer 2-acetamido-2-deoxy-beta-D-glucopyranose
#
loop_
_entity_poly.entity_id
_entity_poly.type
_entity_poly.pdbx_seq_one_letter_code
_entity_poly.pdbx_strand_id
1 'polypeptide(L)'
;AYTNSFTRGVYYPDKVFRSSVLHSTQDLFLPFFSNVTWFHAIHVSGTNGTKRFDNPVLPFNDGVYFASTEKSNIIRGWIF
GTTLDSKTQSLLIVNNATNVVIKVCEFQFCNDPFLGVYYHKNNKSWMESEFRVYSSANNCTFEYVSQPFLMDLEGKQGNF
KNLREFVFKNIDGYFKIYSKHTPINLVRDLPQGFSALEPLVDLPIGINITRFQTLLALHRSYLTPGDSSSGWTAGAAAYY
VGYLQPRTFLLKYNENGTITDAVDCALDPLSETKCTLKSFTVEKGIYQTSNFRVQPTESIVRFPNITNLCPFGEVFNATR
FASVYAWNRKRISNCVADYSVLYNSASFSTFKCYGVSPTKLNDLCFTNVYADSFVIRGDEVRQIAPGQTGKIADYNYKLP
DDFTGCVIAWNSNNLDSKVGGNYNYLYRLFRKSNLKPFERDISTEIYQAGSTPCNGVEGFNCYFPLQSYGFQPTNGVGYQ
PYRVVVLSFELLHAPATVCGPKKSTNLVKNKCVNFNFNGLTGTGVLTESNKKFLPFQQFGRDIADTTDAVRDPQTLEILD
ITPCSFGGVSVITPGTNTSNEVAVLYQDVNCTEVPVAIHADQLTPTWRVYSTGSNVFQTRAGCLIGAEHVNNSYECDIPI
GAGICASYQTQTNSPRRARSVASQSIIAYTMSLGAENSVAYSNNSIAIPTNFTISVTTEILPVSMTKTSVDCTMYICGDS
TECSNLLLQYGSFCTQLNRALTGIAVEQDKNTQEVFAQVKQIYKTPPIKDFGGFNFSQILPDPSKPSKRSFIEDLLFNKV
TLADAGFIKQYGDCLGDIAARDLICAQKFNGLTVLPPLLTDEMIAQYTSALLAGTITSGWTFGAGAALQIPFAMQMAYRF
NGIGVTQNVLYENQKLIANQFNSAIGKIQDSLSSTASALGKLQDVVNQNAQALNTLVKQLSSNFGAISSVLNDILSRLDP
PEAEVQIDRLITGRLQSLQTYVTQQLIRAAEIRASANLAATKMSECVLGQSKRVDFCGKGYHLMSFPQSAPHGVVFLHVT
YVPAQEKNFTTAPAICHDGKAHFPREGVFVSNGTHWFVTQRNFYEPQIITTDNTFVSGNCDVVIGIVNNTVYDPLQPELD
S
;
S,V,C
2 'polypeptide(L)'
;QVQLVQSGAEVKKPGSSVKVSCKASGGTFSSYAISWVRQAPGQGLEWMGRIIPMFGIANYAQKFQGRVTITADKSTSTAY
LELSSLRSEDTAVYYCARYMVTRDQYYYDMDVWGQGTTVTVS
;
H,a,d
3 'polypeptide(L)'
;DIQMTQSPSSLSASVGDRVTITCRASQSISNYLNWYQQKPGKAPKLLIYAASSLQSGVPSRFSGSGSGTDFTLTISSLQP
EDFATYYCQQSYSPPPTFGQGTKLEI
;
L,c,b
#
# COMPACT_ATOMS: atom_id res chain seq x y z
N ALA A 1 32.06 52.61 8.55
CA ALA A 1 33.25 51.75 8.32
C ALA A 1 32.86 50.26 8.25
N TYR A 2 33.70 49.43 7.63
CA TYR A 2 33.42 48.00 7.35
C TYR A 2 34.65 47.12 7.53
N THR A 3 34.46 45.85 7.92
CA THR A 3 35.51 44.88 8.23
C THR A 3 35.08 43.45 7.90
N ASN A 4 36.02 42.50 7.82
CA ASN A 4 35.70 41.11 7.50
C ASN A 4 35.59 40.27 8.79
N SER A 5 34.44 39.62 9.01
CA SER A 5 34.24 38.68 10.11
C SER A 5 34.71 37.30 9.70
N PHE A 6 35.97 36.97 9.94
CA PHE A 6 36.59 35.77 9.37
C PHE A 6 35.80 34.48 9.68
N THR A 7 35.76 34.09 10.94
CA THR A 7 35.08 32.87 11.42
C THR A 7 34.55 33.09 12.84
N ARG A 8 33.61 34.03 12.96
CA ARG A 8 33.00 34.50 14.22
C ARG A 8 31.48 34.38 14.14
N GLY A 9 30.81 34.31 15.29
CA GLY A 9 29.34 34.27 15.33
C GLY A 9 28.73 32.89 15.09
N VAL A 10 29.49 31.82 15.32
CA VAL A 10 28.92 30.47 15.51
C VAL A 10 28.53 30.28 16.96
N TYR A 11 27.45 29.56 17.24
CA TYR A 11 26.90 29.37 18.58
C TYR A 11 26.29 27.97 18.70
N TYR A 12 26.18 27.42 19.92
CA TYR A 12 25.60 26.10 20.12
C TYR A 12 24.11 26.11 19.73
N PRO A 13 23.69 25.40 18.67
CA PRO A 13 22.37 25.58 18.06
C PRO A 13 21.21 25.01 18.90
N ASP A 14 21.49 24.08 19.81
CA ASP A 14 20.50 23.36 20.63
C ASP A 14 21.08 22.95 21.98
N LYS A 15 20.21 22.62 22.94
CA LYS A 15 20.57 22.36 24.36
C LYS A 15 21.20 20.97 24.56
N VAL A 16 21.94 20.50 23.58
CA VAL A 16 22.37 19.10 23.43
C VAL A 16 23.87 18.96 23.51
N PHE A 17 24.33 17.88 24.11
CA PHE A 17 25.73 17.49 24.11
C PHE A 17 26.01 16.51 22.99
N ARG A 18 27.01 16.77 22.16
CA ARG A 18 27.54 15.85 21.16
C ARG A 18 29.05 15.92 21.29
N SER A 19 29.75 14.79 21.21
CA SER A 19 31.21 14.77 21.31
C SER A 19 31.83 13.94 20.19
N SER A 20 32.94 14.43 19.65
CA SER A 20 33.68 13.80 18.56
C SER A 20 32.79 13.53 17.33
N VAL A 21 31.94 14.48 16.95
CA VAL A 21 31.09 14.39 15.75
C VAL A 21 31.19 15.64 14.89
N LEU A 22 30.91 15.49 13.60
CA LEU A 22 30.72 16.55 12.64
C LEU A 22 29.23 16.59 12.30
N HIS A 23 28.52 17.63 12.72
CA HIS A 23 27.05 17.71 12.66
C HIS A 23 26.56 18.82 11.74
N SER A 24 25.77 18.50 10.72
CA SER A 24 25.29 19.47 9.74
C SER A 24 23.94 20.01 10.15
N THR A 25 23.86 21.33 10.37
CA THR A 25 22.67 21.99 10.92
C THR A 25 22.30 23.23 10.13
N GLN A 26 21.01 23.50 9.95
CA GLN A 26 20.51 24.69 9.28
C GLN A 26 19.89 25.64 10.29
N ASP A 27 20.37 26.87 10.34
CA ASP A 27 19.87 27.91 11.25
C ASP A 27 20.35 29.29 10.77
N LEU A 28 19.84 30.35 11.40
CA LEU A 28 20.42 31.67 11.24
C LEU A 28 21.83 31.70 11.81
N PHE A 29 22.84 31.88 10.97
CA PHE A 29 24.25 32.05 11.38
C PHE A 29 24.85 33.27 10.67
N LEU A 30 25.91 33.87 11.20
CA LEU A 30 26.67 34.88 10.46
C LEU A 30 27.50 34.18 9.38
N PRO A 31 27.31 34.44 8.07
CA PRO A 31 28.10 33.80 7.02
C PRO A 31 29.61 33.95 7.22
N PHE A 32 30.39 32.94 6.88
CA PHE A 32 31.84 33.03 7.02
C PHE A 32 32.42 34.10 6.09
N PHE A 33 33.48 34.77 6.55
CA PHE A 33 34.11 35.89 5.85
C PHE A 33 33.13 37.01 5.44
N SER A 34 32.05 37.17 6.21
CA SER A 34 30.98 38.14 5.86
C SER A 34 31.40 39.59 6.09
N ASN A 35 30.61 40.51 5.51
CA ASN A 35 30.86 41.98 5.65
C ASN A 35 30.24 42.41 6.98
N VAL A 36 31.03 43.00 7.87
CA VAL A 36 30.51 43.41 9.21
C VAL A 36 30.74 44.90 9.41
N THR A 37 29.67 45.64 9.69
CA THR A 37 29.74 47.08 9.96
C THR A 37 30.53 47.33 11.24
N TRP A 38 31.22 48.47 11.33
CA TRP A 38 31.99 48.85 12.49
C TRP A 38 31.68 50.30 12.89
N PHE A 39 31.54 50.57 14.20
CA PHE A 39 31.12 51.85 14.75
C PHE A 39 32.04 52.31 15.89
N HIS A 40 32.11 53.63 16.09
CA HIS A 40 32.93 54.29 17.12
C HIS A 40 32.09 55.14 18.07
N ALA A 41 32.52 55.24 19.33
CA ALA A 41 31.88 56.04 20.38
C ALA A 41 32.19 57.55 20.32
N ILE A 42 33.20 57.96 19.53
CA ILE A 42 33.68 59.36 19.45
C ILE A 42 32.63 60.34 18.91
N HIS A 43 32.74 61.60 19.32
CA HIS A 43 31.84 62.70 18.95
C HIS A 43 30.36 62.37 19.15
N PRO A 56 22.97 55.08 17.62
CA PRO A 56 22.20 55.07 16.38
C PRO A 56 21.23 53.89 16.31
N VAL A 57 20.02 54.12 15.78
CA VAL A 57 19.07 53.04 15.46
C VAL A 57 19.55 52.28 14.22
N LEU A 58 19.54 50.95 14.30
CA LEU A 58 19.96 50.01 13.27
C LEU A 58 18.83 49.01 12.97
N PRO A 59 18.67 48.51 11.73
CA PRO A 59 17.73 47.43 11.45
C PRO A 59 18.13 46.16 12.20
N PHE A 60 17.16 45.29 12.46
CA PHE A 60 17.36 43.94 12.99
C PHE A 60 16.73 42.98 11.97
N ASN A 61 17.52 42.59 10.95
CA ASN A 61 16.95 42.04 9.72
C ASN A 61 16.36 40.63 9.87
N ASP A 62 16.97 39.80 10.70
CA ASP A 62 16.52 38.44 11.08
C ASP A 62 17.05 38.09 12.47
N GLY A 63 18.35 38.31 12.66
CA GLY A 63 19.05 38.33 13.93
C GLY A 63 20.38 39.06 13.76
N VAL A 64 21.07 39.36 14.85
CA VAL A 64 22.29 40.18 14.85
C VAL A 64 23.41 39.50 15.59
N TYR A 65 24.56 39.36 14.96
CA TYR A 65 25.82 39.21 15.65
C TYR A 65 26.31 40.60 16.05
N PHE A 66 26.65 40.81 17.31
CA PHE A 66 27.16 42.07 17.84
C PHE A 66 28.41 41.78 18.66
N ALA A 67 29.45 42.62 18.58
CA ALA A 67 30.59 42.47 19.48
C ALA A 67 31.28 43.80 19.77
N SER A 68 31.96 43.91 20.92
CA SER A 68 32.74 45.11 21.26
C SER A 68 34.11 44.76 21.82
N THR A 69 35.13 45.40 21.27
CA THR A 69 36.47 45.44 21.83
C THR A 69 36.52 46.43 22.98
N GLU A 70 37.13 46.01 24.10
CA GLU A 70 36.72 46.52 25.41
C GLU A 70 37.85 46.64 26.42
N LYS A 71 37.56 47.41 27.49
CA LYS A 71 38.51 47.85 28.51
C LYS A 71 37.93 47.80 29.92
N SER A 72 36.62 48.04 30.09
CA SER A 72 36.02 48.26 31.42
C SER A 72 34.50 48.04 31.50
N ASN A 73 33.88 47.34 30.54
CA ASN A 73 32.42 47.28 30.39
C ASN A 73 31.82 48.66 30.08
N ILE A 74 32.30 49.27 28.99
CA ILE A 74 31.92 50.60 28.50
C ILE A 74 30.52 50.58 27.85
N ILE A 75 30.22 49.57 27.03
CA ILE A 75 28.87 49.39 26.46
C ILE A 75 28.00 48.67 27.49
N ARG A 76 26.91 49.30 27.90
CA ARG A 76 26.08 48.85 29.03
C ARG A 76 24.84 48.06 28.61
N GLY A 77 24.40 48.15 27.35
CA GLY A 77 23.17 47.47 26.98
C GLY A 77 22.67 47.73 25.56
N TRP A 78 21.44 47.33 25.31
CA TRP A 78 20.75 47.38 24.02
C TRP A 78 19.26 47.65 24.20
N ILE A 79 18.64 48.15 23.15
CA ILE A 79 17.19 48.26 22.99
C ILE A 79 16.81 47.54 21.71
N PHE A 80 15.72 46.78 21.70
CA PHE A 80 15.19 46.09 20.51
C PHE A 80 13.68 46.34 20.41
N GLY A 81 13.17 46.57 19.20
CA GLY A 81 11.72 46.82 19.10
C GLY A 81 11.23 47.12 17.70
N THR A 82 10.31 48.08 17.57
CA THR A 82 9.70 48.45 16.27
C THR A 82 9.48 49.96 16.19
N THR A 83 9.37 50.64 17.33
CA THR A 83 9.08 52.09 17.38
C THR A 83 9.88 52.67 18.54
N LEU A 84 10.52 51.78 19.27
CA LEU A 84 11.44 52.13 20.38
C LEU A 84 11.00 53.29 21.30
N ASP A 85 10.30 54.30 20.78
CA ASP A 85 9.99 55.56 21.47
C ASP A 85 8.82 55.47 22.47
N SER A 86 9.04 54.88 23.64
CA SER A 86 8.05 54.78 24.74
C SER A 86 6.70 54.19 24.29
N LYS A 87 6.73 53.15 23.45
CA LYS A 87 5.55 52.58 22.78
C LYS A 87 5.63 51.04 22.67
N SER A 90 9.97 45.97 21.95
CA SER A 90 10.34 47.09 22.81
C SER A 90 11.14 46.67 24.05
N LEU A 91 11.98 45.64 23.93
CA LEU A 91 12.95 45.25 24.97
C LEU A 91 13.92 46.38 25.29
N LEU A 92 14.33 46.44 26.55
CA LEU A 92 15.61 46.98 26.98
C LEU A 92 16.37 45.89 27.73
N ILE A 93 17.68 45.81 27.47
CA ILE A 93 18.62 44.93 28.16
C ILE A 93 19.77 45.79 28.66
N VAL A 94 20.03 45.86 29.97
CA VAL A 94 21.16 46.62 30.52
C VAL A 94 21.88 45.83 31.62
N ASN A 95 23.20 45.73 31.45
CA ASN A 95 24.11 45.02 32.37
C ASN A 95 24.58 46.00 33.44
N ASN A 96 23.61 46.58 34.17
CA ASN A 96 23.83 47.58 35.25
C ASN A 96 25.04 47.21 36.10
N ALA A 97 26.22 47.66 35.67
CA ALA A 97 27.50 47.43 36.39
C ALA A 97 27.76 45.94 36.66
N THR A 98 26.97 45.34 37.55
CA THR A 98 27.18 43.94 37.94
C THR A 98 25.88 43.13 38.07
N ASN A 99 24.79 43.59 37.42
CA ASN A 99 23.47 42.96 37.47
C ASN A 99 22.72 43.20 36.14
N VAL A 100 22.46 42.15 35.36
CA VAL A 100 21.66 42.25 34.13
C VAL A 100 20.18 42.43 34.45
N VAL A 101 19.53 43.37 33.79
CA VAL A 101 18.10 43.69 33.93
C VAL A 101 17.46 43.76 32.55
N ILE A 102 16.29 43.13 32.39
CA ILE A 102 15.57 43.02 31.12
C ILE A 102 14.07 43.25 31.33
N LYS A 103 13.41 44.01 30.46
CA LYS A 103 11.96 44.21 30.45
C LYS A 103 11.47 44.77 29.11
N VAL A 104 10.15 44.81 28.87
CA VAL A 104 9.53 45.28 27.61
C VAL A 104 8.62 46.50 27.78
N CYS A 105 8.77 47.23 28.88
CA CYS A 105 7.98 48.41 29.22
C CYS A 105 8.13 49.56 28.20
N GLU A 106 7.24 50.55 28.28
CA GLU A 106 7.40 51.84 27.61
C GLU A 106 8.45 52.71 28.33
N PHE A 107 9.74 52.38 28.14
CA PHE A 107 10.87 53.09 28.73
C PHE A 107 11.01 54.54 28.26
N GLN A 108 11.79 55.35 28.98
CA GLN A 108 12.10 56.74 28.62
C GLN A 108 12.80 56.83 27.26
N PHE A 109 12.10 57.35 26.25
CA PHE A 109 12.58 57.41 24.88
C PHE A 109 13.62 58.52 24.64
N CYS A 110 14.47 58.32 23.63
CA CYS A 110 15.40 59.32 23.11
C CYS A 110 15.88 58.93 21.71
N ASN A 111 16.44 59.89 20.97
CA ASN A 111 17.16 59.61 19.71
C ASN A 111 18.53 58.95 19.96
N ASP A 112 19.22 59.37 21.02
CA ASP A 112 20.50 58.83 21.48
C ASP A 112 20.43 58.56 23.00
N PRO A 113 19.73 57.49 23.42
CA PRO A 113 19.53 57.15 24.82
C PRO A 113 20.81 56.56 25.47
N PHE A 114 21.08 56.95 26.71
CA PHE A 114 22.12 56.32 27.55
C PHE A 114 21.81 56.49 29.04
N LEU A 115 22.39 55.61 29.86
CA LEU A 115 22.25 55.61 31.32
C LEU A 115 23.00 56.78 32.01
N GLY A 116 22.69 57.06 33.26
CA GLY A 116 23.41 58.05 34.07
C GLY A 116 24.88 57.65 34.29
N VAL A 117 25.81 58.52 33.87
CA VAL A 117 27.26 58.25 33.87
C VAL A 117 27.82 58.12 35.30
N CYS A 140 4.85 45.98 29.17
CA CYS A 140 5.26 45.59 30.53
C CYS A 140 5.14 44.08 30.79
N THR A 141 4.68 43.30 29.81
CA THR A 141 4.23 41.90 29.97
C THR A 141 5.36 40.86 30.11
N PHE A 142 6.61 41.27 30.32
CA PHE A 142 7.72 40.39 30.68
C PHE A 142 8.78 41.12 31.53
N GLU A 143 9.51 40.38 32.37
CA GLU A 143 10.72 40.84 33.07
C GLU A 143 11.70 39.67 33.33
N TYR A 144 12.99 39.96 33.38
CA TYR A 144 14.04 39.07 33.87
C TYR A 144 15.14 39.88 34.58
N VAL A 145 15.79 39.31 35.59
CA VAL A 145 16.97 39.89 36.27
C VAL A 145 17.97 38.78 36.62
N SER A 146 19.28 39.04 36.52
CA SER A 146 20.33 38.11 36.96
C SER A 146 21.67 38.79 37.29
N PHE A 160 42.62 48.26 23.68
CA PHE A 160 41.67 47.22 24.07
C PHE A 160 42.35 46.01 24.71
N LYS A 161 41.67 45.33 25.64
CA LYS A 161 42.17 44.14 26.36
C LYS A 161 41.39 42.86 26.02
N ASN A 162 40.09 42.98 25.76
CA ASN A 162 39.19 41.86 25.52
C ASN A 162 38.13 42.16 24.46
N LEU A 163 37.50 41.11 23.93
CA LEU A 163 36.35 41.16 23.05
C LEU A 163 35.15 40.49 23.75
N ARG A 164 34.03 41.21 23.83
CA ARG A 164 32.74 40.67 24.26
C ARG A 164 31.91 40.38 23.01
N GLU A 165 31.53 39.13 22.77
CA GLU A 165 30.73 38.73 21.60
C GLU A 165 29.32 38.31 22.01
N PHE A 166 28.32 38.65 21.20
CA PHE A 166 26.92 38.32 21.42
C PHE A 166 26.23 37.92 20.12
N VAL A 167 25.26 37.03 20.20
CA VAL A 167 24.27 36.80 19.13
C VAL A 167 22.89 37.01 19.72
N PHE A 168 22.08 37.83 19.06
CA PHE A 168 20.68 38.08 19.41
C PHE A 168 19.80 37.57 18.28
N LYS A 169 18.86 36.65 18.53
CA LYS A 169 17.85 36.26 17.52
C LYS A 169 16.49 36.02 18.15
N ASN A 170 15.42 36.28 17.40
CA ASN A 170 14.05 35.95 17.79
C ASN A 170 13.47 34.91 16.84
N ILE A 171 13.11 33.72 17.35
CA ILE A 171 12.46 32.63 16.59
C ILE A 171 11.35 32.01 17.45
N ASP A 172 10.16 31.81 16.85
CA ASP A 172 8.98 31.21 17.50
C ASP A 172 8.63 31.86 18.86
N GLY A 173 8.71 33.19 18.92
CA GLY A 173 8.42 34.01 20.09
C GLY A 173 9.48 33.99 21.19
N TYR A 174 10.43 33.06 21.17
CA TYR A 174 11.57 33.10 22.08
C TYR A 174 12.65 34.04 21.54
N PHE A 175 13.08 34.98 22.38
CA PHE A 175 14.19 35.87 22.12
C PHE A 175 15.43 35.28 22.81
N LYS A 176 16.45 34.91 22.03
CA LYS A 176 17.60 34.14 22.49
C LYS A 176 18.85 35.01 22.48
N ILE A 177 19.64 34.96 23.54
CA ILE A 177 20.93 35.66 23.63
C ILE A 177 22.03 34.63 23.87
N TYR A 178 23.05 34.61 23.01
CA TYR A 178 24.24 33.78 23.16
C TYR A 178 25.46 34.67 23.32
N SER A 179 26.51 34.25 24.02
CA SER A 179 27.70 35.06 24.21
C SER A 179 28.97 34.26 24.47
N LYS A 180 30.14 34.87 24.26
CA LYS A 180 31.42 34.45 24.82
C LYS A 180 32.36 35.64 24.95
N HIS A 181 33.34 35.57 25.86
CA HIS A 181 34.36 36.61 26.08
C HIS A 181 35.76 36.05 25.79
N THR A 182 36.67 36.86 25.24
CA THR A 182 38.04 36.40 24.93
C THR A 182 39.07 37.54 24.95
N PRO A 183 40.34 37.31 25.35
CA PRO A 183 41.41 38.31 25.24
C PRO A 183 41.80 38.58 23.78
N ILE A 184 42.13 39.84 23.45
CA ILE A 184 42.50 40.27 22.09
C ILE A 184 43.61 41.34 22.08
N ASN A 185 44.28 41.46 20.94
CA ASN A 185 45.30 42.50 20.67
C ASN A 185 45.03 43.30 19.38
N LEU A 186 44.30 42.73 18.41
CA LEU A 186 43.96 43.36 17.13
C LEU A 186 42.87 44.44 17.30
N VAL A 187 43.24 45.72 17.12
CA VAL A 187 42.33 46.85 17.40
C VAL A 187 41.39 47.22 16.25
N ARG A 188 41.78 46.96 15.00
CA ARG A 188 41.04 47.37 13.79
C ARG A 188 39.78 46.54 13.55
N ASP A 189 39.92 45.22 13.55
CA ASP A 189 38.88 44.27 13.16
C ASP A 189 38.84 43.01 14.05
N LEU A 190 37.77 42.22 13.92
CA LEU A 190 37.54 41.03 14.74
C LEU A 190 38.67 40.00 14.59
N PRO A 191 39.09 39.33 15.67
CA PRO A 191 40.23 38.43 15.65
C PRO A 191 39.96 37.18 14.80
N GLN A 192 40.88 36.92 13.86
CA GLN A 192 40.94 35.65 13.14
C GLN A 192 41.19 34.49 14.12
N GLY A 193 40.61 33.33 13.83
CA GLY A 193 40.45 32.23 14.79
C GLY A 193 38.98 32.05 15.14
N PHE A 194 38.68 31.02 15.94
CA PHE A 194 37.32 30.53 16.11
C PHE A 194 36.96 30.26 17.57
N SER A 195 35.79 30.75 17.98
CA SER A 195 35.17 30.50 19.28
C SER A 195 33.66 30.40 19.11
N ALA A 196 33.02 29.44 19.77
CA ALA A 196 31.59 29.20 19.65
C ALA A 196 30.83 29.76 20.86
N LEU A 197 29.81 30.58 20.62
CA LEU A 197 29.06 31.29 21.65
C LEU A 197 28.03 30.40 22.34
N GLU A 198 27.87 30.56 23.65
CA GLU A 198 27.03 29.72 24.51
C GLU A 198 25.75 30.48 24.93
N PRO A 199 24.58 29.83 25.09
CA PRO A 199 23.35 30.53 25.48
C PRO A 199 23.48 31.18 26.86
N LEU A 200 23.16 32.47 26.97
CA LEU A 200 23.01 33.15 28.27
C LEU A 200 21.58 32.99 28.79
N VAL A 201 20.60 33.36 27.95
CA VAL A 201 19.18 33.41 28.28
C VAL A 201 18.33 33.10 27.06
N ASP A 202 17.08 32.77 27.30
CA ASP A 202 16.14 32.29 26.29
C ASP A 202 14.73 32.71 26.72
N LEU A 203 14.27 33.86 26.23
CA LEU A 203 13.21 34.65 26.88
C LEU A 203 11.89 34.54 26.07
N PRO A 204 10.77 34.07 26.65
CA PRO A 204 9.52 33.77 25.95
C PRO A 204 8.67 35.02 25.58
N ILE A 205 9.37 36.09 25.20
CA ILE A 205 8.73 37.40 24.90
C ILE A 205 7.72 37.26 23.78
N GLY A 206 8.18 37.11 22.54
CA GLY A 206 7.26 37.01 21.41
C GLY A 206 6.83 38.38 20.93
N ILE A 207 7.77 39.32 20.80
CA ILE A 207 7.50 40.72 20.39
C ILE A 207 7.65 40.86 18.86
N ASN A 208 7.79 42.07 18.31
CA ASN A 208 7.93 42.13 16.84
C ASN A 208 9.15 42.98 16.49
N ILE A 209 10.23 42.80 17.24
CA ILE A 209 11.50 43.57 17.10
C ILE A 209 11.86 43.73 15.64
N THR A 210 11.96 44.97 15.16
CA THR A 210 12.38 45.18 13.76
C THR A 210 13.77 45.80 13.82
N ARG A 211 13.90 46.81 14.66
CA ARG A 211 15.18 47.52 14.80
C ARG A 211 15.78 47.22 16.15
N PHE A 212 16.95 47.77 16.37
CA PHE A 212 17.68 47.79 17.63
C PHE A 212 18.59 49.02 17.75
N GLN A 213 19.10 49.32 18.96
CA GLN A 213 20.05 50.40 19.23
C GLN A 213 20.95 50.05 20.40
N THR A 214 22.16 50.59 20.43
CA THR A 214 23.18 50.29 21.45
C THR A 214 23.24 51.36 22.53
N LEU A 215 23.28 50.95 23.80
CA LEU A 215 23.40 51.83 24.97
C LEU A 215 24.86 51.94 25.42
N LEU A 216 25.55 52.98 24.98
CA LEU A 216 26.96 53.23 25.29
C LEU A 216 27.19 53.58 26.76
N ALA A 237 35.95 53.95 22.40
CA ALA A 237 35.46 52.57 22.29
C ALA A 237 34.72 52.32 20.97
N ALA A 238 34.48 51.04 20.64
CA ALA A 238 33.95 50.62 19.35
C ALA A 238 33.11 49.34 19.43
N TYR A 239 32.25 49.10 18.44
CA TYR A 239 31.51 47.85 18.29
C TYR A 239 31.24 47.48 16.84
N TYR A 240 31.02 46.19 16.60
CA TYR A 240 30.81 45.58 15.29
C TYR A 240 29.41 45.01 15.21
N VAL A 241 28.77 45.07 14.04
CA VAL A 241 27.43 44.52 13.82
C VAL A 241 27.40 43.76 12.50
N GLY A 242 26.81 42.57 12.50
CA GLY A 242 26.56 41.80 11.29
C GLY A 242 25.23 41.06 11.38
N TYR A 243 24.61 40.77 10.26
CA TYR A 243 23.30 40.14 10.24
C TYR A 243 23.42 38.66 9.96
N LEU A 244 22.75 37.85 10.78
CA LEU A 244 22.65 36.42 10.55
C LEU A 244 21.85 36.17 9.26
N GLN A 245 22.08 35.04 8.62
CA GLN A 245 21.34 34.59 7.44
C GLN A 245 21.05 33.09 7.59
N PRO A 246 19.98 32.57 6.99
CA PRO A 246 19.70 31.15 7.00
C PRO A 246 20.79 30.41 6.19
N ARG A 247 21.64 29.64 6.88
CA ARG A 247 22.77 28.92 6.29
C ARG A 247 22.78 27.49 6.79
N THR A 248 23.44 26.59 6.05
CA THR A 248 23.76 25.26 6.56
C THR A 248 25.20 25.26 7.00
N PHE A 249 25.48 24.94 8.26
CA PHE A 249 26.83 24.88 8.81
C PHE A 249 27.12 23.46 9.23
N LEU A 250 28.32 22.95 8.92
CA LEU A 250 28.84 21.72 9.49
C LEU A 250 29.66 22.10 10.73
N LEU A 251 29.25 21.67 11.92
CA LEU A 251 29.88 22.01 13.19
C LEU A 251 30.72 20.85 13.70
N LYS A 252 31.97 21.09 14.09
CA LYS A 252 32.85 20.06 14.68
C LYS A 252 32.82 20.15 16.18
N TYR A 253 32.31 19.13 16.85
CA TYR A 253 32.33 19.01 18.31
C TYR A 253 33.49 18.11 18.75
N ASN A 254 34.38 18.57 19.63
CA ASN A 254 35.51 17.75 20.09
C ASN A 254 35.11 16.76 21.20
N GLU A 255 36.09 16.08 21.81
CA GLU A 255 35.86 15.13 22.90
C GLU A 255 35.21 15.75 24.14
N ASN A 256 35.46 17.02 24.42
CA ASN A 256 34.88 17.79 25.53
C ASN A 256 33.58 18.51 25.13
N GLY A 257 32.85 17.96 24.15
CA GLY A 257 31.55 18.49 23.72
C GLY A 257 31.56 19.92 23.17
N THR A 258 32.73 20.44 22.81
CA THR A 258 32.95 21.86 22.51
C THR A 258 33.06 22.07 21.00
N ILE A 259 32.27 22.99 20.45
CA ILE A 259 32.36 23.33 19.01
C ILE A 259 33.72 23.98 18.77
N THR A 260 34.53 23.33 17.95
CA THR A 260 35.98 23.58 17.81
C THR A 260 36.35 24.11 16.43
N ASP A 261 35.52 23.84 15.43
CA ASP A 261 35.65 24.37 14.08
C ASP A 261 34.28 24.31 13.39
N ALA A 262 34.11 25.02 12.28
CA ALA A 262 32.88 25.00 11.50
C ALA A 262 33.17 25.21 10.00
N VAL A 263 32.26 24.74 9.16
CA VAL A 263 32.28 24.94 7.70
C VAL A 263 30.95 25.52 7.26
N ASP A 264 30.99 26.66 6.57
CA ASP A 264 29.82 27.30 6.00
C ASP A 264 29.54 26.68 4.64
N CYS A 265 28.55 25.80 4.54
CA CYS A 265 28.34 24.96 3.36
C CYS A 265 28.04 25.74 2.07
N ALA A 266 27.70 27.02 2.15
CA ALA A 266 27.42 27.88 1.00
C ALA A 266 28.53 28.92 0.71
N LEU A 267 29.62 28.95 1.48
CA LEU A 267 30.71 29.93 1.30
C LEU A 267 31.39 29.82 -0.07
N ASP A 268 31.90 28.65 -0.41
CA ASP A 268 32.68 28.39 -1.62
C ASP A 268 32.61 26.90 -1.99
N PRO A 269 33.00 26.49 -3.21
CA PRO A 269 32.81 25.12 -3.64
C PRO A 269 33.61 24.11 -2.81
N LEU A 270 34.75 24.52 -2.26
CA LEU A 270 35.49 23.68 -1.33
C LEU A 270 34.68 23.42 -0.07
N SER A 271 34.10 24.45 0.55
CA SER A 271 33.25 24.29 1.73
C SER A 271 32.03 23.44 1.40
N GLU A 272 31.43 23.59 0.22
CA GLU A 272 30.34 22.72 -0.21
C GLU A 272 30.78 21.26 -0.35
N THR A 273 32.03 21.01 -0.74
CA THR A 273 32.60 19.67 -0.78
C THR A 273 32.83 19.11 0.61
N LYS A 274 33.50 19.85 1.50
CA LYS A 274 33.69 19.47 2.92
C LYS A 274 32.36 19.09 3.55
N CYS A 275 31.36 19.92 3.33
CA CYS A 275 30.02 19.72 3.84
C CYS A 275 29.33 18.50 3.22
N THR A 276 29.44 18.28 1.91
CA THR A 276 28.81 17.13 1.23
C THR A 276 29.41 15.80 1.69
N LEU A 277 30.71 15.76 1.95
CA LEU A 277 31.42 14.58 2.48
C LEU A 277 31.34 14.43 4.00
N LYS A 278 30.64 15.33 4.72
CA LYS A 278 30.61 15.42 6.19
C LYS A 278 32.02 15.36 6.80
N SER A 279 32.97 16.12 6.24
CA SER A 279 34.39 16.01 6.62
C SER A 279 35.14 17.33 6.52
N PHE A 280 36.03 17.62 7.47
CA PHE A 280 36.90 18.80 7.42
C PHE A 280 38.16 18.59 6.56
N THR A 281 38.50 17.35 6.23
CA THR A 281 39.55 16.98 5.28
C THR A 281 38.90 16.41 4.03
N VAL A 282 39.33 16.86 2.85
CA VAL A 282 38.91 16.28 1.56
C VAL A 282 40.13 15.68 0.88
N GLU A 283 40.08 14.41 0.49
CA GLU A 283 41.17 13.78 -0.27
C GLU A 283 41.11 14.21 -1.75
N LYS A 284 42.22 14.14 -2.48
CA LYS A 284 42.28 14.49 -3.91
C LYS A 284 41.22 13.74 -4.72
N GLY A 285 40.41 14.44 -5.51
CA GLY A 285 39.37 13.78 -6.30
C GLY A 285 38.44 14.75 -7.02
N ILE A 286 37.37 14.20 -7.59
CA ILE A 286 36.24 14.94 -8.16
C ILE A 286 34.96 14.55 -7.42
N TYR A 287 34.27 15.50 -6.78
CA TYR A 287 33.11 15.22 -5.94
C TYR A 287 31.86 15.94 -6.45
N GLN A 288 30.76 15.25 -6.72
CA GLN A 288 29.51 15.92 -7.08
C GLN A 288 28.86 16.51 -5.82
N THR A 289 28.67 17.83 -5.76
CA THR A 289 28.23 18.51 -4.54
C THR A 289 26.80 19.05 -4.59
N SER A 290 26.31 19.46 -5.75
CA SER A 290 24.97 20.06 -5.91
C SER A 290 24.53 20.04 -7.37
N ASN A 291 23.30 20.46 -7.66
CA ASN A 291 22.80 20.57 -9.03
C ASN A 291 22.69 22.05 -9.46
N PHE A 292 23.31 22.39 -10.57
CA PHE A 292 23.10 23.66 -11.24
C PHE A 292 21.80 23.61 -12.05
N ARG A 293 21.00 24.67 -12.03
CA ARG A 293 19.94 24.88 -13.02
C ARG A 293 19.72 26.37 -13.31
N VAL A 294 19.39 26.70 -14.55
CA VAL A 294 18.96 28.04 -14.94
C VAL A 294 17.54 28.25 -14.45
N GLN A 295 17.30 29.28 -13.64
CA GLN A 295 15.96 29.64 -13.16
C GLN A 295 15.15 30.41 -14.21
N PRO A 296 13.80 30.30 -14.23
CA PRO A 296 12.96 31.05 -15.15
C PRO A 296 13.14 32.57 -15.02
N THR A 297 13.40 33.22 -16.15
CA THR A 297 13.60 34.69 -16.25
C THR A 297 12.29 35.45 -16.04
N GLU A 298 11.18 34.88 -16.48
CA GLU A 298 9.86 35.50 -16.58
C GLU A 298 8.76 34.43 -16.47
N SER A 299 7.54 34.88 -16.20
CA SER A 299 6.32 34.06 -16.21
C SER A 299 5.40 34.47 -17.36
N ILE A 300 5.02 33.53 -18.22
CA ILE A 300 4.14 33.71 -19.38
C ILE A 300 2.77 33.10 -19.09
N VAL A 301 1.72 33.76 -19.55
CA VAL A 301 0.36 33.20 -19.64
C VAL A 301 -0.17 33.46 -21.03
N ARG A 302 -0.75 32.47 -21.70
CA ARG A 302 -1.45 32.62 -22.98
C ARG A 302 -2.78 31.88 -22.93
N PHE A 303 -3.83 32.61 -23.34
CA PHE A 303 -5.21 32.10 -23.49
C PHE A 303 -5.72 32.55 -24.88
N PRO A 304 -6.95 32.23 -25.29
CA PRO A 304 -7.44 32.66 -26.61
C PRO A 304 -8.06 34.05 -26.57
N ASN A 305 -8.85 34.38 -27.60
CA ASN A 305 -9.54 35.70 -27.63
C ASN A 305 -10.97 35.50 -27.12
N ILE A 306 -11.11 34.91 -25.92
CA ILE A 306 -12.42 34.65 -25.27
C ILE A 306 -12.60 35.67 -24.15
N THR A 307 -13.41 36.68 -24.43
CA THR A 307 -13.75 37.82 -23.55
C THR A 307 -15.21 37.78 -23.05
N ASN A 308 -16.06 36.96 -23.66
CA ASN A 308 -17.43 36.75 -23.20
C ASN A 308 -17.45 35.95 -21.88
N LEU A 309 -18.36 36.28 -20.96
CA LEU A 309 -18.42 35.63 -19.65
C LEU A 309 -19.27 34.36 -19.67
N CYS A 310 -18.93 33.40 -18.79
CA CYS A 310 -19.70 32.17 -18.60
C CYS A 310 -21.12 32.49 -18.10
N PRO A 311 -22.16 31.82 -18.61
CA PRO A 311 -23.56 32.09 -18.23
C PRO A 311 -23.95 31.48 -16.86
N PHE A 312 -23.09 31.52 -15.85
CA PHE A 312 -23.39 30.92 -14.54
C PHE A 312 -24.62 31.54 -13.85
N GLY A 313 -24.91 32.82 -14.09
CA GLY A 313 -26.17 33.42 -13.65
C GLY A 313 -27.40 32.65 -14.14
N GLU A 314 -27.36 32.07 -15.34
CA GLU A 314 -28.47 31.32 -15.94
C GLU A 314 -28.69 29.92 -15.33
N VAL A 315 -27.82 29.47 -14.40
CA VAL A 315 -28.03 28.26 -13.58
C VAL A 315 -28.08 28.55 -12.08
N PHE A 316 -27.42 29.62 -11.65
CA PHE A 316 -27.47 30.04 -10.24
C PHE A 316 -28.71 30.90 -10.03
N ASN A 317 -28.90 31.88 -10.91
CA ASN A 317 -30.07 32.80 -10.85
C ASN A 317 -31.14 32.28 -11.79
N ALA A 318 -31.67 31.09 -11.54
CA ALA A 318 -32.68 30.50 -12.44
C ALA A 318 -33.99 30.24 -11.69
N THR A 319 -35.10 30.84 -12.14
CA THR A 319 -36.41 30.63 -11.52
C THR A 319 -36.81 29.16 -11.47
N ARG A 320 -36.38 28.35 -12.45
CA ARG A 320 -36.60 26.89 -12.49
C ARG A 320 -35.29 26.14 -12.25
N PHE A 321 -35.27 25.32 -11.21
CA PHE A 321 -34.34 24.20 -11.03
C PHE A 321 -35.19 22.92 -11.13
N ALA A 322 -34.87 22.03 -12.05
CA ALA A 322 -35.57 20.75 -12.14
C ALA A 322 -35.29 19.91 -10.90
N SER A 323 -36.31 19.29 -10.32
CA SER A 323 -36.14 18.56 -9.07
C SER A 323 -35.30 17.30 -9.24
N VAL A 324 -34.74 16.82 -8.14
CA VAL A 324 -33.80 15.69 -8.00
C VAL A 324 -34.10 14.47 -8.88
N TYR A 325 -35.36 14.12 -9.17
CA TYR A 325 -35.68 12.99 -10.06
C TYR A 325 -35.26 13.17 -11.54
N ALA A 326 -35.05 14.41 -12.01
CA ALA A 326 -34.85 14.74 -13.43
C ALA A 326 -34.01 16.01 -13.61
N TRP A 327 -32.87 16.07 -12.92
CA TRP A 327 -31.98 17.23 -12.77
C TRP A 327 -31.54 17.88 -14.09
N ASN A 328 -31.30 19.20 -14.06
CA ASN A 328 -30.79 19.98 -15.20
C ASN A 328 -29.27 19.84 -15.35
N ARG A 329 -28.77 20.16 -16.54
CA ARG A 329 -27.36 20.16 -16.91
C ARG A 329 -27.14 21.19 -18.02
N LYS A 330 -26.29 22.20 -17.81
CA LYS A 330 -25.92 23.21 -18.82
C LYS A 330 -24.44 23.11 -19.18
N ARG A 331 -24.11 22.84 -20.44
CA ARG A 331 -22.72 22.67 -20.81
C ARG A 331 -22.13 24.03 -21.11
N ILE A 332 -21.10 24.39 -20.37
CA ILE A 332 -20.45 25.69 -20.42
C ILE A 332 -19.27 25.55 -21.39
N SER A 333 -19.09 26.49 -22.32
CA SER A 333 -18.02 26.45 -23.32
C SER A 333 -17.70 27.83 -23.92
N ASN A 334 -16.44 28.01 -24.29
CA ASN A 334 -15.89 29.19 -24.97
C ASN A 334 -16.12 30.52 -24.22
N CYS A 335 -15.85 30.55 -22.91
CA CYS A 335 -16.22 31.64 -22.00
C CYS A 335 -15.34 31.75 -20.73
N VAL A 336 -15.34 32.93 -20.10
CA VAL A 336 -14.57 33.25 -18.89
C VAL A 336 -15.46 33.39 -17.66
N ALA A 337 -15.17 32.66 -16.60
CA ALA A 337 -15.91 32.67 -15.34
C ALA A 337 -15.27 33.60 -14.29
N ASP A 338 -15.91 33.68 -13.12
CA ASP A 338 -15.24 34.09 -11.88
C ASP A 338 -15.67 33.18 -10.73
N TYR A 339 -15.02 32.02 -10.59
CA TYR A 339 -15.31 31.10 -9.48
C TYR A 339 -15.01 31.69 -8.09
N SER A 340 -14.20 32.76 -7.99
CA SER A 340 -14.01 33.43 -6.70
C SER A 340 -15.28 34.14 -6.23
N VAL A 341 -16.17 34.56 -7.15
CA VAL A 341 -17.45 35.18 -6.78
C VAL A 341 -18.29 34.27 -5.88
N LEU A 342 -18.15 32.95 -6.05
CA LEU A 342 -18.85 31.94 -5.26
C LEU A 342 -18.37 31.85 -3.81
N TYR A 343 -17.21 32.44 -3.47
CA TYR A 343 -16.72 32.55 -2.10
C TYR A 343 -16.63 34.00 -1.59
N ASN A 344 -16.57 34.97 -2.51
CA ASN A 344 -16.71 36.40 -2.18
C ASN A 344 -18.14 36.71 -1.73
N SER A 345 -19.14 36.09 -2.37
CA SER A 345 -20.52 36.01 -1.87
C SER A 345 -20.66 34.93 -0.79
N ALA A 346 -21.58 35.12 0.16
CA ALA A 346 -21.65 34.33 1.40
C ALA A 346 -23.00 33.62 1.63
N SER A 347 -23.92 33.62 0.66
CA SER A 347 -25.28 33.07 0.79
C SER A 347 -25.34 31.54 0.87
N PHE A 348 -24.24 30.85 0.55
CA PHE A 348 -24.17 29.39 0.45
C PHE A 348 -24.04 28.68 1.80
N SER A 349 -24.67 27.51 1.91
CA SER A 349 -24.54 26.60 3.06
C SER A 349 -23.37 25.63 2.91
N THR A 350 -23.14 25.14 1.68
CA THR A 350 -22.10 24.18 1.34
C THR A 350 -21.41 24.64 0.06
N PHE A 351 -20.07 24.60 0.02
CA PHE A 351 -19.23 24.97 -1.13
C PHE A 351 -18.01 24.05 -1.16
N LYS A 352 -18.25 22.76 -1.45
CA LYS A 352 -17.31 21.67 -1.17
C LYS A 352 -16.69 21.18 -2.47
N CYS A 353 -15.37 21.05 -2.51
CA CYS A 353 -14.63 20.80 -3.75
C CYS A 353 -13.84 19.50 -3.68
N TYR A 354 -13.79 18.78 -4.80
CA TYR A 354 -13.17 17.47 -4.92
C TYR A 354 -12.21 17.50 -6.10
N GLY A 355 -10.97 17.05 -5.93
CA GLY A 355 -9.93 17.12 -6.95
C GLY A 355 -9.48 18.54 -7.35
N VAL A 356 -10.10 19.59 -6.81
CA VAL A 356 -9.72 21.00 -6.92
C VAL A 356 -9.99 21.69 -5.58
N SER A 357 -9.31 22.80 -5.33
CA SER A 357 -9.56 23.72 -4.22
C SER A 357 -10.02 25.06 -4.78
N PRO A 358 -10.97 25.76 -4.14
CA PRO A 358 -11.52 26.97 -4.70
C PRO A 358 -10.50 28.09 -4.93
N THR A 359 -9.41 28.27 -4.14
CA THR A 359 -8.79 29.61 -4.24
C THR A 359 -7.92 29.74 -5.49
N LYS A 360 -7.15 28.69 -5.85
CA LYS A 360 -6.11 28.75 -6.89
C LYS A 360 -6.65 28.62 -8.32
N LEU A 361 -7.96 28.23 -8.41
CA LEU A 361 -8.83 27.89 -9.57
C LEU A 361 -8.68 28.75 -10.80
N ASN A 362 -8.55 30.07 -10.65
CA ASN A 362 -8.36 31.00 -11.78
C ASN A 362 -7.09 30.68 -12.61
N ASP A 363 -6.30 29.72 -12.11
CA ASP A 363 -4.96 29.33 -12.49
C ASP A 363 -5.08 28.12 -13.43
N LEU A 364 -6.30 27.59 -13.64
CA LEU A 364 -6.76 26.44 -14.48
C LEU A 364 -7.66 26.95 -15.56
N CYS A 365 -7.76 26.15 -16.57
CA CYS A 365 -8.73 26.24 -17.64
C CYS A 365 -9.16 24.81 -17.88
N PHE A 366 -10.43 24.63 -18.22
CA PHE A 366 -11.08 23.34 -18.38
C PHE A 366 -11.62 23.21 -19.80
N THR A 367 -11.68 21.99 -20.29
CA THR A 367 -12.26 21.64 -21.59
C THR A 367 -13.68 22.20 -21.71
N ASN A 368 -14.47 21.88 -20.69
CA ASN A 368 -15.88 22.17 -20.52
C ASN A 368 -16.19 22.17 -19.03
N VAL A 369 -17.36 22.68 -18.67
CA VAL A 369 -17.97 22.40 -17.38
C VAL A 369 -19.38 21.90 -17.62
N TYR A 370 -19.74 20.79 -17.00
CA TYR A 370 -21.13 20.39 -16.85
C TYR A 370 -21.63 21.01 -15.55
N ALA A 371 -22.39 22.10 -15.64
CA ALA A 371 -23.05 22.68 -14.48
C ALA A 371 -24.40 21.98 -14.28
N ASP A 372 -24.44 20.98 -13.41
CA ASP A 372 -25.68 20.30 -13.05
C ASP A 372 -26.45 21.13 -12.03
N SER A 373 -27.79 21.12 -12.08
CA SER A 373 -28.62 22.01 -11.25
C SER A 373 -29.94 21.33 -10.86
N PHE A 374 -30.23 21.32 -9.56
CA PHE A 374 -31.42 20.66 -9.00
C PHE A 374 -31.74 21.12 -7.56
N VAL A 375 -32.95 20.81 -7.09
CA VAL A 375 -33.50 21.27 -5.81
C VAL A 375 -33.86 20.09 -4.91
N ILE A 376 -33.58 20.22 -3.61
CA ILE A 376 -33.53 19.12 -2.62
C ILE A 376 -34.09 19.60 -1.28
N ARG A 377 -34.49 18.71 -0.36
CA ARG A 377 -34.54 19.06 1.08
C ARG A 377 -33.13 19.29 1.65
N GLY A 378 -33.02 20.12 2.68
CA GLY A 378 -31.74 20.57 3.22
C GLY A 378 -30.86 19.51 3.88
N ASP A 379 -31.40 18.55 4.64
CA ASP A 379 -30.55 17.66 5.45
C ASP A 379 -29.68 16.73 4.60
N GLU A 380 -30.23 16.15 3.54
CA GLU A 380 -29.57 15.16 2.70
C GLU A 380 -28.55 15.77 1.73
N VAL A 381 -28.18 17.04 1.86
CA VAL A 381 -27.21 17.71 0.98
C VAL A 381 -25.84 16.99 0.96
N ARG A 382 -25.37 16.42 2.08
CA ARG A 382 -24.14 15.62 2.01
C ARG A 382 -24.31 14.31 1.27
N GLN A 383 -25.45 13.87 0.79
CA GLN A 383 -25.46 12.58 0.08
C GLN A 383 -24.65 12.70 -1.19
N ILE A 384 -24.74 13.85 -1.89
CA ILE A 384 -24.12 14.11 -3.20
C ILE A 384 -22.61 13.82 -3.22
N ALA A 385 -21.87 14.20 -2.18
CA ALA A 385 -20.42 14.07 -2.09
C ALA A 385 -19.96 12.68 -2.56
N PRO A 386 -18.99 12.60 -3.48
CA PRO A 386 -18.81 11.48 -4.40
C PRO A 386 -18.78 10.12 -3.70
N GLY A 387 -19.78 9.28 -4.00
CA GLY A 387 -19.81 7.90 -3.51
C GLY A 387 -20.54 7.72 -2.22
N GLN A 388 -20.87 8.78 -1.50
CA GLN A 388 -21.55 8.56 -0.23
C GLN A 388 -22.89 7.96 -0.58
N THR A 389 -23.34 6.86 0.01
CA THR A 389 -24.63 6.32 -0.49
C THR A 389 -25.81 6.64 0.41
N GLY A 390 -27.00 6.51 -0.16
CA GLY A 390 -28.27 6.78 0.50
C GLY A 390 -29.40 6.71 -0.51
N LYS A 391 -30.60 7.21 -0.18
CA LYS A 391 -31.73 7.21 -1.12
C LYS A 391 -31.55 8.18 -2.29
N ILE A 392 -30.96 9.35 -2.04
CA ILE A 392 -30.80 10.33 -3.17
C ILE A 392 -29.71 9.85 -4.14
N ALA A 393 -28.56 9.43 -3.62
CA ALA A 393 -27.38 9.01 -4.43
C ALA A 393 -27.63 7.78 -5.31
N ASP A 394 -28.30 6.75 -4.80
CA ASP A 394 -28.45 5.49 -5.58
C ASP A 394 -29.65 5.51 -6.54
N TYR A 395 -30.60 6.43 -6.33
CA TYR A 395 -31.80 6.49 -7.17
C TYR A 395 -32.04 7.83 -7.88
N ASN A 396 -31.17 8.83 -7.72
CA ASN A 396 -31.41 10.15 -8.32
C ASN A 396 -30.16 10.80 -8.92
N TYR A 397 -29.12 11.02 -8.10
CA TYR A 397 -27.93 11.77 -8.51
C TYR A 397 -26.67 11.18 -7.88
N LYS A 398 -26.24 10.03 -8.40
CA LYS A 398 -24.96 9.42 -8.05
C LYS A 398 -23.85 10.24 -8.71
N LEU A 399 -22.96 10.80 -7.90
CA LEU A 399 -21.75 11.44 -8.46
C LEU A 399 -20.72 10.34 -8.74
N PRO A 400 -19.70 10.53 -9.60
CA PRO A 400 -18.71 9.50 -9.88
C PRO A 400 -17.82 9.19 -8.67
N ASP A 401 -17.35 7.93 -8.55
CA ASP A 401 -16.46 7.47 -7.46
C ASP A 401 -15.38 8.53 -7.23
N ASP A 402 -14.56 8.80 -8.26
CA ASP A 402 -13.60 9.89 -8.19
C ASP A 402 -14.10 11.05 -9.05
N PHE A 403 -14.17 12.23 -8.45
CA PHE A 403 -14.87 13.39 -8.97
C PHE A 403 -13.98 14.62 -8.92
N THR A 404 -14.02 15.44 -9.97
CA THR A 404 -13.18 16.63 -10.11
C THR A 404 -14.05 17.88 -10.15
N GLY A 405 -14.90 18.09 -9.18
CA GLY A 405 -15.93 19.13 -9.22
C GLY A 405 -16.21 19.82 -7.91
N CYS A 406 -17.06 20.84 -7.99
CA CYS A 406 -17.51 21.64 -6.86
C CYS A 406 -19.01 21.43 -6.64
N VAL A 407 -19.42 21.09 -5.42
CA VAL A 407 -20.82 20.96 -5.00
C VAL A 407 -21.19 22.20 -4.21
N ILE A 408 -22.22 22.91 -4.63
CA ILE A 408 -22.55 24.24 -4.11
C ILE A 408 -24.06 24.43 -3.89
N ALA A 409 -24.46 24.80 -2.68
CA ALA A 409 -25.85 24.70 -2.21
C ALA A 409 -26.27 25.84 -1.27
N TRP A 410 -27.54 26.23 -1.31
CA TRP A 410 -28.11 27.29 -0.47
C TRP A 410 -29.59 27.07 -0.16
N ASN A 411 -30.03 27.52 1.03
CA ASN A 411 -31.42 27.41 1.44
C ASN A 411 -32.30 28.28 0.53
N SER A 412 -33.33 27.69 -0.06
CA SER A 412 -34.21 28.32 -1.03
C SER A 412 -35.62 28.57 -0.48
N ASN A 413 -35.87 28.30 0.81
CA ASN A 413 -37.19 28.36 1.42
C ASN A 413 -38.01 29.60 1.05
N ASN A 414 -37.39 30.78 1.04
CA ASN A 414 -37.97 32.09 0.79
C ASN A 414 -38.47 32.30 -0.66
N LEU A 415 -38.05 31.47 -1.63
CA LEU A 415 -38.49 31.55 -3.02
C LEU A 415 -39.27 30.32 -3.51
N ASP A 416 -39.06 29.13 -2.95
CA ASP A 416 -39.65 27.89 -3.50
C ASP A 416 -40.23 26.92 -2.46
N SER A 417 -40.41 27.36 -1.21
CA SER A 417 -41.48 26.78 -0.38
C SER A 417 -42.85 27.29 -0.86
N LYS A 418 -43.90 26.47 -0.78
CA LYS A 418 -45.26 26.85 -1.21
C LYS A 418 -46.31 26.32 -0.22
N VAL A 419 -47.40 27.06 0.01
CA VAL A 419 -48.46 26.69 0.98
C VAL A 419 -49.27 25.44 0.58
N GLY A 420 -49.16 24.99 -0.67
CA GLY A 420 -49.65 23.68 -1.13
C GLY A 420 -48.66 22.52 -0.96
N GLY A 421 -47.47 22.75 -0.37
CA GLY A 421 -46.42 21.73 -0.19
C GLY A 421 -45.48 21.52 -1.40
N ASN A 422 -45.64 22.30 -2.47
CA ASN A 422 -44.81 22.26 -3.69
C ASN A 422 -44.63 20.85 -4.29
N TYR A 423 -45.74 20.15 -4.57
CA TYR A 423 -45.72 18.85 -5.25
C TYR A 423 -45.25 18.92 -6.73
N ASN A 424 -44.79 20.07 -7.22
CA ASN A 424 -44.03 20.16 -8.46
C ASN A 424 -42.62 19.54 -8.32
N TYR A 425 -42.02 19.61 -7.13
CA TYR A 425 -40.67 19.11 -6.88
C TYR A 425 -40.73 17.71 -6.26
N LEU A 426 -40.10 16.76 -6.94
CA LEU A 426 -40.15 15.31 -6.68
C LEU A 426 -38.75 14.70 -6.58
N TYR A 427 -38.63 13.58 -5.88
CA TYR A 427 -37.47 12.69 -5.89
C TYR A 427 -37.91 11.23 -6.07
N ARG A 428 -37.13 10.45 -6.82
CA ARG A 428 -37.32 9.00 -6.98
C ARG A 428 -36.89 8.29 -5.71
N LEU A 429 -37.64 7.26 -5.32
CA LEU A 429 -37.32 6.38 -4.18
C LEU A 429 -37.56 4.89 -4.45
N PHE A 430 -37.99 4.53 -5.66
CA PHE A 430 -37.98 3.16 -6.17
C PHE A 430 -37.35 3.08 -7.57
N ARG A 431 -36.53 2.06 -7.80
CA ARG A 431 -35.95 1.72 -9.11
C ARG A 431 -35.54 0.24 -9.09
N LYS A 432 -35.64 -0.46 -10.22
CA LYS A 432 -35.29 -1.90 -10.28
C LYS A 432 -33.80 -2.19 -10.04
N SER A 433 -32.94 -1.21 -10.27
CA SER A 433 -31.53 -1.18 -9.85
C SER A 433 -31.06 0.26 -9.63
N ASN A 434 -30.04 0.46 -8.79
CA ASN A 434 -29.40 1.77 -8.60
C ASN A 434 -28.61 2.19 -9.86
N LEU A 435 -28.64 3.49 -10.21
CA LEU A 435 -28.06 3.96 -11.48
C LEU A 435 -26.51 4.10 -11.46
N LYS A 436 -25.97 4.23 -12.68
CA LYS A 436 -24.51 4.47 -12.89
C LYS A 436 -24.26 5.98 -12.77
N PRO A 437 -23.00 6.46 -12.76
CA PRO A 437 -22.74 7.88 -12.59
C PRO A 437 -23.32 8.76 -13.72
N PHE A 438 -23.88 9.91 -13.34
CA PHE A 438 -24.46 10.92 -14.27
C PHE A 438 -25.66 10.37 -15.06
N GLU A 439 -25.93 9.06 -15.00
CA GLU A 439 -27.08 8.49 -15.72
C GLU A 439 -28.38 9.24 -15.34
N ARG A 440 -29.15 9.68 -16.33
CA ARG A 440 -30.49 10.25 -16.15
C ARG A 440 -31.55 9.24 -16.56
N ASP A 441 -32.58 9.11 -15.74
CA ASP A 441 -33.77 8.30 -16.03
C ASP A 441 -35.03 9.04 -15.56
N ILE A 442 -35.82 9.50 -16.53
CA ILE A 442 -37.06 10.26 -16.33
C ILE A 442 -38.33 9.38 -16.39
N SER A 443 -38.19 8.05 -16.49
CA SER A 443 -39.35 7.13 -16.57
C SER A 443 -40.13 7.08 -15.25
N THR A 444 -41.46 6.93 -15.34
CA THR A 444 -42.39 6.98 -14.19
C THR A 444 -43.32 5.76 -14.10
N GLU A 445 -43.04 4.69 -14.87
CA GLU A 445 -43.81 3.44 -14.84
C GLU A 445 -43.76 2.72 -13.47
N ILE A 446 -44.81 1.97 -13.14
CA ILE A 446 -45.00 1.39 -11.80
C ILE A 446 -43.96 0.30 -11.45
N TYR A 447 -43.41 0.38 -10.24
CA TYR A 447 -42.49 -0.58 -9.64
C TYR A 447 -43.22 -1.60 -8.74
N GLN A 448 -42.64 -2.78 -8.51
CA GLN A 448 -43.18 -3.81 -7.61
C GLN A 448 -42.18 -4.23 -6.52
N ALA A 449 -42.66 -4.40 -5.29
CA ALA A 449 -41.86 -4.87 -4.14
C ALA A 449 -42.11 -6.35 -3.76
N GLY A 450 -42.81 -7.09 -4.62
CA GLY A 450 -43.11 -8.52 -4.49
C GLY A 450 -43.61 -9.09 -5.82
N SER A 451 -44.17 -10.31 -5.80
CA SER A 451 -44.68 -10.97 -7.01
C SER A 451 -45.86 -10.23 -7.67
N THR A 452 -46.65 -9.50 -6.87
CA THR A 452 -47.94 -8.86 -7.23
C THR A 452 -47.87 -8.07 -8.56
N PRO A 453 -48.53 -8.53 -9.64
CA PRO A 453 -48.48 -7.85 -10.93
C PRO A 453 -49.11 -6.45 -10.90
N CYS A 454 -48.41 -5.46 -11.45
CA CYS A 454 -48.85 -4.06 -11.42
C CYS A 454 -49.69 -3.64 -12.64
N ASN A 455 -49.38 -4.18 -13.83
CA ASN A 455 -50.07 -3.89 -15.09
C ASN A 455 -50.23 -2.38 -15.37
N GLY A 456 -49.23 -1.57 -14.99
CA GLY A 456 -49.17 -0.14 -15.27
C GLY A 456 -49.94 0.78 -14.32
N VAL A 457 -50.49 0.29 -13.21
CA VAL A 457 -51.21 1.11 -12.21
C VAL A 457 -50.85 0.75 -10.77
N GLU A 458 -50.86 1.75 -9.90
CA GLU A 458 -50.52 1.67 -8.49
C GLU A 458 -51.54 0.91 -7.63
N GLY A 459 -51.19 0.55 -6.40
CA GLY A 459 -51.99 -0.30 -5.51
C GLY A 459 -51.14 -0.95 -4.41
N PHE A 460 -51.68 -1.93 -3.70
CA PHE A 460 -50.91 -2.69 -2.71
C PHE A 460 -49.79 -3.48 -3.40
N ASN A 461 -48.55 -3.34 -2.93
CA ASN A 461 -47.31 -3.78 -3.59
C ASN A 461 -47.02 -3.17 -4.99
N CYS A 462 -47.78 -2.15 -5.44
CA CYS A 462 -47.62 -1.53 -6.76
C CYS A 462 -47.35 -0.03 -6.61
N TYR A 463 -46.13 0.42 -6.92
CA TYR A 463 -45.59 1.70 -6.50
C TYR A 463 -45.34 2.69 -7.64
N PHE A 464 -45.88 3.91 -7.52
CA PHE A 464 -45.39 5.04 -8.31
C PHE A 464 -43.96 5.40 -7.86
N PRO A 465 -42.95 5.53 -8.75
CA PRO A 465 -41.55 5.49 -8.31
C PRO A 465 -41.00 6.70 -7.52
N LEU A 466 -41.77 7.77 -7.37
CA LEU A 466 -41.28 9.08 -6.93
C LEU A 466 -42.33 9.86 -6.11
N GLN A 467 -41.88 10.71 -5.19
CA GLN A 467 -42.74 11.50 -4.32
C GLN A 467 -42.17 12.91 -4.06
N SER A 468 -43.01 13.85 -3.64
CA SER A 468 -42.53 15.17 -3.23
C SER A 468 -41.94 15.19 -1.83
N TYR A 469 -41.01 16.11 -1.61
CA TYR A 469 -40.48 16.44 -0.28
C TYR A 469 -41.49 17.15 0.64
N GLY A 470 -42.53 17.81 0.10
CA GLY A 470 -43.51 18.52 0.91
C GLY A 470 -43.00 19.85 1.47
N PHE A 471 -42.52 20.74 0.60
CA PHE A 471 -41.94 22.04 0.94
C PHE A 471 -42.98 23.10 1.34
N GLN A 472 -43.67 22.88 2.46
CA GLN A 472 -44.36 23.95 3.20
C GLN A 472 -43.35 24.99 3.71
N PRO A 473 -43.67 26.30 3.76
CA PRO A 473 -42.79 27.32 4.33
C PRO A 473 -42.47 27.09 5.80
N THR A 474 -43.44 26.58 6.56
CA THR A 474 -43.21 25.97 7.89
C THR A 474 -42.61 24.58 7.74
N ASN A 475 -41.31 24.47 8.01
CA ASN A 475 -40.54 23.22 8.07
C ASN A 475 -39.27 23.44 8.92
N GLY A 476 -38.72 22.37 9.50
CA GLY A 476 -37.36 22.39 10.02
C GLY A 476 -36.34 22.52 8.88
N VAL A 477 -35.17 23.11 9.12
CA VAL A 477 -34.18 23.40 8.06
C VAL A 477 -33.76 22.15 7.27
N GLY A 478 -33.79 20.97 7.89
CA GLY A 478 -33.54 19.70 7.21
C GLY A 478 -34.58 19.35 6.13
N TYR A 479 -35.83 19.77 6.31
CA TYR A 479 -36.95 19.50 5.40
C TYR A 479 -37.30 20.70 4.50
N GLN A 480 -36.78 21.90 4.79
CA GLN A 480 -36.88 23.06 3.90
C GLN A 480 -36.18 22.78 2.56
N PRO A 481 -36.66 23.38 1.45
CA PRO A 481 -35.99 23.26 0.16
C PRO A 481 -34.67 24.03 0.13
N TYR A 482 -33.69 23.49 -0.59
CA TYR A 482 -32.39 24.06 -0.90
C TYR A 482 -32.15 23.94 -2.41
N ARG A 483 -31.70 25.03 -3.04
CA ARG A 483 -31.12 25.01 -4.39
C ARG A 483 -29.73 24.37 -4.32
N VAL A 484 -29.38 23.57 -5.32
CA VAL A 484 -28.04 23.00 -5.49
C VAL A 484 -27.60 23.10 -6.95
N VAL A 485 -26.34 23.46 -7.18
CA VAL A 485 -25.65 23.20 -8.45
C VAL A 485 -24.33 22.50 -8.20
N VAL A 486 -23.87 21.77 -9.21
CA VAL A 486 -22.68 20.91 -9.11
C VAL A 486 -21.87 21.08 -10.38
N LEU A 487 -20.72 21.72 -10.27
CA LEU A 487 -19.84 22.01 -11.39
C LEU A 487 -18.87 20.85 -11.58
N SER A 488 -19.10 20.01 -12.57
CA SER A 488 -18.15 18.96 -12.96
C SER A 488 -17.15 19.51 -13.99
N PHE A 489 -15.88 19.67 -13.60
CA PHE A 489 -14.82 20.13 -14.50
C PHE A 489 -14.21 18.97 -15.31
N GLU A 490 -13.46 19.28 -16.37
CA GLU A 490 -12.90 18.30 -17.32
C GLU A 490 -11.54 18.74 -17.87
N LEU A 491 -10.48 17.98 -17.58
CA LEU A 491 -9.07 18.35 -17.78
C LEU A 491 -8.28 17.43 -18.75
N LEU A 492 -8.99 16.62 -19.55
CA LEU A 492 -8.55 15.77 -20.76
C LEU A 492 -7.26 16.07 -21.56
N HIS A 493 -7.43 16.40 -22.83
CA HIS A 493 -6.30 16.73 -23.76
C HIS A 493 -5.96 18.22 -23.64
N ALA A 494 -6.56 18.87 -22.64
CA ALA A 494 -6.38 20.31 -22.30
C ALA A 494 -6.81 21.28 -23.42
N PRO A 495 -7.90 21.04 -24.19
CA PRO A 495 -8.38 22.00 -25.19
C PRO A 495 -9.39 22.81 -24.35
N ALA A 496 -8.89 23.78 -23.57
CA ALA A 496 -9.73 24.52 -22.61
C ALA A 496 -10.60 25.60 -23.27
N THR A 497 -11.92 25.49 -23.08
CA THR A 497 -12.87 26.51 -23.51
C THR A 497 -13.56 27.22 -22.36
N VAL A 498 -13.50 26.67 -21.14
CA VAL A 498 -14.09 27.28 -19.94
C VAL A 498 -12.97 27.74 -19.05
N CYS A 499 -13.04 29.00 -18.61
CA CYS A 499 -11.88 29.68 -18.04
C CYS A 499 -12.12 30.37 -16.72
N GLY A 500 -11.05 30.65 -15.97
CA GLY A 500 -11.07 31.68 -14.93
C GLY A 500 -10.80 33.07 -15.53
N PRO A 501 -10.77 34.13 -14.69
CA PRO A 501 -10.39 35.47 -15.12
C PRO A 501 -9.06 35.46 -15.88
N LYS A 502 -9.03 36.08 -17.06
CA LYS A 502 -7.90 36.03 -18.03
C LYS A 502 -6.58 36.67 -17.57
N LYS A 503 -6.36 37.95 -17.91
CA LYS A 503 -5.10 38.69 -17.57
C LYS A 503 -3.87 37.98 -18.15
N SER A 504 -3.88 37.70 -19.46
CA SER A 504 -2.78 37.01 -20.21
C SER A 504 -1.56 37.94 -20.43
N THR A 505 -0.41 37.35 -20.82
CA THR A 505 0.87 38.08 -21.03
C THR A 505 1.49 37.74 -22.41
N ASN A 506 2.47 38.55 -22.85
CA ASN A 506 3.18 38.44 -24.17
C ASN A 506 4.19 37.28 -24.18
N LEU A 507 4.78 36.98 -25.35
CA LEU A 507 5.72 35.87 -25.46
C LEU A 507 7.16 36.29 -25.15
N VAL A 508 7.99 35.31 -24.82
CA VAL A 508 9.46 35.41 -24.76
C VAL A 508 10.04 34.21 -25.51
N LYS A 509 11.10 34.40 -26.27
CA LYS A 509 11.75 33.33 -27.06
C LYS A 509 13.25 33.22 -26.81
N ASN A 510 13.78 32.02 -26.94
CA ASN A 510 15.21 31.68 -26.86
C ASN A 510 15.88 31.95 -25.49
N LYS A 511 15.09 32.13 -24.42
CA LYS A 511 15.56 32.18 -23.03
C LYS A 511 14.54 31.55 -22.07
N CYS A 512 15.03 31.05 -20.93
CA CYS A 512 14.25 30.22 -20.01
C CYS A 512 13.12 31.00 -19.32
N VAL A 513 11.91 30.47 -19.33
CA VAL A 513 10.71 31.08 -18.73
C VAL A 513 9.76 30.02 -18.16
N ASN A 514 8.99 30.40 -17.15
CA ASN A 514 7.84 29.60 -16.73
C ASN A 514 6.63 29.98 -17.61
N PHE A 515 5.76 29.05 -17.94
CA PHE A 515 4.70 29.28 -18.92
C PHE A 515 3.38 28.61 -18.56
N ASN A 516 2.32 29.09 -19.20
CA ASN A 516 0.98 28.54 -19.17
C ASN A 516 0.32 28.80 -20.53
N PHE A 517 -0.05 27.75 -21.26
CA PHE A 517 -0.88 27.83 -22.47
C PHE A 517 -2.18 27.08 -22.24
N ASN A 518 -3.33 27.74 -22.29
CA ASN A 518 -4.63 27.09 -22.05
C ASN A 518 -4.72 26.26 -20.75
N GLY A 519 -3.94 26.61 -19.72
CA GLY A 519 -3.83 25.87 -18.46
C GLY A 519 -2.74 24.79 -18.42
N LEU A 520 -2.22 24.33 -19.57
CA LEU A 520 -1.05 23.44 -19.61
C LEU A 520 0.21 24.25 -19.25
N THR A 521 1.06 23.75 -18.36
CA THR A 521 2.07 24.60 -17.71
C THR A 521 3.35 23.84 -17.38
N GLY A 522 4.47 24.57 -17.37
CA GLY A 522 5.81 24.06 -17.11
C GLY A 522 6.84 25.17 -17.17
N THR A 523 8.11 24.79 -17.20
CA THR A 523 9.25 25.71 -17.33
C THR A 523 10.10 25.29 -18.52
N GLY A 524 10.52 26.22 -19.37
CA GLY A 524 11.29 25.88 -20.57
C GLY A 524 11.83 27.07 -21.35
N VAL A 525 12.74 26.78 -22.27
CA VAL A 525 13.23 27.67 -23.31
C VAL A 525 12.31 27.51 -24.51
N LEU A 526 11.34 28.40 -24.63
CA LEU A 526 10.43 28.46 -25.78
C LEU A 526 11.18 28.94 -27.02
N THR A 527 10.98 28.31 -28.19
CA THR A 527 11.64 28.74 -29.44
C THR A 527 10.69 28.61 -30.62
N GLU A 528 10.91 29.38 -31.70
CA GLU A 528 10.32 29.04 -33.00
C GLU A 528 10.68 27.60 -33.39
N SER A 529 9.82 26.90 -34.15
CA SER A 529 10.03 25.47 -34.45
C SER A 529 9.62 25.07 -35.86
N ASN A 530 10.22 23.99 -36.35
CA ASN A 530 9.94 23.37 -37.65
C ASN A 530 8.84 22.30 -37.58
N LYS A 531 8.08 22.24 -36.47
CA LYS A 531 7.05 21.22 -36.23
C LYS A 531 5.85 21.49 -37.13
N LYS A 532 5.68 20.70 -38.19
CA LYS A 532 4.56 20.84 -39.14
C LYS A 532 3.26 20.24 -38.59
N PHE A 533 2.70 20.86 -37.55
CA PHE A 533 1.41 20.47 -37.00
C PHE A 533 0.32 20.47 -38.08
N LEU A 534 -0.52 19.45 -38.10
CA LEU A 534 -1.79 19.47 -38.82
C LEU A 534 -2.74 20.45 -38.12
N PRO A 535 -3.64 21.18 -38.81
CA PRO A 535 -4.26 22.39 -38.25
C PRO A 535 -5.08 22.21 -36.96
N PHE A 536 -5.53 20.99 -36.65
CA PHE A 536 -6.29 20.68 -35.44
C PHE A 536 -5.41 20.41 -34.21
N GLN A 537 -4.12 20.11 -34.35
CA GLN A 537 -3.25 19.71 -33.25
C GLN A 537 -2.90 20.91 -32.34
N GLN A 538 -3.10 20.79 -31.03
CA GLN A 538 -2.75 21.83 -30.05
C GLN A 538 -1.26 21.81 -29.66
N PHE A 539 -0.71 20.62 -29.46
CA PHE A 539 0.59 20.42 -28.84
C PHE A 539 1.27 19.15 -29.31
N GLY A 540 2.59 19.12 -29.27
CA GLY A 540 3.41 17.99 -29.68
C GLY A 540 3.98 17.24 -28.49
N ARG A 541 4.24 15.95 -28.63
CA ARG A 541 4.84 15.11 -27.59
C ARG A 541 6.08 14.34 -28.08
N ASP A 542 7.06 14.21 -27.20
CA ASP A 542 8.26 13.41 -27.41
C ASP A 542 7.97 11.90 -27.38
N ILE A 543 8.98 11.09 -27.69
CA ILE A 543 8.86 9.62 -27.73
C ILE A 543 8.45 9.04 -26.36
N ALA A 544 8.90 9.66 -25.27
CA ALA A 544 8.53 9.33 -23.89
C ALA A 544 7.23 10.01 -23.39
N ASP A 545 6.41 10.57 -24.30
CA ASP A 545 5.13 11.23 -24.01
C ASP A 545 5.17 12.53 -23.17
N THR A 546 6.35 13.14 -22.99
CA THR A 546 6.50 14.51 -22.43
C THR A 546 6.09 15.58 -23.45
N THR A 547 5.58 16.73 -23.02
CA THR A 547 5.28 17.86 -23.93
C THR A 547 6.54 18.38 -24.62
N ASP A 548 6.44 18.75 -25.88
CA ASP A 548 7.57 19.07 -26.76
C ASP A 548 7.38 20.36 -27.56
N ALA A 549 6.14 20.72 -27.93
CA ALA A 549 5.82 21.92 -28.69
C ALA A 549 4.35 22.33 -28.45
N VAL A 550 3.98 23.57 -28.74
CA VAL A 550 2.60 24.07 -28.67
C VAL A 550 2.29 25.04 -29.80
N ARG A 551 1.01 25.22 -30.14
CA ARG A 551 0.55 26.46 -30.79
C ARG A 551 0.44 27.57 -29.73
N ASP A 552 0.74 28.82 -30.05
CA ASP A 552 0.33 29.92 -29.18
C ASP A 552 -1.21 30.10 -29.25
N PRO A 553 -1.96 30.08 -28.14
CA PRO A 553 -3.41 30.34 -28.11
C PRO A 553 -3.86 31.63 -28.82
N GLN A 554 -2.99 32.63 -28.96
CA GLN A 554 -3.28 33.91 -29.62
C GLN A 554 -2.65 34.07 -31.01
N THR A 555 -1.92 33.08 -31.52
CA THR A 555 -1.33 33.10 -32.87
C THR A 555 -0.96 31.68 -33.29
N LEU A 556 -1.45 31.19 -34.43
CA LEU A 556 -1.24 29.80 -34.89
C LEU A 556 0.20 29.44 -35.32
N GLU A 557 1.21 30.19 -34.89
CA GLU A 557 2.62 29.81 -34.98
C GLU A 557 2.96 28.69 -33.99
N ILE A 558 3.90 27.82 -34.35
CA ILE A 558 4.23 26.62 -33.58
C ILE A 558 5.57 26.82 -32.89
N LEU A 559 5.61 26.73 -31.56
CA LEU A 559 6.82 26.96 -30.76
C LEU A 559 7.20 25.73 -29.95
N ASP A 560 8.48 25.34 -30.01
CA ASP A 560 9.04 24.20 -29.30
C ASP A 560 9.37 24.55 -27.86
N ILE A 561 9.46 23.56 -26.97
CA ILE A 561 9.72 23.77 -25.54
C ILE A 561 10.93 22.93 -25.11
N THR A 562 12.13 23.50 -25.24
CA THR A 562 13.36 22.84 -24.76
C THR A 562 13.48 23.00 -23.24
N PRO A 563 13.80 21.97 -22.45
CA PRO A 563 13.96 22.13 -20.99
C PRO A 563 15.05 23.14 -20.65
N CYS A 564 14.91 23.92 -19.58
CA CYS A 564 15.96 24.87 -19.18
C CYS A 564 17.23 24.13 -18.74
N SER A 565 18.40 24.71 -19.01
CA SER A 565 19.69 24.07 -18.78
C SER A 565 19.90 23.69 -17.32
N PHE A 566 20.27 22.44 -17.08
CA PHE A 566 20.60 21.92 -15.76
C PHE A 566 21.67 20.83 -15.84
N GLY A 567 22.36 20.57 -14.74
CA GLY A 567 23.34 19.49 -14.63
C GLY A 567 24.05 19.48 -13.29
N GLY A 568 24.73 18.39 -12.95
CA GLY A 568 25.50 18.31 -11.72
C GLY A 568 26.62 19.33 -11.67
N VAL A 569 26.98 19.75 -10.46
CA VAL A 569 28.19 20.50 -10.16
C VAL A 569 29.16 19.54 -9.51
N SER A 570 30.32 19.35 -10.11
CA SER A 570 31.40 18.56 -9.54
C SER A 570 32.57 19.43 -9.20
N VAL A 571 33.08 19.33 -7.97
CA VAL A 571 34.23 20.09 -7.52
C VAL A 571 35.47 19.23 -7.68
N ILE A 572 36.32 19.59 -8.64
CA ILE A 572 37.67 19.04 -8.82
C ILE A 572 38.54 19.66 -7.73
N THR A 573 39.15 18.85 -6.88
CA THR A 573 39.99 19.35 -5.79
C THR A 573 41.28 18.55 -5.67
N PRO A 574 42.46 19.20 -5.53
CA PRO A 574 43.57 18.56 -4.83
C PRO A 574 43.13 18.25 -3.40
N GLY A 575 43.84 17.39 -2.68
CA GLY A 575 43.51 17.17 -1.27
C GLY A 575 43.64 18.46 -0.47
N THR A 576 42.85 18.68 0.58
CA THR A 576 42.95 19.88 1.42
C THR A 576 44.28 19.98 2.19
N ASN A 577 44.98 18.86 2.34
CA ASN A 577 46.37 18.81 2.79
C ASN A 577 47.33 19.52 1.82
N THR A 578 47.00 19.58 0.53
CA THR A 578 47.81 20.20 -0.54
C THR A 578 47.43 21.65 -0.82
N SER A 579 46.16 21.95 -1.12
CA SER A 579 45.70 23.33 -1.36
C SER A 579 44.22 23.52 -1.08
N ASN A 580 43.80 24.75 -0.80
CA ASN A 580 42.39 25.14 -0.71
C ASN A 580 41.82 25.65 -2.04
N GLU A 581 42.60 25.68 -3.11
CA GLU A 581 42.09 25.94 -4.46
C GLU A 581 41.21 24.79 -4.95
N VAL A 582 40.17 25.09 -5.72
CA VAL A 582 39.32 24.10 -6.40
C VAL A 582 38.90 24.61 -7.77
N ALA A 583 38.52 23.70 -8.66
CA ALA A 583 37.93 24.02 -9.95
C ALA A 583 36.59 23.33 -10.07
N VAL A 584 35.63 23.90 -10.79
CA VAL A 584 34.25 23.43 -10.80
C VAL A 584 33.84 23.01 -12.19
N LEU A 585 33.32 21.79 -12.35
CA LEU A 585 32.78 21.27 -13.58
C LEU A 585 31.26 21.31 -13.52
N TYR A 586 30.64 22.11 -14.37
CA TYR A 586 29.20 22.13 -14.59
C TYR A 586 28.87 21.11 -15.68
N GLN A 587 28.38 19.93 -15.32
CA GLN A 587 28.18 18.83 -16.26
C GLN A 587 27.15 19.19 -17.33
N ASP A 588 27.40 18.77 -18.57
CA ASP A 588 26.52 18.94 -19.73
C ASP A 588 26.19 20.37 -20.22
N VAL A 589 26.41 21.43 -19.43
CA VAL A 589 26.08 22.80 -19.85
C VAL A 589 27.06 23.36 -20.89
N ASN A 590 26.63 24.45 -21.54
CA ASN A 590 27.46 25.34 -22.34
C ASN A 590 27.81 26.56 -21.46
N CYS A 591 29.08 26.98 -21.42
CA CYS A 591 29.53 28.04 -20.51
C CYS A 591 28.74 29.35 -20.59
N THR A 592 28.14 29.68 -21.74
CA THR A 592 27.30 30.88 -21.88
C THR A 592 26.08 30.89 -20.95
N GLU A 593 25.60 29.72 -20.50
CA GLU A 593 24.49 29.61 -19.56
C GLU A 593 24.87 29.84 -18.09
N VAL A 594 26.15 29.78 -17.73
CA VAL A 594 26.63 29.87 -16.34
C VAL A 594 26.66 31.33 -15.88
N ASN A 615 39.05 32.44 -16.45
CA ASN A 615 39.71 31.15 -16.57
C ASN A 615 38.69 30.00 -16.69
N VAL A 616 38.10 29.87 -17.88
CA VAL A 616 36.98 28.96 -18.18
C VAL A 616 37.28 28.13 -19.43
N PHE A 617 36.95 26.84 -19.41
CA PHE A 617 37.24 25.88 -20.48
C PHE A 617 36.00 25.03 -20.78
N GLN A 618 35.57 24.89 -22.05
CA GLN A 618 34.44 24.05 -22.42
C GLN A 618 34.91 22.63 -22.79
N THR A 619 34.94 21.72 -21.83
CA THR A 619 35.22 20.29 -22.09
C THR A 619 34.02 19.61 -22.72
N ARG A 620 34.21 18.43 -23.33
CA ARG A 620 33.08 17.59 -23.76
C ARG A 620 32.22 17.06 -22.61
N ALA A 621 32.71 17.05 -21.37
CA ALA A 621 31.92 16.72 -20.18
C ALA A 621 31.05 17.88 -19.68
N GLY A 622 31.40 19.13 -20.00
CA GLY A 622 30.73 20.32 -19.49
C GLY A 622 31.69 21.50 -19.30
N CYS A 623 31.17 22.63 -18.86
CA CYS A 623 31.96 23.83 -18.62
C CYS A 623 32.82 23.67 -17.37
N LEU A 624 34.14 23.80 -17.48
CA LEU A 624 35.08 23.65 -16.38
C LEU A 624 35.67 25.02 -16.02
N ILE A 625 35.46 25.46 -14.79
CA ILE A 625 35.76 26.82 -14.33
C ILE A 625 36.84 26.78 -13.27
N GLY A 626 37.89 27.59 -13.42
CA GLY A 626 38.98 27.67 -12.45
C GLY A 626 40.12 26.67 -12.66
N ALA A 627 40.07 25.86 -13.71
CA ALA A 627 41.19 25.02 -14.14
C ALA A 627 41.82 25.59 -15.42
N GLU A 628 43.14 25.80 -15.42
CA GLU A 628 43.85 26.26 -16.61
C GLU A 628 44.00 25.14 -17.65
N HIS A 629 43.44 25.32 -18.85
CA HIS A 629 43.70 24.39 -19.95
C HIS A 629 45.14 24.52 -20.42
N VAL A 630 45.83 23.39 -20.60
CA VAL A 630 47.19 23.36 -21.15
C VAL A 630 47.29 22.44 -22.37
N ASN A 631 48.19 22.74 -23.31
CA ASN A 631 48.38 21.96 -24.54
C ASN A 631 49.25 20.71 -24.35
N ASN A 632 49.98 20.61 -23.23
CA ASN A 632 50.72 19.43 -22.81
C ASN A 632 49.79 18.22 -22.56
N SER A 633 50.38 17.05 -22.34
CA SER A 633 49.68 15.88 -21.81
C SER A 633 50.51 15.20 -20.73
N TYR A 634 49.83 14.70 -19.70
CA TYR A 634 50.42 13.98 -18.58
C TYR A 634 49.58 12.73 -18.32
N GLU A 635 50.04 11.81 -17.47
CA GLU A 635 49.17 10.75 -16.96
C GLU A 635 47.92 11.33 -16.27
N CYS A 636 46.83 10.59 -16.25
CA CYS A 636 45.62 11.07 -15.60
C CYS A 636 45.78 11.14 -14.07
N ASP A 637 45.07 12.05 -13.41
CA ASP A 637 45.21 12.32 -11.99
C ASP A 637 43.83 12.45 -11.32
N ILE A 638 43.10 13.55 -11.56
CA ILE A 638 41.67 13.65 -11.26
C ILE A 638 40.93 13.48 -12.59
N PRO A 639 40.19 12.38 -12.82
CA PRO A 639 39.57 12.13 -14.12
C PRO A 639 38.31 12.97 -14.30
N ILE A 640 38.11 13.62 -15.47
CA ILE A 640 36.91 14.42 -15.75
C ILE A 640 35.99 13.70 -16.75
N GLY A 641 36.46 13.40 -17.96
CA GLY A 641 35.63 12.78 -18.99
C GLY A 641 36.07 13.12 -20.40
N ALA A 642 35.73 12.28 -21.38
CA ALA A 642 36.07 12.48 -22.79
C ALA A 642 37.56 12.80 -23.02
N GLY A 643 38.44 12.08 -22.32
CA GLY A 643 39.88 12.22 -22.37
C GLY A 643 40.46 13.35 -21.53
N ILE A 644 39.66 14.23 -20.94
CA ILE A 644 40.17 15.30 -20.07
C ILE A 644 40.45 14.77 -18.67
N CYS A 645 41.60 15.14 -18.11
CA CYS A 645 41.94 14.98 -16.70
C CYS A 645 42.46 16.30 -16.16
N ALA A 646 42.36 16.50 -14.85
CA ALA A 646 42.90 17.66 -14.15
C ALA A 646 43.89 17.24 -13.08
N SER A 647 44.78 18.14 -12.69
CA SER A 647 45.80 17.89 -11.67
C SER A 647 46.27 19.21 -11.05
N TYR A 648 46.95 19.16 -9.92
CA TYR A 648 47.56 20.34 -9.30
C TYR A 648 49.06 20.39 -9.59
N GLN A 649 49.50 21.37 -10.36
CA GLN A 649 50.85 21.43 -10.95
C GLN A 649 51.36 22.87 -11.10
N THR A 650 52.67 23.03 -11.31
CA THR A 650 53.31 24.34 -11.56
C THR A 650 52.84 24.96 -12.89
N GLN A 664 51.82 26.97 -7.62
CA GLN A 664 51.09 25.92 -8.32
C GLN A 664 49.60 26.24 -8.45
N SER A 665 48.90 25.54 -9.36
CA SER A 665 47.50 25.78 -9.72
C SER A 665 46.85 24.52 -10.31
N ILE A 666 45.52 24.50 -10.43
CA ILE A 666 44.81 23.38 -11.08
C ILE A 666 44.87 23.53 -12.59
N ILE A 667 45.44 22.55 -13.29
CA ILE A 667 45.42 22.46 -14.76
C ILE A 667 44.37 21.45 -15.22
N ALA A 668 43.97 21.52 -16.49
CA ALA A 668 43.23 20.48 -17.18
C ALA A 668 43.85 20.23 -18.55
N TYR A 669 43.91 18.97 -18.98
CA TYR A 669 44.61 18.56 -20.19
C TYR A 669 43.98 17.31 -20.81
N THR A 670 44.24 17.04 -22.09
CA THR A 670 43.96 15.71 -22.65
C THR A 670 44.96 14.72 -22.10
N MET A 671 44.52 13.65 -21.44
CA MET A 671 45.42 12.70 -20.80
C MET A 671 46.31 11.99 -21.82
N SER A 672 47.56 11.73 -21.43
CA SER A 672 48.45 10.84 -22.17
C SER A 672 48.15 9.40 -21.80
N LEU A 673 48.06 8.52 -22.79
CA LEU A 673 47.88 7.09 -22.57
C LEU A 673 49.21 6.39 -22.22
N GLY A 674 50.34 7.07 -22.43
CA GLY A 674 51.69 6.57 -22.21
C GLY A 674 52.66 7.11 -23.27
N ALA A 675 53.95 6.91 -23.06
CA ALA A 675 54.96 7.30 -24.04
C ALA A 675 54.74 6.59 -25.38
N GLU A 676 54.86 7.28 -26.50
CA GLU A 676 54.84 6.62 -27.80
C GLU A 676 56.13 5.82 -28.00
N ASN A 677 56.04 4.62 -28.57
CA ASN A 677 57.18 3.74 -28.77
C ASN A 677 57.11 3.04 -30.13
N SER A 678 57.86 3.51 -31.13
CA SER A 678 58.02 2.75 -32.37
C SER A 678 58.90 1.53 -32.11
N VAL A 679 58.34 0.33 -32.19
CA VAL A 679 59.12 -0.90 -32.00
C VAL A 679 60.04 -1.09 -33.20
N ALA A 680 61.32 -1.38 -32.96
CA ALA A 680 62.39 -1.39 -33.97
C ALA A 680 62.38 -2.63 -34.90
N TYR A 681 61.20 -3.02 -35.38
CA TYR A 681 60.97 -4.22 -36.16
C TYR A 681 61.68 -4.19 -37.53
N SER A 682 62.20 -5.34 -37.95
CA SER A 682 62.59 -5.62 -39.34
C SER A 682 62.61 -7.12 -39.54
N ASN A 683 62.46 -7.62 -40.77
CA ASN A 683 62.23 -9.04 -41.04
C ASN A 683 63.38 -9.98 -40.63
N ASN A 684 64.53 -9.44 -40.21
CA ASN A 684 65.67 -10.20 -39.70
C ASN A 684 66.23 -9.66 -38.37
N SER A 685 65.52 -8.82 -37.61
CA SER A 685 66.03 -8.27 -36.35
C SER A 685 65.29 -8.83 -35.14
N ILE A 686 66.00 -9.38 -34.15
CA ILE A 686 65.44 -9.81 -32.86
C ILE A 686 66.17 -9.11 -31.73
N ALA A 687 65.48 -8.75 -30.65
CA ALA A 687 66.13 -8.29 -29.43
C ALA A 687 66.04 -9.36 -28.35
N ILE A 688 67.14 -9.69 -27.67
CA ILE A 688 67.16 -10.73 -26.64
C ILE A 688 67.66 -10.13 -25.32
N PRO A 689 67.07 -10.44 -24.15
CA PRO A 689 67.48 -9.84 -22.89
C PRO A 689 68.87 -10.30 -22.52
N THR A 690 69.78 -9.40 -22.18
CA THR A 690 71.11 -9.88 -21.75
C THR A 690 71.06 -10.20 -20.27
N ASN A 691 70.17 -9.56 -19.53
CA ASN A 691 70.09 -9.75 -18.06
C ASN A 691 68.63 -9.75 -17.65
N PHE A 692 68.34 -9.49 -16.41
CA PHE A 692 66.95 -9.63 -15.93
C PHE A 692 66.87 -9.15 -14.48
N THR A 693 65.68 -8.73 -14.06
CA THR A 693 65.40 -8.33 -12.69
C THR A 693 64.30 -9.21 -12.17
N ILE A 694 64.49 -9.89 -11.04
CA ILE A 694 63.34 -10.32 -10.25
C ILE A 694 62.62 -9.08 -9.70
N SER A 695 61.31 -9.18 -9.52
CA SER A 695 60.49 -8.18 -8.84
C SER A 695 59.47 -8.90 -7.97
N VAL A 696 58.89 -8.21 -6.99
CA VAL A 696 57.92 -8.79 -6.05
C VAL A 696 56.69 -7.91 -6.04
N THR A 697 55.95 -7.89 -7.15
CA THR A 697 54.77 -7.03 -7.30
C THR A 697 53.72 -7.46 -6.29
N THR A 698 53.30 -6.58 -5.40
CA THR A 698 52.26 -6.88 -4.42
C THR A 698 50.88 -6.81 -5.05
N GLU A 699 49.98 -7.73 -4.72
CA GLU A 699 48.58 -7.66 -5.13
C GLU A 699 47.67 -7.92 -3.95
N ILE A 700 46.65 -7.08 -3.77
CA ILE A 700 45.75 -7.12 -2.62
C ILE A 700 44.35 -7.48 -3.07
N LEU A 701 43.68 -8.44 -2.44
CA LEU A 701 42.30 -8.82 -2.75
C LEU A 701 41.44 -8.82 -1.48
N PRO A 702 40.21 -8.30 -1.50
CA PRO A 702 39.25 -8.55 -0.45
C PRO A 702 38.85 -10.03 -0.39
N VAL A 703 38.50 -10.54 0.79
CA VAL A 703 38.02 -11.92 0.96
C VAL A 703 36.73 -11.97 1.76
N SER A 704 36.54 -11.10 2.73
CA SER A 704 35.34 -11.12 3.57
C SER A 704 34.82 -9.72 3.85
N MET A 705 33.51 -9.58 3.99
CA MET A 705 32.92 -8.43 4.66
C MET A 705 33.06 -8.60 6.17
N THR A 706 32.78 -7.57 6.95
CA THR A 706 32.42 -7.78 8.37
C THR A 706 31.14 -8.63 8.43
N LYS A 707 31.06 -9.62 9.32
CA LYS A 707 29.86 -10.44 9.52
C LYS A 707 28.75 -9.68 10.27
N THR A 708 28.30 -8.57 9.74
CA THR A 708 27.16 -7.84 10.30
C THR A 708 25.90 -8.66 10.14
N SER A 709 25.03 -8.61 11.14
CA SER A 709 23.66 -9.10 11.08
C SER A 709 22.77 -8.14 11.85
N VAL A 710 21.50 -8.05 11.47
CA VAL A 710 20.57 -7.08 12.04
C VAL A 710 19.29 -7.83 12.40
N ASP A 711 18.83 -7.71 13.64
CA ASP A 711 17.51 -8.19 14.00
C ASP A 711 16.48 -7.23 13.42
N CYS A 712 15.82 -7.57 12.33
CA CYS A 712 14.87 -6.66 11.71
C CYS A 712 13.69 -6.30 12.63
N THR A 713 13.28 -7.14 13.58
CA THR A 713 12.19 -6.76 14.49
C THR A 713 12.66 -5.69 15.45
N MET A 714 13.82 -5.86 16.08
CA MET A 714 14.32 -4.84 16.99
C MET A 714 14.77 -3.58 16.24
N TYR A 715 15.28 -3.68 15.02
CA TYR A 715 15.58 -2.48 14.23
C TYR A 715 14.32 -1.70 13.87
N ILE A 716 13.29 -2.36 13.33
CA ILE A 716 12.06 -1.67 12.92
C ILE A 716 11.29 -1.15 14.14
N CYS A 717 11.07 -1.98 15.15
CA CYS A 717 10.17 -1.70 16.28
C CYS A 717 10.83 -1.35 17.61
N GLY A 718 12.15 -1.41 17.77
CA GLY A 718 12.83 -0.98 19.01
C GLY A 718 12.41 -1.74 20.27
N ASP A 719 11.99 -3.00 20.15
CA ASP A 719 11.41 -3.80 21.23
C ASP A 719 10.08 -3.29 21.79
N SER A 720 9.35 -2.45 21.06
CA SER A 720 7.95 -2.13 21.36
C SER A 720 7.02 -3.28 20.96
N THR A 721 6.20 -3.78 21.90
CA THR A 721 5.20 -4.82 21.57
C THR A 721 4.09 -4.26 20.69
N GLU A 722 3.65 -3.02 20.93
CA GLU A 722 2.61 -2.36 20.14
C GLU A 722 2.98 -2.25 18.66
N CYS A 723 4.26 -2.03 18.36
CA CYS A 723 4.78 -2.06 16.99
C CYS A 723 4.94 -3.48 16.44
N SER A 724 5.51 -4.41 17.22
CA SER A 724 5.77 -5.77 16.72
C SER A 724 4.49 -6.46 16.22
N ASN A 725 3.38 -6.28 16.92
CA ASN A 725 2.09 -6.85 16.52
C ASN A 725 1.50 -6.24 15.24
N LEU A 726 1.99 -5.09 14.76
CA LEU A 726 1.74 -4.60 13.40
C LEU A 726 2.72 -5.19 12.41
N LEU A 727 4.00 -5.29 12.77
CA LEU A 727 5.04 -5.81 11.88
C LEU A 727 4.75 -7.26 11.45
N LEU A 728 4.14 -8.07 12.32
CA LEU A 728 3.70 -9.43 11.96
C LEU A 728 2.69 -9.45 10.81
N GLN A 729 1.95 -8.37 10.54
CA GLN A 729 0.97 -8.33 9.46
C GLN A 729 1.61 -8.19 8.08
N TYR A 730 2.88 -7.78 8.00
CA TYR A 730 3.68 -7.86 6.77
C TYR A 730 4.17 -9.29 6.50
N GLY A 731 3.91 -10.24 7.39
CA GLY A 731 4.29 -11.63 7.22
C GLY A 731 5.78 -11.85 7.18
N SER A 732 6.25 -12.59 6.17
CA SER A 732 7.64 -13.09 6.11
C SER A 732 8.71 -12.04 5.83
N PHE A 733 8.39 -10.77 5.57
CA PHE A 733 9.40 -9.75 5.25
C PHE A 733 10.45 -9.67 6.35
N CYS A 734 10.06 -9.34 7.57
CA CYS A 734 10.97 -9.37 8.69
C CYS A 734 11.14 -10.80 9.26
N THR A 735 11.63 -11.69 8.39
CA THR A 735 12.11 -13.04 8.66
C THR A 735 13.02 -13.48 7.52
N GLN A 736 12.63 -13.29 6.26
CA GLN A 736 13.54 -13.50 5.13
C GLN A 736 14.67 -12.47 5.08
N LEU A 737 14.53 -11.27 5.65
CA LEU A 737 15.66 -10.34 5.82
C LEU A 737 16.69 -10.89 6.82
N ASN A 738 16.28 -11.60 7.87
CA ASN A 738 17.22 -12.29 8.77
C ASN A 738 17.91 -13.45 8.05
N ARG A 739 17.20 -14.27 7.26
CA ARG A 739 17.83 -15.33 6.46
C ARG A 739 18.82 -14.78 5.44
N ALA A 740 18.47 -13.69 4.75
CA ALA A 740 19.35 -13.04 3.78
C ALA A 740 20.64 -12.57 4.45
N LEU A 741 20.58 -11.75 5.51
CA LEU A 741 21.77 -11.30 6.23
C LEU A 741 22.54 -12.44 6.90
N THR A 742 21.89 -13.48 7.40
CA THR A 742 22.60 -14.63 7.99
C THR A 742 23.29 -15.46 6.92
N GLY A 743 22.72 -15.60 5.73
CA GLY A 743 23.39 -16.23 4.58
C GLY A 743 24.64 -15.46 4.17
N ILE A 744 24.57 -14.12 4.09
CA ILE A 744 25.75 -13.29 3.87
C ILE A 744 26.76 -13.48 5.00
N ALA A 745 26.33 -13.52 6.26
CA ALA A 745 27.25 -13.66 7.39
C ALA A 745 27.95 -15.01 7.39
N VAL A 746 27.24 -16.11 7.17
CA VAL A 746 27.83 -17.46 7.12
C VAL A 746 28.80 -17.60 5.97
N GLU A 747 28.51 -17.01 4.82
CA GLU A 747 29.37 -17.08 3.65
C GLU A 747 30.73 -16.43 3.88
N GLN A 748 30.87 -15.44 4.75
CA GLN A 748 32.19 -14.83 5.00
C GLN A 748 33.18 -15.83 5.60
N ASP A 749 32.69 -16.78 6.40
CA ASP A 749 33.52 -17.87 6.90
C ASP A 749 33.88 -18.84 5.77
N LYS A 750 32.95 -19.15 4.87
CA LYS A 750 33.23 -19.98 3.68
C LYS A 750 34.29 -19.34 2.80
N ASN A 751 34.20 -18.03 2.53
CA ASN A 751 35.21 -17.31 1.76
C ASN A 751 36.57 -17.43 2.42
N THR A 752 36.66 -17.11 3.70
CA THR A 752 37.94 -17.11 4.40
C THR A 752 38.52 -18.51 4.50
N GLN A 753 37.69 -19.52 4.72
CA GLN A 753 38.11 -20.90 4.79
C GLN A 753 38.64 -21.37 3.45
N GLU A 754 37.91 -21.20 2.34
CA GLU A 754 38.38 -21.73 1.06
C GLU A 754 39.55 -20.96 0.44
N VAL A 755 39.78 -19.71 0.86
CA VAL A 755 40.97 -18.96 0.49
C VAL A 755 42.19 -19.43 1.25
N PHE A 756 42.14 -19.56 2.57
CA PHE A 756 43.32 -19.89 3.38
C PHE A 756 43.49 -21.38 3.69
N ALA A 757 42.42 -22.12 3.97
CA ALA A 757 42.48 -23.54 4.33
C ALA A 757 42.69 -24.47 3.13
N GLN A 758 43.53 -24.07 2.18
CA GLN A 758 43.97 -24.91 1.05
C GLN A 758 45.08 -25.89 1.45
N VAL A 759 45.53 -25.83 2.71
CA VAL A 759 46.64 -26.61 3.27
C VAL A 759 46.11 -27.71 4.22
N LYS A 760 46.58 -28.94 4.04
CA LYS A 760 46.09 -30.10 4.80
C LYS A 760 46.65 -30.21 6.23
N GLN A 761 47.81 -29.62 6.48
CA GLN A 761 48.58 -29.71 7.72
C GLN A 761 49.25 -28.38 7.98
N ILE A 762 49.49 -27.98 9.22
CA ILE A 762 50.19 -26.74 9.52
C ILE A 762 51.68 -27.03 9.44
N TYR A 763 52.24 -26.82 8.25
CA TYR A 763 53.68 -26.89 8.03
C TYR A 763 54.41 -25.82 8.81
N LYS A 764 55.65 -26.10 9.22
CA LYS A 764 56.59 -25.10 9.76
C LYS A 764 57.92 -25.17 9.02
N THR A 765 58.60 -24.04 8.87
CA THR A 765 60.01 -24.02 8.46
C THR A 765 60.90 -24.61 9.55
N PRO A 766 62.05 -25.20 9.20
CA PRO A 766 63.06 -25.61 10.18
C PRO A 766 63.59 -24.39 10.96
N PRO A 767 64.28 -24.59 12.09
CA PRO A 767 64.84 -23.50 12.87
C PRO A 767 65.96 -22.74 12.14
N ILE A 768 66.73 -23.40 11.29
CA ILE A 768 67.87 -22.84 10.54
C ILE A 768 67.47 -22.51 9.10
N LYS A 769 67.71 -21.26 8.67
CA LYS A 769 67.15 -20.69 7.43
C LYS A 769 68.14 -20.78 6.25
N ASP A 770 68.67 -21.97 5.96
CA ASP A 770 69.59 -22.20 4.82
C ASP A 770 68.84 -22.31 3.48
N PHE A 771 68.12 -21.25 3.11
CA PHE A 771 67.35 -21.12 1.86
C PHE A 771 68.17 -20.50 0.72
N GLY A 772 69.39 -20.98 0.48
CA GLY A 772 70.20 -20.58 -0.68
C GLY A 772 70.59 -19.10 -0.74
N GLY A 773 70.41 -18.34 0.35
CA GLY A 773 70.66 -16.90 0.43
C GLY A 773 69.40 -16.02 0.32
N PHE A 774 68.27 -16.59 -0.10
CA PHE A 774 66.99 -15.90 -0.09
C PHE A 774 66.57 -15.67 1.37
N ASN A 775 66.05 -14.49 1.71
CA ASN A 775 65.75 -14.10 3.08
C ASN A 775 64.26 -13.80 3.24
N PHE A 776 63.55 -14.71 3.91
CA PHE A 776 62.12 -14.61 4.14
C PHE A 776 61.74 -13.99 5.49
N SER A 777 62.69 -13.45 6.26
CA SER A 777 62.45 -13.05 7.66
C SER A 777 61.31 -12.05 7.83
N GLN A 778 61.03 -11.19 6.84
CA GLN A 778 59.89 -10.28 6.90
C GLN A 778 58.54 -10.93 6.58
N ILE A 779 58.51 -11.99 5.76
CA ILE A 779 57.28 -12.64 5.31
C ILE A 779 56.90 -13.86 6.17
N LEU A 780 57.84 -14.45 6.90
CA LEU A 780 57.61 -15.54 7.85
C LEU A 780 57.07 -15.00 9.18
N PRO A 781 56.38 -15.81 10.00
CA PRO A 781 55.90 -15.41 11.31
C PRO A 781 57.04 -15.00 12.23
N ASP A 782 56.67 -14.28 13.29
CA ASP A 782 57.58 -13.55 14.16
C ASP A 782 57.41 -14.01 15.62
N PRO A 783 58.31 -14.86 16.14
CA PRO A 783 58.20 -15.41 17.49
C PRO A 783 58.26 -14.39 18.63
N SER A 784 58.67 -13.14 18.37
CA SER A 784 58.71 -12.08 19.39
C SER A 784 57.32 -11.65 19.89
N LYS A 785 56.24 -11.95 19.16
CA LYS A 785 54.87 -11.57 19.50
C LYS A 785 54.07 -12.73 20.12
N SER A 787 49.85 -10.76 17.89
CA SER A 787 49.79 -12.16 17.45
C SER A 787 51.03 -12.56 16.66
N LYS A 788 51.20 -13.84 16.30
CA LYS A 788 52.40 -14.38 15.62
C LYS A 788 52.65 -13.88 14.18
N ARG A 789 51.87 -12.92 13.69
CA ARG A 789 51.94 -12.32 12.34
C ARG A 789 53.36 -11.96 11.91
N SER A 790 53.62 -12.14 10.63
CA SER A 790 54.86 -11.76 9.97
C SER A 790 55.14 -10.26 10.09
N PHE A 791 56.36 -9.80 9.88
CA PHE A 791 56.63 -8.36 9.88
C PHE A 791 55.75 -7.63 8.85
N ILE A 792 55.67 -8.13 7.62
CA ILE A 792 54.81 -7.51 6.60
C ILE A 792 53.33 -7.67 6.96
N GLU A 793 52.91 -8.76 7.60
CA GLU A 793 51.53 -8.86 8.08
C GLU A 793 51.23 -7.83 9.18
N ASP A 794 52.18 -7.36 10.00
CA ASP A 794 51.93 -6.23 10.90
C ASP A 794 51.77 -4.90 10.18
N LEU A 795 52.62 -4.60 9.19
CA LEU A 795 52.45 -3.38 8.39
C LEU A 795 51.09 -3.37 7.71
N LEU A 796 50.65 -4.51 7.18
CA LEU A 796 49.31 -4.68 6.62
C LEU A 796 48.22 -4.48 7.68
N PHE A 797 48.37 -5.04 8.87
CA PHE A 797 47.37 -4.90 9.93
C PHE A 797 47.33 -3.48 10.51
N ASN A 798 48.38 -2.69 10.43
CA ASN A 798 48.35 -1.28 10.85
C ASN A 798 47.69 -0.36 9.81
N LYS A 799 47.96 -0.55 8.51
CA LYS A 799 47.52 0.39 7.46
C LYS A 799 46.03 0.35 7.11
N VAL A 800 45.27 -0.63 7.58
CA VAL A 800 43.80 -0.66 7.47
C VAL A 800 43.18 -0.28 8.82
N THR A 801 42.18 0.61 8.82
CA THR A 801 41.60 1.19 10.05
C THR A 801 40.91 0.13 10.93
N PHE A 829 23.72 -1.02 18.80
CA PHE A 829 22.71 -0.81 19.84
C PHE A 829 21.27 -0.81 19.30
N ASN A 830 21.08 -0.44 18.05
CA ASN A 830 19.78 -0.29 17.38
C ASN A 830 19.18 -1.63 16.88
N GLY A 831 19.50 -2.76 17.51
CA GLY A 831 19.23 -4.10 16.98
C GLY A 831 20.30 -4.65 16.03
N LEU A 832 21.37 -3.91 15.77
CA LEU A 832 22.54 -4.38 15.02
C LEU A 832 23.40 -5.31 15.87
N THR A 833 24.06 -6.28 15.25
CA THR A 833 25.12 -7.08 15.87
C THR A 833 26.23 -7.35 14.86
N VAL A 834 27.48 -7.30 15.29
CA VAL A 834 28.61 -7.82 14.50
C VAL A 834 29.03 -9.14 15.11
N LEU A 835 28.88 -10.21 14.34
CA LEU A 835 29.39 -11.53 14.71
C LEU A 835 30.91 -11.56 14.50
N PRO A 836 31.69 -12.26 15.33
CA PRO A 836 33.10 -12.47 15.05
C PRO A 836 33.30 -13.45 13.89
N PRO A 837 34.42 -13.38 13.14
CA PRO A 837 34.78 -14.40 12.16
C PRO A 837 35.03 -15.74 12.82
N LEU A 838 34.80 -16.86 12.14
CA LEU A 838 35.07 -18.18 12.71
C LEU A 838 36.54 -18.37 12.99
N LEU A 839 37.40 -18.09 12.02
CA LEU A 839 38.84 -18.16 12.15
C LEU A 839 39.33 -16.82 12.73
N THR A 840 39.82 -16.79 13.97
CA THR A 840 40.41 -15.56 14.50
C THR A 840 41.64 -15.16 13.69
N ASP A 841 42.00 -13.88 13.64
CA ASP A 841 43.11 -13.40 12.81
C ASP A 841 44.46 -14.04 13.16
N GLU A 842 44.63 -14.49 14.40
CA GLU A 842 45.77 -15.32 14.79
C GLU A 842 45.83 -16.66 14.05
N MET A 843 44.70 -17.32 13.82
CA MET A 843 44.61 -18.56 13.06
C MET A 843 44.75 -18.30 11.57
N ILE A 844 44.24 -17.19 11.03
CA ILE A 844 44.52 -16.80 9.65
C ILE A 844 46.01 -16.60 9.44
N ALA A 845 46.71 -15.90 10.33
CA ALA A 845 48.16 -15.78 10.26
C ALA A 845 48.90 -17.11 10.44
N GLN A 846 48.28 -18.11 11.06
CA GLN A 846 48.84 -19.46 11.14
C GLN A 846 48.63 -20.24 9.84
N TYR A 847 47.50 -20.11 9.16
CA TYR A 847 47.36 -20.64 7.80
C TYR A 847 48.34 -20.00 6.84
N THR A 848 48.47 -18.67 6.77
CA THR A 848 49.44 -18.05 5.86
C THR A 848 50.86 -18.49 6.19
N SER A 849 51.21 -18.65 7.46
CA SER A 849 52.47 -19.28 7.85
C SER A 849 52.60 -20.70 7.27
N ALA A 850 51.63 -21.57 7.43
CA ALA A 850 51.69 -22.93 6.87
C ALA A 850 51.78 -22.95 5.35
N LEU A 851 51.02 -22.12 4.65
CA LEU A 851 51.05 -22.02 3.20
C LEU A 851 52.41 -21.59 2.71
N LEU A 852 53.01 -20.56 3.30
CA LEU A 852 54.29 -20.07 2.83
C LEU A 852 55.46 -20.87 3.39
N ALA A 853 55.36 -21.52 4.54
CA ALA A 853 56.36 -22.49 5.00
C ALA A 853 56.34 -23.79 4.19
N GLY A 854 55.18 -24.21 3.69
CA GLY A 854 55.11 -25.27 2.69
C GLY A 854 55.74 -24.82 1.39
N THR A 855 55.40 -23.63 0.90
CA THR A 855 55.93 -23.04 -0.35
C THR A 855 57.43 -22.92 -0.34
N ILE A 856 58.03 -22.48 0.77
CA ILE A 856 59.48 -22.39 0.93
C ILE A 856 60.12 -23.78 0.94
N THR A 857 59.66 -24.69 1.81
CA THR A 857 60.38 -25.96 1.99
C THR A 857 60.09 -27.03 0.95
N SER A 858 59.00 -26.96 0.17
CA SER A 858 58.51 -28.11 -0.61
C SER A 858 57.95 -27.79 -1.99
N GLY A 859 58.08 -26.55 -2.46
CA GLY A 859 57.65 -26.14 -3.80
C GLY A 859 56.15 -26.16 -3.96
N TRP A 860 55.67 -26.57 -5.14
CA TRP A 860 54.24 -26.83 -5.36
C TRP A 860 53.73 -28.12 -4.72
N THR A 861 54.62 -29.03 -4.32
CA THR A 861 54.21 -30.41 -4.03
C THR A 861 53.21 -30.53 -2.91
N PHE A 862 53.22 -29.63 -1.93
CA PHE A 862 52.25 -29.66 -0.84
C PHE A 862 50.81 -29.40 -1.30
N GLY A 863 50.60 -28.86 -2.52
CA GLY A 863 49.29 -28.80 -3.14
C GLY A 863 48.86 -30.14 -3.73
N ALA A 864 49.78 -30.84 -4.39
CA ALA A 864 49.50 -32.10 -5.08
C ALA A 864 49.43 -33.34 -4.18
N GLY A 865 50.07 -33.34 -3.01
CA GLY A 865 50.12 -34.51 -2.13
C GLY A 865 50.81 -34.20 -0.81
N ALA A 866 51.82 -34.98 -0.46
CA ALA A 866 52.68 -34.69 0.69
C ALA A 866 53.65 -33.55 0.39
N ALA A 867 54.06 -32.77 1.39
CA ALA A 867 55.01 -31.69 1.24
C ALA A 867 56.45 -32.22 1.11
N LEU A 868 56.80 -32.75 -0.05
CA LEU A 868 58.13 -33.29 -0.32
C LEU A 868 59.19 -32.18 -0.23
N GLN A 869 60.16 -32.27 0.69
CA GLN A 869 61.17 -31.22 0.80
C GLN A 869 62.03 -31.15 -0.45
N ILE A 870 62.56 -29.96 -0.73
CA ILE A 870 63.50 -29.70 -1.83
C ILE A 870 64.26 -28.41 -1.48
N PRO A 871 65.59 -28.34 -1.58
CA PRO A 871 66.32 -27.17 -1.11
C PRO A 871 65.97 -25.95 -1.95
N PHE A 872 65.86 -24.76 -1.37
CA PHE A 872 65.17 -23.66 -2.05
C PHE A 872 65.84 -23.20 -3.35
N ALA A 873 67.16 -23.23 -3.44
CA ALA A 873 67.86 -22.90 -4.68
C ALA A 873 67.47 -23.86 -5.82
N MET A 874 67.16 -25.10 -5.51
CA MET A 874 66.69 -26.11 -6.47
C MET A 874 65.24 -25.90 -6.85
N GLN A 875 64.41 -25.47 -5.92
CA GLN A 875 63.05 -25.05 -6.25
C GLN A 875 63.06 -23.88 -7.21
N MET A 876 63.87 -22.84 -7.00
CA MET A 876 63.92 -21.75 -7.97
C MET A 876 64.50 -22.20 -9.30
N ALA A 877 65.41 -23.17 -9.35
CA ALA A 877 65.82 -23.77 -10.60
C ALA A 877 64.69 -24.50 -11.32
N TYR A 878 63.80 -25.21 -10.62
CA TYR A 878 62.58 -25.76 -11.23
C TYR A 878 61.67 -24.64 -11.72
N ARG A 879 61.50 -23.55 -10.96
CA ARG A 879 60.63 -22.43 -11.30
C ARG A 879 61.15 -21.61 -12.47
N PHE A 880 62.45 -21.42 -12.62
CA PHE A 880 63.08 -20.85 -13.82
C PHE A 880 62.87 -21.76 -15.01
N ASN A 881 63.12 -23.06 -14.87
CA ASN A 881 62.89 -24.00 -15.96
C ASN A 881 61.43 -24.00 -16.44
N GLY A 882 60.48 -23.74 -15.54
CA GLY A 882 59.07 -23.59 -15.88
C GLY A 882 58.75 -22.39 -16.79
N ILE A 883 59.55 -21.32 -16.77
CA ILE A 883 59.39 -20.14 -17.64
C ILE A 883 60.29 -20.17 -18.88
N GLY A 884 60.88 -21.32 -19.21
CA GLY A 884 61.73 -21.45 -20.39
C GLY A 884 63.08 -20.76 -20.29
N VAL A 885 63.60 -20.60 -19.08
CA VAL A 885 64.98 -20.17 -18.81
C VAL A 885 65.75 -21.37 -18.27
N THR A 886 66.79 -21.83 -18.95
CA THR A 886 67.51 -23.07 -18.59
C THR A 886 68.15 -22.90 -17.22
N GLN A 887 68.05 -23.89 -16.33
CA GLN A 887 68.24 -23.60 -14.91
C GLN A 887 69.67 -23.27 -14.52
N ASN A 888 70.66 -23.53 -15.37
CA ASN A 888 72.02 -23.05 -15.16
C ASN A 888 72.05 -21.53 -14.99
N VAL A 889 71.17 -20.80 -15.68
CA VAL A 889 71.00 -19.35 -15.53
C VAL A 889 70.69 -18.95 -14.10
N LEU A 890 70.10 -19.80 -13.27
CA LEU A 890 69.96 -19.52 -11.84
C LEU A 890 71.23 -19.81 -11.07
N TYR A 891 71.73 -21.05 -11.08
CA TYR A 891 72.86 -21.42 -10.23
C TYR A 891 74.11 -20.59 -10.52
N GLU A 892 74.32 -20.24 -11.78
CA GLU A 892 75.44 -19.39 -12.18
C GLU A 892 75.25 -17.92 -11.77
N ASN A 893 74.06 -17.52 -11.34
CA ASN A 893 73.74 -16.17 -10.89
C ASN A 893 73.09 -16.15 -9.48
N GLN A 894 73.26 -17.21 -8.67
CA GLN A 894 72.43 -17.40 -7.49
C GLN A 894 72.58 -16.28 -6.46
N LYS A 895 73.80 -15.78 -6.22
CA LYS A 895 74.02 -14.69 -5.27
C LYS A 895 73.35 -13.38 -5.72
N LEU A 896 73.43 -13.04 -7.01
CA LEU A 896 72.71 -11.91 -7.61
C LEU A 896 71.20 -12.07 -7.47
N ILE A 897 70.65 -13.24 -7.78
CA ILE A 897 69.22 -13.52 -7.72
C ILE A 897 68.71 -13.43 -6.28
N ALA A 898 69.46 -13.94 -5.30
CA ALA A 898 69.15 -13.78 -3.89
C ALA A 898 69.19 -12.30 -3.47
N ASN A 899 70.22 -11.53 -3.84
CA ASN A 899 70.27 -10.11 -3.50
C ASN A 899 69.15 -9.30 -4.16
N GLN A 900 68.80 -9.57 -5.42
CA GLN A 900 67.64 -8.95 -6.07
C GLN A 900 66.34 -9.28 -5.36
N PHE A 901 66.11 -10.53 -4.97
CA PHE A 901 64.90 -10.91 -4.26
C PHE A 901 64.84 -10.29 -2.85
N ASN A 902 65.92 -10.36 -2.08
CA ASN A 902 65.96 -9.76 -0.75
C ASN A 902 65.74 -8.24 -0.82
N SER A 903 66.38 -7.55 -1.77
CA SER A 903 66.19 -6.11 -1.99
C SER A 903 64.76 -5.76 -2.41
N ALA A 904 64.15 -6.54 -3.31
CA ALA A 904 62.78 -6.37 -3.73
C ALA A 904 61.80 -6.51 -2.56
N ILE A 905 61.98 -7.48 -1.65
CA ILE A 905 61.18 -7.56 -0.41
C ILE A 905 61.40 -6.33 0.48
N GLY A 906 62.63 -5.81 0.57
CA GLY A 906 62.89 -4.58 1.31
C GLY A 906 62.03 -3.40 0.84
N LYS A 907 61.86 -3.23 -0.48
CA LYS A 907 60.98 -2.20 -1.05
C LYS A 907 59.51 -2.39 -0.67
N ILE A 908 59.05 -3.59 -0.35
CA ILE A 908 57.66 -3.82 0.07
C ILE A 908 57.42 -3.30 1.48
N GLN A 909 58.36 -3.47 2.40
CA GLN A 909 58.26 -2.85 3.73
C GLN A 909 58.10 -1.33 3.59
N ASP A 910 58.98 -0.68 2.83
CA ASP A 910 58.92 0.77 2.64
C ASP A 910 57.66 1.23 1.89
N SER A 911 57.22 0.49 0.88
CA SER A 911 55.97 0.79 0.18
C SER A 911 54.78 0.78 1.15
N LEU A 912 54.57 -0.33 1.88
CA LEU A 912 53.46 -0.47 2.82
C LEU A 912 53.57 0.48 4.02
N SER A 913 54.79 0.74 4.52
CA SER A 913 55.03 1.64 5.65
C SER A 913 54.78 3.11 5.29
N SER A 914 55.22 3.56 4.11
CA SER A 914 55.04 4.95 3.66
C SER A 914 53.63 5.23 3.11
N THR A 915 53.08 4.32 2.32
CA THR A 915 51.98 4.61 1.39
C THR A 915 50.68 4.02 1.90
N ALA A 916 49.98 4.73 2.80
CA ALA A 916 48.73 4.25 3.39
C ALA A 916 47.62 4.01 2.35
N SER A 917 47.66 4.73 1.22
CA SER A 917 46.76 4.54 0.08
C SER A 917 46.96 3.21 -0.68
N ALA A 918 48.00 2.43 -0.37
CA ALA A 918 48.27 1.16 -1.05
C ALA A 918 47.16 0.11 -0.82
N LEU A 919 46.60 0.02 0.40
CA LEU A 919 45.56 -0.94 0.76
C LEU A 919 44.14 -0.45 0.44
N GLY A 920 43.98 0.42 -0.55
CA GLY A 920 42.68 0.98 -0.95
C GLY A 920 41.63 -0.08 -1.26
N LYS A 921 42.02 -1.24 -1.81
CA LYS A 921 41.08 -2.33 -2.08
C LYS A 921 40.45 -2.93 -0.82
N LEU A 922 41.16 -2.99 0.30
CA LEU A 922 40.59 -3.43 1.58
C LEU A 922 39.91 -2.29 2.30
N GLN A 923 40.57 -1.12 2.38
CA GLN A 923 40.02 0.02 3.10
C GLN A 923 38.70 0.49 2.50
N ASP A 924 38.52 0.45 1.18
CA ASP A 924 37.24 0.78 0.56
C ASP A 924 36.15 -0.26 0.86
N VAL A 925 36.48 -1.54 1.02
CA VAL A 925 35.50 -2.55 1.46
C VAL A 925 35.08 -2.33 2.91
N VAL A 926 35.97 -1.86 3.78
CA VAL A 926 35.59 -1.41 5.11
C VAL A 926 34.70 -0.16 5.02
N ASN A 927 35.10 0.86 4.25
CA ASN A 927 34.35 2.10 4.13
C ASN A 927 32.96 1.87 3.54
N GLN A 928 32.79 1.06 2.50
CA GLN A 928 31.48 0.78 1.90
C GLN A 928 30.53 0.16 2.92
N ASN A 929 30.99 -0.80 3.71
CA ASN A 929 30.17 -1.40 4.76
C ASN A 929 29.86 -0.40 5.86
N ALA A 930 30.84 0.37 6.35
CA ALA A 930 30.60 1.36 7.39
C ALA A 930 29.61 2.44 6.94
N GLN A 931 29.74 2.97 5.73
CA GLN A 931 28.83 3.99 5.21
C GLN A 931 27.45 3.43 4.86
N ALA A 932 27.34 2.19 4.41
CA ALA A 932 26.03 1.55 4.24
C ALA A 932 25.33 1.36 5.59
N LEU A 933 26.06 0.96 6.62
CA LEU A 933 25.49 0.73 7.95
C LEU A 933 25.18 2.03 8.69
N ASN A 934 26.04 3.05 8.64
CA ASN A 934 25.72 4.36 9.18
C ASN A 934 24.52 4.97 8.48
N THR A 935 24.29 4.70 7.19
CA THR A 935 23.08 5.16 6.51
C THR A 935 21.84 4.39 6.95
N LEU A 936 21.94 3.08 7.19
CA LEU A 936 20.84 2.30 7.78
C LEU A 936 20.46 2.83 9.17
N VAL A 937 21.44 3.25 9.98
CA VAL A 937 21.20 3.83 11.29
C VAL A 937 20.64 5.23 11.21
N LYS A 938 21.18 6.12 10.35
CA LYS A 938 20.62 7.46 10.16
C LYS A 938 19.16 7.41 9.70
N GLN A 939 18.75 6.40 8.95
CA GLN A 939 17.34 6.22 8.57
C GLN A 939 16.40 5.93 9.76
N LEU A 940 16.88 5.68 10.97
CA LEU A 940 16.03 5.70 12.17
C LEU A 940 15.64 7.11 12.63
N SER A 941 16.37 8.15 12.22
CA SER A 941 16.03 9.54 12.54
C SER A 941 14.99 10.15 11.58
N SER A 942 14.59 9.42 10.54
CA SER A 942 13.70 9.91 9.48
C SER A 942 12.23 9.69 9.84
N ASN A 943 11.36 10.64 9.51
CA ASN A 943 9.95 10.58 9.87
C ASN A 943 9.11 9.69 8.95
N PHE A 944 9.43 9.56 7.67
CA PHE A 944 8.61 8.86 6.67
C PHE A 944 7.15 9.32 6.60
N GLY A 945 6.84 10.53 7.09
CA GLY A 945 5.47 11.07 7.19
C GLY A 945 4.77 10.81 8.53
N ALA A 946 5.41 10.15 9.49
CA ALA A 946 4.91 10.05 10.84
C ALA A 946 5.07 11.38 11.60
N ILE A 947 4.26 11.59 12.65
CA ILE A 947 4.30 12.80 13.48
C ILE A 947 5.59 12.95 14.31
N SER A 948 6.33 11.86 14.55
CA SER A 948 7.64 11.92 15.21
C SER A 948 8.57 10.79 14.76
N SER A 949 9.87 11.01 14.86
CA SER A 949 10.90 10.05 14.48
C SER A 949 11.03 8.90 15.48
N VAL A 950 10.60 9.09 16.73
CA VAL A 950 10.91 8.22 17.87
C VAL A 950 9.67 7.47 18.30
N LEU A 951 9.70 6.14 18.26
CA LEU A 951 8.50 5.33 18.43
C LEU A 951 7.97 5.34 19.87
N ASN A 952 8.85 5.45 20.86
CA ASN A 952 8.46 5.69 22.25
C ASN A 952 7.75 7.03 22.45
N ASP A 953 8.00 8.06 21.64
CA ASP A 953 7.28 9.32 21.73
C ASP A 953 5.88 9.22 21.10
N ILE A 954 5.73 8.54 19.97
CA ILE A 954 4.40 8.23 19.42
C ILE A 954 3.55 7.48 20.44
N LEU A 955 4.10 6.46 21.08
CA LEU A 955 3.38 5.69 22.11
C LEU A 955 3.21 6.46 23.43
N SER A 956 4.00 7.50 23.69
CA SER A 956 3.73 8.44 24.79
C SER A 956 2.63 9.44 24.47
N ARG A 957 2.39 9.76 23.19
CA ARG A 957 1.41 10.78 22.79
C ARG A 957 0.05 10.25 22.40
N LEU A 958 -0.06 9.08 21.76
CA LEU A 958 -1.27 8.71 21.02
C LEU A 958 -1.88 7.38 21.48
N ASP A 959 -3.20 7.28 21.41
CA ASP A 959 -3.90 6.01 21.65
C ASP A 959 -3.80 5.09 20.43
N PRO A 960 -3.89 3.76 20.59
CA PRO A 960 -3.69 2.81 19.49
C PRO A 960 -4.48 3.06 18.21
N PRO A 961 -5.76 3.51 18.22
CA PRO A 961 -6.49 3.79 17.00
C PRO A 961 -5.82 4.81 16.06
N GLU A 962 -5.00 5.73 16.59
CA GLU A 962 -4.18 6.66 15.80
C GLU A 962 -2.69 6.28 15.80
N ALA A 963 -2.15 5.84 16.92
CA ALA A 963 -0.75 5.44 16.99
C ALA A 963 -0.42 4.33 15.99
N GLU A 964 -1.35 3.42 15.71
CA GLU A 964 -1.16 2.39 14.68
C GLU A 964 -0.99 2.99 13.28
N VAL A 965 -1.60 4.13 12.95
CA VAL A 965 -1.36 4.80 11.65
C VAL A 965 0.03 5.40 11.61
N GLN A 966 0.45 6.10 12.65
CA GLN A 966 1.79 6.67 12.74
C GLN A 966 2.88 5.60 12.72
N ILE A 967 2.72 4.56 13.54
CA ILE A 967 3.66 3.44 13.58
C ILE A 967 3.68 2.72 12.25
N ASP A 968 2.56 2.56 11.55
CA ASP A 968 2.60 1.89 10.25
C ASP A 968 3.33 2.72 9.17
N ARG A 969 3.41 4.06 9.27
CA ARG A 969 4.30 4.85 8.42
C ARG A 969 5.77 4.57 8.74
N LEU A 970 6.13 4.50 10.02
CA LEU A 970 7.49 4.13 10.43
C LEU A 970 7.85 2.70 10.03
N ILE A 971 6.96 1.72 10.21
CA ILE A 971 7.19 0.36 9.74
C ILE A 971 7.40 0.38 8.24
N THR A 972 6.51 0.99 7.45
CA THR A 972 6.64 1.05 6.00
C THR A 972 7.96 1.67 5.55
N GLY A 973 8.41 2.74 6.21
CA GLY A 973 9.67 3.40 5.89
C GLY A 973 10.90 2.60 6.33
N ARG A 974 10.99 2.25 7.62
CA ARG A 974 12.13 1.50 8.16
C ARG A 974 12.28 0.17 7.46
N LEU A 975 11.21 -0.54 7.18
CA LEU A 975 11.25 -1.81 6.45
C LEU A 975 11.73 -1.63 5.01
N GLN A 976 11.30 -0.60 4.30
CA GLN A 976 11.83 -0.29 2.96
C GLN A 976 13.31 0.13 3.00
N SER A 977 13.75 0.79 4.07
CA SER A 977 15.17 1.10 4.28
C SER A 977 15.98 -0.15 4.58
N LEU A 978 15.45 -1.10 5.35
CA LEU A 978 16.09 -2.37 5.61
C LEU A 978 16.17 -3.21 4.34
N GLN A 979 15.08 -3.36 3.58
CA GLN A 979 15.11 -4.07 2.30
C GLN A 979 16.15 -3.48 1.36
N THR A 980 16.34 -2.17 1.37
CA THR A 980 17.36 -1.50 0.55
C THR A 980 18.77 -1.82 1.03
N TYR A 981 19.04 -1.77 2.33
CA TYR A 981 20.34 -2.17 2.87
C TYR A 981 20.65 -3.63 2.59
N VAL A 982 19.75 -4.55 2.88
CA VAL A 982 19.94 -5.98 2.62
C VAL A 982 20.13 -6.26 1.14
N THR A 983 19.39 -5.62 0.26
CA THR A 983 19.57 -5.80 -1.19
C THR A 983 20.95 -5.33 -1.63
N GLN A 984 21.45 -4.22 -1.12
CA GLN A 984 22.81 -3.77 -1.41
C GLN A 984 23.84 -4.72 -0.80
N GLN A 985 23.67 -5.21 0.43
CA GLN A 985 24.59 -6.19 0.99
C GLN A 985 24.59 -7.50 0.21
N LEU A 986 23.49 -7.97 -0.34
CA LEU A 986 23.50 -9.18 -1.16
C LEU A 986 24.33 -8.98 -2.43
N ILE A 987 24.20 -7.83 -3.08
CA ILE A 987 24.95 -7.51 -4.30
C ILE A 987 26.44 -7.29 -3.98
N ARG A 988 26.74 -6.61 -2.88
CA ARG A 988 28.12 -6.42 -2.39
C ARG A 988 28.75 -7.71 -1.92
N ALA A 989 28.01 -8.61 -1.28
CA ALA A 989 28.54 -9.91 -0.91
C ALA A 989 28.86 -10.76 -2.15
N ALA A 990 28.09 -10.66 -3.22
CA ALA A 990 28.47 -11.29 -4.48
C ALA A 990 29.75 -10.68 -5.07
N GLU A 991 29.98 -9.38 -4.94
CA GLU A 991 31.25 -8.77 -5.34
C GLU A 991 32.44 -9.25 -4.49
N ILE A 992 32.28 -9.36 -3.18
CA ILE A 992 33.34 -9.89 -2.30
C ILE A 992 33.56 -11.38 -2.53
N ARG A 993 32.53 -12.18 -2.77
CA ARG A 993 32.69 -13.58 -3.14
C ARG A 993 33.35 -13.74 -4.49
N ALA A 994 33.12 -12.88 -5.47
CA ALA A 994 33.90 -12.90 -6.70
C ALA A 994 35.38 -12.62 -6.44
N SER A 995 35.71 -11.78 -5.46
CA SER A 995 37.09 -11.57 -5.01
C SER A 995 37.62 -12.71 -4.15
N ALA A 996 36.81 -13.41 -3.37
CA ALA A 996 37.24 -14.59 -2.63
C ALA A 996 37.47 -15.79 -3.53
N ASN A 997 36.65 -16.02 -4.56
CA ASN A 997 36.91 -17.02 -5.59
C ASN A 997 38.14 -16.68 -6.42
N LEU A 998 38.35 -15.42 -6.78
CA LEU A 998 39.59 -15.00 -7.44
C LEU A 998 40.78 -15.17 -6.51
N ALA A 999 40.70 -14.86 -5.23
CA ALA A 999 41.79 -15.09 -4.28
C ALA A 999 42.05 -16.58 -4.05
N ALA A 1000 41.03 -17.41 -3.91
CA ALA A 1000 41.19 -18.85 -3.79
C ALA A 1000 41.85 -19.42 -5.03
N THR A 1001 41.53 -18.89 -6.21
CA THR A 1001 42.15 -19.27 -7.47
C THR A 1001 43.58 -18.80 -7.56
N LYS A 1002 43.93 -17.55 -7.19
CA LYS A 1002 45.33 -17.11 -7.19
C LYS A 1002 46.15 -17.89 -6.19
N MET A 1003 45.59 -18.28 -5.05
CA MET A 1003 46.33 -19.09 -4.10
C MET A 1003 46.57 -20.51 -4.60
N SER A 1004 45.55 -21.16 -5.13
CA SER A 1004 45.68 -22.48 -5.73
C SER A 1004 46.67 -22.48 -6.88
N GLU A 1005 46.63 -21.50 -7.78
CA GLU A 1005 47.42 -21.56 -9.01
C GLU A 1005 48.82 -20.94 -8.87
N CYS A 1006 49.04 -20.01 -7.95
CA CYS A 1006 50.29 -19.24 -7.85
C CYS A 1006 51.06 -19.41 -6.55
N VAL A 1007 50.43 -19.81 -5.45
CA VAL A 1007 51.17 -20.22 -4.23
C VAL A 1007 51.43 -21.71 -4.28
N LEU A 1008 50.38 -22.51 -4.34
CA LEU A 1008 50.44 -23.97 -4.38
C LEU A 1008 50.97 -24.52 -5.72
N GLY A 1009 51.23 -23.67 -6.70
CA GLY A 1009 51.67 -24.03 -8.05
C GLY A 1009 52.60 -22.97 -8.62
N GLN A 1010 52.80 -22.99 -9.92
CA GLN A 1010 53.34 -21.87 -10.69
C GLN A 1010 52.41 -21.65 -11.89
N SER A 1011 52.01 -20.42 -12.15
CA SER A 1011 51.04 -20.15 -13.21
C SER A 1011 51.70 -19.78 -14.53
N LYS A 1012 51.23 -20.37 -15.64
CA LYS A 1012 51.57 -19.99 -17.02
C LYS A 1012 50.60 -18.97 -17.64
N ARG A 1013 49.71 -18.38 -16.83
CA ARG A 1013 48.69 -17.43 -17.30
C ARG A 1013 49.24 -16.02 -17.29
N VAL A 1014 49.46 -15.42 -18.45
CA VAL A 1014 50.11 -14.11 -18.55
C VAL A 1014 49.36 -13.01 -17.79
N ASP A 1015 50.09 -12.27 -16.97
CA ASP A 1015 49.64 -11.25 -16.02
C ASP A 1015 48.57 -11.72 -15.01
N PHE A 1016 48.34 -13.02 -14.82
CA PHE A 1016 47.47 -13.48 -13.74
C PHE A 1016 48.11 -13.28 -12.37
N CYS A 1017 49.41 -13.55 -12.23
CA CYS A 1017 50.15 -13.45 -10.98
C CYS A 1017 51.41 -12.59 -11.14
N GLY A 1018 51.22 -11.28 -11.13
CA GLY A 1018 52.29 -10.29 -11.28
C GLY A 1018 52.63 -9.99 -12.74
N LYS A 1019 52.95 -8.72 -13.04
CA LYS A 1019 53.32 -8.28 -14.39
C LYS A 1019 54.74 -8.69 -14.75
N GLY A 1020 54.91 -9.93 -15.21
CA GLY A 1020 56.17 -10.51 -15.66
C GLY A 1020 56.00 -12.00 -15.93
N TYR A 1021 57.09 -12.73 -16.20
CA TYR A 1021 57.02 -14.19 -16.20
C TYR A 1021 56.98 -14.66 -14.75
N HIS A 1022 55.88 -15.27 -14.32
CA HIS A 1022 55.65 -15.55 -12.91
C HIS A 1022 56.54 -16.69 -12.39
N LEU A 1023 57.16 -16.51 -11.23
CA LEU A 1023 57.90 -17.57 -10.54
C LEU A 1023 57.07 -18.21 -9.44
N MET A 1024 56.63 -17.43 -8.46
CA MET A 1024 56.23 -17.93 -7.14
C MET A 1024 55.44 -16.87 -6.39
N SER A 1025 54.61 -17.22 -5.41
CA SER A 1025 53.91 -16.20 -4.63
C SER A 1025 53.83 -16.57 -3.17
N PHE A 1026 53.90 -15.57 -2.30
CA PHE A 1026 53.72 -15.76 -0.87
C PHE A 1026 52.49 -15.05 -0.38
N PRO A 1027 51.53 -15.71 0.28
CA PRO A 1027 50.40 -15.03 0.87
C PRO A 1027 50.82 -14.35 2.17
N GLN A 1028 50.24 -13.20 2.43
CA GLN A 1028 50.28 -12.50 3.71
C GLN A 1028 48.84 -12.16 4.05
N SER A 1029 48.45 -12.41 5.29
CA SER A 1029 47.13 -12.04 5.74
C SER A 1029 47.03 -10.52 5.84
N ALA A 1030 45.86 -9.97 5.56
CA ALA A 1030 45.52 -8.57 5.81
C ALA A 1030 44.08 -8.56 6.31
N PRO A 1031 43.65 -7.57 7.11
CA PRO A 1031 42.35 -7.66 7.78
C PRO A 1031 41.22 -7.71 6.75
N HIS A 1032 40.47 -8.80 6.77
CA HIS A 1032 39.38 -9.11 5.82
C HIS A 1032 39.80 -9.23 4.35
N GLY A 1033 41.08 -9.50 4.07
CA GLY A 1033 41.58 -9.74 2.73
C GLY A 1033 42.78 -10.68 2.72
N VAL A 1034 43.50 -10.69 1.59
CA VAL A 1034 44.77 -11.38 1.43
C VAL A 1034 45.66 -10.57 0.53
N VAL A 1035 46.96 -10.64 0.76
CA VAL A 1035 47.98 -9.94 -0.01
C VAL A 1035 48.93 -10.97 -0.57
N PHE A 1036 49.16 -10.96 -1.87
CA PHE A 1036 50.11 -11.84 -2.50
C PHE A 1036 51.36 -11.05 -2.81
N LEU A 1037 52.52 -11.58 -2.46
CA LEU A 1037 53.80 -11.06 -2.89
C LEU A 1037 54.26 -11.84 -4.11
N HIS A 1038 53.77 -11.48 -5.30
CA HIS A 1038 54.04 -12.25 -6.51
C HIS A 1038 55.46 -12.07 -6.99
N VAL A 1039 56.35 -13.01 -6.74
CA VAL A 1039 57.72 -13.00 -7.24
C VAL A 1039 57.73 -13.32 -8.72
N THR A 1040 58.24 -12.43 -9.56
CA THR A 1040 58.24 -12.63 -11.01
C THR A 1040 59.53 -12.19 -11.66
N TYR A 1041 60.02 -12.97 -12.61
CA TYR A 1041 61.16 -12.67 -13.46
C TYR A 1041 60.72 -11.67 -14.51
N VAL A 1042 61.39 -10.53 -14.60
CA VAL A 1042 61.19 -9.55 -15.67
C VAL A 1042 62.50 -9.42 -16.44
N PRO A 1043 62.56 -9.71 -17.76
CA PRO A 1043 63.77 -9.55 -18.54
C PRO A 1043 64.21 -8.09 -18.68
N ALA A 1044 65.51 -7.84 -18.79
CA ALA A 1044 66.08 -6.50 -18.81
C ALA A 1044 67.33 -6.40 -19.69
N GLN A 1045 67.78 -5.19 -20.00
CA GLN A 1045 68.99 -4.94 -20.79
C GLN A 1045 69.03 -5.72 -22.12
N GLU A 1046 67.99 -5.63 -22.95
CA GLU A 1046 67.98 -6.31 -24.23
C GLU A 1046 68.96 -5.70 -25.23
N LYS A 1047 69.49 -6.54 -26.11
CA LYS A 1047 70.39 -6.13 -27.20
C LYS A 1047 69.82 -6.56 -28.54
N ASN A 1048 69.97 -5.74 -29.58
CA ASN A 1048 69.57 -6.09 -30.95
C ASN A 1048 70.51 -7.16 -31.52
N PHE A 1049 69.98 -8.10 -32.30
CA PHE A 1049 70.74 -9.09 -33.05
C PHE A 1049 70.11 -9.34 -34.42
N THR A 1050 70.92 -9.70 -35.41
CA THR A 1050 70.39 -10.24 -36.67
C THR A 1050 69.96 -11.68 -36.41
N THR A 1051 68.89 -12.15 -37.05
CA THR A 1051 68.29 -13.46 -36.80
C THR A 1051 67.82 -14.13 -38.08
N ALA A 1052 67.62 -15.44 -38.07
CA ALA A 1052 67.10 -16.19 -39.20
C ALA A 1052 66.22 -17.34 -38.71
N PRO A 1053 65.14 -17.69 -39.41
CA PRO A 1053 64.20 -18.71 -38.99
C PRO A 1053 64.80 -20.12 -38.96
N ALA A 1054 65.74 -20.38 -39.85
CA ALA A 1054 66.45 -21.63 -40.01
C ALA A 1054 67.86 -21.33 -40.50
N ILE A 1055 68.81 -22.26 -40.39
CA ILE A 1055 70.09 -22.11 -41.08
C ILE A 1055 70.32 -23.30 -42.02
N CYS A 1056 70.58 -23.01 -43.29
CA CYS A 1056 70.94 -23.98 -44.29
C CYS A 1056 72.38 -24.43 -44.05
N HIS A 1057 72.64 -25.73 -44.09
CA HIS A 1057 73.98 -26.28 -43.93
C HIS A 1057 74.38 -27.14 -45.12
N ASP A 1058 74.30 -28.47 -44.99
CA ASP A 1058 74.75 -29.44 -45.99
C ASP A 1058 73.74 -29.63 -47.12
N GLY A 1059 73.19 -28.53 -47.64
CA GLY A 1059 72.02 -28.51 -48.54
C GLY A 1059 70.68 -28.77 -47.85
N LYS A 1060 70.66 -28.86 -46.52
CA LYS A 1060 69.48 -29.13 -45.69
C LYS A 1060 69.27 -28.07 -44.61
N ALA A 1061 68.03 -27.81 -44.24
CA ALA A 1061 67.67 -26.75 -43.30
C ALA A 1061 67.70 -27.25 -41.86
N HIS A 1062 68.38 -26.53 -40.97
CA HIS A 1062 68.41 -26.77 -39.53
C HIS A 1062 67.57 -25.75 -38.77
N PHE A 1063 66.75 -26.21 -37.83
CA PHE A 1063 65.90 -25.41 -36.96
C PHE A 1063 66.33 -25.61 -35.49
N PRO A 1064 66.24 -24.63 -34.59
CA PRO A 1064 66.72 -24.79 -33.22
C PRO A 1064 65.79 -25.72 -32.45
N ARG A 1065 66.30 -26.64 -31.61
CA ARG A 1065 65.42 -27.52 -30.80
C ARG A 1065 64.64 -26.72 -29.77
N GLU A 1066 65.35 -25.95 -28.97
CA GLU A 1066 64.81 -25.10 -27.92
C GLU A 1066 65.67 -23.85 -27.84
N GLY A 1067 65.21 -22.77 -28.46
CA GLY A 1067 66.02 -21.56 -28.65
C GLY A 1067 65.71 -20.83 -29.95
N VAL A 1068 66.60 -19.93 -30.34
CA VAL A 1068 66.47 -19.07 -31.51
C VAL A 1068 67.85 -18.78 -32.09
N PHE A 1069 67.98 -18.61 -33.40
CA PHE A 1069 69.25 -18.25 -34.00
C PHE A 1069 69.48 -16.75 -33.91
N VAL A 1070 70.72 -16.35 -33.67
CA VAL A 1070 71.15 -14.96 -33.63
C VAL A 1070 72.55 -14.82 -34.16
N SER A 1071 72.88 -13.64 -34.67
CA SER A 1071 74.24 -13.27 -35.03
C SER A 1071 74.58 -11.92 -34.42
N ASN A 1072 75.81 -11.82 -33.93
CA ASN A 1072 76.39 -10.60 -33.38
C ASN A 1072 77.02 -9.70 -34.45
N GLY A 1073 76.82 -10.01 -35.74
CA GLY A 1073 77.37 -9.28 -36.88
C GLY A 1073 78.40 -10.07 -37.69
N THR A 1074 78.97 -11.14 -37.13
CA THR A 1074 79.95 -11.99 -37.85
C THR A 1074 79.67 -13.47 -37.66
N HIS A 1075 79.52 -13.92 -36.42
CA HIS A 1075 79.30 -15.33 -36.07
C HIS A 1075 77.81 -15.65 -35.95
N TRP A 1076 77.42 -16.90 -36.15
CA TRP A 1076 76.06 -17.38 -35.86
C TRP A 1076 76.04 -18.24 -34.61
N PHE A 1077 75.06 -17.98 -33.73
CA PHE A 1077 74.83 -18.67 -32.47
C PHE A 1077 73.36 -19.05 -32.34
N VAL A 1078 73.09 -20.03 -31.53
CA VAL A 1078 71.75 -20.38 -31.06
C VAL A 1078 71.69 -20.04 -29.58
N THR A 1079 70.59 -19.49 -29.10
CA THR A 1079 70.42 -19.10 -27.70
C THR A 1079 69.05 -19.46 -27.22
N GLN A 1080 68.87 -19.68 -25.92
CA GLN A 1080 67.55 -19.67 -25.30
C GLN A 1080 66.87 -18.30 -25.51
N ARG A 1081 65.54 -18.25 -25.50
CA ARG A 1081 64.78 -17.09 -26.02
C ARG A 1081 64.70 -15.92 -25.04
N ASN A 1082 64.61 -16.19 -23.74
CA ASN A 1082 64.35 -15.21 -22.67
C ASN A 1082 65.59 -14.72 -21.91
N PHE A 1083 66.79 -15.10 -22.35
CA PHE A 1083 68.06 -14.70 -21.74
C PHE A 1083 69.19 -14.97 -22.73
N TYR A 1084 70.04 -14.00 -23.04
CA TYR A 1084 71.10 -14.18 -24.03
C TYR A 1084 72.20 -15.09 -23.47
N GLU A 1085 72.24 -16.34 -23.93
CA GLU A 1085 73.31 -17.28 -23.66
C GLU A 1085 73.70 -17.95 -24.97
N PRO A 1086 74.54 -17.32 -25.80
CA PRO A 1086 74.89 -17.83 -27.10
C PRO A 1086 75.74 -19.07 -26.97
N GLN A 1087 75.50 -20.05 -27.83
CA GLN A 1087 76.36 -21.23 -27.93
C GLN A 1087 76.44 -21.69 -29.38
N ILE A 1088 77.50 -22.42 -29.71
CA ILE A 1088 77.86 -22.82 -31.06
C ILE A 1088 76.72 -23.62 -31.69
N ILE A 1089 76.48 -23.48 -32.99
CA ILE A 1089 75.46 -24.29 -33.66
C ILE A 1089 75.96 -25.72 -33.78
N THR A 1090 75.18 -26.70 -33.33
CA THR A 1090 75.55 -28.11 -33.46
C THR A 1090 74.34 -28.97 -33.83
N THR A 1091 74.58 -30.18 -34.30
CA THR A 1091 73.54 -31.21 -34.49
C THR A 1091 72.86 -31.66 -33.19
N ASP A 1092 73.38 -31.29 -32.01
CA ASP A 1092 72.70 -31.41 -30.72
C ASP A 1092 71.70 -30.28 -30.48
N ASN A 1093 72.09 -29.03 -30.71
CA ASN A 1093 71.21 -27.85 -30.52
C ASN A 1093 70.15 -27.68 -31.61
N THR A 1094 70.28 -28.32 -32.78
CA THR A 1094 69.39 -28.15 -33.93
C THR A 1094 68.85 -29.46 -34.49
N PHE A 1095 67.67 -29.44 -35.10
CA PHE A 1095 67.07 -30.57 -35.82
C PHE A 1095 66.85 -30.23 -37.30
N VAL A 1096 67.03 -31.19 -38.18
CA VAL A 1096 66.90 -30.99 -39.64
C VAL A 1096 65.45 -31.03 -40.09
N SER A 1097 65.06 -30.33 -41.15
CA SER A 1097 63.89 -30.75 -41.94
C SER A 1097 63.92 -30.31 -43.41
N GLY A 1098 64.31 -31.22 -44.30
CA GLY A 1098 64.24 -31.01 -45.76
C GLY A 1098 65.29 -30.07 -46.32
N ASN A 1099 65.23 -29.83 -47.63
CA ASN A 1099 66.20 -29.02 -48.36
C ASN A 1099 66.00 -27.51 -48.11
N CYS A 1100 67.02 -26.70 -48.42
CA CYS A 1100 67.04 -25.28 -48.08
C CYS A 1100 66.05 -24.38 -48.86
N ASP A 1101 65.49 -24.81 -49.99
CA ASP A 1101 64.75 -23.92 -50.89
C ASP A 1101 63.38 -23.48 -50.36
N VAL A 1102 62.75 -24.28 -49.48
CA VAL A 1102 61.35 -24.07 -49.07
C VAL A 1102 61.20 -22.92 -48.06
N VAL A 1103 62.16 -22.78 -47.14
CA VAL A 1103 62.12 -21.80 -46.05
C VAL A 1103 62.38 -20.38 -46.57
N ILE A 1104 61.49 -19.43 -46.30
CA ILE A 1104 61.72 -18.02 -46.59
C ILE A 1104 62.69 -17.44 -45.57
N GLY A 1105 63.74 -16.72 -45.99
CA GLY A 1105 64.64 -16.02 -45.07
C GLY A 1105 65.72 -16.87 -44.39
N ILE A 1106 65.90 -18.13 -44.77
CA ILE A 1106 67.00 -18.99 -44.34
C ILE A 1106 68.38 -18.36 -44.62
N VAL A 1107 69.40 -18.69 -43.83
CA VAL A 1107 70.77 -18.16 -43.93
C VAL A 1107 71.78 -19.30 -43.92
N ASN A 1108 73.01 -19.10 -44.41
CA ASN A 1108 74.00 -20.18 -44.57
C ASN A 1108 75.03 -20.19 -43.44
N ASN A 1109 75.37 -21.36 -42.91
CA ASN A 1109 76.44 -21.49 -41.92
C ASN A 1109 77.02 -22.92 -41.82
N THR A 1110 78.15 -23.03 -41.13
CA THR A 1110 78.57 -24.29 -40.51
C THR A 1110 77.57 -24.70 -39.44
N VAL A 1111 77.25 -25.99 -39.34
CA VAL A 1111 76.73 -26.60 -38.10
C VAL A 1111 77.74 -27.64 -37.66
N TYR A 1112 78.34 -27.47 -36.48
CA TYR A 1112 79.37 -28.38 -35.99
C TYR A 1112 78.75 -29.76 -35.66
N ASP A 1113 79.44 -30.84 -36.00
CA ASP A 1113 79.04 -32.22 -35.72
C ASP A 1113 79.95 -32.80 -34.62
N PRO A 1114 79.51 -32.87 -33.34
CA PRO A 1114 80.40 -33.17 -32.22
C PRO A 1114 81.07 -34.55 -32.26
N LEU A 1115 80.55 -35.47 -33.07
CA LEU A 1115 81.16 -36.77 -33.31
C LEU A 1115 82.52 -36.66 -34.03
N GLN A 1116 82.73 -35.66 -34.89
CA GLN A 1116 83.83 -35.73 -35.86
C GLN A 1116 85.25 -35.74 -35.26
N PRO A 1117 85.61 -34.93 -34.25
CA PRO A 1117 86.92 -35.05 -33.62
C PRO A 1117 87.11 -36.38 -32.89
N GLU A 1118 86.06 -36.95 -32.31
CA GLU A 1118 86.08 -38.28 -31.70
C GLU A 1118 86.31 -39.37 -32.74
N LEU A 1119 85.55 -39.34 -33.84
CA LEU A 1119 85.70 -40.24 -34.99
C LEU A 1119 87.12 -40.16 -35.58
N ASP A 1120 87.64 -38.95 -35.74
CA ASP A 1120 89.00 -38.67 -36.20
C ASP A 1120 90.12 -39.07 -35.22
N SER A 1121 89.80 -39.45 -33.98
CA SER A 1121 90.77 -39.81 -32.93
C SER A 1121 90.18 -40.82 -31.94
N ALA B 1 -25.52 -6.51 -49.65
CA ALA B 1 -24.19 -6.98 -50.15
C ALA B 1 -23.09 -6.69 -49.12
N TYR B 2 -21.91 -7.30 -49.27
CA TYR B 2 -20.78 -7.18 -48.34
C TYR B 2 -19.44 -6.93 -49.06
N THR B 3 -18.47 -6.38 -48.34
CA THR B 3 -17.11 -6.08 -48.83
C THR B 3 -16.08 -6.11 -47.69
N ASN B 4 -14.81 -6.36 -48.00
CA ASN B 4 -13.70 -6.31 -47.05
C ASN B 4 -13.29 -4.86 -46.75
N SER B 5 -13.21 -4.45 -45.48
CA SER B 5 -12.72 -3.10 -45.11
C SER B 5 -11.25 -2.86 -45.48
N PHE B 6 -10.47 -3.93 -45.69
CA PHE B 6 -9.01 -3.88 -45.64
C PHE B 6 -8.54 -3.12 -44.40
N THR B 7 -7.45 -2.36 -44.52
CA THR B 7 -6.80 -1.63 -43.42
C THR B 7 -7.36 -0.22 -43.17
N ARG B 8 -8.54 0.13 -43.71
CA ARG B 8 -9.09 1.50 -43.66
C ARG B 8 -9.72 1.86 -42.33
N GLY B 9 -10.02 3.16 -42.16
CA GLY B 9 -10.79 3.67 -41.02
C GLY B 9 -9.96 4.08 -39.80
N VAL B 10 -8.65 4.20 -39.93
CA VAL B 10 -7.80 4.84 -38.91
C VAL B 10 -8.00 6.35 -38.94
N TYR B 11 -8.00 7.01 -37.80
CA TYR B 11 -8.14 8.47 -37.68
C TYR B 11 -7.26 8.99 -36.54
N TYR B 12 -6.89 10.26 -36.55
CA TYR B 12 -6.04 10.83 -35.49
C TYR B 12 -6.83 10.87 -34.16
N PRO B 13 -6.44 10.08 -33.15
CA PRO B 13 -7.29 9.79 -31.99
C PRO B 13 -7.36 10.92 -30.95
N ASP B 14 -6.43 11.88 -31.00
CA ASP B 14 -6.32 13.00 -30.06
C ASP B 14 -5.69 14.23 -30.73
N LYS B 15 -5.82 15.41 -30.12
CA LYS B 15 -5.35 16.69 -30.66
C LYS B 15 -3.83 16.88 -30.56
N VAL B 16 -3.06 15.81 -30.61
CA VAL B 16 -1.62 15.79 -30.30
C VAL B 16 -0.79 15.53 -31.56
N PHE B 17 0.22 16.35 -31.79
CA PHE B 17 1.27 16.05 -32.76
C PHE B 17 2.27 15.05 -32.17
N ARG B 18 2.73 14.11 -32.98
CA ARG B 18 3.81 13.18 -32.69
C ARG B 18 4.53 12.93 -33.99
N SER B 19 5.82 12.59 -33.97
CA SER B 19 6.53 12.23 -35.20
C SER B 19 7.64 11.22 -34.93
N SER B 20 7.97 10.45 -35.95
CA SER B 20 9.00 9.40 -35.90
C SER B 20 8.80 8.42 -34.73
N VAL B 21 7.55 8.02 -34.45
CA VAL B 21 7.21 7.23 -33.25
C VAL B 21 6.06 6.26 -33.51
N LEU B 22 6.05 5.16 -32.78
CA LEU B 22 4.95 4.20 -32.75
C LEU B 22 4.18 4.37 -31.43
N HIS B 23 2.91 4.77 -31.50
CA HIS B 23 2.10 5.07 -30.32
C HIS B 23 0.90 4.15 -30.21
N SER B 24 0.69 3.51 -29.06
CA SER B 24 -0.37 2.54 -28.87
C SER B 24 -1.53 3.15 -28.10
N THR B 25 -2.73 3.08 -28.68
CA THR B 25 -3.91 3.79 -28.18
C THR B 25 -5.15 2.90 -28.22
N GLN B 26 -6.01 3.02 -27.21
CA GLN B 26 -7.28 2.29 -27.18
C GLN B 26 -8.45 3.24 -27.41
N ASP B 27 -9.29 2.92 -28.40
CA ASP B 27 -10.41 3.75 -28.81
C ASP B 27 -11.39 2.93 -29.66
N LEU B 28 -12.55 3.49 -30.00
CA LEU B 28 -13.37 2.94 -31.07
C LEU B 28 -12.65 3.11 -32.42
N PHE B 29 -12.40 2.02 -33.13
CA PHE B 29 -11.84 2.03 -34.49
C PHE B 29 -12.59 1.02 -35.36
N LEU B 30 -12.55 1.14 -36.68
CA LEU B 30 -13.00 0.05 -37.55
C LEU B 30 -11.99 -1.10 -37.46
N PRO B 31 -12.33 -2.26 -36.87
CA PRO B 31 -11.38 -3.37 -36.76
C PRO B 31 -10.95 -3.82 -38.15
N PHE B 32 -9.68 -4.15 -38.34
CA PHE B 32 -9.15 -4.43 -39.67
C PHE B 32 -9.83 -5.65 -40.32
N PHE B 33 -9.89 -5.64 -41.65
CA PHE B 33 -10.51 -6.70 -42.46
C PHE B 33 -11.95 -7.04 -42.04
N SER B 34 -12.63 -6.04 -41.49
CA SER B 34 -14.02 -6.22 -40.99
C SER B 34 -15.01 -6.15 -42.15
N ASN B 35 -16.09 -6.92 -42.06
CA ASN B 35 -17.13 -6.91 -43.13
C ASN B 35 -17.78 -5.53 -43.14
N VAL B 36 -17.95 -4.94 -44.34
CA VAL B 36 -18.56 -3.59 -44.45
C VAL B 36 -19.77 -3.69 -45.39
N THR B 37 -20.98 -3.59 -44.84
CA THR B 37 -22.19 -3.66 -45.66
C THR B 37 -22.11 -2.63 -46.78
N TRP B 38 -22.30 -3.08 -48.02
CA TRP B 38 -22.17 -2.30 -49.24
C TRP B 38 -23.54 -2.04 -49.86
N PHE B 39 -23.80 -0.80 -50.29
CA PHE B 39 -25.07 -0.33 -50.82
C PHE B 39 -24.87 0.52 -52.08
N HIS B 40 -25.93 0.74 -52.86
CA HIS B 40 -25.88 1.53 -54.09
C HIS B 40 -27.19 2.26 -54.39
N ASN B 55 -29.91 4.80 -48.94
CA ASN B 55 -31.36 4.74 -48.90
C ASN B 55 -31.96 4.26 -47.55
N PRO B 56 -31.65 3.06 -47.04
CA PRO B 56 -32.29 2.53 -45.82
C PRO B 56 -31.80 3.20 -44.53
N VAL B 57 -32.63 3.17 -43.50
CA VAL B 57 -32.20 3.46 -42.12
C VAL B 57 -31.42 2.27 -41.57
N LEU B 58 -30.24 2.52 -40.98
CA LEU B 58 -29.33 1.52 -40.43
C LEU B 58 -29.09 1.78 -38.94
N PRO B 59 -28.83 0.76 -38.11
CA PRO B 59 -28.36 0.95 -36.74
C PRO B 59 -27.06 1.75 -36.69
N PHE B 60 -26.74 2.30 -35.51
CA PHE B 60 -25.53 3.08 -35.22
C PHE B 60 -24.94 2.56 -33.91
N ASN B 61 -24.30 1.39 -33.98
CA ASN B 61 -24.06 0.55 -32.79
C ASN B 61 -23.14 1.18 -31.74
N ASP B 62 -22.15 1.98 -32.17
CA ASP B 62 -21.24 2.77 -31.34
C ASP B 62 -20.67 3.96 -32.12
N GLY B 63 -20.27 3.69 -33.36
CA GLY B 63 -19.95 4.67 -34.39
C GLY B 63 -19.86 3.98 -35.74
N VAL B 64 -19.71 4.74 -36.82
CA VAL B 64 -19.68 4.21 -38.19
C VAL B 64 -18.50 4.78 -38.96
N TYR B 65 -17.75 3.91 -39.65
CA TYR B 65 -17.00 4.28 -40.83
C TYR B 65 -17.95 4.23 -42.02
N PHE B 66 -18.19 5.38 -42.66
CA PHE B 66 -19.00 5.53 -43.87
C PHE B 66 -18.08 5.97 -45.01
N ALA B 67 -18.13 5.33 -46.16
CA ALA B 67 -17.33 5.75 -47.31
C ALA B 67 -18.08 5.57 -48.62
N SER B 68 -17.77 6.36 -49.65
CA SER B 68 -18.56 6.39 -50.87
C SER B 68 -17.78 6.88 -52.08
N THR B 69 -18.31 6.61 -53.27
CA THR B 69 -17.79 7.13 -54.53
C THR B 69 -18.92 7.71 -55.37
N GLU B 70 -18.76 8.89 -55.95
CA GLU B 70 -19.73 9.47 -56.88
C GLU B 70 -19.10 10.44 -57.90
N LYS B 71 -19.70 10.56 -59.09
CA LYS B 71 -19.30 11.56 -60.11
C LYS B 71 -19.84 12.95 -59.80
N SER B 72 -21.15 13.05 -59.55
CA SER B 72 -21.89 14.30 -59.32
C SER B 72 -22.09 14.63 -57.82
N ASN B 73 -21.22 14.10 -56.95
CA ASN B 73 -21.31 14.25 -55.49
C ASN B 73 -22.68 13.77 -54.96
N ILE B 74 -23.07 12.54 -55.32
CA ILE B 74 -24.43 12.01 -55.14
C ILE B 74 -24.87 11.98 -53.67
N ILE B 75 -23.97 11.63 -52.74
CA ILE B 75 -24.26 11.68 -51.31
C ILE B 75 -24.21 13.14 -50.84
N ARG B 76 -25.33 13.65 -50.31
CA ARG B 76 -25.51 15.05 -49.88
C ARG B 76 -25.60 15.21 -48.37
N GLY B 77 -25.82 14.16 -47.59
CA GLY B 77 -25.94 14.31 -46.15
C GLY B 77 -26.36 13.04 -45.40
N TRP B 78 -26.63 13.20 -44.11
CA TRP B 78 -27.00 12.13 -43.18
C TRP B 78 -27.98 12.60 -42.11
N ILE B 79 -28.74 11.68 -41.54
CA ILE B 79 -29.58 11.88 -40.36
C ILE B 79 -29.17 10.87 -39.29
N PHE B 80 -29.14 11.25 -38.02
CA PHE B 80 -28.85 10.37 -36.89
C PHE B 80 -29.85 10.60 -35.75
N GLY B 81 -30.18 9.60 -34.95
CA GLY B 81 -31.03 9.78 -33.78
C GLY B 81 -31.47 8.48 -33.13
N THR B 82 -32.46 8.57 -32.24
CA THR B 82 -33.08 7.42 -31.55
C THR B 82 -34.11 6.69 -32.43
N THR B 83 -34.89 7.44 -33.23
CA THR B 83 -36.00 6.90 -34.04
C THR B 83 -36.09 7.51 -35.45
N LEU B 84 -35.47 8.66 -35.68
CA LEU B 84 -35.61 9.45 -36.91
C LEU B 84 -37.09 9.84 -37.15
N ASP B 85 -37.72 10.39 -36.12
CA ASP B 85 -39.07 10.98 -36.13
C ASP B 85 -39.17 12.04 -35.01
N SER B 86 -40.27 12.79 -34.98
CA SER B 86 -40.56 13.78 -33.92
C SER B 86 -40.78 13.16 -32.53
N LYS B 87 -40.97 14.02 -31.52
CA LYS B 87 -41.13 13.66 -30.10
C LYS B 87 -39.91 13.05 -29.40
N THR B 88 -38.77 12.95 -30.08
CA THR B 88 -37.47 12.53 -29.51
C THR B 88 -36.31 13.14 -30.31
N GLN B 89 -35.13 13.29 -29.70
CA GLN B 89 -34.02 14.06 -30.30
C GLN B 89 -33.35 13.36 -31.49
N SER B 90 -32.87 14.17 -32.43
CA SER B 90 -32.21 13.73 -33.66
C SER B 90 -31.33 14.85 -34.23
N LEU B 91 -30.45 14.52 -35.17
CA LEU B 91 -29.63 15.50 -35.88
C LEU B 91 -29.52 15.20 -37.37
N LEU B 92 -29.19 16.23 -38.15
CA LEU B 92 -29.00 16.17 -39.59
C LEU B 92 -27.74 16.94 -39.99
N ILE B 93 -27.01 16.39 -40.96
CA ILE B 93 -25.85 17.00 -41.62
C ILE B 93 -26.15 17.06 -43.11
N VAL B 94 -26.07 18.24 -43.74
CA VAL B 94 -26.28 18.40 -45.20
C VAL B 94 -25.24 19.30 -45.83
N ASN B 95 -24.69 18.89 -46.97
CA ASN B 95 -23.92 19.73 -47.86
C ASN B 95 -24.84 20.69 -48.63
N ASN B 96 -24.50 21.98 -48.65
CA ASN B 96 -25.30 23.08 -49.21
C ASN B 96 -24.59 23.77 -50.40
N ALA B 97 -23.65 23.07 -51.05
CA ALA B 97 -22.66 23.54 -52.02
C ALA B 97 -21.70 24.63 -51.48
N THR B 98 -22.22 25.77 -51.03
CA THR B 98 -21.45 26.86 -50.45
C THR B 98 -20.95 26.61 -49.01
N ASN B 99 -21.53 25.64 -48.30
CA ASN B 99 -21.24 25.34 -46.89
C ASN B 99 -21.72 23.94 -46.48
N VAL B 100 -21.29 23.46 -45.32
CA VAL B 100 -21.84 22.28 -44.64
C VAL B 100 -22.73 22.74 -43.49
N VAL B 101 -23.99 22.30 -43.47
CA VAL B 101 -25.02 22.72 -42.52
C VAL B 101 -25.35 21.58 -41.55
N ILE B 102 -25.44 21.88 -40.26
CA ILE B 102 -25.73 20.90 -39.20
C ILE B 102 -26.82 21.43 -38.28
N LYS B 103 -27.78 20.59 -37.88
CA LYS B 103 -28.88 20.94 -36.98
C LYS B 103 -29.22 19.77 -36.05
N VAL B 104 -29.79 20.06 -34.87
CA VAL B 104 -30.45 19.04 -34.02
C VAL B 104 -31.90 19.42 -33.75
N CYS B 105 -32.84 18.51 -33.99
CA CYS B 105 -34.26 18.83 -34.16
C CYS B 105 -35.19 17.68 -33.73
N GLU B 106 -36.46 18.00 -33.52
CA GLU B 106 -37.56 17.03 -33.42
C GLU B 106 -38.31 16.89 -34.76
N PHE B 107 -37.59 16.89 -35.90
CA PHE B 107 -38.19 16.85 -37.23
C PHE B 107 -38.87 15.49 -37.52
N GLN B 108 -40.10 15.50 -37.99
CA GLN B 108 -40.82 14.29 -38.38
C GLN B 108 -40.45 13.84 -39.80
N PHE B 109 -39.29 13.18 -39.93
CA PHE B 109 -38.78 12.72 -41.24
C PHE B 109 -39.76 11.81 -41.98
N CYS B 110 -39.83 11.98 -43.30
CA CYS B 110 -40.58 11.11 -44.21
C CYS B 110 -40.00 9.69 -44.30
N ASN B 111 -40.65 8.82 -45.09
CA ASN B 111 -40.13 7.49 -45.40
C ASN B 111 -38.86 7.49 -46.26
N ASP B 112 -38.62 8.56 -47.04
CA ASP B 112 -37.43 8.71 -47.87
C ASP B 112 -37.12 10.18 -48.28
N PRO B 113 -36.89 11.09 -47.32
CA PRO B 113 -36.54 12.49 -47.63
C PRO B 113 -35.13 12.61 -48.20
N PHE B 114 -34.90 13.62 -49.06
CA PHE B 114 -33.59 14.07 -49.52
C PHE B 114 -33.65 15.47 -50.15
N ASN B 138 -37.50 20.80 -37.27
CA ASN B 138 -38.55 21.41 -36.46
C ASN B 138 -38.16 21.50 -34.97
N ASN B 139 -38.61 22.57 -34.31
CA ASN B 139 -38.36 22.87 -32.89
C ASN B 139 -36.88 22.77 -32.46
N CYS B 140 -35.95 23.11 -33.36
CA CYS B 140 -34.54 22.72 -33.27
C CYS B 140 -33.81 23.31 -32.05
N THR B 141 -33.02 22.49 -31.36
CA THR B 141 -32.28 22.87 -30.14
C THR B 141 -30.95 23.57 -30.47
N PHE B 142 -30.32 23.22 -31.60
CA PHE B 142 -28.98 23.68 -31.97
C PHE B 142 -28.79 23.72 -33.49
N GLU B 143 -27.90 24.60 -33.96
CA GLU B 143 -27.52 24.75 -35.37
C GLU B 143 -26.03 25.14 -35.49
N TYR B 144 -25.38 24.71 -36.57
CA TYR B 144 -23.99 25.00 -36.90
C TYR B 144 -23.81 25.06 -38.43
N VAL B 145 -22.83 25.82 -38.90
CA VAL B 145 -22.40 25.84 -40.32
C VAL B 145 -20.87 25.94 -40.40
N SER B 146 -20.27 25.32 -41.42
CA SER B 146 -18.84 25.39 -41.70
C SER B 146 -18.52 25.55 -43.20
N PHE B 160 -16.49 7.70 -61.43
CA PHE B 160 -16.45 7.35 -60.01
C PHE B 160 -15.02 7.45 -59.41
N LYS B 161 -14.14 8.23 -60.05
CA LYS B 161 -12.70 8.31 -59.78
C LYS B 161 -12.28 8.92 -58.43
N ASN B 162 -13.22 9.31 -57.56
CA ASN B 162 -12.92 9.76 -56.20
C ASN B 162 -13.69 8.97 -55.12
N LEU B 163 -12.98 8.69 -54.03
CA LEU B 163 -13.45 8.06 -52.80
C LEU B 163 -13.43 9.08 -51.67
N ARG B 164 -14.55 9.24 -50.98
CA ARG B 164 -14.65 9.99 -49.72
C ARG B 164 -14.86 9.03 -48.57
N GLU B 165 -14.22 9.31 -47.44
CA GLU B 165 -14.35 8.52 -46.21
C GLU B 165 -14.69 9.43 -45.05
N PHE B 166 -15.57 8.96 -44.15
CA PHE B 166 -15.97 9.67 -42.96
C PHE B 166 -16.08 8.71 -41.79
N VAL B 167 -15.76 9.15 -40.58
CA VAL B 167 -16.03 8.41 -39.35
C VAL B 167 -16.89 9.26 -38.43
N PHE B 168 -18.00 8.70 -37.96
CA PHE B 168 -18.94 9.34 -37.05
C PHE B 168 -18.95 8.58 -35.73
N LYS B 169 -18.70 9.24 -34.60
CA LYS B 169 -18.82 8.63 -33.27
C LYS B 169 -19.22 9.63 -32.18
N ASN B 170 -19.81 9.17 -31.08
CA ASN B 170 -20.07 9.99 -29.89
C ASN B 170 -18.86 10.02 -28.94
N TYR B 174 -19.89 13.15 -26.76
CA TYR B 174 -20.52 13.99 -27.77
C TYR B 174 -19.95 13.81 -29.19
N PHE B 175 -20.63 14.36 -30.19
CA PHE B 175 -20.54 13.93 -31.58
C PHE B 175 -19.28 14.44 -32.31
N LYS B 176 -18.56 13.55 -32.98
CA LYS B 176 -17.28 13.83 -33.65
C LYS B 176 -17.30 13.36 -35.10
N ILE B 177 -16.65 14.10 -35.99
CA ILE B 177 -16.52 13.75 -37.41
C ILE B 177 -15.04 13.76 -37.79
N TYR B 178 -14.62 12.71 -38.48
CA TYR B 178 -13.33 12.64 -39.16
C TYR B 178 -13.56 12.37 -40.64
N SER B 179 -12.60 12.71 -41.50
CA SER B 179 -12.79 12.69 -42.95
C SER B 179 -11.51 12.40 -43.72
N LYS B 180 -11.65 11.96 -44.97
CA LYS B 180 -10.57 11.92 -45.97
C LYS B 180 -11.16 11.94 -47.39
N HIS B 181 -10.38 12.38 -48.36
CA HIS B 181 -10.70 12.32 -49.79
C HIS B 181 -9.49 11.79 -50.57
N THR B 182 -9.69 10.83 -51.47
CA THR B 182 -8.63 10.22 -52.29
C THR B 182 -9.14 9.81 -53.67
N PRO B 183 -8.31 9.83 -54.73
CA PRO B 183 -8.63 9.21 -56.00
C PRO B 183 -8.74 7.68 -55.89
N ILE B 184 -9.50 7.05 -56.77
CA ILE B 184 -9.76 5.60 -56.83
C ILE B 184 -9.96 5.15 -58.29
N ASN B 185 -9.69 3.87 -58.58
CA ASN B 185 -9.85 3.27 -59.92
C ASN B 185 -10.11 1.76 -59.85
N ASP B 189 -15.74 -2.78 -53.88
CA ASP B 189 -14.67 -2.20 -54.68
C ASP B 189 -13.73 -1.27 -53.89
N LEU B 190 -13.82 -1.27 -52.56
CA LEU B 190 -13.03 -0.45 -51.64
C LEU B 190 -11.51 -0.75 -51.75
N PRO B 191 -10.63 0.25 -51.84
CA PRO B 191 -9.22 0.03 -52.20
C PRO B 191 -8.37 -0.35 -50.99
N GLN B 192 -7.44 -1.27 -51.16
CA GLN B 192 -6.64 -1.86 -50.07
C GLN B 192 -5.50 -0.97 -49.52
N GLY B 193 -5.34 0.27 -50.02
CA GLY B 193 -4.33 1.21 -49.52
C GLY B 193 -4.60 1.71 -48.09
N PHE B 194 -3.61 2.39 -47.49
CA PHE B 194 -3.69 2.99 -46.16
C PHE B 194 -3.74 4.52 -46.22
N SER B 195 -4.65 5.14 -45.46
CA SER B 195 -4.76 6.59 -45.30
C SER B 195 -5.57 6.95 -44.05
N ALA B 196 -4.99 7.71 -43.13
CA ALA B 196 -5.68 8.13 -41.91
C ALA B 196 -6.62 9.31 -42.14
N LEU B 197 -7.70 9.39 -41.37
CA LEU B 197 -8.74 10.42 -41.46
C LEU B 197 -8.47 11.55 -40.47
N GLU B 198 -8.41 12.79 -40.95
CA GLU B 198 -8.26 13.99 -40.10
C GLU B 198 -9.62 14.49 -39.59
N PRO B 199 -9.73 15.02 -38.37
CA PRO B 199 -10.97 15.54 -37.83
C PRO B 199 -11.51 16.75 -38.63
N LEU B 200 -12.82 16.95 -38.60
CA LEU B 200 -13.50 18.15 -39.09
C LEU B 200 -14.33 18.85 -38.01
N VAL B 201 -15.03 18.08 -37.17
CA VAL B 201 -16.08 18.58 -36.27
C VAL B 201 -16.01 17.83 -34.96
N ASP B 202 -16.36 18.51 -33.87
CA ASP B 202 -16.23 18.02 -32.49
C ASP B 202 -17.38 18.60 -31.62
N LEU B 203 -18.61 18.41 -32.11
CA LEU B 203 -19.80 19.14 -31.67
C LEU B 203 -20.32 18.68 -30.30
N PRO B 204 -20.49 19.58 -29.32
CA PRO B 204 -20.90 19.25 -27.95
C PRO B 204 -22.42 18.97 -27.78
N ILE B 205 -23.10 18.55 -28.84
CA ILE B 205 -24.57 18.48 -28.92
C ILE B 205 -25.22 17.40 -28.02
N GLY B 206 -24.48 16.36 -27.62
CA GLY B 206 -24.93 15.39 -26.61
C GLY B 206 -26.18 14.56 -26.97
N ILE B 207 -26.44 14.35 -28.26
CA ILE B 207 -27.63 13.63 -28.75
C ILE B 207 -27.51 12.12 -28.49
N ASN B 208 -28.58 11.50 -28.00
CA ASN B 208 -28.69 10.03 -27.93
C ASN B 208 -28.97 9.47 -29.33
N ILE B 209 -28.15 8.53 -29.81
CA ILE B 209 -28.23 7.97 -31.16
C ILE B 209 -28.23 6.45 -31.10
N THR B 210 -29.11 5.82 -31.87
CA THR B 210 -29.15 4.36 -32.06
C THR B 210 -29.32 3.97 -33.54
N ARG B 211 -29.76 4.89 -34.39
CA ARG B 211 -30.01 4.70 -35.84
C ARG B 211 -29.54 5.91 -36.63
N PHE B 212 -29.31 5.71 -37.92
CA PHE B 212 -28.93 6.75 -38.86
C PHE B 212 -29.38 6.43 -40.29
N GLN B 213 -29.43 7.42 -41.18
CA GLN B 213 -29.82 7.25 -42.58
C GLN B 213 -29.11 8.23 -43.50
N THR B 214 -29.05 7.93 -44.80
CA THR B 214 -28.23 8.66 -45.78
C THR B 214 -29.07 9.43 -46.80
N LEU B 215 -28.65 10.65 -47.14
CA LEU B 215 -29.33 11.59 -48.05
C LEU B 215 -28.56 11.70 -49.37
N LEU B 216 -29.25 11.53 -50.50
CA LEU B 216 -28.61 11.35 -51.83
C LEU B 216 -28.94 12.50 -52.81
N ALA B 237 -23.79 5.81 -57.13
CA ALA B 237 -24.37 5.98 -55.80
C ALA B 237 -23.80 4.97 -54.77
N ALA B 238 -22.69 4.31 -55.10
CA ALA B 238 -22.05 3.31 -54.25
C ALA B 238 -21.56 3.88 -52.90
N TYR B 239 -21.96 3.27 -51.78
CA TYR B 239 -21.43 3.58 -50.46
C TYR B 239 -21.34 2.35 -49.55
N TYR B 240 -20.46 2.41 -48.57
CA TYR B 240 -20.05 1.33 -47.69
C TYR B 240 -20.19 1.77 -46.24
N VAL B 241 -20.65 0.90 -45.36
CA VAL B 241 -20.84 1.17 -43.93
C VAL B 241 -20.21 0.07 -43.11
N GLY B 242 -19.38 0.42 -42.13
CA GLY B 242 -18.75 -0.51 -41.20
C GLY B 242 -18.75 0.01 -39.78
N TYR B 243 -19.16 -0.80 -38.82
CA TYR B 243 -19.25 -0.36 -37.42
C TYR B 243 -17.89 -0.32 -36.75
N LEU B 244 -17.62 0.75 -36.01
CA LEU B 244 -16.46 0.80 -35.12
C LEU B 244 -16.65 -0.18 -33.95
N GLN B 245 -15.56 -0.62 -33.35
CA GLN B 245 -15.53 -1.41 -32.11
C GLN B 245 -14.38 -0.94 -31.22
N PRO B 246 -14.43 -1.16 -29.89
CA PRO B 246 -13.31 -0.86 -29.01
C PRO B 246 -12.13 -1.78 -29.31
N ARG B 247 -10.99 -1.19 -29.71
CA ARG B 247 -9.77 -1.90 -30.11
C ARG B 247 -8.55 -1.14 -29.61
N THR B 248 -7.42 -1.83 -29.49
CA THR B 248 -6.13 -1.17 -29.29
C THR B 248 -5.41 -1.13 -30.62
N PHE B 249 -5.01 0.05 -31.08
CA PHE B 249 -4.25 0.21 -32.31
C PHE B 249 -2.86 0.74 -31.99
N LEU B 250 -1.83 0.15 -32.58
CA LEU B 250 -0.50 0.76 -32.65
C LEU B 250 -0.44 1.64 -33.90
N LEU B 251 -0.06 2.91 -33.80
CA LEU B 251 -0.08 3.87 -34.90
C LEU B 251 1.34 4.36 -35.25
N LYS B 252 1.78 4.26 -36.50
CA LYS B 252 3.09 4.76 -36.96
C LYS B 252 3.01 6.19 -37.47
N TYR B 253 3.45 7.14 -36.67
CA TYR B 253 3.60 8.54 -37.08
C TYR B 253 4.94 8.74 -37.78
N ASN B 254 4.93 9.21 -39.02
CA ASN B 254 6.16 9.47 -39.78
C ASN B 254 6.86 10.77 -39.32
N GLU B 255 7.95 11.14 -40.00
CA GLU B 255 8.76 12.32 -39.68
C GLU B 255 7.98 13.65 -39.74
N ASN B 256 6.90 13.70 -40.50
CA ASN B 256 6.02 14.87 -40.65
C ASN B 256 4.77 14.76 -39.77
N GLY B 257 4.69 13.77 -38.89
CA GLY B 257 3.56 13.53 -37.99
C GLY B 257 2.27 13.06 -38.67
N THR B 258 2.37 12.55 -39.89
CA THR B 258 1.27 11.83 -40.55
C THR B 258 1.21 10.39 -40.02
N ILE B 259 0.04 9.88 -39.64
CA ILE B 259 -0.13 8.44 -39.39
C ILE B 259 -0.06 7.73 -40.75
N THR B 260 0.94 6.88 -40.95
CA THR B 260 1.20 6.22 -42.25
C THR B 260 1.02 4.73 -42.25
N ASP B 261 0.91 4.10 -41.08
CA ASP B 261 0.59 2.68 -40.94
C ASP B 261 0.01 2.40 -39.55
N ALA B 262 -0.67 1.27 -39.36
CA ALA B 262 -1.21 0.88 -38.07
C ALA B 262 -1.32 -0.64 -37.90
N VAL B 263 -1.41 -1.10 -36.66
CA VAL B 263 -1.67 -2.50 -36.30
C VAL B 263 -2.89 -2.57 -35.38
N ASP B 264 -3.91 -3.35 -35.75
CA ASP B 264 -5.05 -3.66 -34.91
C ASP B 264 -4.66 -4.80 -33.95
N CYS B 265 -4.40 -4.51 -32.68
CA CYS B 265 -3.75 -5.48 -31.79
C CYS B 265 -4.57 -6.76 -31.56
N ALA B 266 -5.88 -6.74 -31.78
CA ALA B 266 -6.72 -7.92 -31.61
C ALA B 266 -6.99 -8.68 -32.92
N LEU B 267 -6.43 -8.25 -34.06
CA LEU B 267 -6.70 -8.88 -35.36
C LEU B 267 -6.24 -10.34 -35.42
N ASP B 268 -4.95 -10.59 -35.18
CA ASP B 268 -4.34 -11.92 -35.30
C ASP B 268 -3.06 -12.01 -34.44
N PRO B 269 -2.50 -13.21 -34.19
CA PRO B 269 -1.42 -13.34 -33.22
C PRO B 269 -0.16 -12.59 -33.62
N LEU B 270 0.10 -12.44 -34.92
CA LEU B 270 1.19 -11.59 -35.38
C LEU B 270 0.93 -10.12 -35.02
N SER B 271 -0.27 -9.60 -35.25
CA SER B 271 -0.61 -8.23 -34.86
C SER B 271 -0.55 -8.03 -33.35
N GLU B 272 -0.97 -9.02 -32.57
CA GLU B 272 -0.80 -8.97 -31.12
C GLU B 272 0.69 -8.98 -30.71
N THR B 273 1.54 -9.66 -31.47
CA THR B 273 2.99 -9.65 -31.26
C THR B 273 3.59 -8.30 -31.60
N LYS B 274 3.24 -7.71 -32.76
CA LYS B 274 3.68 -6.37 -33.14
C LYS B 274 3.34 -5.34 -32.07
N CYS B 275 2.19 -5.49 -31.41
CA CYS B 275 1.83 -4.64 -30.28
C CYS B 275 2.65 -4.92 -29.02
N THR B 276 2.81 -6.17 -28.59
CA THR B 276 3.47 -6.44 -27.29
C THR B 276 4.91 -5.96 -27.23
N LEU B 277 5.64 -5.97 -28.35
CA LEU B 277 7.00 -5.41 -28.46
C LEU B 277 7.09 -4.10 -29.26
N LYS B 278 5.95 -3.48 -29.60
CA LYS B 278 5.81 -2.16 -30.24
C LYS B 278 6.74 -1.95 -31.43
N SER B 279 6.64 -2.80 -32.46
CA SER B 279 7.36 -2.65 -33.72
C SER B 279 6.59 -3.27 -34.88
N PHE B 280 6.81 -2.79 -36.11
CA PHE B 280 6.13 -3.31 -37.30
C PHE B 280 6.86 -4.47 -37.96
N THR B 281 8.19 -4.55 -37.82
CA THR B 281 8.95 -5.79 -38.07
C THR B 281 9.21 -6.49 -36.75
N VAL B 282 9.00 -7.80 -36.71
CA VAL B 282 9.32 -8.67 -35.58
C VAL B 282 10.42 -9.65 -36.02
N GLU B 283 11.56 -9.68 -35.33
CA GLU B 283 12.64 -10.64 -35.60
C GLU B 283 12.23 -12.05 -35.16
N LYS B 284 12.83 -13.12 -35.70
CA LYS B 284 12.40 -14.48 -35.36
C LYS B 284 12.50 -14.78 -33.88
N GLY B 285 11.65 -15.67 -33.38
CA GLY B 285 11.70 -16.10 -31.99
C GLY B 285 10.36 -16.53 -31.47
N ILE B 286 10.23 -16.55 -30.15
CA ILE B 286 9.01 -16.85 -29.42
C ILE B 286 8.71 -15.72 -28.43
N TYR B 287 7.54 -15.09 -28.51
CA TYR B 287 7.17 -13.92 -27.71
C TYR B 287 5.90 -14.18 -26.89
N GLN B 288 5.91 -13.98 -25.58
CA GLN B 288 4.68 -14.09 -24.78
C GLN B 288 3.82 -12.84 -24.97
N THR B 289 2.76 -12.93 -25.76
CA THR B 289 1.90 -11.78 -26.08
C THR B 289 0.79 -11.55 -25.07
N SER B 290 0.28 -12.60 -24.43
CA SER B 290 -0.99 -12.57 -23.69
C SER B 290 -1.07 -13.74 -22.72
N ASN B 291 -2.04 -13.75 -21.80
CA ASN B 291 -2.28 -14.85 -20.88
C ASN B 291 -3.67 -15.44 -21.10
N PHE B 292 -3.74 -16.73 -21.43
CA PHE B 292 -4.99 -17.48 -21.47
C PHE B 292 -5.43 -17.80 -20.04
N ARG B 293 -6.73 -17.78 -19.75
CA ARG B 293 -7.28 -18.07 -18.42
C ARG B 293 -8.74 -18.49 -18.54
N VAL B 294 -9.04 -19.77 -18.35
CA VAL B 294 -10.40 -20.29 -18.50
C VAL B 294 -11.33 -19.60 -17.50
N GLN B 295 -12.43 -19.03 -17.98
CA GLN B 295 -13.39 -18.31 -17.15
C GLN B 295 -14.35 -19.26 -16.41
N PRO B 296 -14.84 -18.91 -15.21
CA PRO B 296 -15.85 -19.71 -14.53
C PRO B 296 -17.13 -19.79 -15.36
N THR B 297 -17.55 -20.99 -15.77
CA THR B 297 -18.69 -21.19 -16.67
C THR B 297 -20.03 -20.97 -15.98
N GLU B 298 -20.09 -21.21 -14.67
CA GLU B 298 -21.23 -20.89 -13.80
C GLU B 298 -20.79 -20.78 -12.33
N SER B 299 -21.65 -20.23 -11.49
CA SER B 299 -21.48 -20.28 -10.03
C SER B 299 -22.11 -21.53 -9.40
N ILE B 300 -21.56 -21.97 -8.27
CA ILE B 300 -22.02 -23.10 -7.46
C ILE B 300 -22.05 -22.68 -5.99
N VAL B 301 -23.10 -23.06 -5.26
CA VAL B 301 -23.23 -22.78 -3.83
C VAL B 301 -23.68 -24.02 -3.10
N ARG B 302 -23.04 -24.35 -1.97
CA ARG B 302 -23.45 -25.43 -1.07
C ARG B 302 -23.37 -24.95 0.39
N PHE B 303 -24.45 -25.01 1.15
CA PHE B 303 -24.54 -24.77 2.58
C PHE B 303 -25.23 -25.98 3.18
N PRO B 304 -25.06 -26.46 4.41
CA PRO B 304 -25.67 -27.71 4.81
C PRO B 304 -27.18 -27.76 4.92
N ASN B 305 -27.77 -28.98 4.93
CA ASN B 305 -29.24 -29.28 4.95
C ASN B 305 -29.91 -28.29 5.89
N ILE B 306 -30.91 -27.51 5.46
CA ILE B 306 -31.46 -26.47 6.39
C ILE B 306 -32.16 -27.23 7.50
N THR B 307 -31.82 -26.97 8.75
CA THR B 307 -32.21 -27.98 9.76
C THR B 307 -32.89 -27.33 10.95
N ASN B 308 -32.21 -26.42 11.62
CA ASN B 308 -32.91 -25.83 12.78
C ASN B 308 -33.77 -24.69 12.24
N LEU B 309 -34.97 -25.02 11.82
CA LEU B 309 -35.86 -23.97 11.32
C LEU B 309 -36.07 -23.26 12.63
N CYS B 310 -35.57 -22.09 13.03
CA CYS B 310 -35.79 -21.75 14.46
C CYS B 310 -37.29 -21.42 14.72
N PRO B 311 -37.94 -22.02 15.73
CA PRO B 311 -39.39 -22.28 15.68
C PRO B 311 -40.28 -21.04 15.77
N PHE B 312 -40.68 -20.54 14.60
CA PHE B 312 -41.86 -19.68 14.43
C PHE B 312 -43.18 -20.46 14.56
N GLY B 313 -43.19 -21.77 14.28
CA GLY B 313 -44.40 -22.59 14.29
C GLY B 313 -45.26 -22.42 15.55
N GLU B 314 -44.69 -22.64 16.73
CA GLU B 314 -45.45 -22.54 17.99
C GLU B 314 -45.98 -21.11 18.28
N VAL B 315 -45.17 -20.09 17.95
CA VAL B 315 -45.52 -18.67 18.22
C VAL B 315 -46.65 -18.20 17.28
N PHE B 316 -47.16 -19.08 16.41
CA PHE B 316 -48.25 -18.67 15.48
C PHE B 316 -49.25 -19.82 15.33
N ASN B 317 -49.15 -20.84 16.18
CA ASN B 317 -50.05 -22.02 16.14
C ASN B 317 -50.69 -22.22 17.52
N ALA B 318 -49.95 -21.89 18.58
CA ALA B 318 -50.38 -22.07 19.99
C ALA B 318 -51.83 -21.62 20.22
N THR B 319 -52.68 -22.57 20.62
CA THR B 319 -54.09 -22.33 21.00
C THR B 319 -54.22 -21.19 22.01
N ARG B 320 -53.41 -21.18 23.08
CA ARG B 320 -53.51 -20.24 24.20
C ARG B 320 -52.67 -18.96 24.02
N PHE B 321 -53.03 -18.15 23.02
CA PHE B 321 -52.51 -16.78 22.94
C PHE B 321 -53.01 -15.98 24.14
N ALA B 322 -52.11 -15.31 24.85
CA ALA B 322 -52.45 -14.60 26.08
C ALA B 322 -53.11 -13.23 25.85
N SER B 323 -53.73 -12.71 26.91
CA SER B 323 -54.38 -11.38 26.84
C SER B 323 -53.28 -10.31 26.89
N VAL B 324 -53.56 -9.14 26.34
CA VAL B 324 -52.66 -7.94 26.21
C VAL B 324 -51.54 -7.89 27.27
N TYR B 325 -51.90 -7.61 28.54
CA TYR B 325 -50.95 -7.42 29.69
C TYR B 325 -49.70 -8.33 29.64
N ALA B 326 -49.84 -9.63 29.95
CA ALA B 326 -48.73 -10.60 29.97
C ALA B 326 -48.97 -11.65 28.89
N TRP B 327 -47.95 -11.93 28.08
CA TRP B 327 -48.04 -12.85 26.90
C TRP B 327 -47.00 -13.97 27.01
N ASN B 328 -46.12 -14.10 26.00
CA ASN B 328 -45.03 -15.12 25.90
C ASN B 328 -43.69 -14.41 25.62
N ARG B 329 -42.68 -15.08 25.04
CA ARG B 329 -41.34 -14.46 24.74
C ARG B 329 -40.50 -15.37 23.81
N LYS B 330 -39.37 -14.89 23.25
CA LYS B 330 -38.59 -15.76 22.31
C LYS B 330 -37.08 -15.70 22.59
N ARG B 331 -36.35 -16.74 22.17
CA ARG B 331 -34.86 -16.85 22.33
C ARG B 331 -34.27 -17.54 21.09
N ILE B 332 -32.95 -17.40 20.87
CA ILE B 332 -32.25 -17.98 19.68
C ILE B 332 -31.27 -19.07 20.11
N SER B 333 -31.23 -20.17 19.35
CA SER B 333 -30.28 -21.28 19.61
C SER B 333 -29.10 -21.20 18.65
N ASN B 334 -29.25 -21.77 17.44
CA ASN B 334 -28.18 -21.79 16.41
C ASN B 334 -28.77 -22.11 15.03
N CYS B 335 -27.94 -22.05 13.98
CA CYS B 335 -28.26 -22.41 12.57
C CYS B 335 -29.19 -21.38 11.91
N VAL B 336 -29.80 -21.78 10.77
CA VAL B 336 -30.69 -20.87 9.99
C VAL B 336 -32.12 -21.43 9.97
N ALA B 337 -33.07 -20.61 10.43
CA ALA B 337 -34.53 -20.87 10.49
C ALA B 337 -35.40 -19.90 9.68
N ASP B 338 -35.58 -18.69 10.21
CA ASP B 338 -36.34 -17.58 9.62
C ASP B 338 -37.31 -17.87 8.46
N TYR B 339 -36.75 -18.26 7.32
CA TYR B 339 -37.51 -18.55 6.10
C TYR B 339 -38.39 -17.38 5.66
N SER B 340 -39.58 -17.68 5.17
CA SER B 340 -40.51 -16.64 4.73
C SER B 340 -41.94 -17.14 4.66
N VAL B 341 -42.24 -18.18 5.44
CA VAL B 341 -43.58 -18.75 5.48
C VAL B 341 -44.64 -17.70 5.79
N LEU B 342 -44.41 -16.92 6.83
CA LEU B 342 -45.35 -15.87 7.25
C LEU B 342 -45.67 -14.90 6.12
N TYR B 343 -44.63 -14.45 5.42
CA TYR B 343 -44.79 -13.51 4.32
C TYR B 343 -45.83 -13.96 3.30
N ASN B 344 -45.73 -15.22 2.87
CA ASN B 344 -46.66 -15.77 1.89
C ASN B 344 -47.86 -16.47 2.51
N SER B 345 -48.01 -16.35 3.83
CA SER B 345 -49.15 -17.00 4.52
C SER B 345 -50.44 -16.23 4.21
N ALA B 346 -51.48 -16.98 3.81
CA ALA B 346 -52.82 -16.41 3.51
C ALA B 346 -53.42 -15.87 4.81
N SER B 347 -53.19 -16.62 5.89
CA SER B 347 -53.72 -16.36 7.24
C SER B 347 -53.27 -15.00 7.79
N PHE B 348 -52.03 -14.59 7.54
CA PHE B 348 -51.58 -13.29 8.11
C PHE B 348 -52.44 -12.12 7.62
N SER B 349 -52.82 -11.23 8.54
CA SER B 349 -53.66 -10.07 8.20
C SER B 349 -52.88 -8.76 8.31
N THR B 350 -51.78 -8.72 9.09
CA THR B 350 -50.98 -7.47 9.15
C THR B 350 -49.48 -7.81 9.23
N PHE B 351 -48.65 -7.19 8.39
CA PHE B 351 -47.20 -7.49 8.35
C PHE B 351 -46.36 -6.22 8.40
N LYS B 352 -46.71 -5.27 9.26
CA LYS B 352 -45.97 -3.99 9.32
C LYS B 352 -44.51 -4.28 9.65
N CYS B 353 -43.61 -3.62 8.93
CA CYS B 353 -42.14 -3.82 9.14
C CYS B 353 -41.53 -2.50 9.61
N TYR B 354 -40.81 -2.55 10.74
CA TYR B 354 -40.21 -1.34 11.36
C TYR B 354 -38.69 -1.42 11.16
N GLY B 355 -38.18 -0.63 10.21
CA GLY B 355 -36.76 -0.62 9.81
C GLY B 355 -36.36 -1.96 9.19
N VAL B 356 -37.29 -2.64 8.52
CA VAL B 356 -37.06 -4.01 7.96
C VAL B 356 -38.00 -4.25 6.78
N SER B 357 -37.84 -5.38 6.09
CA SER B 357 -38.75 -5.79 4.99
C SER B 357 -38.86 -7.32 4.99
N PRO B 358 -40.04 -7.93 4.71
CA PRO B 358 -40.21 -9.38 4.66
C PRO B 358 -39.40 -9.95 3.48
N THR B 359 -39.36 -9.18 2.39
CA THR B 359 -38.66 -9.55 1.14
C THR B 359 -37.17 -9.74 1.43
N LYS B 360 -36.57 -8.86 2.25
CA LYS B 360 -35.12 -8.96 2.55
C LYS B 360 -34.87 -9.82 3.80
N LEU B 361 -35.93 -10.16 4.54
CA LEU B 361 -35.82 -10.92 5.81
C LEU B 361 -35.25 -12.33 5.62
N ASN B 362 -35.71 -13.06 4.60
CA ASN B 362 -35.40 -14.51 4.50
C ASN B 362 -33.89 -14.73 4.46
N ASP B 363 -33.17 -13.90 3.71
CA ASP B 363 -31.69 -14.02 3.64
C ASP B 363 -31.05 -13.20 4.77
N LEU B 364 -31.84 -12.48 5.57
CA LEU B 364 -31.22 -11.67 6.66
C LEU B 364 -30.93 -12.53 7.89
N CYS B 365 -29.71 -12.37 8.44
CA CYS B 365 -29.17 -13.11 9.62
C CYS B 365 -29.35 -12.24 10.87
N PHE B 366 -29.97 -12.80 11.92
CA PHE B 366 -30.22 -12.04 13.17
C PHE B 366 -29.93 -12.91 14.39
N THR B 367 -28.98 -12.50 15.23
CA THR B 367 -28.74 -13.24 16.49
C THR B 367 -29.84 -12.97 17.53
N ASN B 368 -30.30 -11.71 17.65
CA ASN B 368 -31.27 -11.41 18.74
C ASN B 368 -32.31 -10.33 18.43
N VAL B 369 -33.55 -10.74 18.17
CA VAL B 369 -34.77 -9.89 17.98
C VAL B 369 -35.95 -10.80 18.34
N TYR B 370 -36.46 -10.64 19.55
CA TYR B 370 -37.48 -11.58 20.10
C TYR B 370 -38.91 -11.29 19.63
N ALA B 371 -39.83 -12.21 19.94
CA ALA B 371 -41.25 -12.16 19.50
C ALA B 371 -42.22 -12.37 20.67
N ASP B 372 -43.49 -11.96 20.47
CA ASP B 372 -44.60 -12.06 21.47
C ASP B 372 -45.90 -12.50 20.79
N SER B 373 -46.78 -13.24 21.50
CA SER B 373 -48.10 -13.68 20.96
C SER B 373 -49.23 -13.17 21.86
N PHE B 374 -50.33 -12.64 21.28
CA PHE B 374 -51.48 -12.13 22.04
C PHE B 374 -52.74 -11.96 21.19
N VAL B 375 -53.88 -11.72 21.83
CA VAL B 375 -55.21 -11.57 21.18
C VAL B 375 -55.78 -10.16 21.37
N ILE B 376 -56.47 -9.64 20.35
CA ILE B 376 -56.78 -8.21 20.16
C ILE B 376 -58.17 -8.02 19.54
N ARG B 377 -58.88 -6.92 19.88
CA ARG B 377 -59.99 -6.41 19.07
C ARG B 377 -59.44 -5.71 17.82
N GLY B 378 -59.81 -6.20 16.64
CA GLY B 378 -59.14 -5.86 15.37
C GLY B 378 -58.97 -4.36 15.10
N ASP B 379 -59.99 -3.53 15.35
CA ASP B 379 -59.93 -2.11 14.99
C ASP B 379 -58.97 -1.26 15.84
N GLU B 380 -58.43 -1.77 16.96
CA GLU B 380 -57.37 -1.08 17.71
C GLU B 380 -55.97 -1.69 17.55
N VAL B 381 -55.79 -2.64 16.61
CA VAL B 381 -54.48 -3.27 16.33
C VAL B 381 -53.38 -2.25 15.97
N ARG B 382 -53.74 -1.08 15.41
CA ARG B 382 -52.79 0.01 15.10
C ARG B 382 -51.99 0.45 16.33
N GLN B 383 -52.56 0.37 17.54
CA GLN B 383 -51.90 0.79 18.79
C GLN B 383 -50.66 -0.04 19.16
N ILE B 384 -50.38 -1.14 18.47
CA ILE B 384 -49.11 -1.87 18.60
C ILE B 384 -47.93 -1.02 18.09
N ALA B 385 -48.14 -0.22 17.05
CA ALA B 385 -47.08 0.52 16.35
C ALA B 385 -46.38 1.57 17.25
N PRO B 386 -45.14 1.98 16.91
CA PRO B 386 -44.38 2.97 17.67
C PRO B 386 -44.98 4.39 17.62
N GLY B 387 -44.60 5.22 18.60
CA GLY B 387 -44.77 6.68 18.53
C GLY B 387 -46.21 7.20 18.58
N GLN B 388 -47.16 6.42 19.09
CA GLN B 388 -48.57 6.76 19.23
C GLN B 388 -49.15 6.30 20.58
N THR B 389 -50.32 6.82 20.95
CA THR B 389 -50.95 6.62 22.27
C THR B 389 -52.37 6.03 22.18
N GLY B 390 -52.74 5.30 23.21
CA GLY B 390 -53.94 4.47 23.32
C GLY B 390 -53.67 3.31 24.28
N LYS B 391 -54.70 2.71 24.90
CA LYS B 391 -54.52 1.81 26.06
C LYS B 391 -53.50 0.68 25.83
N ILE B 392 -53.40 0.09 24.63
CA ILE B 392 -52.36 -0.89 24.33
C ILE B 392 -50.97 -0.27 24.41
N ALA B 393 -50.70 0.77 23.61
CA ALA B 393 -49.42 1.49 23.59
C ALA B 393 -49.03 2.06 24.96
N ASP B 394 -50.04 2.49 25.71
CA ASP B 394 -49.85 3.17 27.04
C ASP B 394 -49.24 2.25 28.12
N TYR B 395 -50.07 1.46 28.80
CA TYR B 395 -49.58 0.61 29.92
C TYR B 395 -49.45 -0.87 29.53
N ASN B 396 -49.66 -1.21 28.25
CA ASN B 396 -49.59 -2.65 27.86
C ASN B 396 -48.27 -2.97 27.14
N TYR B 397 -48.25 -2.80 25.82
CA TYR B 397 -47.10 -3.10 24.97
C TYR B 397 -46.59 -1.85 24.24
N LYS B 398 -45.33 -1.46 24.48
CA LYS B 398 -44.70 -0.22 23.97
C LYS B 398 -43.46 -0.55 23.14
N LEU B 399 -43.27 0.19 22.04
CA LEU B 399 -42.11 0.07 21.15
C LEU B 399 -41.30 1.40 21.14
N PRO B 400 -39.96 1.35 21.00
CA PRO B 400 -39.11 2.54 20.92
C PRO B 400 -39.47 3.51 19.78
N ASP B 401 -39.16 4.79 19.95
CA ASP B 401 -39.28 5.79 18.86
C ASP B 401 -38.33 5.52 17.68
N ASP B 402 -37.31 4.68 17.86
CA ASP B 402 -36.38 4.18 16.84
C ASP B 402 -36.52 2.67 16.59
N PHE B 403 -37.71 2.10 16.83
CA PHE B 403 -37.99 0.67 16.66
C PHE B 403 -37.71 0.11 15.26
N THR B 404 -37.26 -1.15 15.21
CA THR B 404 -37.11 -1.97 14.01
C THR B 404 -37.74 -3.34 14.27
N GLY B 405 -38.55 -3.87 13.35
CA GLY B 405 -39.27 -5.13 13.59
C GLY B 405 -40.46 -5.39 12.67
N CYS B 406 -41.32 -6.33 13.05
CA CYS B 406 -42.51 -6.73 12.29
C CYS B 406 -43.72 -7.00 13.21
N VAL B 407 -44.92 -6.62 12.76
CA VAL B 407 -46.21 -6.82 13.43
C VAL B 407 -47.13 -7.65 12.53
N ILE B 408 -47.69 -8.74 13.06
CA ILE B 408 -48.49 -9.71 12.32
C ILE B 408 -49.85 -9.91 13.01
N ALA B 409 -50.94 -10.02 12.24
CA ALA B 409 -52.26 -10.33 12.79
C ALA B 409 -53.16 -11.11 11.81
N TRP B 410 -54.13 -11.87 12.31
CA TRP B 410 -55.17 -12.54 11.52
C TRP B 410 -56.48 -12.74 12.30
N ASN B 411 -57.59 -12.86 11.58
CA ASN B 411 -58.93 -13.00 12.15
C ASN B 411 -59.08 -14.27 13.00
N SER B 412 -59.69 -14.15 14.18
CA SER B 412 -59.88 -15.23 15.15
C SER B 412 -61.37 -15.50 15.48
N ASN B 413 -62.33 -14.84 14.82
CA ASN B 413 -63.75 -14.91 15.21
C ASN B 413 -64.31 -16.35 15.27
N ASN B 414 -64.00 -17.19 14.28
CA ASN B 414 -64.42 -18.61 14.26
C ASN B 414 -63.67 -19.47 15.29
N LEU B 415 -62.46 -19.05 15.69
CA LEU B 415 -61.62 -19.77 16.64
C LEU B 415 -62.05 -19.53 18.09
N ASP B 416 -62.27 -18.27 18.49
CA ASP B 416 -62.47 -17.91 19.90
C ASP B 416 -63.37 -16.68 20.18
N SER B 417 -64.35 -16.38 19.31
CA SER B 417 -65.55 -15.69 19.82
C SER B 417 -66.41 -16.70 20.60
N LYS B 418 -67.04 -16.30 21.72
CA LYS B 418 -67.79 -17.22 22.60
C LYS B 418 -69.12 -16.61 23.04
N VAL B 419 -70.16 -17.43 23.16
CA VAL B 419 -71.54 -17.01 23.51
C VAL B 419 -71.70 -16.49 24.94
N GLY B 420 -70.75 -16.82 25.83
CA GLY B 420 -70.61 -16.20 27.16
C GLY B 420 -69.89 -14.84 27.16
N GLY B 421 -69.49 -14.32 25.99
CA GLY B 421 -68.80 -13.03 25.81
C GLY B 421 -67.27 -13.07 25.94
N ASN B 422 -66.68 -14.24 26.17
CA ASN B 422 -65.23 -14.44 26.28
C ASN B 422 -64.50 -13.44 27.20
N TYR B 423 -64.95 -13.35 28.46
CA TYR B 423 -64.28 -12.55 29.49
C TYR B 423 -62.88 -13.06 29.89
N ASN B 424 -62.41 -14.18 29.32
CA ASN B 424 -61.02 -14.64 29.47
C ASN B 424 -59.99 -13.66 28.86
N TYR B 425 -60.36 -12.87 27.84
CA TYR B 425 -59.44 -11.99 27.10
C TYR B 425 -59.59 -10.53 27.55
N LEU B 426 -58.57 -9.88 28.05
CA LEU B 426 -58.55 -8.61 28.77
C LEU B 426 -57.48 -7.73 28.11
N TYR B 427 -57.45 -6.42 28.39
CA TYR B 427 -56.40 -5.41 28.29
C TYR B 427 -56.32 -4.59 29.58
N ARG B 428 -55.12 -4.15 29.97
CA ARG B 428 -54.92 -3.18 31.04
C ARG B 428 -55.44 -1.82 30.58
N LEU B 429 -56.30 -1.20 31.39
CA LEU B 429 -56.81 0.17 31.15
C LEU B 429 -56.34 1.23 32.17
N PHE B 430 -55.77 0.80 33.30
CA PHE B 430 -55.24 1.69 34.34
C PHE B 430 -53.84 1.26 34.79
N ARG B 431 -52.96 2.25 35.03
CA ARG B 431 -51.60 2.07 35.58
C ARG B 431 -51.09 3.39 36.17
N LYS B 432 -50.08 3.32 37.05
CA LYS B 432 -49.47 4.48 37.73
C LYS B 432 -48.73 5.45 36.77
N SER B 433 -48.26 4.94 35.64
CA SER B 433 -47.67 5.67 34.51
C SER B 433 -47.70 4.80 33.25
N ASN B 434 -47.47 5.39 32.06
CA ASN B 434 -47.38 4.63 30.82
C ASN B 434 -46.14 3.68 30.85
N LEU B 435 -46.25 2.48 30.27
CA LEU B 435 -45.21 1.45 30.36
C LEU B 435 -43.97 1.73 29.47
N LYS B 436 -42.80 1.29 29.92
CA LYS B 436 -41.52 1.41 29.18
C LYS B 436 -41.48 0.49 27.96
N PRO B 437 -40.59 0.73 26.97
CA PRO B 437 -40.45 -0.16 25.82
C PRO B 437 -40.25 -1.62 26.23
N PHE B 438 -41.05 -2.52 25.64
CA PHE B 438 -41.07 -3.96 25.91
C PHE B 438 -41.39 -4.36 27.37
N GLU B 439 -41.89 -3.45 28.22
CA GLU B 439 -42.29 -3.78 29.60
C GLU B 439 -43.47 -4.76 29.65
N ARG B 440 -43.50 -5.63 30.67
CA ARG B 440 -44.56 -6.62 30.93
C ARG B 440 -45.03 -6.52 32.37
N ASP B 441 -46.34 -6.59 32.61
CA ASP B 441 -46.91 -6.32 33.95
C ASP B 441 -48.19 -7.11 34.20
N ILE B 442 -48.12 -8.10 35.09
CA ILE B 442 -49.25 -8.95 35.53
C ILE B 442 -50.01 -8.41 36.76
N SER B 443 -49.66 -7.23 37.30
CA SER B 443 -50.24 -6.73 38.56
C SER B 443 -51.74 -6.42 38.45
N THR B 444 -52.55 -6.91 39.39
CA THR B 444 -54.03 -6.77 39.37
C THR B 444 -54.64 -6.43 40.73
N GLU B 445 -53.83 -5.99 41.69
CA GLU B 445 -54.30 -5.27 42.87
C GLU B 445 -55.00 -3.95 42.46
N ILE B 446 -56.03 -3.53 43.21
CA ILE B 446 -56.89 -2.40 42.86
C ILE B 446 -56.12 -1.07 42.74
N TYR B 447 -56.47 -0.28 41.73
CA TYR B 447 -55.84 0.98 41.36
C TYR B 447 -56.67 2.19 41.84
N GLN B 448 -56.03 3.13 42.53
CA GLN B 448 -56.68 4.36 42.98
C GLN B 448 -56.89 5.34 41.82
N ALA B 449 -58.08 5.91 41.73
CA ALA B 449 -58.46 6.92 40.75
C ALA B 449 -59.00 8.21 41.40
N GLY B 450 -58.64 8.45 42.67
CA GLY B 450 -59.11 9.58 43.47
C GLY B 450 -58.76 9.46 44.96
N SER B 451 -59.24 10.39 45.77
CA SER B 451 -58.96 10.48 47.21
C SER B 451 -59.53 9.30 48.05
N THR B 452 -60.53 8.58 47.53
CA THR B 452 -61.15 7.43 48.22
C THR B 452 -60.14 6.28 48.37
N PRO B 453 -59.92 5.73 49.58
CA PRO B 453 -58.98 4.63 49.81
C PRO B 453 -59.54 3.29 49.32
N CYS B 454 -58.73 2.53 48.58
CA CYS B 454 -59.12 1.22 48.05
C CYS B 454 -58.97 0.08 49.07
N ASN B 455 -57.96 0.12 49.94
CA ASN B 455 -57.57 -0.99 50.84
C ASN B 455 -57.40 -2.35 50.11
N GLY B 456 -57.04 -2.33 48.83
CA GLY B 456 -56.93 -3.51 47.96
C GLY B 456 -58.25 -4.05 47.37
N VAL B 457 -59.40 -3.39 47.61
CA VAL B 457 -60.73 -3.88 47.25
C VAL B 457 -61.61 -2.80 46.59
N GLU B 458 -62.36 -3.18 45.55
CA GLU B 458 -62.93 -2.27 44.56
C GLU B 458 -64.15 -1.45 45.04
N GLY B 459 -64.41 -0.34 44.36
CA GLY B 459 -65.48 0.63 44.69
C GLY B 459 -65.37 1.91 43.84
N PHE B 460 -66.07 2.96 44.22
CA PHE B 460 -65.98 4.26 43.54
C PHE B 460 -64.55 4.83 43.58
N ASN B 461 -64.00 5.20 42.42
CA ASN B 461 -62.59 5.59 42.24
C ASN B 461 -61.56 4.59 42.81
N CYS B 462 -61.94 3.31 42.92
CA CYS B 462 -61.10 2.21 43.40
C CYS B 462 -61.25 1.03 42.42
N TYR B 463 -60.49 1.06 41.33
CA TYR B 463 -60.83 0.31 40.11
C TYR B 463 -59.91 -0.88 39.83
N PHE B 464 -60.50 -1.96 39.34
CA PHE B 464 -59.74 -3.13 38.87
C PHE B 464 -58.96 -2.79 37.58
N PRO B 465 -57.64 -3.09 37.46
CA PRO B 465 -56.83 -2.52 36.38
C PRO B 465 -57.07 -3.04 34.95
N LEU B 466 -57.81 -4.13 34.78
CA LEU B 466 -58.00 -4.78 33.47
C LEU B 466 -59.48 -4.77 33.04
N GLN B 467 -59.73 -4.59 31.74
CA GLN B 467 -61.05 -4.59 31.13
C GLN B 467 -61.12 -5.59 29.98
N SER B 468 -62.24 -6.30 29.82
CA SER B 468 -62.39 -7.31 28.76
C SER B 468 -62.84 -6.72 27.42
N TYR B 469 -62.33 -7.31 26.32
CA TYR B 469 -62.80 -7.01 24.96
C TYR B 469 -64.21 -7.53 24.65
N GLY B 470 -64.73 -8.55 25.36
CA GLY B 470 -66.14 -8.94 25.27
C GLY B 470 -66.57 -9.62 23.94
N PHE B 471 -65.74 -10.50 23.38
CA PHE B 471 -65.93 -11.14 22.07
C PHE B 471 -67.11 -12.14 21.98
N GLN B 472 -68.34 -11.63 21.90
CA GLN B 472 -69.49 -12.38 21.36
C GLN B 472 -69.31 -12.72 19.87
N PRO B 473 -69.94 -13.79 19.33
CA PRO B 473 -69.91 -14.09 17.89
C PRO B 473 -70.68 -13.07 17.04
N THR B 474 -71.76 -12.50 17.59
CA THR B 474 -72.62 -11.47 16.96
C THR B 474 -72.00 -10.06 17.05
N ASN B 475 -70.74 -9.94 16.63
CA ASN B 475 -69.95 -8.69 16.62
C ASN B 475 -69.45 -8.37 15.20
N GLY B 476 -69.34 -7.08 14.87
CA GLY B 476 -68.84 -6.61 13.58
C GLY B 476 -67.35 -6.87 13.36
N VAL B 477 -66.89 -6.80 12.12
CA VAL B 477 -65.56 -7.28 11.70
C VAL B 477 -64.39 -6.61 12.43
N GLY B 478 -64.46 -5.30 12.72
CA GLY B 478 -63.46 -4.61 13.55
C GLY B 478 -63.54 -4.92 15.04
N TYR B 479 -64.70 -5.38 15.54
CA TYR B 479 -64.96 -5.71 16.94
C TYR B 479 -64.64 -7.17 17.30
N GLN B 480 -64.51 -8.06 16.31
CA GLN B 480 -64.12 -9.46 16.47
C GLN B 480 -62.68 -9.63 17.01
N PRO B 481 -62.35 -10.81 17.59
CA PRO B 481 -61.00 -11.12 18.03
C PRO B 481 -60.06 -11.42 16.85
N TYR B 482 -58.79 -11.05 17.01
CA TYR B 482 -57.70 -11.33 16.08
C TYR B 482 -56.52 -11.89 16.86
N ARG B 483 -55.89 -12.93 16.32
CA ARG B 483 -54.60 -13.43 16.81
C ARG B 483 -53.49 -12.53 16.28
N VAL B 484 -52.52 -12.22 17.13
CA VAL B 484 -51.47 -11.24 16.88
C VAL B 484 -50.11 -11.76 17.35
N VAL B 485 -49.06 -11.47 16.57
CA VAL B 485 -47.66 -11.76 16.90
C VAL B 485 -46.80 -10.54 16.56
N VAL B 486 -45.82 -10.19 17.40
CA VAL B 486 -44.90 -9.08 17.13
C VAL B 486 -43.45 -9.50 17.35
N LEU B 487 -42.55 -9.12 16.43
CA LEU B 487 -41.12 -9.38 16.44
C LEU B 487 -40.36 -8.05 16.63
N SER B 488 -39.53 -7.94 17.66
CA SER B 488 -38.66 -6.77 17.90
C SER B 488 -37.20 -7.06 17.54
N PHE B 489 -36.60 -6.37 16.56
CA PHE B 489 -35.28 -6.74 16.01
C PHE B 489 -34.09 -6.17 16.79
N GLU B 490 -33.00 -6.92 16.87
CA GLU B 490 -31.68 -6.44 17.29
C GLU B 490 -30.53 -7.28 16.68
N LEU B 491 -29.37 -6.65 16.40
CA LEU B 491 -28.25 -7.24 15.65
C LEU B 491 -26.91 -7.18 16.39
N LEU B 492 -26.49 -6.04 16.95
CA LEU B 492 -25.23 -5.84 17.70
C LEU B 492 -23.95 -6.01 16.83
N HIS B 493 -22.82 -6.31 17.49
CA HIS B 493 -21.62 -7.03 16.97
C HIS B 493 -21.91 -8.41 16.34
N ALA B 494 -23.11 -8.95 16.59
CA ALA B 494 -23.83 -10.02 15.91
C ALA B 494 -23.24 -11.44 15.96
N PRO B 495 -23.05 -12.05 17.15
CA PRO B 495 -22.71 -13.46 17.32
C PRO B 495 -23.94 -14.37 17.07
N ALA B 496 -24.47 -14.27 15.85
CA ALA B 496 -25.78 -14.75 15.48
C ALA B 496 -25.96 -16.27 15.68
N THR B 497 -27.21 -16.65 16.00
CA THR B 497 -27.57 -18.07 16.15
C THR B 497 -28.80 -18.35 15.27
N VAL B 498 -29.42 -17.29 14.74
CA VAL B 498 -30.63 -17.43 13.88
C VAL B 498 -30.47 -16.63 12.58
N CYS B 499 -30.81 -17.24 11.44
CA CYS B 499 -30.79 -16.61 10.09
C CYS B 499 -31.93 -17.23 9.26
N GLY B 500 -32.30 -16.61 8.13
CA GLY B 500 -33.32 -17.18 7.22
C GLY B 500 -32.79 -18.25 6.27
N PRO B 501 -33.56 -18.64 5.24
CA PRO B 501 -33.11 -19.71 4.34
C PRO B 501 -31.79 -19.36 3.64
N LYS B 502 -30.88 -20.33 3.58
CA LYS B 502 -29.57 -20.18 2.91
C LYS B 502 -29.70 -20.76 1.50
N LYS B 503 -28.99 -20.20 0.51
CA LYS B 503 -29.14 -20.70 -0.86
C LYS B 503 -28.41 -22.04 -1.09
N SER B 504 -28.62 -22.65 -2.27
CA SER B 504 -27.91 -23.85 -2.74
C SER B 504 -28.05 -24.03 -4.26
N THR B 505 -27.19 -24.86 -4.85
CA THR B 505 -27.26 -25.29 -6.26
C THR B 505 -26.96 -26.78 -6.38
N ASN B 506 -27.19 -27.35 -7.56
CA ASN B 506 -26.61 -28.64 -7.93
C ASN B 506 -25.06 -28.57 -7.96
N LEU B 507 -24.39 -29.72 -7.84
CA LEU B 507 -22.93 -29.85 -7.79
C LEU B 507 -22.33 -30.12 -9.18
N VAL B 508 -21.69 -29.10 -9.73
CA VAL B 508 -21.08 -29.08 -11.08
C VAL B 508 -19.60 -29.46 -11.05
N LYS B 509 -19.32 -30.76 -10.92
CA LYS B 509 -17.96 -31.33 -11.04
C LYS B 509 -17.37 -31.14 -12.44
N ASN B 510 -16.04 -31.15 -12.53
CA ASN B 510 -15.26 -31.22 -13.77
C ASN B 510 -15.43 -30.03 -14.74
N LYS B 511 -15.90 -28.88 -14.25
CA LYS B 511 -15.95 -27.59 -14.95
C LYS B 511 -15.25 -26.53 -14.12
N CYS B 512 -14.63 -25.54 -14.74
CA CYS B 512 -14.16 -24.36 -14.02
C CYS B 512 -15.37 -23.55 -13.53
N VAL B 513 -15.53 -23.42 -12.21
CA VAL B 513 -16.72 -22.79 -11.60
C VAL B 513 -16.37 -21.87 -10.45
N ASN B 514 -17.23 -20.89 -10.20
CA ASN B 514 -17.08 -19.91 -9.13
C ASN B 514 -17.86 -20.43 -7.90
N PHE B 515 -17.18 -20.79 -6.82
CA PHE B 515 -17.74 -21.67 -5.80
C PHE B 515 -17.84 -21.04 -4.42
N ASN B 516 -18.84 -21.51 -3.67
CA ASN B 516 -19.01 -21.23 -2.24
C ASN B 516 -19.40 -22.52 -1.52
N PHE B 517 -18.58 -22.99 -0.58
CA PHE B 517 -18.92 -24.06 0.35
C PHE B 517 -18.90 -23.50 1.77
N ASN B 518 -20.01 -23.57 2.51
CA ASN B 518 -20.11 -23.09 3.90
C ASN B 518 -19.72 -21.61 4.13
N GLY B 519 -19.57 -20.79 3.09
CA GLY B 519 -19.05 -19.43 3.18
C GLY B 519 -17.56 -19.28 2.83
N LEU B 520 -16.86 -20.35 2.43
CA LEU B 520 -15.49 -20.30 1.88
C LEU B 520 -15.54 -20.33 0.36
N THR B 521 -14.78 -19.45 -0.30
CA THR B 521 -14.96 -19.19 -1.75
C THR B 521 -13.66 -19.26 -2.55
N GLY B 522 -13.81 -19.58 -3.83
CA GLY B 522 -12.74 -19.52 -4.83
C GLY B 522 -13.28 -19.82 -6.22
N THR B 523 -12.38 -20.01 -7.17
CA THR B 523 -12.72 -20.47 -8.53
C THR B 523 -11.86 -21.66 -8.88
N GLY B 524 -12.44 -22.73 -9.41
CA GLY B 524 -11.67 -23.92 -9.75
C GLY B 524 -12.48 -25.02 -10.39
N VAL B 525 -11.79 -26.06 -10.85
CA VAL B 525 -12.35 -27.33 -11.26
C VAL B 525 -12.54 -28.21 -10.03
N LEU B 526 -13.77 -28.31 -9.53
CA LEU B 526 -14.15 -29.25 -8.46
C LEU B 526 -14.16 -30.67 -9.00
N THR B 527 -13.58 -31.66 -8.31
CA THR B 527 -13.59 -33.05 -8.79
C THR B 527 -13.53 -34.07 -7.66
N GLU B 528 -13.93 -35.32 -7.90
CA GLU B 528 -14.01 -36.37 -6.87
C GLU B 528 -12.63 -36.84 -6.38
N SER B 529 -12.54 -37.31 -5.13
CA SER B 529 -11.26 -37.46 -4.41
C SER B 529 -11.07 -38.83 -3.76
N ASN B 530 -9.82 -39.31 -3.72
CA ASN B 530 -9.42 -40.44 -2.90
C ASN B 530 -9.04 -40.04 -1.44
N LYS B 531 -8.88 -38.74 -1.15
CA LYS B 531 -8.51 -38.22 0.19
C LYS B 531 -9.55 -38.56 1.26
N LYS B 532 -9.11 -38.83 2.49
CA LYS B 532 -9.96 -39.29 3.60
C LYS B 532 -9.93 -38.30 4.76
N PHE B 533 -10.77 -37.27 4.70
CA PHE B 533 -10.96 -36.33 5.81
C PHE B 533 -11.44 -37.05 7.07
N LEU B 534 -11.11 -36.50 8.24
CA LEU B 534 -11.75 -36.88 9.52
C LEU B 534 -13.16 -36.29 9.61
N PRO B 535 -14.08 -36.88 10.39
CA PRO B 535 -15.50 -36.49 10.39
C PRO B 535 -15.81 -35.02 10.72
N PHE B 536 -14.94 -34.34 11.46
CA PHE B 536 -15.11 -32.92 11.81
C PHE B 536 -14.45 -31.94 10.83
N GLN B 537 -13.52 -32.41 9.98
CA GLN B 537 -12.78 -31.54 9.04
C GLN B 537 -13.64 -31.15 7.84
N GLN B 538 -13.65 -29.86 7.48
CA GLN B 538 -14.54 -29.30 6.47
C GLN B 538 -13.84 -28.93 5.15
N PHE B 539 -12.56 -28.56 5.21
CA PHE B 539 -11.76 -28.21 4.04
C PHE B 539 -10.28 -28.54 4.27
N GLY B 540 -9.50 -28.65 3.21
CA GLY B 540 -8.12 -29.12 3.25
C GLY B 540 -7.14 -28.11 2.68
N ARG B 541 -5.89 -28.13 3.15
CA ARG B 541 -4.82 -27.24 2.70
C ARG B 541 -3.62 -28.00 2.14
N ASP B 542 -3.01 -27.40 1.12
CA ASP B 542 -1.71 -27.75 0.56
C ASP B 542 -0.55 -27.35 1.48
N ILE B 543 0.67 -27.77 1.17
CA ILE B 543 1.89 -27.46 1.94
C ILE B 543 2.08 -25.95 2.16
N ALA B 544 1.77 -25.14 1.15
CA ALA B 544 1.85 -23.68 1.18
C ALA B 544 0.54 -22.99 1.64
N ASP B 545 -0.36 -23.70 2.31
CA ASP B 545 -1.65 -23.18 2.80
C ASP B 545 -2.62 -22.65 1.73
N THR B 546 -2.44 -23.07 0.47
CA THR B 546 -3.50 -22.96 -0.56
C THR B 546 -4.59 -23.97 -0.25
N THR B 547 -5.85 -23.57 -0.18
CA THR B 547 -6.97 -24.51 0.00
C THR B 547 -7.10 -25.39 -1.24
N ASP B 548 -7.16 -26.71 -1.08
CA ASP B 548 -7.14 -27.63 -2.22
C ASP B 548 -8.11 -28.81 -2.13
N ALA B 549 -8.94 -28.88 -1.08
CA ALA B 549 -10.08 -29.79 -1.02
C ALA B 549 -11.19 -29.26 -0.11
N VAL B 550 -12.42 -29.72 -0.29
CA VAL B 550 -13.58 -29.36 0.53
C VAL B 550 -14.54 -30.53 0.69
N ARG B 551 -15.28 -30.61 1.80
CA ARG B 551 -16.52 -31.39 1.84
C ARG B 551 -17.61 -30.64 1.11
N ASP B 552 -18.41 -31.33 0.31
CA ASP B 552 -19.77 -30.86 0.07
C ASP B 552 -20.54 -30.98 1.40
N PRO B 553 -21.11 -29.92 1.97
CA PRO B 553 -21.84 -30.02 3.22
C PRO B 553 -23.16 -30.80 3.13
N GLN B 554 -23.67 -31.08 1.93
CA GLN B 554 -24.94 -31.76 1.74
C GLN B 554 -24.76 -33.27 1.60
N THR B 555 -23.97 -33.73 0.63
CA THR B 555 -23.49 -35.12 0.60
C THR B 555 -22.04 -35.10 1.04
N LEU B 556 -21.71 -35.68 2.20
CA LEU B 556 -20.44 -35.42 2.88
C LEU B 556 -19.19 -35.99 2.18
N GLU B 557 -19.32 -36.44 0.94
CA GLU B 557 -18.21 -36.72 0.03
C GLU B 557 -17.31 -35.51 -0.21
N ILE B 558 -16.11 -35.82 -0.69
CA ILE B 558 -14.90 -35.02 -0.59
C ILE B 558 -14.41 -34.63 -1.98
N LEU B 559 -14.27 -33.32 -2.23
CA LEU B 559 -13.91 -32.74 -3.51
C LEU B 559 -12.50 -32.14 -3.47
N ASP B 560 -11.68 -32.43 -4.48
CA ASP B 560 -10.46 -31.70 -4.76
C ASP B 560 -10.82 -30.40 -5.48
N ILE B 561 -10.08 -29.33 -5.17
CA ILE B 561 -10.13 -28.07 -5.91
C ILE B 561 -8.84 -27.95 -6.72
N THR B 562 -8.96 -27.80 -8.04
CA THR B 562 -7.84 -27.53 -8.94
C THR B 562 -8.05 -26.15 -9.57
N PRO B 563 -7.05 -25.28 -9.73
CA PRO B 563 -7.26 -23.97 -10.34
C PRO B 563 -7.76 -24.10 -11.78
N CYS B 564 -8.57 -23.15 -12.24
CA CYS B 564 -8.95 -23.08 -13.65
C CYS B 564 -7.68 -22.85 -14.48
N SER B 565 -7.49 -23.59 -15.56
CA SER B 565 -6.22 -23.55 -16.30
C SER B 565 -5.94 -22.18 -16.90
N PHE B 566 -4.68 -21.78 -16.81
CA PHE B 566 -4.16 -20.51 -17.30
C PHE B 566 -2.71 -20.68 -17.73
N GLY B 567 -2.22 -19.80 -18.61
CA GLY B 567 -0.83 -19.84 -19.05
C GLY B 567 -0.52 -18.83 -20.14
N GLY B 568 0.76 -18.57 -20.36
CA GLY B 568 1.21 -17.65 -21.39
C GLY B 568 0.88 -18.14 -22.79
N VAL B 569 0.27 -17.29 -23.59
CA VAL B 569 0.13 -17.45 -25.04
C VAL B 569 1.41 -16.91 -25.66
N SER B 570 2.19 -17.78 -26.28
CA SER B 570 3.45 -17.40 -26.91
C SER B 570 3.37 -17.55 -28.41
N VAL B 571 3.71 -16.51 -29.15
CA VAL B 571 3.69 -16.54 -30.62
C VAL B 571 5.07 -16.92 -31.13
N ILE B 572 5.18 -18.09 -31.73
CA ILE B 572 6.35 -18.52 -32.51
C ILE B 572 6.25 -17.85 -33.87
N THR B 573 7.26 -17.11 -34.26
CA THR B 573 7.30 -16.43 -35.55
C THR B 573 8.67 -16.55 -36.19
N PRO B 574 8.80 -16.85 -37.49
CA PRO B 574 9.98 -16.45 -38.25
C PRO B 574 10.08 -14.93 -38.30
N GLY B 575 11.17 -14.38 -38.83
CA GLY B 575 11.26 -12.93 -39.00
C GLY B 575 10.19 -12.43 -39.96
N THR B 576 9.59 -11.27 -39.72
CA THR B 576 8.56 -10.70 -40.61
C THR B 576 9.04 -10.55 -42.05
N ASN B 577 10.33 -10.21 -42.24
CA ASN B 577 11.00 -10.24 -43.55
C ASN B 577 10.79 -11.56 -44.31
N THR B 578 10.85 -12.70 -43.61
CA THR B 578 10.71 -14.04 -44.21
C THR B 578 9.25 -14.40 -44.46
N SER B 579 8.36 -14.29 -43.46
CA SER B 579 6.93 -14.55 -43.64
C SER B 579 6.07 -13.88 -42.57
N ASN B 580 4.78 -13.70 -42.86
CA ASN B 580 3.75 -13.29 -41.91
C ASN B 580 3.02 -14.48 -41.25
N GLU B 581 3.36 -15.72 -41.59
CA GLU B 581 2.81 -16.91 -40.91
C GLU B 581 3.34 -17.01 -39.47
N VAL B 582 2.50 -17.48 -38.54
CA VAL B 582 2.86 -17.68 -37.13
C VAL B 582 2.19 -18.93 -36.56
N ALA B 583 2.77 -19.46 -35.50
CA ALA B 583 2.23 -20.56 -34.71
C ALA B 583 2.12 -20.11 -33.26
N VAL B 584 1.15 -20.61 -32.51
CA VAL B 584 0.83 -20.12 -31.17
C VAL B 584 0.94 -21.24 -30.17
N LEU B 585 1.74 -21.08 -29.12
CA LEU B 585 1.90 -22.04 -28.04
C LEU B 585 1.10 -21.56 -26.84
N TYR B 586 0.05 -22.27 -26.47
CA TYR B 586 -0.64 -22.08 -25.20
C TYR B 586 0.11 -22.88 -24.15
N GLN B 587 0.97 -22.22 -23.38
CA GLN B 587 1.85 -22.90 -22.43
C GLN B 587 1.05 -23.61 -21.33
N ASP B 588 1.45 -24.84 -21.00
CA ASP B 588 0.90 -25.59 -19.87
C ASP B 588 -0.64 -25.73 -19.85
N VAL B 589 -1.23 -26.10 -20.99
CA VAL B 589 -2.65 -26.48 -21.11
C VAL B 589 -2.81 -27.74 -21.96
N ASN B 590 -4.00 -28.34 -21.91
CA ASN B 590 -4.38 -29.51 -22.68
C ASN B 590 -5.24 -29.03 -23.85
N CYS B 591 -4.92 -29.38 -25.10
CA CYS B 591 -5.51 -28.72 -26.29
C CYS B 591 -7.04 -28.67 -26.31
N THR B 592 -7.71 -29.66 -25.72
CA THR B 592 -9.17 -29.70 -25.55
C THR B 592 -9.74 -28.42 -24.90
N GLU B 593 -8.96 -27.77 -24.04
CA GLU B 593 -9.36 -26.58 -23.30
C GLU B 593 -9.19 -25.27 -24.09
N VAL B 594 -8.45 -25.27 -25.21
CA VAL B 594 -8.27 -24.08 -26.07
C VAL B 594 -9.45 -23.93 -27.02
N ASN B 615 -2.91 -26.84 -38.07
CA ASN B 615 -2.67 -28.05 -37.28
C ASN B 615 -2.71 -27.74 -35.77
N VAL B 616 -2.89 -28.77 -34.93
CA VAL B 616 -2.81 -28.71 -33.47
C VAL B 616 -1.94 -29.86 -32.95
N PHE B 617 -1.02 -29.58 -32.04
CA PHE B 617 -0.08 -30.55 -31.49
C PHE B 617 0.08 -30.37 -29.97
N GLN B 618 0.06 -31.43 -29.17
CA GLN B 618 0.28 -31.35 -27.73
C GLN B 618 1.76 -31.60 -27.38
N THR B 619 2.55 -30.54 -27.26
CA THR B 619 3.94 -30.63 -26.78
C THR B 619 3.99 -30.81 -25.26
N ARG B 620 5.12 -31.25 -24.71
CA ARG B 620 5.34 -31.27 -23.27
C ARG B 620 5.37 -29.87 -22.64
N ALA B 621 5.57 -28.80 -23.42
CA ALA B 621 5.50 -27.41 -22.98
C ALA B 621 4.09 -26.80 -22.99
N GLY B 622 3.16 -27.38 -23.76
CA GLY B 622 1.83 -26.81 -23.98
C GLY B 622 1.24 -27.14 -25.35
N CYS B 623 0.00 -26.74 -25.57
CA CYS B 623 -0.68 -26.96 -26.85
C CYS B 623 -0.13 -26.00 -27.89
N LEU B 624 0.40 -26.50 -29.01
CA LEU B 624 0.99 -25.72 -30.08
C LEU B 624 0.07 -25.76 -31.30
N ILE B 625 -0.32 -24.60 -31.81
CA ILE B 625 -1.33 -24.44 -32.85
C ILE B 625 -0.72 -23.73 -34.05
N GLY B 626 -1.05 -24.15 -35.25
CA GLY B 626 -0.56 -23.54 -36.50
C GLY B 626 0.83 -24.00 -36.94
N ALA B 627 1.51 -24.86 -36.17
CA ALA B 627 2.72 -25.56 -36.58
C ALA B 627 2.45 -27.03 -36.86
N GLU B 628 2.91 -27.56 -37.99
CA GLU B 628 2.82 -28.99 -38.28
C GLU B 628 3.94 -29.77 -37.57
N HIS B 629 3.62 -30.86 -36.89
CA HIS B 629 4.62 -31.71 -36.27
C HIS B 629 5.32 -32.57 -37.34
N VAL B 630 6.64 -32.63 -37.34
CA VAL B 630 7.42 -33.44 -38.29
C VAL B 630 8.42 -34.34 -37.56
N ASN B 631 8.62 -35.55 -38.08
CA ASN B 631 9.39 -36.59 -37.39
C ASN B 631 10.89 -36.43 -37.58
N ASN B 632 11.35 -36.15 -38.81
CA ASN B 632 12.78 -35.94 -39.05
C ASN B 632 13.25 -34.67 -38.31
N SER B 633 14.37 -34.76 -37.60
CA SER B 633 14.77 -33.79 -36.59
C SER B 633 15.92 -32.89 -37.05
N TYR B 634 15.70 -31.59 -37.07
CA TYR B 634 16.69 -30.58 -37.48
C TYR B 634 17.42 -30.01 -36.25
N GLU B 635 18.43 -29.16 -36.43
CA GLU B 635 18.97 -28.34 -35.34
C GLU B 635 17.91 -27.34 -34.82
N CYS B 636 18.00 -26.90 -33.57
CA CYS B 636 16.97 -26.03 -32.99
C CYS B 636 17.03 -24.61 -33.56
N ASP B 637 15.96 -24.13 -34.22
CA ASP B 637 15.86 -22.76 -34.69
C ASP B 637 15.18 -21.84 -33.65
N ILE B 638 13.88 -22.00 -33.40
CA ILE B 638 13.13 -21.29 -32.35
C ILE B 638 12.83 -22.26 -31.21
N PRO B 639 13.25 -22.00 -29.96
CA PRO B 639 13.16 -22.97 -28.88
C PRO B 639 11.77 -22.96 -28.23
N ILE B 640 11.07 -24.09 -28.23
CA ILE B 640 9.77 -24.21 -27.56
C ILE B 640 9.94 -24.71 -26.13
N GLY B 641 10.59 -25.86 -25.95
CA GLY B 641 10.78 -26.47 -24.62
C GLY B 641 10.72 -28.00 -24.68
N ALA B 642 11.24 -28.68 -23.67
CA ALA B 642 11.19 -30.14 -23.56
C ALA B 642 11.63 -30.88 -24.85
N GLY B 643 12.71 -30.40 -25.45
CA GLY B 643 13.29 -30.93 -26.68
C GLY B 643 12.58 -30.53 -27.98
N ILE B 644 11.41 -29.88 -27.93
CA ILE B 644 10.75 -29.38 -29.13
C ILE B 644 11.33 -28.02 -29.54
N CYS B 645 11.58 -27.84 -30.83
CA CYS B 645 11.86 -26.56 -31.46
C CYS B 645 11.03 -26.39 -32.72
N ALA B 646 10.90 -25.17 -33.21
CA ALA B 646 10.13 -24.85 -34.40
C ALA B 646 10.93 -24.00 -35.37
N SER B 647 10.63 -24.08 -36.67
CA SER B 647 11.34 -23.35 -37.72
C SER B 647 10.47 -23.18 -38.96
N TYR B 648 10.87 -22.30 -39.87
CA TYR B 648 10.13 -22.05 -41.10
C TYR B 648 10.62 -22.95 -42.23
N GLN B 649 9.79 -23.89 -42.65
CA GLN B 649 10.05 -24.86 -43.70
C GLN B 649 9.73 -24.27 -45.08
N THR B 650 10.43 -24.71 -46.13
CA THR B 650 10.23 -24.28 -47.52
C THR B 650 10.72 -25.34 -48.51
N SER B 663 3.84 -24.22 -50.41
CA SER B 663 5.23 -24.72 -50.42
C SER B 663 6.00 -24.43 -49.12
N GLN B 664 5.39 -23.71 -48.18
CA GLN B 664 6.02 -23.20 -46.96
C GLN B 664 5.11 -23.37 -45.74
N SER B 665 5.69 -23.52 -44.56
CA SER B 665 4.96 -23.72 -43.30
C SER B 665 5.86 -23.48 -42.09
N ILE B 666 5.27 -23.38 -40.90
CA ILE B 666 6.04 -23.54 -39.66
C ILE B 666 5.97 -25.01 -39.24
N ILE B 667 7.12 -25.65 -39.10
CA ILE B 667 7.24 -26.99 -38.53
C ILE B 667 7.54 -26.90 -37.04
N ALA B 668 7.19 -27.94 -36.30
CA ALA B 668 7.70 -28.21 -34.96
C ALA B 668 8.24 -29.64 -34.89
N TYR B 669 9.40 -29.83 -34.28
CA TYR B 669 10.16 -31.07 -34.33
C TYR B 669 10.96 -31.27 -33.05
N THR B 670 11.28 -32.52 -32.69
CA THR B 670 12.26 -32.76 -31.62
C THR B 670 13.64 -32.39 -32.14
N MET B 671 14.41 -31.58 -31.43
CA MET B 671 15.71 -31.12 -31.92
C MET B 671 16.75 -32.25 -32.02
N SER B 672 17.54 -32.26 -33.09
CA SER B 672 18.77 -33.03 -33.18
C SER B 672 19.89 -32.26 -32.49
N LEU B 673 20.61 -32.91 -31.58
CA LEU B 673 21.75 -32.30 -30.91
C LEU B 673 22.98 -32.16 -31.80
N GLY B 674 23.07 -32.96 -32.85
CA GLY B 674 24.13 -32.99 -33.85
C GLY B 674 24.11 -34.30 -34.61
N ALA B 675 24.96 -34.44 -35.62
CA ALA B 675 25.14 -35.73 -36.30
C ALA B 675 25.66 -36.77 -35.31
N GLU B 676 25.05 -37.95 -35.24
CA GLU B 676 25.58 -39.05 -34.45
C GLU B 676 26.83 -39.64 -35.13
N ASN B 677 27.89 -39.89 -34.38
CA ASN B 677 29.18 -40.30 -34.93
C ASN B 677 29.78 -41.46 -34.12
N SER B 678 29.88 -42.64 -34.71
CA SER B 678 30.69 -43.73 -34.17
C SER B 678 32.18 -43.43 -34.40
N VAL B 679 32.88 -42.95 -33.36
CA VAL B 679 34.32 -42.75 -33.44
C VAL B 679 34.96 -44.11 -33.65
N ALA B 680 35.82 -44.25 -34.66
CA ALA B 680 36.34 -45.52 -35.15
C ALA B 680 37.41 -46.18 -34.25
N TYR B 681 37.22 -46.12 -32.93
CA TYR B 681 38.18 -46.59 -31.94
C TYR B 681 38.46 -48.08 -32.09
N SER B 682 39.72 -48.45 -31.95
CA SER B 682 40.16 -49.81 -31.66
C SER B 682 41.52 -49.76 -31.00
N ASN B 683 41.91 -50.84 -30.32
CA ASN B 683 43.04 -50.88 -29.40
C ASN B 683 44.43 -50.65 -30.04
N ASN B 684 44.52 -50.51 -31.36
CA ASN B 684 45.77 -50.25 -32.07
C ASN B 684 45.62 -49.26 -33.23
N SER B 685 44.54 -48.48 -33.32
CA SER B 685 44.33 -47.52 -34.41
C SER B 685 44.36 -46.09 -33.91
N ILE B 686 45.20 -45.25 -34.51
CA ILE B 686 45.26 -43.80 -34.25
C ILE B 686 45.02 -43.04 -35.55
N ALA B 687 44.29 -41.93 -35.50
CA ALA B 687 44.14 -41.06 -36.65
C ALA B 687 44.99 -39.81 -36.46
N ILE B 688 45.77 -39.42 -37.47
CA ILE B 688 46.66 -38.25 -37.37
C ILE B 688 46.37 -37.29 -38.53
N PRO B 689 46.23 -35.98 -38.30
CA PRO B 689 45.95 -34.99 -39.34
C PRO B 689 47.11 -34.83 -40.31
N THR B 690 46.83 -34.98 -41.60
CA THR B 690 47.89 -34.80 -42.62
C THR B 690 47.88 -33.35 -43.10
N ASN B 691 46.98 -32.54 -42.58
CA ASN B 691 46.87 -31.12 -43.01
C ASN B 691 46.13 -30.33 -41.93
N PHE B 692 46.10 -29.01 -42.05
CA PHE B 692 45.41 -28.20 -41.01
C PHE B 692 44.78 -26.94 -41.62
N THR B 693 43.93 -26.27 -40.85
CA THR B 693 43.33 -25.01 -41.24
C THR B 693 43.51 -24.02 -40.10
N ILE B 694 43.72 -22.75 -40.41
CA ILE B 694 43.83 -21.68 -39.41
C ILE B 694 42.54 -20.87 -39.45
N SER B 695 41.84 -20.83 -38.33
CA SER B 695 40.53 -20.20 -38.20
C SER B 695 40.62 -18.98 -37.32
N VAL B 696 40.10 -17.84 -37.78
CA VAL B 696 40.08 -16.58 -37.03
C VAL B 696 38.71 -16.41 -36.39
N THR B 697 38.37 -17.24 -35.42
CA THR B 697 37.04 -17.18 -34.78
C THR B 697 36.88 -15.87 -34.00
N THR B 698 35.87 -15.08 -34.32
CA THR B 698 35.58 -13.84 -33.57
C THR B 698 34.95 -14.17 -32.22
N GLU B 699 35.26 -13.42 -31.18
CA GLU B 699 34.52 -13.41 -29.92
C GLU B 699 34.23 -11.98 -29.49
N ILE B 700 33.01 -11.69 -29.08
CA ILE B 700 32.55 -10.35 -28.71
C ILE B 700 32.18 -10.34 -27.24
N LEU B 701 32.71 -9.43 -26.44
CA LEU B 701 32.41 -9.33 -25.01
C LEU B 701 31.99 -7.90 -24.66
N PRO B 702 30.88 -7.68 -23.95
CA PRO B 702 30.57 -6.36 -23.43
C PRO B 702 31.50 -6.03 -22.28
N VAL B 703 31.83 -4.75 -22.11
CA VAL B 703 32.85 -4.31 -21.14
C VAL B 703 32.37 -3.17 -20.27
N SER B 704 31.53 -2.28 -20.75
CA SER B 704 31.00 -1.19 -19.94
C SER B 704 29.62 -0.75 -20.39
N MET B 705 28.76 -0.40 -19.46
CA MET B 705 27.46 0.21 -19.75
C MET B 705 27.60 1.66 -20.19
N THR B 706 26.53 2.26 -20.70
CA THR B 706 26.47 3.73 -20.78
C THR B 706 26.40 4.29 -19.36
N LYS B 707 27.41 5.06 -18.94
CA LYS B 707 27.46 5.70 -17.62
C LYS B 707 26.25 6.59 -17.46
N THR B 708 25.36 6.27 -16.53
CA THR B 708 24.12 7.02 -16.33
C THR B 708 24.06 7.49 -14.89
N SER B 709 23.59 8.70 -14.66
CA SER B 709 23.24 9.19 -13.32
C SER B 709 21.89 9.87 -13.37
N VAL B 710 21.04 9.60 -12.40
CA VAL B 710 19.70 10.19 -12.31
C VAL B 710 19.69 11.09 -11.08
N ASP B 711 19.47 12.37 -11.27
CA ASP B 711 19.33 13.33 -10.18
C ASP B 711 18.02 13.09 -9.45
N CYS B 712 18.04 12.23 -8.44
CA CYS B 712 16.82 11.61 -7.93
C CYS B 712 15.81 12.63 -7.39
N THR B 713 16.23 13.78 -6.87
CA THR B 713 15.28 14.83 -6.45
C THR B 713 14.55 15.42 -7.65
N MET B 714 15.24 15.75 -8.74
CA MET B 714 14.58 16.29 -9.93
C MET B 714 13.79 15.24 -10.69
N TYR B 715 14.17 13.96 -10.64
CA TYR B 715 13.34 12.88 -11.18
C TYR B 715 12.06 12.72 -10.36
N ILE B 716 12.16 12.48 -9.05
CA ILE B 716 11.00 12.18 -8.21
C ILE B 716 10.05 13.37 -8.13
N CYS B 717 10.59 14.58 -8.06
CA CYS B 717 9.97 15.71 -7.40
C CYS B 717 10.39 17.04 -8.05
N GLY B 718 10.34 17.11 -9.38
CA GLY B 718 11.02 18.14 -10.16
C GLY B 718 10.48 19.55 -9.99
N ASP B 719 11.36 20.56 -10.09
CA ASP B 719 11.03 22.01 -10.17
C ASP B 719 9.98 22.50 -9.16
N SER B 720 9.95 21.95 -7.94
CA SER B 720 8.92 22.32 -6.94
C SER B 720 9.39 22.07 -5.50
N THR B 721 9.77 23.14 -4.80
CA THR B 721 10.15 23.07 -3.38
C THR B 721 9.00 22.56 -2.51
N GLU B 722 7.76 22.86 -2.87
CA GLU B 722 6.57 22.35 -2.18
C GLU B 722 6.51 20.82 -2.14
N CYS B 723 7.06 20.14 -3.14
CA CYS B 723 7.27 18.70 -3.10
C CYS B 723 8.56 18.32 -2.37
N SER B 724 9.69 19.01 -2.62
CA SER B 724 10.99 18.55 -2.11
C SER B 724 11.04 18.51 -0.58
N ASN B 725 10.38 19.44 0.10
CA ASN B 725 10.28 19.40 1.56
C ASN B 725 9.52 18.17 2.08
N LEU B 726 8.72 17.48 1.26
CA LEU B 726 8.10 16.20 1.60
C LEU B 726 9.07 15.04 1.35
N LEU B 727 9.85 15.08 0.27
CA LEU B 727 10.87 14.09 -0.01
C LEU B 727 11.93 14.03 1.11
N LEU B 728 12.25 15.14 1.77
CA LEU B 728 13.17 15.14 2.92
C LEU B 728 12.73 14.24 4.07
N GLN B 729 11.45 13.92 4.20
CA GLN B 729 10.97 13.02 5.25
C GLN B 729 11.42 11.57 5.06
N TYR B 730 11.78 11.18 3.84
CA TYR B 730 12.35 9.87 3.51
C TYR B 730 13.86 9.82 3.81
N GLY B 731 14.45 10.91 4.29
CA GLY B 731 15.81 10.97 4.81
C GLY B 731 16.88 10.72 3.76
N SER B 732 17.79 9.80 4.05
CA SER B 732 18.96 9.53 3.22
C SER B 732 18.66 8.75 1.94
N PHE B 733 17.40 8.43 1.63
CA PHE B 733 17.06 7.60 0.47
C PHE B 733 17.59 8.17 -0.83
N CYS B 734 17.35 9.43 -1.12
CA CYS B 734 17.83 10.01 -2.37
C CYS B 734 19.37 10.08 -2.45
N THR B 735 20.09 10.21 -1.33
CA THR B 735 21.56 10.06 -1.33
C THR B 735 22.00 8.63 -1.61
N GLN B 736 21.32 7.60 -1.09
CA GLN B 736 21.64 6.21 -1.44
C GLN B 736 21.51 5.98 -2.95
N LEU B 737 20.48 6.51 -3.61
CA LEU B 737 20.30 6.25 -5.04
C LEU B 737 21.33 6.99 -5.89
N ASN B 738 21.70 8.24 -5.56
CA ASN B 738 22.79 8.94 -6.26
C ASN B 738 24.15 8.27 -6.03
N ARG B 739 24.42 7.79 -4.80
CA ARG B 739 25.64 7.04 -4.45
C ARG B 739 25.74 5.77 -5.27
N ALA B 740 24.68 4.95 -5.31
CA ALA B 740 24.68 3.70 -6.05
C ALA B 740 24.89 3.89 -7.55
N LEU B 741 24.19 4.84 -8.19
CA LEU B 741 24.41 5.14 -9.61
C LEU B 741 25.80 5.74 -9.88
N THR B 742 26.38 6.50 -8.96
CA THR B 742 27.77 6.97 -9.09
C THR B 742 28.77 5.82 -8.96
N GLY B 743 28.54 4.85 -8.08
CA GLY B 743 29.36 3.64 -7.98
C GLY B 743 29.36 2.84 -9.27
N ILE B 744 28.19 2.60 -9.86
CA ILE B 744 28.07 1.98 -11.17
C ILE B 744 28.83 2.79 -12.22
N ALA B 745 28.67 4.11 -12.24
CA ALA B 745 29.26 4.95 -13.25
C ALA B 745 30.79 4.97 -13.21
N VAL B 746 31.42 5.01 -12.04
CA VAL B 746 32.89 4.91 -11.97
C VAL B 746 33.39 3.50 -12.29
N GLU B 747 32.66 2.44 -11.95
CA GLU B 747 33.03 1.10 -12.40
C GLU B 747 33.08 1.00 -13.93
N GLN B 748 32.28 1.75 -14.69
CA GLN B 748 32.34 1.65 -16.15
C GLN B 748 33.66 2.19 -16.71
N ASP B 749 34.26 3.19 -16.08
CA ASP B 749 35.62 3.62 -16.42
C ASP B 749 36.65 2.60 -15.96
N LYS B 750 36.51 2.07 -14.74
CA LYS B 750 37.40 1.03 -14.21
C LYS B 750 37.43 -0.20 -15.10
N ASN B 751 36.29 -0.71 -15.54
CA ASN B 751 36.21 -1.84 -16.48
C ASN B 751 36.93 -1.53 -17.79
N THR B 752 36.66 -0.36 -18.37
CA THR B 752 37.22 0.01 -19.67
C THR B 752 38.73 0.23 -19.59
N GLN B 753 39.24 0.69 -18.45
CA GLN B 753 40.67 0.76 -18.17
C GLN B 753 41.27 -0.63 -17.95
N GLU B 754 40.68 -1.48 -17.10
CA GLU B 754 41.19 -2.83 -16.82
C GLU B 754 41.30 -3.69 -18.07
N VAL B 755 40.38 -3.55 -19.03
CA VAL B 755 40.42 -4.29 -20.29
C VAL B 755 41.47 -3.75 -21.24
N PHE B 756 41.44 -2.47 -21.59
CA PHE B 756 42.30 -1.95 -22.66
C PHE B 756 43.65 -1.43 -22.17
N ALA B 757 43.74 -0.77 -21.03
CA ALA B 757 44.95 -0.11 -20.56
C ALA B 757 45.96 -1.07 -19.92
N GLN B 758 46.08 -2.29 -20.45
CA GLN B 758 47.04 -3.30 -19.97
C GLN B 758 48.45 -3.05 -20.50
N VAL B 759 48.55 -2.42 -21.67
CA VAL B 759 49.81 -2.06 -22.31
C VAL B 759 50.44 -0.87 -21.57
N LYS B 760 51.73 -0.93 -21.28
CA LYS B 760 52.40 0.10 -20.48
C LYS B 760 52.57 1.43 -21.22
N GLN B 761 52.82 1.37 -22.52
CA GLN B 761 53.15 2.50 -23.38
C GLN B 761 52.68 2.22 -24.81
N ILE B 762 52.43 3.27 -25.60
CA ILE B 762 51.68 3.12 -26.86
C ILE B 762 52.65 2.73 -27.96
N TYR B 763 52.81 1.42 -28.16
CA TYR B 763 53.58 0.89 -29.26
C TYR B 763 52.99 1.30 -30.61
N LYS B 764 53.82 1.51 -31.63
CA LYS B 764 53.39 1.77 -33.00
C LYS B 764 54.17 0.90 -33.99
N THR B 765 53.49 0.47 -35.05
CA THR B 765 54.05 -0.36 -36.13
C THR B 765 55.02 0.43 -37.01
N PRO B 766 55.99 -0.25 -37.64
CA PRO B 766 56.91 0.37 -38.60
C PRO B 766 56.20 0.85 -39.87
N PRO B 767 56.85 1.70 -40.69
CA PRO B 767 56.33 2.06 -42.01
C PRO B 767 56.25 0.85 -42.95
N ILE B 768 57.31 0.05 -43.04
CA ILE B 768 57.34 -1.16 -43.87
C ILE B 768 56.63 -2.34 -43.19
N LYS B 769 55.49 -2.75 -43.74
CA LYS B 769 54.62 -3.83 -43.23
C LYS B 769 55.13 -5.24 -43.56
N ASP B 770 56.41 -5.51 -43.31
CA ASP B 770 57.10 -6.74 -43.69
C ASP B 770 56.78 -7.95 -42.80
N PHE B 771 55.50 -8.28 -42.58
CA PHE B 771 55.05 -9.32 -41.65
C PHE B 771 54.99 -10.73 -42.26
N GLY B 772 56.02 -11.15 -42.99
CA GLY B 772 56.16 -12.54 -43.44
C GLY B 772 55.05 -13.07 -44.37
N GLY B 773 54.28 -12.19 -45.01
CA GLY B 773 53.15 -12.52 -45.88
C GLY B 773 51.76 -12.37 -45.24
N PHE B 774 51.69 -12.27 -43.92
CA PHE B 774 50.44 -12.01 -43.20
C PHE B 774 49.98 -10.57 -43.47
N ASN B 775 48.68 -10.31 -43.48
CA ASN B 775 48.12 -9.02 -43.89
C ASN B 775 47.20 -8.43 -42.83
N PHE B 776 47.76 -7.62 -41.93
CA PHE B 776 47.00 -6.98 -40.86
C PHE B 776 46.31 -5.68 -41.27
N SER B 777 46.32 -5.27 -42.53
CA SER B 777 45.79 -3.96 -42.94
C SER B 777 44.30 -3.74 -42.59
N GLN B 778 43.54 -4.83 -42.42
CA GLN B 778 42.13 -4.78 -42.05
C GLN B 778 41.91 -4.65 -40.54
N ILE B 779 42.93 -4.90 -39.71
CA ILE B 779 42.85 -4.85 -38.24
C ILE B 779 43.73 -3.75 -37.61
N LEU B 780 44.79 -3.30 -38.29
CA LEU B 780 45.60 -2.15 -37.89
C LEU B 780 44.90 -0.83 -38.23
N PRO B 781 45.15 0.26 -37.50
CA PRO B 781 44.46 1.53 -37.73
C PRO B 781 44.76 2.12 -39.10
N ASP B 782 43.77 2.75 -39.71
CA ASP B 782 43.91 3.45 -40.98
C ASP B 782 44.10 4.96 -40.72
N PRO B 783 45.25 5.55 -41.06
CA PRO B 783 45.54 6.95 -40.76
C PRO B 783 44.69 7.94 -41.58
N SER B 784 44.02 7.49 -42.64
CA SER B 784 43.19 8.36 -43.49
C SER B 784 41.85 8.76 -42.84
N LYS B 785 41.39 8.04 -41.81
CA LYS B 785 40.09 8.27 -41.17
C LYS B 785 40.08 9.52 -40.29
N SER B 787 38.78 8.79 -34.41
CA SER B 787 38.25 8.02 -35.53
C SER B 787 39.30 7.21 -36.29
N LYS B 788 40.55 7.18 -35.84
CA LYS B 788 41.64 6.39 -36.43
C LYS B 788 41.54 4.89 -36.15
N ARG B 789 40.34 4.32 -36.28
CA ARG B 789 40.03 2.89 -36.12
C ARG B 789 40.55 2.07 -37.30
N SER B 790 40.68 0.76 -37.13
CA SER B 790 40.95 -0.15 -38.27
C SER B 790 39.73 -0.31 -39.17
N PHE B 791 39.84 -1.10 -40.23
CA PHE B 791 38.69 -1.42 -41.07
C PHE B 791 37.65 -2.24 -40.31
N ILE B 792 38.02 -3.40 -39.75
CA ILE B 792 37.09 -4.25 -38.99
C ILE B 792 36.58 -3.50 -37.77
N GLU B 793 37.42 -2.74 -37.10
CA GLU B 793 37.06 -1.90 -35.96
C GLU B 793 36.08 -0.78 -36.32
N ASP B 794 35.88 -0.46 -37.60
CA ASP B 794 34.80 0.42 -38.08
C ASP B 794 33.51 -0.34 -38.39
N LEU B 795 33.57 -1.53 -39.00
CA LEU B 795 32.37 -2.36 -39.19
C LEU B 795 31.70 -2.65 -37.86
N LEU B 796 32.49 -2.96 -36.83
CA LEU B 796 32.02 -3.18 -35.47
C LEU B 796 31.30 -1.96 -34.88
N PHE B 797 31.63 -0.73 -35.28
CA PHE B 797 30.90 0.47 -34.87
C PHE B 797 29.63 0.67 -35.69
N ASN B 798 29.67 0.46 -37.01
CA ASN B 798 28.49 0.63 -37.87
C ASN B 798 27.38 -0.39 -37.60
N LYS B 799 27.71 -1.60 -37.11
CA LYS B 799 26.72 -2.64 -36.78
C LYS B 799 25.92 -2.40 -35.49
N VAL B 800 26.22 -1.39 -34.67
CA VAL B 800 25.60 -1.16 -33.35
C VAL B 800 24.97 0.22 -33.25
N THR B 801 23.82 0.34 -32.56
CA THR B 801 23.10 1.62 -32.36
C THR B 801 23.99 2.71 -31.75
N LYS B 828 14.34 12.11 -21.95
CA LYS B 828 15.68 11.84 -21.42
C LYS B 828 16.24 13.02 -20.60
N PHE B 829 15.38 13.99 -20.27
CA PHE B 829 15.76 15.25 -19.60
C PHE B 829 15.13 15.41 -18.20
N ASN B 830 14.44 14.39 -17.71
CA ASN B 830 13.76 14.37 -16.41
C ASN B 830 14.72 14.10 -15.24
N GLY B 831 15.77 14.91 -15.09
CA GLY B 831 16.86 14.67 -14.14
C GLY B 831 17.84 13.56 -14.55
N LEU B 832 17.54 12.78 -15.58
CA LEU B 832 18.44 11.82 -16.21
C LEU B 832 19.64 12.54 -16.83
N THR B 833 20.83 11.98 -16.68
CA THR B 833 22.05 12.43 -17.34
C THR B 833 22.85 11.22 -17.81
N VAL B 834 23.42 11.30 -19.00
CA VAL B 834 24.40 10.33 -19.50
C VAL B 834 25.75 11.01 -19.47
N LEU B 835 26.68 10.43 -18.73
CA LEU B 835 28.03 10.97 -18.55
C LEU B 835 28.97 10.37 -19.60
N PRO B 836 30.00 11.10 -20.06
CA PRO B 836 30.96 10.57 -21.00
C PRO B 836 31.88 9.54 -20.33
N PRO B 837 32.41 8.54 -21.06
CA PRO B 837 33.45 7.67 -20.57
C PRO B 837 34.74 8.46 -20.33
N LEU B 838 35.63 8.02 -19.46
CA LEU B 838 36.91 8.68 -19.26
C LEU B 838 37.75 8.62 -20.53
N LEU B 839 37.86 7.44 -21.14
CA LEU B 839 38.59 7.24 -22.39
C LEU B 839 37.66 7.44 -23.58
N THR B 840 37.93 8.42 -24.43
CA THR B 840 37.22 8.63 -25.69
C THR B 840 37.25 7.38 -26.55
N ASP B 841 36.27 7.09 -27.39
CA ASP B 841 36.33 5.92 -28.27
C ASP B 841 37.55 5.92 -29.20
N GLU B 842 38.09 7.09 -29.53
CA GLU B 842 39.38 7.21 -30.22
C GLU B 842 40.59 6.89 -29.34
N MET B 843 40.57 7.13 -28.02
CA MET B 843 41.61 6.64 -27.11
C MET B 843 41.55 5.14 -26.96
N ILE B 844 40.36 4.53 -26.91
CA ILE B 844 40.23 3.08 -26.96
C ILE B 844 40.88 2.54 -28.24
N ALA B 845 40.66 3.19 -29.38
CA ALA B 845 41.31 2.82 -30.63
C ALA B 845 42.84 3.05 -30.64
N GLN B 846 43.40 3.90 -29.77
CA GLN B 846 44.85 3.95 -29.58
C GLN B 846 45.33 2.77 -28.74
N TYR B 847 44.66 2.41 -27.66
CA TYR B 847 45.05 1.23 -26.89
C TYR B 847 44.95 -0.04 -27.71
N THR B 848 43.87 -0.29 -28.45
CA THR B 848 43.80 -1.48 -29.29
C THR B 848 44.85 -1.45 -30.38
N SER B 849 45.20 -0.30 -30.94
CA SER B 849 46.36 -0.18 -31.83
C SER B 849 47.68 -0.54 -31.13
N ALA B 850 47.94 -0.05 -29.91
CA ALA B 850 49.17 -0.35 -29.20
C ALA B 850 49.28 -1.82 -28.79
N LEU B 851 48.22 -2.40 -28.27
CA LEU B 851 48.14 -3.83 -27.99
C LEU B 851 48.42 -4.64 -29.24
N LEU B 852 47.87 -4.23 -30.38
CA LEU B 852 48.05 -4.92 -31.64
C LEU B 852 49.44 -4.71 -32.23
N ALA B 853 50.03 -3.53 -32.14
CA ALA B 853 51.37 -3.26 -32.62
C ALA B 853 52.43 -3.96 -31.78
N GLY B 854 52.25 -4.07 -30.46
CA GLY B 854 53.06 -4.95 -29.62
C GLY B 854 52.91 -6.40 -30.08
N THR B 855 51.67 -6.89 -30.20
CA THR B 855 51.38 -8.27 -30.58
C THR B 855 51.94 -8.67 -31.93
N ILE B 856 52.04 -7.77 -32.89
CA ILE B 856 52.60 -8.06 -34.22
C ILE B 856 54.12 -7.96 -34.21
N THR B 857 54.70 -6.88 -33.66
CA THR B 857 56.15 -6.64 -33.77
C THR B 857 56.98 -7.31 -32.69
N SER B 858 56.39 -7.80 -31.60
CA SER B 858 57.13 -8.18 -30.40
C SER B 858 56.53 -9.34 -29.62
N GLY B 859 55.72 -10.19 -30.23
CA GLY B 859 55.21 -11.41 -29.58
C GLY B 859 54.43 -11.14 -28.30
N TRP B 860 54.60 -12.01 -27.32
CA TRP B 860 54.06 -11.84 -25.97
C TRP B 860 54.93 -10.96 -25.07
N THR B 861 56.19 -10.75 -25.42
CA THR B 861 57.14 -10.16 -24.47
C THR B 861 56.87 -8.70 -24.15
N PHE B 862 55.99 -7.99 -24.86
CA PHE B 862 55.56 -6.65 -24.43
C PHE B 862 54.67 -6.67 -23.19
N GLY B 863 54.06 -7.81 -22.84
CA GLY B 863 53.34 -7.98 -21.57
C GLY B 863 54.27 -8.30 -20.41
N ALA B 864 55.24 -9.18 -20.64
CA ALA B 864 56.22 -9.62 -19.65
C ALA B 864 57.28 -8.59 -19.28
N GLY B 865 57.61 -7.64 -20.15
CA GLY B 865 58.68 -6.68 -19.93
C GLY B 865 58.80 -5.65 -21.04
N ALA B 866 60.02 -5.39 -21.50
CA ALA B 866 60.26 -4.56 -22.67
C ALA B 866 59.74 -5.23 -23.95
N ALA B 867 59.22 -4.48 -24.91
CA ALA B 867 58.71 -5.03 -26.16
C ALA B 867 59.84 -5.41 -27.11
N LEU B 868 60.52 -6.53 -26.85
CA LEU B 868 61.63 -7.00 -27.65
C LEU B 868 61.13 -7.33 -29.06
N GLN B 869 61.66 -6.73 -30.13
CA GLN B 869 61.18 -7.06 -31.46
C GLN B 869 61.53 -8.51 -31.83
N ILE B 870 60.73 -9.11 -32.71
CA ILE B 870 60.97 -10.43 -33.30
C ILE B 870 60.21 -10.47 -34.63
N PRO B 871 60.82 -10.91 -35.74
CA PRO B 871 60.16 -10.89 -37.03
C PRO B 871 58.97 -11.85 -37.04
N PHE B 872 57.87 -11.51 -37.70
CA PHE B 872 56.60 -12.21 -37.46
C PHE B 872 56.63 -13.70 -37.82
N ALA B 873 57.33 -14.10 -38.88
CA ALA B 873 57.47 -15.52 -39.22
C ALA B 873 58.26 -16.32 -38.17
N MET B 874 58.98 -15.68 -37.26
CA MET B 874 59.56 -16.32 -36.08
C MET B 874 58.62 -16.28 -34.90
N GLN B 875 57.82 -15.25 -34.75
CA GLN B 875 56.76 -15.26 -33.76
C GLN B 875 55.76 -16.37 -34.01
N MET B 876 55.21 -16.53 -35.22
CA MET B 876 54.26 -17.64 -35.45
C MET B 876 54.94 -19.00 -35.30
N ALA B 877 56.23 -19.14 -35.54
CA ALA B 877 56.93 -20.38 -35.21
C ALA B 877 57.01 -20.63 -33.71
N TYR B 878 57.12 -19.61 -32.86
CA TYR B 878 56.97 -19.79 -31.41
C TYR B 878 55.52 -20.15 -31.05
N ARG B 879 54.51 -19.54 -31.70
CA ARG B 879 53.10 -19.92 -31.50
C ARG B 879 52.84 -21.37 -31.89
N PHE B 880 53.38 -21.87 -33.00
CA PHE B 880 53.28 -23.27 -33.41
C PHE B 880 53.99 -24.19 -32.43
N ASN B 881 55.22 -23.87 -32.04
CA ASN B 881 55.92 -24.66 -31.04
C ASN B 881 55.14 -24.72 -29.72
N GLY B 882 54.41 -23.67 -29.36
CA GLY B 882 53.57 -23.61 -28.17
C GLY B 882 52.36 -24.55 -28.16
N ILE B 883 51.90 -25.01 -29.33
CA ILE B 883 50.80 -26.00 -29.46
C ILE B 883 51.33 -27.41 -29.79
N GLY B 884 52.62 -27.67 -29.64
CA GLY B 884 53.19 -28.99 -29.90
C GLY B 884 53.22 -29.37 -31.39
N VAL B 885 53.32 -28.38 -32.28
CA VAL B 885 53.59 -28.58 -33.70
C VAL B 885 55.00 -28.07 -33.97
N THR B 886 55.90 -28.91 -34.46
CA THR B 886 57.31 -28.55 -34.61
C THR B 886 57.46 -27.42 -35.62
N GLN B 887 58.26 -26.40 -35.32
CA GLN B 887 58.24 -25.15 -36.07
C GLN B 887 58.56 -25.28 -37.56
N ASN B 888 59.26 -26.31 -38.01
CA ASN B 888 59.48 -26.52 -39.42
C ASN B 888 58.17 -26.68 -40.19
N VAL B 889 57.12 -27.20 -39.56
CA VAL B 889 55.77 -27.27 -40.14
C VAL B 889 55.28 -25.89 -40.53
N LEU B 890 55.64 -24.82 -39.82
CA LEU B 890 55.31 -23.48 -40.28
C LEU B 890 56.16 -23.07 -41.46
N TYR B 891 57.48 -23.14 -41.36
CA TYR B 891 58.34 -22.62 -42.43
C TYR B 891 58.14 -23.32 -43.76
N GLU B 892 57.93 -24.63 -43.73
CA GLU B 892 57.63 -25.39 -44.93
C GLU B 892 56.25 -25.06 -45.52
N ASN B 893 55.37 -24.41 -44.77
CA ASN B 893 54.01 -24.05 -45.18
C ASN B 893 53.74 -22.55 -45.05
N GLN B 894 54.75 -21.69 -44.95
CA GLN B 894 54.54 -20.31 -44.52
C GLN B 894 53.63 -19.54 -45.47
N LYS B 895 53.77 -19.70 -46.78
CA LYS B 895 52.93 -19.00 -47.76
C LYS B 895 51.47 -19.48 -47.72
N LEU B 896 51.25 -20.78 -47.56
CA LEU B 896 49.92 -21.34 -47.33
C LEU B 896 49.32 -20.84 -46.01
N ILE B 897 50.07 -20.82 -44.92
CA ILE B 897 49.63 -20.29 -43.63
C ILE B 897 49.27 -18.81 -43.76
N ALA B 898 50.07 -18.00 -44.46
CA ALA B 898 49.75 -16.62 -44.73
C ALA B 898 48.44 -16.49 -45.52
N ASN B 899 48.25 -17.24 -46.61
CA ASN B 899 47.00 -17.20 -47.39
C ASN B 899 45.79 -17.69 -46.59
N GLN B 900 45.92 -18.72 -45.76
CA GLN B 900 44.84 -19.14 -44.87
C GLN B 900 44.50 -18.04 -43.87
N PHE B 901 45.48 -17.42 -43.21
CA PHE B 901 45.20 -16.32 -42.30
C PHE B 901 44.55 -15.13 -43.03
N ASN B 902 45.15 -14.65 -44.12
CA ASN B 902 44.64 -13.50 -44.86
C ASN B 902 43.22 -13.73 -45.37
N SER B 903 42.91 -14.89 -45.96
CA SER B 903 41.56 -15.19 -46.42
C SER B 903 40.57 -15.39 -45.25
N ALA B 904 41.00 -15.95 -44.12
CA ALA B 904 40.17 -16.03 -42.93
C ALA B 904 39.85 -14.64 -42.36
N ILE B 905 40.81 -13.71 -42.34
CA ILE B 905 40.56 -12.30 -42.02
C ILE B 905 39.56 -11.69 -43.01
N GLY B 906 39.66 -12.00 -44.31
CA GLY B 906 38.69 -11.55 -45.30
C GLY B 906 37.24 -11.98 -44.98
N LYS B 907 37.04 -13.22 -44.52
CA LYS B 907 35.73 -13.70 -44.07
C LYS B 907 35.19 -12.93 -42.86
N ILE B 908 36.04 -12.29 -42.04
CA ILE B 908 35.56 -11.46 -40.93
C ILE B 908 34.91 -10.18 -41.45
N GLN B 909 35.51 -9.48 -42.42
CA GLN B 909 34.84 -8.36 -43.08
C GLN B 909 33.51 -8.80 -43.69
N ASP B 910 33.50 -9.89 -44.46
CA ASP B 910 32.29 -10.34 -45.14
C ASP B 910 31.19 -10.72 -44.14
N SER B 911 31.53 -11.39 -43.05
CA SER B 911 30.58 -11.74 -41.99
C SER B 911 30.02 -10.50 -41.29
N LEU B 912 30.88 -9.62 -40.79
CA LEU B 912 30.46 -8.40 -40.07
C LEU B 912 29.74 -7.40 -40.98
N SER B 913 30.09 -7.34 -42.27
CA SER B 913 29.38 -6.51 -43.24
C SER B 913 27.98 -7.08 -43.56
N SER B 914 27.86 -8.41 -43.71
CA SER B 914 26.62 -9.04 -44.16
C SER B 914 25.53 -9.15 -43.09
N THR B 915 25.87 -9.39 -41.82
CA THR B 915 24.86 -9.59 -40.76
C THR B 915 25.18 -8.88 -39.45
N ALA B 916 24.18 -8.24 -38.85
CA ALA B 916 24.26 -7.64 -37.52
C ALA B 916 24.23 -8.69 -36.38
N SER B 917 23.73 -9.90 -36.66
CA SER B 917 23.46 -10.95 -35.66
C SER B 917 24.68 -11.43 -34.88
N ALA B 918 25.90 -11.16 -35.36
CA ALA B 918 27.14 -11.46 -34.65
C ALA B 918 27.27 -10.65 -33.34
N LEU B 919 26.96 -9.35 -33.37
CA LEU B 919 27.14 -8.41 -32.26
C LEU B 919 25.96 -8.43 -31.27
N GLY B 920 25.19 -9.50 -31.22
CA GLY B 920 24.04 -9.65 -30.32
C GLY B 920 24.38 -9.39 -28.86
N LYS B 921 25.56 -9.77 -28.38
CA LYS B 921 25.99 -9.52 -26.99
C LYS B 921 26.10 -8.03 -26.66
N LEU B 922 26.65 -7.20 -27.54
CA LEU B 922 26.75 -5.76 -27.32
C LEU B 922 25.41 -5.07 -27.54
N GLN B 923 24.69 -5.41 -28.61
CA GLN B 923 23.40 -4.79 -28.89
C GLN B 923 22.36 -5.12 -27.81
N ASP B 924 22.39 -6.31 -27.21
CA ASP B 924 21.58 -6.65 -26.04
C ASP B 924 21.89 -5.75 -24.83
N VAL B 925 23.16 -5.49 -24.54
CA VAL B 925 23.54 -4.57 -23.45
C VAL B 925 23.13 -3.13 -23.73
N VAL B 926 23.15 -2.67 -24.97
CA VAL B 926 22.58 -1.36 -25.33
C VAL B 926 21.06 -1.37 -25.17
N ASN B 927 20.37 -2.37 -25.71
CA ASN B 927 18.92 -2.49 -25.64
C ASN B 927 18.41 -2.61 -24.21
N GLN B 928 19.06 -3.36 -23.32
CA GLN B 928 18.61 -3.47 -21.93
C GLN B 928 18.67 -2.14 -21.20
N ASN B 929 19.71 -1.34 -21.38
CA ASN B 929 19.78 -0.02 -20.75
C ASN B 929 18.78 0.96 -21.35
N ALA B 930 18.56 0.96 -22.67
CA ALA B 930 17.52 1.78 -23.27
C ALA B 930 16.12 1.38 -22.80
N GLN B 931 15.82 0.08 -22.73
CA GLN B 931 14.54 -0.44 -22.25
C GLN B 931 14.33 -0.23 -20.74
N ALA B 932 15.40 -0.24 -19.93
CA ALA B 932 15.33 0.12 -18.53
C ALA B 932 15.06 1.61 -18.33
N LEU B 933 15.76 2.51 -19.02
CA LEU B 933 15.47 3.94 -18.95
C LEU B 933 14.09 4.29 -19.49
N ASN B 934 13.65 3.75 -20.62
CA ASN B 934 12.29 4.03 -21.11
C ASN B 934 11.21 3.46 -20.17
N THR B 935 11.50 2.44 -19.37
CA THR B 935 10.61 2.03 -18.27
C THR B 935 10.64 3.06 -17.14
N LEU B 936 11.82 3.53 -16.72
CA LEU B 936 11.97 4.53 -15.67
C LEU B 936 11.27 5.84 -16.03
N VAL B 937 11.37 6.30 -17.27
CA VAL B 937 10.75 7.54 -17.72
C VAL B 937 9.25 7.36 -17.93
N LYS B 938 8.77 6.26 -18.52
CA LYS B 938 7.31 6.04 -18.58
C LYS B 938 6.68 5.90 -17.21
N GLN B 939 7.39 5.44 -16.18
CA GLN B 939 6.89 5.49 -14.81
C GLN B 939 6.70 6.90 -14.23
N LEU B 940 7.17 7.97 -14.87
CA LEU B 940 6.75 9.33 -14.51
C LEU B 940 5.29 9.61 -14.88
N SER B 941 4.73 8.93 -15.87
CA SER B 941 3.37 9.14 -16.35
C SER B 941 2.29 8.39 -15.55
N SER B 942 2.68 7.41 -14.72
CA SER B 942 1.78 6.61 -13.90
C SER B 942 1.21 7.39 -12.71
N ASN B 943 -0.06 7.18 -12.36
CA ASN B 943 -0.72 7.91 -11.28
C ASN B 943 -0.35 7.43 -9.87
N PHE B 944 -0.04 6.16 -9.67
CA PHE B 944 0.12 5.53 -8.35
C PHE B 944 -1.05 5.74 -7.37
N GLY B 945 -2.22 6.13 -7.87
CA GLY B 945 -3.40 6.49 -7.08
C GLY B 945 -3.49 7.97 -6.67
N ALA B 946 -2.61 8.84 -7.17
CA ALA B 946 -2.78 10.28 -7.06
C ALA B 946 -3.76 10.81 -8.13
N ILE B 947 -4.34 11.99 -7.93
CA ILE B 947 -5.33 12.56 -8.87
C ILE B 947 -4.80 12.82 -10.29
N SER B 948 -3.50 13.06 -10.45
CA SER B 948 -2.86 13.26 -11.75
C SER B 948 -1.36 13.05 -11.62
N SER B 949 -0.74 12.32 -12.54
CA SER B 949 0.69 12.06 -12.56
C SER B 949 1.55 13.25 -12.99
N VAL B 950 0.95 14.35 -13.45
CA VAL B 950 1.68 15.60 -13.70
C VAL B 950 1.74 16.40 -12.41
N LEU B 951 2.90 16.50 -11.77
CA LEU B 951 3.02 17.11 -10.43
C LEU B 951 2.54 18.56 -10.39
N ASN B 952 2.73 19.32 -11.47
CA ASN B 952 2.19 20.68 -11.57
C ASN B 952 0.65 20.74 -11.62
N ASP B 953 -0.07 19.69 -12.00
CA ASP B 953 -1.54 19.68 -11.85
C ASP B 953 -1.92 19.74 -10.39
N ILE B 954 -1.36 18.86 -9.55
CA ILE B 954 -1.71 18.78 -8.14
C ILE B 954 -1.47 20.13 -7.47
N LEU B 955 -0.30 20.72 -7.71
CA LEU B 955 0.09 22.02 -7.16
C LEU B 955 -0.75 23.17 -7.73
N SER B 956 -1.21 23.07 -8.98
CA SER B 956 -2.12 24.06 -9.56
C SER B 956 -3.54 23.96 -9.01
N ARG B 957 -3.99 22.76 -8.63
CA ARG B 957 -5.39 22.46 -8.28
C ARG B 957 -5.71 22.49 -6.81
N LEU B 958 -4.84 21.99 -5.93
CA LEU B 958 -5.18 21.69 -4.53
C LEU B 958 -4.47 22.59 -3.52
N ASP B 959 -5.12 22.90 -2.39
CA ASP B 959 -4.44 23.60 -1.30
C ASP B 959 -3.38 22.69 -0.64
N PRO B 960 -2.30 23.22 -0.04
CA PRO B 960 -1.20 22.42 0.49
C PRO B 960 -1.58 21.23 1.40
N PRO B 961 -2.57 21.31 2.30
CA PRO B 961 -2.95 20.17 3.15
C PRO B 961 -3.57 19.01 2.36
N GLU B 962 -4.22 19.30 1.23
CA GLU B 962 -4.77 18.29 0.33
C GLU B 962 -3.69 17.80 -0.63
N ALA B 963 -2.87 18.71 -1.16
CA ALA B 963 -1.79 18.39 -2.07
C ALA B 963 -0.76 17.46 -1.44
N GLU B 964 -0.41 17.62 -0.16
CA GLU B 964 0.49 16.70 0.54
C GLU B 964 0.03 15.24 0.42
N VAL B 965 -1.26 14.95 0.60
CA VAL B 965 -1.77 13.58 0.53
C VAL B 965 -1.57 12.97 -0.85
N GLN B 966 -1.73 13.76 -1.90
CA GLN B 966 -1.53 13.34 -3.29
C GLN B 966 -0.04 13.25 -3.66
N ILE B 967 0.76 14.25 -3.30
CA ILE B 967 2.18 14.30 -3.61
C ILE B 967 2.92 13.21 -2.85
N ASP B 968 2.60 12.91 -1.59
CA ASP B 968 3.19 11.78 -0.87
C ASP B 968 2.99 10.47 -1.64
N ARG B 969 1.90 10.35 -2.37
CA ARG B 969 1.53 9.16 -3.15
C ARG B 969 2.30 9.07 -4.46
N LEU B 970 2.51 10.19 -5.16
CA LEU B 970 3.48 10.23 -6.28
C LEU B 970 4.91 9.98 -5.81
N ILE B 971 5.35 10.60 -4.71
CA ILE B 971 6.69 10.38 -4.17
C ILE B 971 6.88 8.91 -3.86
N THR B 972 5.96 8.28 -3.14
CA THR B 972 6.07 6.85 -2.80
C THR B 972 6.20 5.98 -4.04
N GLY B 973 5.42 6.25 -5.09
CA GLY B 973 5.50 5.50 -6.34
C GLY B 973 6.78 5.73 -7.11
N ARG B 974 7.15 6.99 -7.37
CA ARG B 974 8.37 7.33 -8.11
C ARG B 974 9.61 6.91 -7.37
N LEU B 975 9.68 7.06 -6.06
CA LEU B 975 10.80 6.59 -5.24
C LEU B 975 10.92 5.07 -5.32
N GLN B 976 9.83 4.32 -5.17
CA GLN B 976 9.87 2.87 -5.35
C GLN B 976 10.26 2.48 -6.78
N SER B 977 9.87 3.25 -7.79
CA SER B 977 10.26 3.00 -9.17
C SER B 977 11.71 3.36 -9.45
N LEU B 978 12.30 4.30 -8.72
CA LEU B 978 13.73 4.59 -8.82
C LEU B 978 14.54 3.54 -8.07
N GLN B 979 14.16 3.15 -6.85
CA GLN B 979 14.78 2.05 -6.11
C GLN B 979 14.77 0.76 -6.91
N THR B 980 13.69 0.49 -7.64
CA THR B 980 13.62 -0.65 -8.54
C THR B 980 14.63 -0.51 -9.65
N TYR B 981 14.66 0.61 -10.37
CA TYR B 981 15.63 0.81 -11.45
C TYR B 981 17.07 0.70 -10.97
N VAL B 982 17.49 1.44 -9.94
CA VAL B 982 18.88 1.33 -9.47
C VAL B 982 19.20 -0.05 -8.90
N THR B 983 18.24 -0.80 -8.37
CA THR B 983 18.49 -2.20 -8.00
C THR B 983 18.74 -3.06 -9.22
N GLN B 984 17.93 -2.98 -10.27
CA GLN B 984 18.23 -3.73 -11.51
C GLN B 984 19.57 -3.28 -12.07
N GLN B 985 19.89 -1.99 -11.99
CA GLN B 985 21.11 -1.43 -12.54
C GLN B 985 22.35 -1.83 -11.76
N LEU B 986 22.28 -2.04 -10.45
CA LEU B 986 23.37 -2.62 -9.66
C LEU B 986 23.61 -4.08 -10.04
N ILE B 987 22.56 -4.86 -10.25
CA ILE B 987 22.66 -6.26 -10.65
C ILE B 987 23.19 -6.37 -12.08
N ARG B 988 22.75 -5.53 -13.01
CA ARG B 988 23.27 -5.48 -14.39
C ARG B 988 24.71 -4.98 -14.44
N ALA B 989 25.09 -3.98 -13.66
CA ALA B 989 26.48 -3.56 -13.58
C ALA B 989 27.37 -4.66 -13.02
N ALA B 990 26.91 -5.47 -12.06
CA ALA B 990 27.67 -6.61 -11.58
C ALA B 990 27.92 -7.65 -12.67
N GLU B 991 26.96 -7.94 -13.54
CA GLU B 991 27.21 -8.90 -14.62
C GLU B 991 28.03 -8.34 -15.78
N ILE B 992 28.01 -7.04 -16.04
CA ILE B 992 28.97 -6.41 -16.96
C ILE B 992 30.37 -6.36 -16.37
N ARG B 993 30.54 -6.09 -15.08
CA ARG B 993 31.84 -6.25 -14.40
C ARG B 993 32.33 -7.71 -14.40
N ALA B 994 31.46 -8.69 -14.63
CA ALA B 994 31.84 -10.08 -14.83
C ALA B 994 32.12 -10.48 -16.28
N SER B 995 31.68 -9.71 -17.28
CA SER B 995 32.15 -9.85 -18.69
C SER B 995 33.41 -9.01 -18.93
N ALA B 996 33.58 -7.85 -18.29
CA ALA B 996 34.91 -7.36 -17.98
C ALA B 996 35.50 -8.32 -16.91
N ASN B 997 36.77 -8.25 -16.52
CA ASN B 997 37.49 -9.38 -15.89
C ASN B 997 37.60 -10.63 -16.78
N LEU B 998 36.52 -11.18 -17.34
CA LEU B 998 36.61 -12.17 -18.40
C LEU B 998 37.27 -11.59 -19.64
N ALA B 999 36.86 -10.42 -20.12
CA ALA B 999 37.54 -9.74 -21.21
C ALA B 999 38.93 -9.23 -20.84
N ALA B 1000 39.18 -8.83 -19.59
CA ALA B 1000 40.51 -8.41 -19.16
C ALA B 1000 41.48 -9.59 -19.06
N THR B 1001 41.02 -10.79 -18.72
CA THR B 1001 41.85 -12.00 -18.75
C THR B 1001 41.96 -12.58 -20.16
N LYS B 1002 40.95 -12.50 -21.03
CA LYS B 1002 41.19 -12.80 -22.46
C LYS B 1002 42.18 -11.83 -23.07
N MET B 1003 42.19 -10.57 -22.67
CA MET B 1003 43.24 -9.64 -23.08
C MET B 1003 44.59 -10.09 -22.57
N SER B 1004 44.75 -10.31 -21.27
CA SER B 1004 46.07 -10.61 -20.74
C SER B 1004 46.57 -12.00 -21.08
N GLU B 1005 45.72 -12.96 -21.41
CA GLU B 1005 46.12 -14.33 -21.74
C GLU B 1005 46.07 -14.62 -23.23
N CYS B 1006 45.02 -14.26 -23.95
CA CYS B 1006 44.92 -14.55 -25.38
C CYS B 1006 45.73 -13.58 -26.24
N VAL B 1007 45.75 -12.28 -25.90
CA VAL B 1007 46.49 -11.26 -26.66
C VAL B 1007 47.93 -11.15 -26.20
N LEU B 1008 48.16 -10.81 -24.92
CA LEU B 1008 49.50 -10.62 -24.34
C LEU B 1008 50.30 -11.92 -24.15
N GLY B 1009 49.73 -13.08 -24.48
CA GLY B 1009 50.36 -14.38 -24.33
C GLY B 1009 49.85 -15.36 -25.35
N GLN B 1010 49.88 -16.64 -25.02
CA GLN B 1010 49.26 -17.71 -25.78
C GLN B 1010 48.64 -18.68 -24.79
N SER B 1011 47.33 -18.57 -24.52
CA SER B 1011 46.70 -19.40 -23.50
C SER B 1011 46.72 -20.88 -23.89
N LYS B 1012 47.13 -21.74 -22.96
CA LYS B 1012 47.06 -23.20 -23.08
C LYS B 1012 45.66 -23.76 -22.83
N ARG B 1013 44.72 -22.91 -22.39
CA ARG B 1013 43.43 -23.28 -21.80
C ARG B 1013 42.42 -23.62 -22.89
N VAL B 1014 41.98 -24.88 -22.96
CA VAL B 1014 41.11 -25.34 -24.05
C VAL B 1014 39.81 -24.55 -24.13
N ASP B 1015 39.44 -24.13 -25.33
CA ASP B 1015 38.31 -23.26 -25.68
C ASP B 1015 38.24 -21.91 -24.96
N PHE B 1016 39.23 -21.49 -24.17
CA PHE B 1016 39.24 -20.12 -23.62
C PHE B 1016 39.43 -19.08 -24.72
N CYS B 1017 40.40 -19.28 -25.60
CA CYS B 1017 40.70 -18.39 -26.72
C CYS B 1017 40.24 -19.00 -28.05
N GLY B 1018 38.95 -19.27 -28.19
CA GLY B 1018 38.33 -19.81 -29.42
C GLY B 1018 38.59 -21.30 -29.64
N LYS B 1019 37.69 -21.98 -30.34
CA LYS B 1019 37.82 -23.42 -30.64
C LYS B 1019 39.03 -23.72 -31.53
N GLY B 1020 39.71 -24.84 -31.29
CA GLY B 1020 41.02 -25.15 -31.87
C GLY B 1020 42.15 -24.92 -30.87
N TYR B 1021 43.37 -25.26 -31.25
CA TYR B 1021 44.55 -24.89 -30.45
C TYR B 1021 44.83 -23.41 -30.67
N HIS B 1022 45.12 -22.66 -29.63
CA HIS B 1022 45.27 -21.21 -29.74
C HIS B 1022 46.61 -20.82 -30.34
N LEU B 1023 46.65 -19.96 -31.36
CA LEU B 1023 47.89 -19.35 -31.83
C LEU B 1023 48.07 -17.95 -31.26
N MET B 1024 47.18 -17.01 -31.54
CA MET B 1024 47.28 -15.63 -31.04
C MET B 1024 45.97 -14.88 -31.20
N SER B 1025 45.77 -13.77 -30.52
CA SER B 1025 44.55 -12.97 -30.72
C SER B 1025 44.86 -11.52 -30.96
N PHE B 1026 43.99 -10.86 -31.70
CA PHE B 1026 44.02 -9.41 -31.90
C PHE B 1026 42.80 -8.79 -31.27
N PRO B 1027 42.91 -7.83 -30.36
CA PRO B 1027 41.77 -7.10 -29.87
C PRO B 1027 41.35 -6.06 -30.90
N GLN B 1028 40.07 -5.79 -31.01
CA GLN B 1028 39.50 -4.68 -31.76
C GLN B 1028 38.49 -3.99 -30.86
N SER B 1029 38.42 -2.67 -30.88
CA SER B 1029 37.42 -1.92 -30.15
C SER B 1029 36.02 -2.22 -30.69
N ALA B 1030 35.01 -2.13 -29.86
CA ALA B 1030 33.62 -2.06 -30.29
C ALA B 1030 32.87 -1.16 -29.30
N PRO B 1031 31.77 -0.51 -29.69
CA PRO B 1031 31.07 0.38 -28.80
C PRO B 1031 30.58 -0.39 -27.57
N HIS B 1032 30.99 0.04 -26.39
CA HIS B 1032 30.64 -0.59 -25.11
C HIS B 1032 31.12 -2.03 -24.93
N GLY B 1033 32.17 -2.43 -25.65
CA GLY B 1033 32.68 -3.80 -25.59
C GLY B 1033 34.08 -3.95 -26.15
N VAL B 1034 34.50 -5.18 -26.37
CA VAL B 1034 35.73 -5.53 -27.05
C VAL B 1034 35.48 -6.76 -27.90
N VAL B 1035 36.24 -6.90 -28.98
CA VAL B 1035 36.14 -8.02 -29.90
C VAL B 1035 37.50 -8.62 -30.08
N PHE B 1036 37.62 -9.93 -29.95
CA PHE B 1036 38.86 -10.64 -30.14
C PHE B 1036 38.78 -11.41 -31.42
N LEU B 1037 39.79 -11.33 -32.26
CA LEU B 1037 39.91 -12.16 -33.45
C LEU B 1037 40.86 -13.31 -33.11
N HIS B 1038 40.36 -14.38 -32.48
CA HIS B 1038 41.22 -15.46 -32.00
C HIS B 1038 41.71 -16.30 -33.16
N VAL B 1039 43.00 -16.20 -33.51
CA VAL B 1039 43.64 -17.03 -34.51
C VAL B 1039 43.98 -18.38 -33.90
N THR B 1040 43.45 -19.46 -34.47
CA THR B 1040 43.54 -20.80 -33.90
C THR B 1040 43.92 -21.82 -34.95
N TYR B 1041 44.81 -22.76 -34.63
CA TYR B 1041 45.16 -23.88 -35.47
C TYR B 1041 44.13 -24.98 -35.27
N VAL B 1042 43.53 -25.49 -36.33
CA VAL B 1042 42.59 -26.61 -36.29
C VAL B 1042 43.10 -27.73 -37.20
N PRO B 1043 43.41 -28.93 -36.69
CA PRO B 1043 43.83 -30.05 -37.52
C PRO B 1043 42.68 -30.51 -38.43
N ALA B 1044 42.96 -30.86 -39.70
CA ALA B 1044 41.92 -30.74 -40.75
C ALA B 1044 41.73 -31.90 -41.72
N GLN B 1045 42.70 -32.77 -41.95
CA GLN B 1045 42.59 -33.88 -42.91
C GLN B 1045 43.18 -35.17 -42.34
N GLU B 1046 42.50 -35.83 -41.42
CA GLU B 1046 43.03 -37.03 -40.79
C GLU B 1046 43.09 -38.26 -41.69
N LYS B 1047 44.14 -39.07 -41.47
CA LYS B 1047 44.30 -40.42 -42.01
C LYS B 1047 44.37 -41.41 -40.85
N ASN B 1048 43.84 -42.62 -41.02
CA ASN B 1048 44.00 -43.69 -40.04
C ASN B 1048 45.41 -44.26 -40.12
N PHE B 1049 45.95 -44.76 -39.00
CA PHE B 1049 47.19 -45.52 -38.96
C PHE B 1049 47.12 -46.61 -37.90
N THR B 1050 47.86 -47.69 -38.08
CA THR B 1050 48.11 -48.66 -37.00
C THR B 1050 49.14 -48.06 -36.05
N THR B 1051 49.06 -48.33 -34.75
CA THR B 1051 49.92 -47.73 -33.72
C THR B 1051 50.23 -48.71 -32.60
N ALA B 1052 51.30 -48.48 -31.85
CA ALA B 1052 51.71 -49.29 -30.71
C ALA B 1052 52.36 -48.40 -29.66
N PRO B 1053 52.20 -48.68 -28.35
CA PRO B 1053 52.67 -47.79 -27.29
C PRO B 1053 54.19 -47.68 -27.24
N ALA B 1054 54.91 -48.69 -27.69
CA ALA B 1054 56.36 -48.79 -27.72
C ALA B 1054 56.77 -49.66 -28.90
N ILE B 1055 58.04 -49.67 -29.29
CA ILE B 1055 58.57 -50.75 -30.14
C ILE B 1055 59.63 -51.56 -29.41
N CYS B 1056 59.51 -52.88 -29.45
CA CYS B 1056 60.53 -53.78 -28.96
C CYS B 1056 61.66 -53.85 -29.99
N HIS B 1057 62.91 -53.73 -29.54
CA HIS B 1057 64.09 -53.95 -30.38
C HIS B 1057 64.87 -55.19 -29.92
N ASP B 1058 66.15 -55.08 -29.54
CA ASP B 1058 66.93 -56.18 -28.97
C ASP B 1058 66.60 -56.36 -27.48
N GLY B 1059 65.37 -56.75 -27.18
CA GLY B 1059 64.84 -56.93 -25.83
C GLY B 1059 64.51 -55.62 -25.08
N LYS B 1060 65.17 -54.51 -25.44
CA LYS B 1060 64.82 -53.16 -25.00
C LYS B 1060 63.45 -52.76 -25.54
N ALA B 1061 62.64 -52.07 -24.75
CA ALA B 1061 61.45 -51.40 -25.24
C ALA B 1061 61.76 -49.92 -25.45
N HIS B 1062 61.49 -49.39 -26.65
CA HIS B 1062 61.71 -47.99 -27.00
C HIS B 1062 60.38 -47.23 -27.03
N PHE B 1063 60.32 -46.10 -26.36
CA PHE B 1063 59.16 -45.22 -26.30
C PHE B 1063 59.50 -43.90 -27.01
N PRO B 1064 58.57 -43.23 -27.70
CA PRO B 1064 58.88 -42.00 -28.42
C PRO B 1064 59.10 -40.84 -27.44
N ARG B 1065 60.00 -39.91 -27.73
CA ARG B 1065 60.18 -38.71 -26.88
C ARG B 1065 58.95 -37.79 -26.90
N GLU B 1066 58.82 -36.96 -27.92
CA GLU B 1066 57.65 -36.09 -28.11
C GLU B 1066 56.61 -36.65 -29.08
N GLY B 1067 56.98 -37.63 -29.91
CA GLY B 1067 56.11 -38.17 -30.96
C GLY B 1067 55.13 -39.25 -30.50
N VAL B 1068 54.63 -40.00 -31.48
CA VAL B 1068 53.84 -41.22 -31.35
C VAL B 1068 54.21 -42.18 -32.46
N PHE B 1069 54.24 -43.48 -32.22
CA PHE B 1069 54.54 -44.44 -33.28
C PHE B 1069 53.33 -44.67 -34.16
N VAL B 1070 53.53 -44.78 -35.46
CA VAL B 1070 52.50 -45.12 -36.43
C VAL B 1070 53.06 -46.02 -37.50
N SER B 1071 52.20 -46.74 -38.19
CA SER B 1071 52.54 -47.49 -39.38
C SER B 1071 51.51 -47.29 -40.47
N ASN B 1072 51.97 -47.22 -41.71
CA ASN B 1072 51.14 -47.26 -42.91
C ASN B 1072 50.78 -48.71 -43.33
N GLY B 1073 51.03 -49.69 -42.45
CA GLY B 1073 50.81 -51.12 -42.68
C GLY B 1073 52.08 -51.90 -43.03
N THR B 1074 53.09 -51.26 -43.63
CA THR B 1074 54.34 -51.94 -44.03
C THR B 1074 55.56 -51.44 -43.25
N HIS B 1075 55.65 -50.14 -43.00
CA HIS B 1075 56.78 -49.49 -42.33
C HIS B 1075 56.32 -48.83 -41.04
N TRP B 1076 57.19 -48.75 -40.05
CA TRP B 1076 56.95 -48.07 -38.79
C TRP B 1076 57.73 -46.75 -38.73
N PHE B 1077 57.06 -45.72 -38.24
CA PHE B 1077 57.58 -44.36 -38.11
C PHE B 1077 57.22 -43.81 -36.75
N VAL B 1078 57.98 -42.83 -36.28
CA VAL B 1078 57.53 -41.92 -35.21
C VAL B 1078 57.14 -40.61 -35.86
N THR B 1079 56.02 -40.03 -35.45
CA THR B 1079 55.54 -38.75 -35.96
C THR B 1079 55.25 -37.83 -34.80
N GLN B 1080 55.29 -36.53 -34.98
CA GLN B 1080 54.68 -35.61 -34.02
C GLN B 1080 53.17 -35.85 -33.95
N ARG B 1081 52.52 -35.43 -32.86
CA ARG B 1081 51.16 -35.87 -32.53
C ARG B 1081 50.04 -35.10 -33.23
N ASN B 1082 50.28 -33.85 -33.64
CA ASN B 1082 49.27 -32.92 -34.17
C ASN B 1082 49.44 -32.59 -35.67
N PHE B 1083 50.31 -33.30 -36.38
CA PHE B 1083 50.54 -33.16 -37.81
C PHE B 1083 51.31 -34.38 -38.29
N TYR B 1084 50.89 -35.06 -39.34
CA TYR B 1084 51.61 -36.25 -39.81
C TYR B 1084 52.95 -35.86 -40.41
N GLU B 1085 54.03 -36.31 -39.78
CA GLU B 1085 55.42 -35.99 -40.10
C GLU B 1085 56.25 -37.25 -39.83
N PRO B 1086 56.15 -38.28 -40.67
CA PRO B 1086 56.78 -39.55 -40.39
C PRO B 1086 58.30 -39.42 -40.43
N GLN B 1087 58.95 -39.87 -39.36
CA GLN B 1087 60.40 -39.95 -39.24
C GLN B 1087 60.81 -41.40 -39.01
N ILE B 1088 61.97 -41.78 -39.55
CA ILE B 1088 62.60 -43.08 -39.27
C ILE B 1088 62.84 -43.18 -37.77
N ILE B 1089 62.57 -44.34 -37.18
CA ILE B 1089 62.72 -44.52 -35.74
C ILE B 1089 64.19 -44.70 -35.40
N THR B 1090 64.73 -43.88 -34.49
CA THR B 1090 66.13 -43.90 -34.08
C THR B 1090 66.28 -43.72 -32.58
N THR B 1091 67.46 -44.00 -32.05
CA THR B 1091 67.77 -43.70 -30.64
C THR B 1091 67.83 -42.19 -30.32
N ASP B 1092 67.70 -41.29 -31.30
CA ASP B 1092 67.48 -39.86 -31.02
C ASP B 1092 66.02 -39.56 -30.68
N ASN B 1093 65.07 -39.97 -31.53
CA ASN B 1093 63.65 -39.68 -31.33
C ASN B 1093 62.94 -40.65 -30.39
N THR B 1094 63.62 -41.68 -29.87
CA THR B 1094 63.10 -42.63 -28.87
C THR B 1094 64.03 -42.83 -27.68
N PHE B 1095 63.48 -43.21 -26.53
CA PHE B 1095 64.21 -43.53 -25.31
C PHE B 1095 63.83 -44.91 -24.79
N VAL B 1096 64.76 -45.61 -24.15
CA VAL B 1096 64.56 -46.97 -23.67
C VAL B 1096 64.05 -46.99 -22.24
N SER B 1097 63.20 -47.94 -21.89
CA SER B 1097 63.05 -48.37 -20.49
C SER B 1097 62.65 -49.83 -20.35
N GLY B 1098 63.12 -50.51 -19.32
CA GLY B 1098 62.74 -51.90 -19.03
C GLY B 1098 63.06 -52.86 -20.18
N ASN B 1099 62.15 -53.80 -20.42
CA ASN B 1099 62.25 -54.79 -21.50
C ASN B 1099 60.87 -55.11 -22.10
N CYS B 1100 60.85 -55.80 -23.23
CA CYS B 1100 59.64 -56.04 -24.01
C CYS B 1100 58.53 -56.86 -23.32
N ASP B 1101 58.77 -57.49 -22.16
CA ASP B 1101 57.77 -58.35 -21.50
C ASP B 1101 56.65 -57.55 -20.81
N VAL B 1102 56.95 -56.34 -20.32
CA VAL B 1102 56.07 -55.62 -19.38
C VAL B 1102 54.94 -54.87 -20.10
N VAL B 1103 55.25 -54.24 -21.24
CA VAL B 1103 54.33 -53.36 -21.97
C VAL B 1103 53.24 -54.15 -22.68
N ILE B 1104 51.98 -53.80 -22.48
CA ILE B 1104 50.85 -54.41 -23.21
C ILE B 1104 50.76 -53.81 -24.61
N GLY B 1105 50.73 -54.65 -25.66
CA GLY B 1105 50.54 -54.19 -27.04
C GLY B 1105 51.79 -53.65 -27.76
N ILE B 1106 52.98 -53.81 -27.18
CA ILE B 1106 54.26 -53.52 -27.85
C ILE B 1106 54.43 -54.32 -29.15
N VAL B 1107 55.11 -53.76 -30.16
CA VAL B 1107 55.35 -54.40 -31.47
C VAL B 1107 56.84 -54.47 -31.78
N ASN B 1108 57.31 -55.51 -32.46
CA ASN B 1108 58.72 -55.62 -32.87
C ASN B 1108 59.05 -54.71 -34.06
N ASN B 1109 60.20 -54.02 -34.04
CA ASN B 1109 60.69 -53.28 -35.19
C ASN B 1109 62.21 -53.02 -35.12
N THR B 1110 62.82 -52.60 -36.23
CA THR B 1110 64.16 -52.00 -36.25
C THR B 1110 64.16 -50.67 -35.51
N VAL B 1111 65.24 -50.33 -34.81
CA VAL B 1111 65.62 -48.96 -34.50
C VAL B 1111 66.94 -48.65 -35.18
N TYR B 1112 66.97 -47.66 -36.06
CA TYR B 1112 68.23 -47.24 -36.69
C TYR B 1112 69.10 -46.49 -35.67
N ASP B 1113 70.36 -46.89 -35.50
CA ASP B 1113 71.31 -46.19 -34.64
C ASP B 1113 72.10 -45.18 -35.48
N PRO B 1114 71.98 -43.86 -35.26
CA PRO B 1114 72.64 -42.86 -36.09
C PRO B 1114 74.17 -43.00 -36.13
N LEU B 1115 74.78 -43.54 -35.07
CA LEU B 1115 76.22 -43.73 -34.98
C LEU B 1115 76.74 -44.87 -35.88
N GLN B 1116 75.92 -45.87 -36.17
CA GLN B 1116 76.40 -47.15 -36.74
C GLN B 1116 77.18 -47.00 -38.07
N PRO B 1117 76.68 -46.27 -39.08
CA PRO B 1117 77.41 -46.09 -40.34
C PRO B 1117 78.68 -45.25 -40.18
N GLU B 1118 78.70 -44.33 -39.21
CA GLU B 1118 79.87 -43.49 -38.93
C GLU B 1118 80.97 -44.31 -38.26
N LEU B 1119 80.63 -45.09 -37.22
CA LEU B 1119 81.55 -46.03 -36.59
C LEU B 1119 82.01 -47.14 -37.56
N ASP B 1120 81.17 -47.50 -38.53
CA ASP B 1120 81.53 -48.41 -39.63
C ASP B 1120 82.48 -47.81 -40.68
N SER B 1121 82.78 -46.51 -40.63
CA SER B 1121 83.55 -45.78 -41.64
C SER B 1121 84.28 -44.58 -41.04
N ALA C 1 -1.94 -31.05 45.74
CA ALA C 1 -1.42 -32.27 45.11
C ALA C 1 -1.26 -32.08 43.60
N TYR C 2 -0.18 -32.60 42.99
CA TYR C 2 0.13 -32.43 41.56
C TYR C 2 0.71 -33.70 40.93
N THR C 3 0.63 -33.82 39.60
CA THR C 3 1.46 -34.73 38.80
C THR C 3 1.94 -34.06 37.51
N ASN C 4 2.92 -34.65 36.83
CA ASN C 4 3.39 -34.20 35.53
C ASN C 4 2.33 -34.44 34.44
N SER C 5 2.08 -33.46 33.57
CA SER C 5 1.13 -33.56 32.44
C SER C 5 1.61 -34.45 31.30
N PHE C 6 2.91 -34.75 31.23
CA PHE C 6 3.55 -35.24 30.01
C PHE C 6 3.17 -34.39 28.79
N THR C 7 3.10 -34.99 27.61
CA THR C 7 2.73 -34.35 26.34
C THR C 7 1.23 -34.43 26.03
N ARG C 8 0.36 -34.59 27.04
CA ARG C 8 -1.10 -34.61 26.87
C ARG C 8 -1.67 -33.21 26.58
N GLY C 9 -2.91 -33.15 26.10
CA GLY C 9 -3.67 -31.90 25.98
C GLY C 9 -3.52 -31.14 24.66
N VAL C 10 -2.89 -31.73 23.64
CA VAL C 10 -2.90 -31.18 22.27
C VAL C 10 -4.21 -31.53 21.58
N TYR C 11 -4.77 -30.60 20.81
CA TYR C 11 -6.06 -30.74 20.15
C TYR C 11 -6.04 -30.08 18.78
N TYR C 12 -6.95 -30.47 17.88
CA TYR C 12 -6.98 -29.90 16.53
C TYR C 12 -7.42 -28.43 16.59
N PRO C 13 -6.55 -27.46 16.28
CA PRO C 13 -6.84 -26.05 16.52
C PRO C 13 -7.91 -25.47 15.56
N ASP C 14 -8.08 -26.07 14.39
CA ASP C 14 -9.00 -25.64 13.35
C ASP C 14 -9.59 -26.86 12.60
N LYS C 15 -10.77 -26.69 11.99
CA LYS C 15 -11.53 -27.78 11.34
C LYS C 15 -11.00 -28.09 9.94
N VAL C 16 -9.69 -28.08 9.78
CA VAL C 16 -8.95 -28.19 8.51
C VAL C 16 -8.20 -29.51 8.40
N PHE C 17 -8.30 -30.17 7.26
CA PHE C 17 -7.46 -31.30 6.91
C PHE C 17 -6.10 -30.83 6.40
N ARG C 18 -5.04 -31.46 6.88
CA ARG C 18 -3.68 -31.32 6.37
C ARG C 18 -3.07 -32.72 6.42
N SER C 19 -2.24 -33.11 5.46
CA SER C 19 -1.71 -34.48 5.43
C SER C 19 -0.22 -34.54 5.16
N SER C 20 0.47 -35.45 5.86
CA SER C 20 1.91 -35.66 5.77
C SER C 20 2.73 -34.36 5.85
N VAL C 21 2.37 -33.45 6.75
CA VAL C 21 2.92 -32.10 6.82
C VAL C 21 2.98 -31.58 8.26
N LEU C 22 3.89 -30.65 8.52
CA LEU C 22 4.11 -30.03 9.83
C LEU C 22 3.57 -28.60 9.81
N HIS C 23 2.74 -28.24 10.79
CA HIS C 23 2.12 -26.91 10.86
C HIS C 23 2.49 -26.20 12.16
N SER C 24 3.05 -25.01 12.09
CA SER C 24 3.31 -24.18 13.27
C SER C 24 2.10 -23.28 13.55
N THR C 25 1.52 -23.39 14.74
CA THR C 25 0.29 -22.70 15.11
C THR C 25 0.40 -22.07 16.49
N GLN C 26 -0.17 -20.88 16.69
CA GLN C 26 -0.24 -20.24 18.00
C GLN C 26 -1.67 -20.31 18.52
N ASP C 27 -1.86 -20.85 19.71
CA ASP C 27 -3.18 -21.02 20.33
C ASP C 27 -3.05 -21.22 21.85
N LEU C 28 -4.16 -21.21 22.57
CA LEU C 28 -4.19 -21.60 23.97
C LEU C 28 -4.03 -23.12 24.06
N PHE C 29 -2.90 -23.59 24.59
CA PHE C 29 -2.59 -25.02 24.77
C PHE C 29 -2.17 -25.29 26.21
N LEU C 30 -2.30 -26.53 26.66
CA LEU C 30 -1.64 -26.98 27.88
C LEU C 30 -0.14 -27.20 27.57
N PRO C 31 0.81 -26.50 28.20
CA PRO C 31 2.22 -26.68 27.90
C PRO C 31 2.70 -28.09 28.21
N PHE C 32 3.68 -28.57 27.47
CA PHE C 32 4.30 -29.87 27.74
C PHE C 32 4.94 -29.91 29.12
N PHE C 33 4.82 -31.05 29.81
CA PHE C 33 5.39 -31.26 31.14
C PHE C 33 5.02 -30.16 32.16
N SER C 34 3.79 -29.70 31.99
CA SER C 34 3.24 -28.69 32.92
C SER C 34 2.71 -29.43 34.13
N ASN C 35 2.51 -28.68 35.21
CA ASN C 35 1.99 -29.32 36.44
C ASN C 35 0.48 -29.22 36.39
N VAL C 36 -0.16 -30.37 36.28
CA VAL C 36 -1.63 -30.41 36.30
C VAL C 36 -1.97 -30.76 37.73
N THR C 37 -2.99 -30.10 38.27
CA THR C 37 -3.48 -30.38 39.63
C THR C 37 -4.17 -31.75 39.68
N TRP C 38 -4.21 -32.37 40.83
CA TRP C 38 -4.83 -33.68 40.94
C TRP C 38 -5.91 -33.72 42.04
N PHE C 39 -7.00 -34.46 41.80
CA PHE C 39 -8.21 -34.42 42.63
C PHE C 39 -8.91 -35.79 42.74
N HIS C 40 -9.71 -35.95 43.80
CA HIS C 40 -10.48 -37.15 44.15
C HIS C 40 -11.93 -36.80 44.49
N ASN C 55 -14.43 -32.71 44.36
CA ASN C 55 -13.51 -31.60 44.67
C ASN C 55 -14.19 -30.22 44.55
N PRO C 56 -13.62 -29.17 45.15
CA PRO C 56 -14.22 -27.83 45.22
C PRO C 56 -14.19 -27.07 43.89
N VAL C 57 -14.90 -25.94 43.84
CA VAL C 57 -14.86 -24.97 42.72
C VAL C 57 -13.44 -24.45 42.46
N LEU C 58 -13.10 -24.26 41.18
CA LEU C 58 -11.79 -23.84 40.69
C LEU C 58 -11.92 -22.62 39.75
N PRO C 59 -10.89 -21.76 39.64
CA PRO C 59 -10.82 -20.77 38.57
C PRO C 59 -10.72 -21.40 37.17
N PHE C 60 -11.03 -20.60 36.16
CA PHE C 60 -10.94 -20.96 34.73
C PHE C 60 -10.04 -19.94 34.04
N ASN C 61 -8.73 -20.05 34.26
CA ASN C 61 -7.78 -18.95 34.04
C ASN C 61 -7.68 -18.49 32.58
N ASP C 62 -7.73 -19.41 31.61
CA ASP C 62 -7.71 -19.11 30.18
C ASP C 62 -8.27 -20.27 29.35
N GLY C 63 -9.28 -20.97 29.88
CA GLY C 63 -9.64 -22.32 29.43
C GLY C 63 -8.87 -23.41 30.17
N VAL C 64 -9.37 -24.63 30.11
CA VAL C 64 -8.95 -25.73 30.97
C VAL C 64 -8.81 -27.02 30.17
N TYR C 65 -7.69 -27.70 30.29
CA TYR C 65 -7.63 -29.14 30.06
C TYR C 65 -8.14 -29.86 31.30
N PHE C 66 -8.98 -30.88 31.12
CA PHE C 66 -9.55 -31.67 32.20
C PHE C 66 -9.51 -33.14 31.81
N ALA C 67 -9.22 -34.05 32.73
CA ALA C 67 -9.44 -35.46 32.45
C ALA C 67 -9.78 -36.26 33.69
N SER C 68 -10.59 -37.31 33.58
CA SER C 68 -10.77 -38.28 34.65
C SER C 68 -10.38 -39.69 34.24
N THR C 69 -9.81 -40.43 35.18
CA THR C 69 -9.42 -41.82 35.05
C THR C 69 -10.42 -42.64 35.84
N GLU C 70 -11.06 -43.60 35.16
CA GLU C 70 -12.32 -44.20 35.63
C GLU C 70 -12.47 -45.66 35.19
N LYS C 71 -13.39 -46.38 35.84
CA LYS C 71 -14.01 -47.58 35.26
C LYS C 71 -15.14 -47.22 34.29
N SER C 72 -16.21 -46.56 34.75
CA SER C 72 -17.36 -46.17 33.92
C SER C 72 -18.14 -44.95 34.49
N ASN C 73 -18.19 -43.87 33.70
CA ASN C 73 -18.99 -42.65 33.90
C ASN C 73 -19.09 -42.17 35.37
N ILE C 74 -17.96 -42.07 36.07
CA ILE C 74 -17.95 -41.82 37.53
C ILE C 74 -18.25 -40.34 37.80
N ILE C 75 -17.65 -39.42 37.06
CA ILE C 75 -18.10 -38.02 37.00
C ILE C 75 -19.42 -37.94 36.21
N ARG C 76 -20.40 -37.23 36.77
CA ARG C 76 -21.72 -37.02 36.16
C ARG C 76 -21.70 -35.88 35.13
N GLY C 77 -20.88 -34.85 35.35
CA GLY C 77 -20.93 -33.61 34.59
C GLY C 77 -20.05 -32.48 35.15
N TRP C 78 -20.26 -31.27 34.65
CA TRP C 78 -19.49 -30.06 34.96
C TRP C 78 -20.37 -28.82 35.03
N ILE C 79 -19.94 -27.86 35.86
CA ILE C 79 -20.54 -26.53 36.04
C ILE C 79 -19.56 -25.47 35.57
N PHE C 80 -20.00 -24.43 34.85
CA PHE C 80 -19.16 -23.27 34.51
C PHE C 80 -19.92 -21.94 34.63
N GLY C 81 -19.21 -20.85 34.92
CA GLY C 81 -19.79 -19.51 34.97
C GLY C 81 -18.77 -18.46 35.44
N THR C 82 -19.24 -17.35 35.99
CA THR C 82 -18.38 -16.42 36.77
C THR C 82 -18.72 -16.42 38.27
N THR C 83 -20.00 -16.35 38.65
CA THR C 83 -20.43 -16.53 40.06
C THR C 83 -20.52 -18.01 40.47
N LEU C 84 -20.66 -18.92 39.51
CA LEU C 84 -21.05 -20.32 39.72
C LEU C 84 -22.37 -20.51 40.50
N ASP C 85 -23.24 -19.49 40.53
CA ASP C 85 -24.45 -19.44 41.36
C ASP C 85 -25.44 -18.35 40.89
N SER C 86 -26.64 -18.76 40.50
CA SER C 86 -27.93 -18.01 40.40
C SER C 86 -28.00 -16.64 39.71
N LYS C 87 -27.16 -15.67 40.08
CA LYS C 87 -27.21 -14.25 39.72
C LYS C 87 -26.92 -13.94 38.24
N THR C 88 -26.43 -14.93 37.49
CA THR C 88 -26.13 -14.84 36.05
C THR C 88 -26.21 -16.23 35.39
N GLN C 89 -26.26 -16.30 34.06
CA GLN C 89 -26.28 -17.55 33.31
C GLN C 89 -25.08 -18.46 33.63
N SER C 90 -25.29 -19.77 33.65
CA SER C 90 -24.34 -20.74 34.19
C SER C 90 -24.52 -22.11 33.53
N LEU C 91 -23.46 -22.64 32.93
CA LEU C 91 -23.51 -23.89 32.20
C LEU C 91 -23.65 -25.06 33.17
N LEU C 92 -24.60 -25.94 32.91
CA LEU C 92 -24.65 -27.30 33.40
C LEU C 92 -24.47 -28.24 32.22
N ILE C 93 -23.46 -29.10 32.27
CA ILE C 93 -23.14 -30.08 31.24
C ILE C 93 -23.11 -31.45 31.92
N VAL C 94 -23.79 -32.45 31.35
CA VAL C 94 -23.97 -33.77 31.98
C VAL C 94 -23.81 -34.89 30.95
N ASN C 95 -23.22 -36.01 31.35
CA ASN C 95 -23.24 -37.27 30.58
C ASN C 95 -23.93 -38.34 31.43
N ASN C 96 -25.09 -38.84 30.96
CA ASN C 96 -26.00 -39.66 31.77
C ASN C 96 -26.29 -41.07 31.20
N ALA C 97 -25.45 -41.54 30.27
CA ALA C 97 -25.59 -42.77 29.48
C ALA C 97 -26.82 -42.87 28.54
N THR C 98 -27.89 -42.09 28.78
CA THR C 98 -28.94 -41.85 27.80
C THR C 98 -28.49 -40.83 26.73
N ASN C 99 -27.80 -39.77 27.14
CA ASN C 99 -27.13 -38.81 26.26
C ASN C 99 -26.11 -37.92 26.99
N VAL C 100 -25.30 -37.19 26.23
CA VAL C 100 -24.76 -35.91 26.68
C VAL C 100 -25.90 -34.89 26.65
N VAL C 101 -26.12 -34.15 27.74
CA VAL C 101 -27.20 -33.15 27.85
C VAL C 101 -26.69 -31.88 28.51
N ILE C 102 -27.08 -30.73 27.96
CA ILE C 102 -26.45 -29.44 28.23
C ILE C 102 -27.51 -28.35 28.39
N LYS C 103 -27.31 -27.43 29.34
CA LYS C 103 -28.13 -26.23 29.49
C LYS C 103 -27.33 -25.05 30.06
N VAL C 104 -27.75 -23.82 29.77
CA VAL C 104 -27.07 -22.59 30.25
C VAL C 104 -27.74 -21.94 31.48
N CYS C 105 -28.71 -22.64 32.07
CA CYS C 105 -29.68 -22.12 33.02
C CYS C 105 -29.04 -21.44 34.25
N GLU C 106 -29.42 -20.20 34.53
CA GLU C 106 -28.98 -19.48 35.73
C GLU C 106 -29.49 -20.17 37.00
N PHE C 107 -28.64 -20.95 37.67
CA PHE C 107 -29.05 -21.94 38.68
C PHE C 107 -28.25 -21.83 39.98
N GLN C 108 -28.92 -22.00 41.13
CA GLN C 108 -28.29 -21.99 42.45
C GLN C 108 -27.81 -23.39 42.84
N PHE C 109 -26.60 -23.76 42.40
CA PHE C 109 -25.99 -25.06 42.73
C PHE C 109 -25.70 -25.20 44.24
N CYS C 110 -25.69 -26.45 44.73
CA CYS C 110 -25.42 -26.78 46.12
C CYS C 110 -23.98 -26.49 46.57
N ASN C 111 -23.69 -26.68 47.86
CA ASN C 111 -22.32 -26.75 48.40
C ASN C 111 -21.57 -28.03 47.99
N ASP C 112 -22.30 -29.06 47.55
CA ASP C 112 -21.78 -30.31 47.00
C ASP C 112 -22.75 -30.90 45.95
N PRO C 113 -22.88 -30.26 44.77
CA PRO C 113 -23.84 -30.66 43.75
C PRO C 113 -23.47 -32.01 43.12
N PHE C 114 -24.46 -32.79 42.73
CA PHE C 114 -24.30 -34.13 42.17
C PHE C 114 -25.56 -34.60 41.41
N LEU C 115 -25.45 -35.71 40.68
CA LEU C 115 -26.58 -36.51 40.18
C LEU C 115 -26.48 -37.93 40.75
N GLY C 116 -27.62 -38.55 41.07
CA GLY C 116 -27.69 -39.80 41.83
C GLY C 116 -27.12 -41.04 41.12
N VAL C 117 -26.66 -42.01 41.90
CA VAL C 117 -26.09 -43.28 41.40
C VAL C 117 -27.16 -44.17 40.76
N ASN C 139 -34.39 -21.74 34.51
CA ASN C 139 -34.40 -20.42 33.88
C ASN C 139 -33.35 -20.37 32.73
N CYS C 140 -33.67 -21.04 31.62
CA CYS C 140 -32.72 -21.41 30.57
C CYS C 140 -32.91 -20.60 29.28
N THR C 141 -31.85 -19.92 28.80
CA THR C 141 -31.82 -19.23 27.49
C THR C 141 -31.24 -20.09 26.34
N PHE C 142 -30.64 -21.25 26.65
CA PHE C 142 -30.15 -22.24 25.69
C PHE C 142 -30.11 -23.66 26.31
N GLU C 143 -30.26 -24.70 25.48
CA GLU C 143 -30.05 -26.10 25.83
C GLU C 143 -29.74 -26.97 24.59
N TYR C 144 -29.14 -28.15 24.80
CA TYR C 144 -28.64 -29.04 23.74
C TYR C 144 -28.52 -30.50 24.21
N VAL C 145 -28.50 -31.46 23.29
CA VAL C 145 -28.32 -32.90 23.54
C VAL C 145 -27.43 -33.52 22.45
N SER C 146 -26.66 -34.56 22.77
CA SER C 146 -25.86 -35.34 21.81
C SER C 146 -25.77 -36.83 22.15
N PHE C 160 -7.92 -48.18 37.22
CA PHE C 160 -8.74 -47.54 36.18
C PHE C 160 -8.72 -48.32 34.87
N LYS C 161 -9.73 -48.12 34.00
CA LYS C 161 -9.84 -48.73 32.67
C LYS C 161 -9.76 -47.73 31.52
N ASN C 162 -10.28 -46.51 31.69
CA ASN C 162 -10.29 -45.47 30.65
C ASN C 162 -9.87 -44.10 31.20
N LEU C 163 -9.26 -43.30 30.32
CA LEU C 163 -9.00 -41.87 30.50
C LEU C 163 -10.00 -41.09 29.65
N ARG C 164 -10.70 -40.14 30.27
CA ARG C 164 -11.76 -39.34 29.67
C ARG C 164 -11.30 -37.89 29.56
N GLU C 165 -10.49 -37.58 28.56
CA GLU C 165 -9.85 -36.26 28.41
C GLU C 165 -10.75 -35.24 27.72
N PHE C 166 -10.65 -33.97 28.10
CA PHE C 166 -11.38 -32.84 27.54
C PHE C 166 -10.51 -31.59 27.49
N VAL C 167 -10.85 -30.65 26.63
CA VAL C 167 -10.42 -29.26 26.71
C VAL C 167 -11.65 -28.39 26.59
N PHE C 168 -11.78 -27.39 27.46
CA PHE C 168 -12.82 -26.37 27.43
C PHE C 168 -12.17 -25.00 27.21
N LYS C 169 -12.56 -24.23 26.20
CA LYS C 169 -12.11 -22.83 26.04
C LYS C 169 -13.22 -21.93 25.50
N ASN C 170 -13.16 -20.64 25.77
CA ASN C 170 -14.30 -19.73 25.59
C ASN C 170 -13.87 -18.40 24.93
N ILE C 171 -13.99 -18.32 23.61
CA ILE C 171 -13.44 -17.23 22.77
C ILE C 171 -14.49 -16.79 21.74
N ASP C 172 -14.55 -15.50 21.40
CA ASP C 172 -15.52 -14.93 20.45
C ASP C 172 -16.99 -15.26 20.77
N GLY C 173 -17.31 -15.50 22.04
CA GLY C 173 -18.66 -15.88 22.49
C GLY C 173 -19.04 -17.35 22.26
N TYR C 174 -18.10 -18.19 21.80
CA TYR C 174 -18.30 -19.63 21.64
C TYR C 174 -17.56 -20.39 22.74
N PHE C 175 -18.27 -21.30 23.41
CA PHE C 175 -17.68 -22.23 24.36
C PHE C 175 -17.38 -23.56 23.65
N LYS C 176 -16.10 -23.91 23.54
CA LYS C 176 -15.59 -24.96 22.66
C LYS C 176 -15.09 -26.14 23.48
N ILE C 177 -15.59 -27.33 23.18
CA ILE C 177 -15.26 -28.58 23.87
C ILE C 177 -14.60 -29.52 22.88
N TYR C 178 -13.39 -29.95 23.22
CA TYR C 178 -12.64 -31.01 22.53
C TYR C 178 -12.53 -32.20 23.47
N SER C 179 -12.38 -33.42 22.96
CA SER C 179 -12.20 -34.59 23.81
C SER C 179 -11.51 -35.74 23.10
N LYS C 180 -10.99 -36.70 23.85
CA LYS C 180 -10.74 -38.07 23.39
C LYS C 180 -10.83 -39.02 24.57
N HIS C 181 -11.30 -40.25 24.32
CA HIS C 181 -11.35 -41.34 25.31
C HIS C 181 -10.38 -42.45 24.91
N THR C 182 -9.56 -42.93 25.84
CA THR C 182 -8.50 -43.92 25.55
C THR C 182 -8.31 -44.92 26.71
N PRO C 183 -8.03 -46.21 26.44
CA PRO C 183 -7.85 -47.21 27.48
C PRO C 183 -6.51 -47.06 28.22
N ILE C 184 -6.52 -47.37 29.53
CA ILE C 184 -5.39 -47.19 30.45
C ILE C 184 -5.28 -48.34 31.46
N ASN C 185 -4.14 -48.42 32.14
CA ASN C 185 -3.95 -49.22 33.36
C ASN C 185 -3.16 -48.49 34.47
N LEU C 186 -2.42 -47.43 34.14
CA LEU C 186 -1.67 -46.59 35.09
C LEU C 186 -2.61 -45.82 36.03
N VAL C 187 -2.22 -45.65 37.30
CA VAL C 187 -3.03 -45.04 38.34
C VAL C 187 -2.28 -44.04 39.23
N ARG C 188 -1.36 -43.26 38.62
CA ARG C 188 -0.56 -42.21 39.28
C ARG C 188 -0.56 -40.92 38.46
N ASP C 189 0.48 -40.67 37.67
CA ASP C 189 0.49 -39.62 36.66
C ASP C 189 -0.40 -39.95 35.45
N LEU C 190 -0.68 -38.96 34.60
CA LEU C 190 -1.31 -39.19 33.29
C LEU C 190 -0.39 -40.04 32.40
N PRO C 191 -0.94 -40.92 31.54
CA PRO C 191 -0.16 -41.90 30.81
C PRO C 191 0.83 -41.28 29.83
N GLN C 192 2.10 -41.66 29.94
CA GLN C 192 3.18 -41.23 29.05
C GLN C 192 2.93 -41.70 27.62
N GLY C 193 2.77 -40.76 26.70
CA GLY C 193 2.41 -41.00 25.29
C GLY C 193 1.80 -39.76 24.64
N PHE C 194 1.32 -39.89 23.41
CA PHE C 194 0.69 -38.80 22.67
C PHE C 194 -0.58 -39.24 21.94
N SER C 195 -1.64 -38.43 22.00
CA SER C 195 -2.90 -38.60 21.26
C SER C 195 -3.72 -37.31 21.30
N ALA C 196 -4.18 -36.85 20.15
CA ALA C 196 -4.80 -35.53 19.99
C ALA C 196 -6.30 -35.53 20.35
N LEU C 197 -6.75 -34.53 21.09
CA LEU C 197 -8.16 -34.30 21.40
C LEU C 197 -8.85 -33.65 20.19
N GLU C 198 -10.07 -34.08 19.85
CA GLU C 198 -10.79 -33.64 18.66
C GLU C 198 -12.11 -32.96 19.05
N PRO C 199 -12.61 -31.99 18.27
CA PRO C 199 -13.79 -31.22 18.66
C PRO C 199 -15.02 -32.11 18.75
N LEU C 200 -15.81 -31.96 19.81
CA LEU C 200 -17.12 -32.60 19.95
C LEU C 200 -18.26 -31.59 19.91
N VAL C 201 -18.13 -30.49 20.65
CA VAL C 201 -19.24 -29.57 20.96
C VAL C 201 -18.72 -28.13 20.89
N ASP C 202 -19.56 -27.21 20.43
CA ASP C 202 -19.14 -25.86 20.05
C ASP C 202 -20.34 -24.91 20.17
N LEU C 203 -20.47 -24.24 21.32
CA LEU C 203 -21.72 -23.64 21.77
C LEU C 203 -21.68 -22.12 21.70
N PRO C 204 -22.48 -21.46 20.83
CA PRO C 204 -22.65 -20.02 20.85
C PRO C 204 -23.47 -19.57 22.07
N ILE C 205 -22.82 -18.98 23.09
CA ILE C 205 -23.47 -18.60 24.36
C ILE C 205 -23.05 -17.25 24.96
N GLY C 206 -21.92 -16.65 24.56
CA GLY C 206 -21.58 -15.25 24.87
C GLY C 206 -21.18 -14.91 26.32
N ILE C 207 -21.02 -15.89 27.21
CA ILE C 207 -20.70 -15.71 28.65
C ILE C 207 -19.21 -15.41 28.87
N ASN C 208 -18.87 -14.66 29.92
CA ASN C 208 -17.50 -14.45 30.40
C ASN C 208 -17.17 -15.44 31.53
N ILE C 209 -16.74 -16.66 31.19
CA ILE C 209 -16.42 -17.71 32.17
C ILE C 209 -15.17 -17.31 32.98
N THR C 210 -15.20 -17.50 34.30
CA THR C 210 -14.05 -17.31 35.21
C THR C 210 -13.91 -18.39 36.29
N ARG C 211 -14.91 -19.26 36.48
CA ARG C 211 -14.89 -20.38 37.44
C ARG C 211 -15.61 -21.60 36.89
N PHE C 212 -15.27 -22.77 37.42
CA PHE C 212 -15.92 -24.05 37.08
C PHE C 212 -15.85 -25.07 38.23
N GLN C 213 -16.68 -26.11 38.20
CA GLN C 213 -16.56 -27.23 39.14
C GLN C 213 -17.04 -28.55 38.55
N THR C 214 -16.54 -29.66 39.09
CA THR C 214 -16.94 -31.02 38.73
C THR C 214 -18.21 -31.45 39.46
N LEU C 215 -19.02 -32.32 38.85
CA LEU C 215 -20.10 -33.08 39.50
C LEU C 215 -19.68 -34.54 39.72
N LEU C 216 -19.09 -34.83 40.87
CA LEU C 216 -18.57 -36.16 41.22
C LEU C 216 -19.66 -37.23 41.40
N ALA C 238 -10.04 -41.04 39.79
CA ALA C 238 -9.42 -39.73 40.05
C ALA C 238 -9.57 -38.77 38.86
N TYR C 239 -9.31 -37.48 39.10
CA TYR C 239 -9.63 -36.46 38.07
C TYR C 239 -8.68 -35.26 38.13
N TYR C 240 -7.93 -34.97 37.05
CA TYR C 240 -6.90 -33.90 36.96
C TYR C 240 -7.43 -32.58 36.46
N VAL C 241 -6.56 -31.60 36.20
CA VAL C 241 -6.93 -30.24 35.68
C VAL C 241 -5.65 -29.48 35.38
N GLY C 242 -5.52 -28.83 34.24
CA GLY C 242 -4.41 -27.94 33.90
C GLY C 242 -4.86 -26.76 33.04
N TYR C 243 -4.40 -25.56 33.33
CA TYR C 243 -4.85 -24.36 32.60
C TYR C 243 -4.16 -24.24 31.25
N LEU C 244 -4.94 -23.93 30.21
CA LEU C 244 -4.37 -23.53 28.93
C LEU C 244 -3.68 -22.17 29.07
N GLN C 245 -2.71 -21.89 28.21
CA GLN C 245 -2.05 -20.59 28.13
C GLN C 245 -1.53 -20.36 26.71
N PRO C 246 -1.32 -19.12 26.26
CA PRO C 246 -0.92 -18.83 24.88
C PRO C 246 0.46 -19.40 24.58
N ARG C 247 0.54 -20.29 23.61
CA ARG C 247 1.75 -21.01 23.21
C ARG C 247 1.80 -21.19 21.71
N THR C 248 3.00 -21.37 21.17
CA THR C 248 3.19 -21.82 19.79
C THR C 248 3.52 -23.29 19.82
N PHE C 249 2.84 -24.11 19.02
CA PHE C 249 3.11 -25.53 18.88
C PHE C 249 3.38 -25.85 17.42
N LEU C 250 4.29 -26.79 17.17
CA LEU C 250 4.47 -27.41 15.86
C LEU C 250 3.72 -28.75 15.87
N LEU C 251 2.76 -28.94 14.99
CA LEU C 251 1.89 -30.11 14.95
C LEU C 251 2.21 -30.97 13.73
N LYS C 252 2.44 -32.27 13.91
CA LYS C 252 2.68 -33.20 12.80
C LYS C 252 1.38 -33.88 12.40
N TYR C 253 0.92 -33.67 11.18
CA TYR C 253 -0.24 -34.37 10.62
C TYR C 253 0.21 -35.53 9.75
N ASN C 254 -0.28 -36.74 10.00
CA ASN C 254 0.07 -37.93 9.22
C ASN C 254 -0.68 -38.02 7.88
N GLU C 255 -0.44 -39.05 7.09
CA GLU C 255 -1.06 -39.22 5.78
C GLU C 255 -2.60 -39.29 5.81
N ASN C 256 -3.18 -39.74 6.92
CA ASN C 256 -4.63 -39.90 7.11
C ASN C 256 -5.27 -38.68 7.81
N GLY C 257 -4.59 -37.53 7.86
CA GLY C 257 -5.17 -36.27 8.34
C GLY C 257 -5.22 -36.06 9.85
N THR C 258 -4.61 -36.95 10.64
CA THR C 258 -4.61 -36.89 12.11
C THR C 258 -3.34 -36.25 12.65
N ILE C 259 -3.45 -35.42 13.70
CA ILE C 259 -2.30 -34.98 14.46
C ILE C 259 -1.71 -36.19 15.19
N THR C 260 -0.46 -36.54 14.89
CA THR C 260 0.21 -37.74 15.40
C THR C 260 1.36 -37.43 16.35
N ASP C 261 1.90 -36.21 16.33
CA ASP C 261 2.95 -35.76 17.25
C ASP C 261 2.99 -34.23 17.31
N ALA C 262 3.65 -33.66 18.32
CA ALA C 262 3.72 -32.22 18.51
C ALA C 262 5.01 -31.76 19.21
N VAL C 263 5.38 -30.49 19.06
CA VAL C 263 6.47 -29.83 19.80
C VAL C 263 5.97 -28.54 20.44
N ASP C 264 6.21 -28.35 21.73
CA ASP C 264 5.94 -27.10 22.44
C ASP C 264 7.10 -26.13 22.23
N CYS C 265 6.90 -25.08 21.43
CA CYS C 265 7.98 -24.18 21.04
C CYS C 265 8.52 -23.26 22.14
N ALA C 266 8.13 -23.46 23.40
CA ALA C 266 8.70 -22.78 24.55
C ALA C 266 9.17 -23.73 25.66
N LEU C 267 9.15 -25.05 25.43
CA LEU C 267 9.57 -26.04 26.42
C LEU C 267 11.07 -25.97 26.71
N ASP C 268 11.91 -26.07 25.68
CA ASP C 268 13.37 -26.15 25.82
C ASP C 268 14.08 -25.69 24.53
N PRO C 269 15.39 -25.44 24.53
CA PRO C 269 16.06 -24.86 23.36
C PRO C 269 16.02 -25.77 22.15
N LEU C 270 16.04 -27.09 22.33
CA LEU C 270 15.85 -28.01 21.23
C LEU C 270 14.46 -27.86 20.61
N SER C 271 13.41 -27.67 21.41
CA SER C 271 12.07 -27.39 20.90
C SER C 271 11.99 -26.03 20.20
N GLU C 272 12.69 -25.00 20.64
CA GLU C 272 12.79 -23.76 19.85
C GLU C 272 13.42 -24.03 18.48
N THR C 273 14.43 -24.91 18.43
CA THR C 273 15.14 -25.28 17.20
C THR C 273 14.24 -26.04 16.25
N LYS C 274 13.54 -27.07 16.73
CA LYS C 274 12.55 -27.82 15.94
C LYS C 274 11.48 -26.91 15.35
N CYS C 275 10.96 -25.98 16.13
CA CYS C 275 9.99 -25.01 15.64
C CYS C 275 10.59 -24.01 14.66
N THR C 276 11.80 -23.53 14.89
CA THR C 276 12.49 -22.58 13.99
C THR C 276 12.66 -23.17 12.60
N LEU C 277 13.00 -24.46 12.52
CA LEU C 277 13.17 -25.18 11.27
C LEU C 277 11.86 -25.69 10.65
N LYS C 278 10.75 -25.69 11.39
CA LYS C 278 9.57 -26.54 11.11
C LYS C 278 10.01 -27.96 10.78
N SER C 279 10.68 -28.63 11.70
CA SER C 279 11.11 -30.02 11.55
C SER C 279 11.14 -30.75 12.89
N PHE C 280 10.79 -32.04 12.92
CA PHE C 280 10.89 -32.85 14.14
C PHE C 280 12.29 -33.39 14.40
N THR C 281 13.09 -33.56 13.36
CA THR C 281 14.50 -33.95 13.42
C THR C 281 15.36 -32.82 12.90
N VAL C 282 16.34 -32.37 13.67
CA VAL C 282 17.28 -31.31 13.26
C VAL C 282 18.67 -31.92 13.07
N GLU C 283 19.32 -31.67 11.95
CA GLU C 283 20.71 -32.11 11.72
C GLU C 283 21.68 -31.38 12.65
N LYS C 284 22.91 -31.86 12.82
CA LYS C 284 23.87 -31.17 13.69
C LYS C 284 24.22 -29.79 13.17
N GLY C 285 24.51 -28.86 14.08
CA GLY C 285 24.87 -27.48 13.71
C GLY C 285 24.58 -26.49 14.82
N ILE C 286 24.73 -25.21 14.52
CA ILE C 286 24.30 -24.12 15.37
C ILE C 286 23.18 -23.34 14.69
N TYR C 287 22.02 -23.24 15.33
CA TYR C 287 20.83 -22.61 14.77
C TYR C 287 20.43 -21.39 15.57
N GLN C 288 20.27 -20.22 14.98
CA GLN C 288 19.73 -19.08 15.74
C GLN C 288 18.24 -19.29 15.99
N THR C 289 17.76 -19.30 17.23
CA THR C 289 16.35 -19.60 17.54
C THR C 289 15.55 -18.42 18.08
N SER C 290 16.18 -17.43 18.71
CA SER C 290 15.48 -16.38 19.45
C SER C 290 16.40 -15.20 19.71
N ASN C 291 15.88 -14.08 20.19
CA ASN C 291 16.70 -12.99 20.73
C ASN C 291 16.53 -12.87 22.23
N PHE C 292 17.63 -12.97 22.97
CA PHE C 292 17.69 -12.71 24.39
C PHE C 292 17.66 -11.19 24.64
N ARG C 293 16.91 -10.75 25.65
CA ARG C 293 16.92 -9.37 26.14
C ARG C 293 16.89 -9.36 27.66
N VAL C 294 17.72 -8.57 28.32
CA VAL C 294 17.54 -8.27 29.74
C VAL C 294 16.30 -7.39 29.88
N GLN C 295 15.37 -7.76 30.77
CA GLN C 295 14.11 -7.04 30.97
C GLN C 295 14.25 -5.86 31.95
N PRO C 296 13.41 -4.81 31.85
CA PRO C 296 13.40 -3.72 32.83
C PRO C 296 12.98 -4.22 34.22
N THR C 297 13.90 -4.12 35.18
CA THR C 297 13.70 -4.58 36.57
C THR C 297 12.80 -3.66 37.40
N GLU C 298 12.69 -2.39 37.01
CA GLU C 298 11.97 -1.34 37.71
C GLU C 298 11.64 -0.18 36.76
N SER C 299 10.78 0.74 37.17
CA SER C 299 10.44 1.97 36.44
C SER C 299 10.86 3.22 37.23
N ILE C 300 11.36 4.21 36.53
CA ILE C 300 11.83 5.50 37.07
C ILE C 300 11.04 6.64 36.43
N VAL C 301 10.56 7.58 37.24
CA VAL C 301 10.04 8.86 36.73
C VAL C 301 10.79 10.00 37.40
N ARG C 302 11.41 10.85 36.58
CA ARG C 302 12.19 12.01 36.99
C ARG C 302 11.60 13.24 36.30
N PHE C 303 10.75 13.95 37.05
CA PHE C 303 10.14 15.23 36.61
C PHE C 303 10.74 16.35 37.47
N PRO C 304 10.48 17.64 37.18
CA PRO C 304 11.04 18.73 37.96
C PRO C 304 10.46 18.74 39.39
N ASN C 305 11.27 19.03 40.40
CA ASN C 305 10.77 19.06 41.80
C ASN C 305 10.12 20.42 42.08
N ILE C 306 9.05 20.71 41.34
CA ILE C 306 8.27 21.96 41.45
C ILE C 306 6.84 21.54 41.57
N THR C 307 6.06 22.20 42.42
CA THR C 307 4.62 21.89 42.61
C THR C 307 3.70 23.01 42.14
N ASN C 308 4.15 24.20 41.71
CA ASN C 308 3.27 25.31 41.31
C ASN C 308 2.17 24.86 40.33
N LEU C 309 0.88 24.90 40.67
CA LEU C 309 -0.17 24.35 39.81
C LEU C 309 -0.51 25.30 38.64
N CYS C 310 -0.77 24.75 37.44
CA CYS C 310 -1.12 25.57 36.27
C CYS C 310 -2.42 26.40 36.46
N PRO C 311 -2.53 27.56 35.80
CA PRO C 311 -3.71 28.43 35.85
C PRO C 311 -4.89 27.96 34.97
N PHE C 312 -5.02 26.67 34.66
CA PHE C 312 -6.17 26.17 33.90
C PHE C 312 -7.51 26.52 34.58
N GLY C 313 -7.55 26.49 35.91
CA GLY C 313 -8.72 26.89 36.69
C GLY C 313 -9.24 28.29 36.37
N GLU C 314 -8.38 29.24 36.01
CA GLU C 314 -8.95 30.59 35.78
C GLU C 314 -8.75 30.98 34.32
N VAL C 315 -8.01 30.16 33.59
CA VAL C 315 -7.72 30.37 32.14
C VAL C 315 -8.85 29.74 31.32
N PHE C 316 -9.73 28.99 31.99
CA PHE C 316 -10.93 28.36 31.40
C PHE C 316 -12.15 28.90 32.12
N ASN C 317 -11.96 29.76 33.14
CA ASN C 317 -13.15 30.27 33.88
C ASN C 317 -13.21 31.78 33.85
N ALA C 318 -12.27 32.44 33.18
CA ALA C 318 -12.29 33.91 33.12
C ALA C 318 -13.46 34.37 32.25
N THR C 319 -14.51 34.93 32.87
CA THR C 319 -15.67 35.49 32.13
C THR C 319 -15.27 36.30 30.90
N ARG C 320 -14.31 37.20 31.04
CA ARG C 320 -13.94 38.13 29.94
C ARG C 320 -13.06 37.50 28.86
N PHE C 321 -13.62 36.56 28.10
CA PHE C 321 -13.03 36.14 26.82
C PHE C 321 -13.22 37.25 25.77
N ALA C 322 -12.21 37.50 24.93
CA ALA C 322 -12.39 38.24 23.68
C ALA C 322 -13.06 37.35 22.61
N SER C 323 -13.82 37.96 21.72
CA SER C 323 -14.36 37.23 20.56
C SER C 323 -13.29 37.01 19.49
N VAL C 324 -13.51 36.05 18.60
CA VAL C 324 -12.45 35.47 17.75
C VAL C 324 -11.71 36.46 16.84
N TYR C 325 -12.27 37.64 16.53
CA TYR C 325 -11.52 38.68 15.82
C TYR C 325 -10.24 39.13 16.55
N ALA C 326 -10.15 38.93 17.86
CA ALA C 326 -9.07 39.42 18.72
C ALA C 326 -8.72 38.44 19.86
N TRP C 327 -8.73 37.14 19.57
CA TRP C 327 -8.55 36.02 20.52
C TRP C 327 -7.41 36.20 21.53
N ASN C 328 -7.62 35.78 22.78
CA ASN C 328 -6.60 35.85 23.84
C ASN C 328 -5.57 34.72 23.73
N ARG C 329 -4.35 34.93 24.21
CA ARG C 329 -3.30 33.91 24.38
C ARG C 329 -2.60 34.04 25.72
N LYS C 330 -2.38 32.92 26.40
CA LYS C 330 -1.60 32.81 27.64
C LYS C 330 -0.53 31.74 27.49
N ARG C 331 0.70 32.04 27.88
CA ARG C 331 1.86 31.15 27.80
C ARG C 331 2.12 30.58 29.19
N ILE C 332 2.12 29.26 29.30
CA ILE C 332 2.14 28.52 30.57
C ILE C 332 3.53 27.91 30.78
N SER C 333 4.14 28.18 31.94
CA SER C 333 5.50 27.74 32.28
C SER C 333 5.75 27.64 33.79
N ASN C 334 6.72 26.81 34.18
CA ASN C 334 7.10 26.50 35.56
C ASN C 334 5.90 26.05 36.41
N CYS C 335 5.18 25.02 35.94
CA CYS C 335 3.99 24.54 36.64
C CYS C 335 3.57 23.09 36.32
N VAL C 336 2.73 22.55 37.19
CA VAL C 336 2.12 21.21 37.15
C VAL C 336 0.80 21.26 36.39
N ALA C 337 0.74 20.60 35.25
CA ALA C 337 -0.40 20.58 34.36
C ALA C 337 -1.22 19.28 34.50
N ASP C 338 -2.22 19.25 35.36
CA ASP C 338 -3.23 18.18 35.31
C ASP C 338 -4.21 18.44 34.17
N TYR C 339 -4.01 17.78 33.03
CA TYR C 339 -4.98 17.76 31.92
C TYR C 339 -6.14 16.78 32.16
N SER C 340 -5.90 15.73 32.93
CA SER C 340 -6.86 14.65 33.14
C SER C 340 -8.16 15.13 33.80
N VAL C 341 -8.06 16.06 34.75
CA VAL C 341 -9.24 16.71 35.36
C VAL C 341 -10.11 17.43 34.32
N LEU C 342 -9.51 18.00 33.26
CA LEU C 342 -10.28 18.58 32.15
C LEU C 342 -11.06 17.49 31.40
N TYR C 343 -10.51 16.29 31.27
CA TYR C 343 -11.19 15.16 30.64
C TYR C 343 -12.33 14.58 31.52
N ASN C 344 -12.29 14.81 32.84
CA ASN C 344 -13.36 14.46 33.79
C ASN C 344 -14.52 15.47 33.83
N SER C 345 -14.46 16.56 33.06
CA SER C 345 -15.45 17.64 33.11
C SER C 345 -16.86 17.18 32.72
N ALA C 346 -17.87 17.63 33.46
CA ALA C 346 -19.27 17.36 33.15
C ALA C 346 -19.73 18.08 31.88
N SER C 347 -19.22 19.31 31.68
CA SER C 347 -19.68 20.33 30.72
C SER C 347 -19.12 20.27 29.29
N PHE C 348 -17.87 19.85 29.04
CA PHE C 348 -17.27 20.03 27.72
C PHE C 348 -17.92 19.18 26.63
N SER C 349 -18.26 19.81 25.50
CA SER C 349 -18.94 19.18 24.35
C SER C 349 -17.93 18.57 23.36
N THR C 350 -16.91 19.33 23.00
CA THR C 350 -15.79 18.89 22.16
C THR C 350 -14.52 18.85 22.97
N PHE C 351 -13.74 17.78 22.83
CA PHE C 351 -12.41 17.62 23.40
C PHE C 351 -11.47 16.97 22.36
N LYS C 352 -11.65 17.31 21.09
CA LYS C 352 -10.87 16.74 19.97
C LYS C 352 -9.41 17.20 20.06
N CYS C 353 -8.49 16.27 19.92
CA CYS C 353 -7.05 16.52 20.04
C CYS C 353 -6.31 16.01 18.80
N TYR C 354 -5.25 16.73 18.42
CA TYR C 354 -4.44 16.45 17.24
C TYR C 354 -3.01 16.25 17.68
N GLY C 355 -2.40 15.11 17.35
CA GLY C 355 -1.07 14.78 17.86
C GLY C 355 -1.04 14.29 19.32
N VAL C 356 -2.19 14.17 20.00
CA VAL C 356 -2.38 13.37 21.24
C VAL C 356 -3.79 12.73 21.32
N SER C 357 -3.95 11.56 21.98
CA SER C 357 -5.24 11.13 22.60
C SER C 357 -5.32 11.65 24.05
N PRO C 358 -6.35 12.41 24.45
CA PRO C 358 -6.32 13.20 25.68
C PRO C 358 -6.25 12.43 26.99
N THR C 359 -6.68 11.17 27.06
CA THR C 359 -6.61 10.41 28.33
C THR C 359 -5.18 10.29 28.86
N LYS C 360 -4.19 10.07 27.98
CA LYS C 360 -2.82 9.73 28.37
C LYS C 360 -1.96 10.94 28.77
N LEU C 361 -2.38 12.16 28.40
CA LEU C 361 -1.60 13.43 28.37
C LEU C 361 -0.78 13.70 29.63
N ASN C 362 -1.28 13.28 30.78
CA ASN C 362 -0.80 13.67 32.10
C ASN C 362 0.67 13.32 32.33
N ASP C 363 1.13 12.29 31.60
CA ASP C 363 2.54 11.82 31.68
C ASP C 363 3.41 12.62 30.70
N LEU C 364 2.80 13.35 29.76
CA LEU C 364 3.54 14.14 28.75
C LEU C 364 4.20 15.37 29.40
N CYS C 365 5.35 15.79 28.86
CA CYS C 365 6.08 17.00 29.35
C CYS C 365 6.48 17.85 28.14
N PHE C 366 6.27 19.17 28.19
CA PHE C 366 6.59 20.01 27.00
C PHE C 366 7.33 21.31 27.37
N THR C 367 7.91 21.92 26.33
CA THR C 367 8.59 23.22 26.30
C THR C 367 7.67 24.27 26.91
N ASN C 368 6.45 24.41 26.40
CA ASN C 368 5.40 25.21 27.01
C ASN C 368 4.00 24.80 26.50
N VAL C 369 2.96 25.32 27.14
CA VAL C 369 1.60 25.34 26.58
C VAL C 369 1.26 26.77 26.18
N TYR C 370 0.67 26.98 25.02
CA TYR C 370 -0.11 28.19 24.76
C TYR C 370 -1.59 27.83 24.85
N ALA C 371 -2.29 28.44 25.80
CA ALA C 371 -3.74 28.39 25.88
C ALA C 371 -4.31 29.61 25.16
N ASP C 372 -4.98 29.38 24.04
CA ASP C 372 -5.67 30.43 23.28
C ASP C 372 -7.16 30.33 23.57
N SER C 373 -7.81 31.41 24.00
CA SER C 373 -9.20 31.38 24.45
C SER C 373 -10.04 32.46 23.77
N PHE C 374 -11.22 32.05 23.30
CA PHE C 374 -12.12 32.89 22.50
C PHE C 374 -13.53 32.28 22.39
N VAL C 375 -14.49 33.05 21.89
CA VAL C 375 -15.91 32.68 21.79
C VAL C 375 -16.37 32.66 20.33
N ILE C 376 -17.25 31.71 19.99
CA ILE C 376 -17.52 31.22 18.62
C ILE C 376 -19.00 30.87 18.45
N ARG C 377 -19.58 31.04 17.25
CA ARG C 377 -20.88 30.45 16.91
C ARG C 377 -20.79 28.94 16.67
N GLY C 378 -21.68 28.16 17.28
CA GLY C 378 -21.58 26.71 17.40
C GLY C 378 -21.34 25.91 16.12
N ASP C 379 -22.05 26.19 15.03
CA ASP C 379 -21.99 25.39 13.81
C ASP C 379 -20.61 25.45 13.12
N GLU C 380 -19.98 26.62 13.13
CA GLU C 380 -18.67 26.86 12.54
C GLU C 380 -17.49 26.50 13.45
N VAL C 381 -17.72 25.96 14.65
CA VAL C 381 -16.63 25.56 15.58
C VAL C 381 -15.63 24.57 14.97
N ARG C 382 -16.08 23.75 14.01
CA ARG C 382 -15.23 22.84 13.23
C ARG C 382 -14.10 23.56 12.51
N GLN C 383 -14.26 24.83 12.14
CA GLN C 383 -13.22 25.62 11.48
C GLN C 383 -11.97 25.83 12.35
N ILE C 384 -12.04 25.65 13.68
CA ILE C 384 -10.86 25.72 14.55
C ILE C 384 -9.92 24.51 14.32
N ALA C 385 -10.40 23.41 13.75
CA ALA C 385 -9.57 22.26 13.43
C ALA C 385 -8.40 22.61 12.48
N PRO C 386 -7.32 21.80 12.44
CA PRO C 386 -6.17 21.99 11.56
C PRO C 386 -6.53 22.14 10.08
N GLY C 387 -5.82 23.02 9.38
CA GLY C 387 -5.84 23.16 7.91
C GLY C 387 -7.10 23.76 7.25
N GLN C 388 -8.31 23.37 7.65
CA GLN C 388 -9.55 23.64 6.89
C GLN C 388 -10.00 25.11 6.84
N THR C 389 -10.62 25.51 5.72
CA THR C 389 -11.09 26.89 5.39
C THR C 389 -12.47 27.22 5.98
N GLY C 390 -12.90 28.48 5.87
CA GLY C 390 -14.09 29.06 6.50
C GLY C 390 -13.73 30.34 7.27
N LYS C 391 -14.66 31.26 7.47
CA LYS C 391 -14.36 32.66 7.91
C LYS C 391 -13.50 32.75 9.18
N ILE C 392 -13.63 31.83 10.14
CA ILE C 392 -12.74 31.79 11.30
C ILE C 392 -11.30 31.51 10.86
N ALA C 393 -11.07 30.40 10.16
CA ALA C 393 -9.74 29.98 9.74
C ALA C 393 -9.15 30.87 8.65
N ASP C 394 -10.00 31.48 7.83
CA ASP C 394 -9.59 32.39 6.77
C ASP C 394 -9.16 33.75 7.34
N TYR C 395 -9.90 34.30 8.30
CA TYR C 395 -9.77 35.71 8.70
C TYR C 395 -9.58 35.99 10.20
N ASN C 396 -9.59 34.99 11.10
CA ASN C 396 -9.64 35.22 12.54
C ASN C 396 -8.64 34.40 13.37
N TYR C 397 -8.59 33.08 13.16
CA TYR C 397 -7.72 32.16 13.91
C TYR C 397 -7.43 30.92 13.06
N LYS C 398 -6.20 30.80 12.55
CA LYS C 398 -5.77 29.69 11.69
C LYS C 398 -4.82 28.78 12.46
N LEU C 399 -5.16 27.50 12.61
CA LEU C 399 -4.20 26.48 13.02
C LEU C 399 -3.32 26.04 11.82
N PRO C 400 -2.09 25.60 12.05
CA PRO C 400 -1.33 24.85 11.06
C PRO C 400 -2.08 23.57 10.66
N ASP C 401 -1.75 22.97 9.51
CA ASP C 401 -2.14 21.58 9.26
C ASP C 401 -1.27 20.60 10.06
N ASP C 402 0.01 20.91 10.24
CA ASP C 402 0.96 20.23 11.14
C ASP C 402 0.83 20.74 12.59
N PHE C 403 -0.39 20.90 13.07
CA PHE C 403 -0.68 21.28 14.45
C PHE C 403 -0.29 20.16 15.45
N THR C 404 -0.22 20.50 16.73
CA THR C 404 -0.13 19.56 17.85
C THR C 404 -0.74 20.21 19.08
N GLY C 405 -1.86 19.67 19.57
CA GLY C 405 -2.58 20.27 20.68
C GLY C 405 -3.98 19.71 20.91
N CYS C 406 -4.58 20.20 21.98
CA CYS C 406 -5.89 19.80 22.47
C CYS C 406 -6.89 20.95 22.22
N VAL C 407 -8.04 20.67 21.59
CA VAL C 407 -9.09 21.67 21.37
C VAL C 407 -10.29 21.35 22.24
N ILE C 408 -10.70 22.31 23.07
CA ILE C 408 -11.83 22.20 23.99
C ILE C 408 -12.91 23.18 23.56
N ALA C 409 -14.17 22.75 23.50
CA ALA C 409 -15.30 23.67 23.30
C ALA C 409 -16.58 23.24 24.04
N TRP C 410 -17.40 24.22 24.42
CA TRP C 410 -18.70 24.00 25.06
C TRP C 410 -19.67 25.17 24.87
N ASN C 411 -20.98 24.91 24.95
CA ASN C 411 -22.02 25.92 24.81
C ASN C 411 -21.89 27.01 25.92
N SER C 412 -22.12 28.26 25.53
CA SER C 412 -21.98 29.46 26.34
C SER C 412 -23.27 30.26 26.49
N ASN C 413 -24.41 29.83 25.94
CA ASN C 413 -25.63 30.66 25.95
C ASN C 413 -26.06 31.04 27.39
N ASN C 414 -26.06 30.09 28.33
CA ASN C 414 -26.33 30.32 29.74
C ASN C 414 -25.27 31.18 30.45
N LEU C 415 -24.05 31.26 29.91
CA LEU C 415 -22.94 32.06 30.46
C LEU C 415 -22.99 33.52 29.99
N ASP C 416 -23.19 33.79 28.69
CA ASP C 416 -23.01 35.15 28.15
C ASP C 416 -23.82 35.51 26.89
N SER C 417 -24.79 34.71 26.44
CA SER C 417 -25.82 35.25 25.54
C SER C 417 -26.74 36.21 26.30
N LYS C 418 -27.31 37.23 25.64
CA LYS C 418 -28.11 38.28 26.31
C LYS C 418 -29.29 38.73 25.45
N VAL C 419 -30.34 39.25 26.05
CA VAL C 419 -31.52 39.81 25.35
C VAL C 419 -31.23 41.09 24.55
N GLY C 420 -30.09 41.75 24.80
CA GLY C 420 -29.52 42.78 23.93
C GLY C 420 -28.61 42.26 22.81
N GLY C 421 -28.50 40.95 22.63
CA GLY C 421 -27.66 40.28 21.62
C GLY C 421 -26.15 40.23 21.93
N ASN C 422 -25.69 40.86 23.02
CA ASN C 422 -24.27 40.97 23.41
C ASN C 422 -23.35 41.33 22.21
N TYR C 423 -23.70 42.40 21.49
CA TYR C 423 -23.13 42.70 20.17
C TYR C 423 -21.60 42.98 20.16
N ASN C 424 -20.93 43.08 21.31
CA ASN C 424 -19.46 43.10 21.40
C ASN C 424 -18.77 41.86 20.80
N TYR C 425 -19.46 40.73 20.63
CA TYR C 425 -18.81 39.48 20.20
C TYR C 425 -18.61 39.44 18.67
N LEU C 426 -17.52 40.05 18.20
CA LEU C 426 -17.19 40.20 16.78
C LEU C 426 -16.38 39.05 16.17
N TYR C 427 -16.54 38.86 14.86
CA TYR C 427 -15.64 38.13 13.98
C TYR C 427 -15.36 38.95 12.70
N ARG C 428 -14.13 38.91 12.21
CA ARG C 428 -13.73 39.52 10.94
C ARG C 428 -14.33 38.72 9.78
N LEU C 429 -14.95 39.40 8.81
CA LEU C 429 -15.52 38.78 7.61
C LEU C 429 -15.09 39.44 6.27
N PHE C 430 -14.19 40.41 6.32
CA PHE C 430 -13.47 40.92 5.14
C PHE C 430 -11.96 40.97 5.42
N ARG C 431 -11.14 40.53 4.46
CA ARG C 431 -9.68 40.70 4.48
C ARG C 431 -9.09 40.63 3.07
N LYS C 432 -7.95 41.28 2.84
CA LYS C 432 -7.21 41.23 1.56
C LYS C 432 -6.62 39.85 1.25
N SER C 433 -6.21 39.11 2.27
CA SER C 433 -5.66 37.76 2.19
C SER C 433 -5.93 36.97 3.47
N ASN C 434 -5.98 35.64 3.38
CA ASN C 434 -6.17 34.78 4.55
C ASN C 434 -4.96 34.82 5.48
N LEU C 435 -5.19 34.78 6.79
CA LEU C 435 -4.11 34.97 7.78
C LEU C 435 -3.25 33.69 7.98
N LYS C 436 -1.97 33.86 8.29
CA LYS C 436 -1.00 32.76 8.51
C LYS C 436 -1.31 31.97 9.79
N PRO C 437 -0.75 30.75 9.98
CA PRO C 437 -0.92 29.99 11.21
C PRO C 437 -0.54 30.80 12.46
N PHE C 438 -1.45 30.87 13.43
CA PHE C 438 -1.37 31.70 14.64
C PHE C 438 -1.14 33.21 14.40
N GLU C 439 -1.38 33.74 13.21
CA GLU C 439 -1.46 35.20 13.01
C GLU C 439 -2.68 35.78 13.74
N ARG C 440 -2.54 36.98 14.29
CA ARG C 440 -3.58 37.73 14.99
C ARG C 440 -3.74 39.11 14.33
N ASP C 441 -4.96 39.64 14.29
CA ASP C 441 -5.26 40.87 13.55
C ASP C 441 -6.36 41.71 14.21
N ILE C 442 -5.96 42.80 14.86
CA ILE C 442 -6.84 43.77 15.53
C ILE C 442 -7.23 44.97 14.65
N SER C 443 -6.88 44.98 13.36
CA SER C 443 -7.10 46.13 12.46
C SER C 443 -8.58 46.41 12.16
N THR C 444 -8.89 47.66 11.80
CA THR C 444 -10.26 48.19 11.65
C THR C 444 -10.51 48.97 10.35
N GLU C 445 -9.51 49.15 9.49
CA GLU C 445 -9.60 49.90 8.25
C GLU C 445 -10.62 49.29 7.27
N ILE C 446 -11.51 50.12 6.71
CA ILE C 446 -12.67 49.69 5.90
C ILE C 446 -12.23 48.94 4.64
N TYR C 447 -12.93 47.87 4.29
CA TYR C 447 -12.63 47.05 3.12
C TYR C 447 -13.35 47.56 1.85
N GLN C 448 -12.58 48.05 0.89
CA GLN C 448 -13.10 48.44 -0.42
C GLN C 448 -13.39 47.18 -1.25
N ALA C 449 -14.64 46.98 -1.66
CA ALA C 449 -15.13 45.71 -2.17
C ALA C 449 -14.84 45.42 -3.66
N GLY C 450 -14.28 46.37 -4.41
CA GLY C 450 -14.00 46.21 -5.83
C GLY C 450 -13.29 47.41 -6.45
N SER C 451 -14.00 48.54 -6.57
CA SER C 451 -13.53 49.73 -7.31
C SER C 451 -13.51 51.03 -6.50
N THR C 452 -14.59 51.37 -5.77
CA THR C 452 -14.70 52.64 -5.03
C THR C 452 -13.87 52.61 -3.72
N PRO C 453 -12.88 53.50 -3.50
CA PRO C 453 -12.09 53.53 -2.27
C PRO C 453 -12.86 54.12 -1.07
N CYS C 454 -12.62 53.60 0.13
CA CYS C 454 -13.37 53.98 1.34
C CYS C 454 -12.77 55.19 2.08
N ASN C 455 -11.45 55.37 2.05
CA ASN C 455 -10.72 56.42 2.77
C ASN C 455 -11.08 56.50 4.28
N GLY C 456 -11.27 55.35 4.92
CA GLY C 456 -11.56 55.23 6.35
C GLY C 456 -13.04 55.41 6.77
N VAL C 457 -14.00 55.39 5.83
CA VAL C 457 -15.44 55.50 6.12
C VAL C 457 -16.29 54.56 5.26
N GLU C 458 -17.31 53.94 5.85
CA GLU C 458 -18.14 52.91 5.23
C GLU C 458 -19.23 53.47 4.30
N GLY C 459 -19.80 52.61 3.46
CA GLY C 459 -20.80 52.96 2.46
C GLY C 459 -21.10 51.81 1.50
N PHE C 460 -21.70 52.10 0.33
CA PHE C 460 -21.91 51.11 -0.72
C PHE C 460 -20.57 50.61 -1.28
N ASN C 461 -20.38 49.29 -1.34
CA ASN C 461 -19.11 48.65 -1.71
C ASN C 461 -17.89 49.11 -0.88
N CYS C 462 -18.14 49.61 0.34
CA CYS C 462 -17.15 50.13 1.27
C CYS C 462 -17.47 49.56 2.66
N TYR C 463 -17.05 48.32 2.93
CA TYR C 463 -17.65 47.50 3.99
C TYR C 463 -16.77 47.39 5.25
N PHE C 464 -17.42 47.60 6.40
CA PHE C 464 -16.81 47.50 7.72
C PHE C 464 -16.31 46.06 7.99
N PRO C 465 -15.06 45.82 8.44
CA PRO C 465 -14.48 44.48 8.41
C PRO C 465 -15.05 43.47 9.41
N LEU C 466 -15.74 43.95 10.45
CA LEU C 466 -16.11 43.15 11.62
C LEU C 466 -17.62 42.99 11.71
N GLN C 467 -18.09 41.74 11.80
CA GLN C 467 -19.54 41.49 11.94
C GLN C 467 -19.84 40.84 13.30
N SER C 468 -20.33 41.59 14.29
CA SER C 468 -20.67 40.87 15.55
C SER C 468 -21.80 39.90 15.21
N TYR C 469 -21.74 38.65 15.68
CA TYR C 469 -22.85 37.71 15.36
C TYR C 469 -24.17 38.19 15.96
N GLY C 470 -24.12 38.61 17.22
CA GLY C 470 -25.32 39.07 17.95
C GLY C 470 -26.06 37.92 18.62
N PHE C 471 -25.41 37.28 19.59
CA PHE C 471 -25.95 36.16 20.36
C PHE C 471 -27.13 36.49 21.30
N GLN C 472 -28.34 36.40 20.76
CA GLN C 472 -29.59 36.26 21.53
C GLN C 472 -29.68 34.88 22.20
N PRO C 473 -30.38 34.72 23.34
CA PRO C 473 -30.34 33.47 24.10
C PRO C 473 -31.12 32.32 23.45
N THR C 474 -32.36 32.58 23.02
CA THR C 474 -33.15 31.63 22.24
C THR C 474 -32.67 31.63 20.78
N ASN C 475 -31.92 30.59 20.43
CA ASN C 475 -31.25 30.38 19.15
C ASN C 475 -31.18 28.87 18.88
N GLY C 476 -31.06 28.45 17.62
CA GLY C 476 -30.72 27.07 17.28
C GLY C 476 -29.37 26.65 17.86
N VAL C 477 -29.16 25.35 18.10
CA VAL C 477 -27.93 24.80 18.71
C VAL C 477 -26.66 25.16 17.93
N GLY C 478 -26.76 25.32 16.61
CA GLY C 478 -25.68 25.81 15.76
C GLY C 478 -25.44 27.33 15.83
N TYR C 479 -26.45 28.12 16.19
CA TYR C 479 -26.36 29.59 16.25
C TYR C 479 -25.96 30.13 17.63
N GLN C 480 -26.13 29.34 18.69
CA GLN C 480 -25.71 29.70 20.05
C GLN C 480 -24.20 30.00 20.15
N PRO C 481 -23.76 30.83 21.12
CA PRO C 481 -22.35 31.02 21.42
C PRO C 481 -21.77 29.78 22.10
N TYR C 482 -20.50 29.49 21.83
CA TYR C 482 -19.70 28.46 22.47
C TYR C 482 -18.39 29.09 22.92
N ARG C 483 -17.92 28.75 24.13
CA ARG C 483 -16.54 29.03 24.55
C ARG C 483 -15.61 28.00 23.89
N VAL C 484 -14.43 28.46 23.48
CA VAL C 484 -13.38 27.64 22.92
C VAL C 484 -12.07 27.95 23.63
N VAL C 485 -11.31 26.90 23.95
CA VAL C 485 -9.91 27.01 24.34
C VAL C 485 -9.09 26.03 23.53
N VAL C 486 -7.98 26.48 22.97
CA VAL C 486 -7.01 25.65 22.28
C VAL C 486 -5.75 25.59 23.13
N LEU C 487 -5.38 24.40 23.58
CA LEU C 487 -4.12 24.12 24.26
C LEU C 487 -3.12 23.65 23.19
N SER C 488 -2.42 24.59 22.58
CA SER C 488 -1.31 24.33 21.66
C SER C 488 -0.08 23.93 22.45
N PHE C 489 0.64 22.88 22.04
CA PHE C 489 1.79 22.35 22.77
C PHE C 489 3.08 22.44 21.97
N GLU C 490 4.21 22.72 22.64
CA GLU C 490 5.53 22.76 22.03
C GLU C 490 6.48 21.75 22.70
N LEU C 491 7.28 21.04 21.90
CA LEU C 491 8.14 19.93 22.34
C LEU C 491 9.63 20.32 22.29
N LEU C 492 10.25 20.41 21.11
CA LEU C 492 11.69 20.74 20.90
C LEU C 492 12.68 19.74 21.54
N HIS C 493 13.96 20.13 21.65
CA HIS C 493 14.97 19.60 22.60
C HIS C 493 14.50 19.54 24.08
N ALA C 494 13.40 20.23 24.39
CA ALA C 494 12.52 20.12 25.55
C ALA C 494 13.07 20.49 26.94
N PRO C 495 13.54 21.73 27.16
CA PRO C 495 13.91 22.26 28.48
C PRO C 495 12.64 22.62 29.28
N ALA C 496 11.86 21.56 29.52
CA ALA C 496 10.43 21.55 29.70
C ALA C 496 9.97 22.43 30.85
N THR C 497 9.22 23.48 30.54
CA THR C 497 8.67 24.35 31.57
C THR C 497 7.37 23.79 32.17
N VAL C 498 6.73 22.80 31.52
CA VAL C 498 5.46 22.23 31.96
C VAL C 498 5.54 20.70 32.01
N CYS C 499 5.04 20.14 33.12
CA CYS C 499 4.99 18.67 33.32
C CYS C 499 3.73 18.35 34.11
N GLY C 500 3.00 17.31 33.72
CA GLY C 500 1.74 16.91 34.38
C GLY C 500 2.00 16.32 35.76
N PRO C 501 1.00 16.26 36.66
CA PRO C 501 1.27 15.78 38.00
C PRO C 501 1.50 14.27 37.97
N LYS C 502 2.78 13.91 38.07
CA LYS C 502 3.29 12.51 38.13
C LYS C 502 4.24 12.47 39.32
N LYS C 503 4.06 11.52 40.24
CA LYS C 503 4.98 11.49 41.41
C LYS C 503 6.39 11.18 40.88
N SER C 504 7.39 11.93 41.34
CA SER C 504 8.78 11.66 40.90
C SER C 504 9.41 10.74 41.95
N THR C 505 9.75 9.51 41.55
CA THR C 505 10.29 8.52 42.52
C THR C 505 11.81 8.61 42.57
N ASN C 506 12.41 7.69 43.33
CA ASN C 506 13.87 7.55 43.46
C ASN C 506 14.49 7.07 42.13
N LEU C 507 15.77 7.36 41.89
CA LEU C 507 16.51 6.82 40.73
C LEU C 507 17.22 5.50 41.07
N VAL C 508 17.64 4.77 40.04
CA VAL C 508 18.34 3.48 40.12
C VAL C 508 19.48 3.49 39.12
N LYS C 509 20.63 2.92 39.47
CA LYS C 509 21.82 2.88 38.61
C LYS C 509 22.32 1.45 38.40
N ASN C 510 23.00 1.21 37.28
CA ASN C 510 23.69 -0.05 36.95
C ASN C 510 22.80 -1.30 36.82
N LYS C 511 21.49 -1.16 36.61
CA LYS C 511 20.59 -2.26 36.19
C LYS C 511 19.49 -1.78 35.24
N CYS C 512 18.92 -2.67 34.46
CA CYS C 512 17.89 -2.31 33.47
C CYS C 512 16.64 -1.73 34.11
N VAL C 513 16.15 -0.62 33.58
CA VAL C 513 14.97 0.12 34.02
C VAL C 513 14.21 0.71 32.85
N ASN C 514 12.90 0.85 32.98
CA ASN C 514 12.15 1.84 32.19
C ASN C 514 12.40 3.22 32.81
N PHE C 515 12.55 4.26 32.00
CA PHE C 515 12.84 5.59 32.50
C PHE C 515 12.06 6.66 31.77
N ASN C 516 11.89 7.80 32.42
CA ASN C 516 11.25 8.99 31.88
C ASN C 516 11.88 10.21 32.56
N PHE C 517 12.63 11.02 31.81
CA PHE C 517 13.21 12.25 32.32
C PHE C 517 12.53 13.44 31.62
N ASN C 518 11.78 14.24 32.36
CA ASN C 518 10.98 15.36 31.85
C ASN C 518 10.24 15.02 30.53
N GLY C 519 9.68 13.82 30.42
CA GLY C 519 8.95 13.34 29.24
C GLY C 519 9.76 12.50 28.26
N LEU C 520 11.09 12.66 28.16
CA LEU C 520 11.89 11.84 27.24
C LEU C 520 11.99 10.40 27.79
N THR C 521 11.52 9.44 27.02
CA THR C 521 11.08 8.13 27.54
C THR C 521 11.78 6.98 26.85
N GLY C 522 12.18 5.95 27.60
CA GLY C 522 12.86 4.79 27.05
C GLY C 522 13.12 3.68 28.07
N THR C 523 14.01 2.76 27.72
CA THR C 523 14.45 1.65 28.57
C THR C 523 15.96 1.53 28.48
N GLY C 524 16.66 1.34 29.59
CA GLY C 524 18.13 1.29 29.59
C GLY C 524 18.77 1.01 30.94
N VAL C 525 20.09 1.02 30.96
CA VAL C 525 20.95 0.83 32.13
C VAL C 525 21.60 2.17 32.45
N LEU C 526 21.01 2.92 33.38
CA LEU C 526 21.52 4.23 33.77
C LEU C 526 22.88 4.07 34.44
N THR C 527 23.90 4.54 33.76
CA THR C 527 25.31 4.32 34.07
C THR C 527 25.94 5.63 34.51
N GLU C 528 26.73 5.65 35.59
CA GLU C 528 27.35 6.88 36.09
C GLU C 528 28.23 7.55 35.01
N SER C 529 27.90 8.78 34.60
CA SER C 529 28.60 9.46 33.50
C SER C 529 29.83 10.25 33.96
N ASN C 530 30.78 10.46 33.04
CA ASN C 530 31.83 11.47 33.15
C ASN C 530 31.76 12.51 32.01
N LYS C 531 30.61 12.63 31.31
CA LYS C 531 30.43 13.58 30.21
C LYS C 531 30.45 15.03 30.71
N LYS C 532 31.21 15.87 29.99
CA LYS C 532 31.47 17.28 30.31
C LYS C 532 30.37 18.21 29.79
N PHE C 533 29.11 17.97 30.17
CA PHE C 533 28.02 18.85 29.78
C PHE C 533 28.30 20.28 30.27
N LEU C 534 28.20 21.25 29.37
CA LEU C 534 28.16 22.67 29.67
C LEU C 534 26.83 23.00 30.39
N PRO C 535 26.74 24.06 31.21
CA PRO C 535 25.59 24.28 32.10
C PRO C 535 24.21 24.29 31.42
N PHE C 536 24.11 24.78 30.19
CA PHE C 536 22.86 24.84 29.44
C PHE C 536 22.45 23.51 28.80
N GLN C 537 23.38 22.54 28.66
CA GLN C 537 23.11 21.26 28.00
C GLN C 537 22.30 20.33 28.89
N GLN C 538 21.29 19.68 28.32
CA GLN C 538 20.29 18.92 29.06
C GLN C 538 20.31 17.42 28.78
N PHE C 539 20.66 17.01 27.56
CA PHE C 539 20.82 15.62 27.18
C PHE C 539 21.84 15.46 26.07
N GLY C 540 22.37 14.26 25.90
CA GLY C 540 23.47 13.96 24.99
C GLY C 540 23.05 13.01 23.89
N ARG C 541 23.75 13.07 22.76
CA ARG C 541 23.47 12.26 21.57
C ARG C 541 24.75 11.62 21.05
N ASP C 542 24.64 10.40 20.56
CA ASP C 542 25.74 9.73 19.86
C ASP C 542 25.73 10.06 18.35
N ILE C 543 26.70 9.54 17.60
CA ILE C 543 26.77 9.71 16.14
C ILE C 543 25.50 9.22 15.41
N ALA C 544 24.77 8.29 16.02
CA ALA C 544 23.52 7.73 15.52
C ALA C 544 22.27 8.58 15.84
N ASP C 545 22.41 9.72 16.51
CA ASP C 545 21.30 10.56 16.98
C ASP C 545 20.34 9.83 17.95
N THR C 546 20.86 8.86 18.70
CA THR C 546 20.18 8.20 19.82
C THR C 546 20.38 9.05 21.07
N THR C 547 19.46 9.04 22.03
CA THR C 547 19.75 9.62 23.35
C THR C 547 20.82 8.78 24.05
N ASP C 548 22.00 9.33 24.23
CA ASP C 548 23.16 8.63 24.83
C ASP C 548 23.31 8.96 26.32
N ALA C 549 22.86 10.14 26.76
CA ALA C 549 22.98 10.57 28.15
C ALA C 549 21.91 11.60 28.51
N VAL C 550 21.62 11.76 29.79
CA VAL C 550 20.68 12.77 30.30
C VAL C 550 21.22 13.43 31.56
N ARG C 551 20.93 14.71 31.73
CA ARG C 551 21.03 15.35 33.04
C ARG C 551 19.80 14.95 33.87
N ASP C 552 19.98 14.51 35.10
CA ASP C 552 18.85 14.32 36.01
C ASP C 552 18.25 15.70 36.37
N PRO C 553 16.93 15.91 36.27
CA PRO C 553 16.30 17.23 36.40
C PRO C 553 16.21 17.77 37.83
N GLN C 554 16.74 17.03 38.82
CA GLN C 554 16.72 17.39 40.24
C GLN C 554 18.15 17.44 40.78
N THR C 555 18.85 16.32 40.82
CA THR C 555 20.30 16.31 41.11
C THR C 555 21.04 16.42 39.79
N LEU C 556 21.57 17.59 39.47
CA LEU C 556 21.96 18.01 38.11
C LEU C 556 23.18 17.31 37.51
N GLU C 557 23.56 16.12 38.01
CA GLU C 557 24.58 15.26 37.41
C GLU C 557 24.07 14.53 36.17
N ILE C 558 24.99 13.90 35.44
CA ILE C 558 24.74 13.29 34.13
C ILE C 558 24.78 11.76 34.24
N LEU C 559 23.83 11.11 33.56
CA LEU C 559 23.69 9.66 33.49
C LEU C 559 23.85 9.20 32.04
N ASP C 560 24.74 8.26 31.75
CA ASP C 560 24.80 7.62 30.45
C ASP C 560 23.70 6.57 30.33
N ILE C 561 22.90 6.63 29.27
CA ILE C 561 21.85 5.65 29.00
C ILE C 561 22.43 4.52 28.16
N THR C 562 23.22 3.64 28.78
CA THR C 562 23.69 2.41 28.13
C THR C 562 22.48 1.50 27.84
N PRO C 563 22.29 0.93 26.65
CA PRO C 563 21.10 0.13 26.35
C PRO C 563 21.07 -1.20 27.11
N CYS C 564 19.87 -1.72 27.38
CA CYS C 564 19.70 -3.04 28.00
C CYS C 564 20.25 -4.13 27.08
N SER C 565 21.16 -4.97 27.59
CA SER C 565 21.91 -5.91 26.75
C SER C 565 21.01 -6.98 26.12
N PHE C 566 21.33 -7.30 24.87
CA PHE C 566 20.57 -8.21 24.03
C PHE C 566 21.49 -8.96 23.07
N GLY C 567 21.04 -10.09 22.53
CA GLY C 567 21.80 -10.85 21.54
C GLY C 567 21.08 -12.09 21.04
N GLY C 568 21.46 -12.59 19.87
CA GLY C 568 20.87 -13.79 19.29
C GLY C 568 21.18 -15.03 20.13
N VAL C 569 20.14 -15.72 20.60
CA VAL C 569 20.28 -17.06 21.16
C VAL C 569 20.51 -18.03 20.02
N SER C 570 21.53 -18.86 20.09
CA SER C 570 21.76 -19.91 19.10
C SER C 570 21.98 -21.26 19.75
N VAL C 571 21.36 -22.31 19.22
CA VAL C 571 21.32 -23.62 19.87
C VAL C 571 22.25 -24.57 19.14
N ILE C 572 23.29 -25.02 19.82
CA ILE C 572 24.32 -25.93 19.33
C ILE C 572 23.82 -27.35 19.54
N THR C 573 23.53 -28.06 18.46
CA THR C 573 22.83 -29.35 18.51
C THR C 573 23.69 -30.46 17.90
N PRO C 574 23.94 -31.59 18.59
CA PRO C 574 24.63 -32.76 18.03
C PRO C 574 23.87 -33.50 16.92
N GLY C 575 22.64 -33.09 16.64
CA GLY C 575 21.69 -33.71 15.73
C GLY C 575 20.70 -34.61 16.47
N THR C 576 19.41 -34.51 16.18
CA THR C 576 18.36 -35.26 16.91
C THR C 576 18.54 -36.77 16.82
N ASN C 577 18.95 -37.27 15.66
CA ASN C 577 19.31 -38.68 15.44
C ASN C 577 20.75 -38.95 15.91
N THR C 578 21.04 -38.58 17.16
CA THR C 578 22.27 -38.87 17.92
C THR C 578 22.05 -38.50 19.38
N SER C 579 21.51 -37.30 19.66
CA SER C 579 21.08 -36.93 21.01
C SER C 579 20.02 -35.83 21.01
N ASN C 580 19.15 -35.82 22.03
CA ASN C 580 18.24 -34.70 22.32
C ASN C 580 18.86 -33.67 23.29
N GLU C 581 20.14 -33.81 23.61
CA GLU C 581 20.92 -32.84 24.38
C GLU C 581 21.37 -31.66 23.53
N VAL C 582 21.47 -30.45 24.10
CA VAL C 582 21.92 -29.23 23.40
C VAL C 582 22.71 -28.31 24.31
N ALA C 583 23.45 -27.38 23.72
CA ALA C 583 24.07 -26.25 24.40
C ALA C 583 23.59 -24.96 23.76
N VAL C 584 23.62 -23.85 24.48
CA VAL C 584 23.07 -22.58 24.02
C VAL C 584 24.11 -21.48 24.10
N LEU C 585 24.29 -20.76 23.01
CA LEU C 585 25.18 -19.61 22.92
C LEU C 585 24.34 -18.34 22.94
N TYR C 586 24.49 -17.51 23.98
CA TYR C 586 23.88 -16.20 24.07
C TYR C 586 24.85 -15.19 23.46
N GLN C 587 24.69 -14.88 22.18
CA GLN C 587 25.68 -14.11 21.43
C GLN C 587 25.94 -12.73 22.05
N ASP C 588 27.17 -12.26 21.96
CA ASP C 588 27.66 -10.96 22.43
C ASP C 588 27.56 -10.65 23.93
N VAL C 589 26.65 -11.23 24.70
CA VAL C 589 26.50 -10.91 26.13
C VAL C 589 27.59 -11.53 27.00
N ASN C 590 27.65 -11.05 28.23
CA ASN C 590 28.52 -11.52 29.31
C ASN C 590 27.71 -12.44 30.23
N CYS C 591 28.26 -13.57 30.67
CA CYS C 591 27.51 -14.54 31.46
C CYS C 591 26.88 -14.01 32.75
N THR C 592 27.41 -12.92 33.32
CA THR C 592 26.80 -12.27 34.49
C THR C 592 25.43 -11.62 34.18
N GLU C 593 25.09 -11.36 32.92
CA GLU C 593 23.79 -10.80 32.54
C GLU C 593 22.69 -11.86 32.34
N VAL C 594 23.04 -13.13 32.10
CA VAL C 594 22.09 -14.18 31.71
C VAL C 594 21.35 -14.74 32.93
N ASN C 615 26.07 -25.86 33.36
CA ASN C 615 27.47 -25.58 33.06
C ASN C 615 27.60 -24.29 32.25
N VAL C 616 28.57 -23.41 32.55
CA VAL C 616 28.67 -22.07 31.95
C VAL C 616 30.11 -21.71 31.60
N PHE C 617 30.31 -21.08 30.44
CA PHE C 617 31.62 -20.72 29.89
C PHE C 617 31.51 -19.39 29.11
N GLN C 618 32.56 -18.58 29.06
CA GLN C 618 32.57 -17.32 28.31
C GLN C 618 33.56 -17.38 27.15
N THR C 619 33.12 -16.95 25.97
CA THR C 619 33.97 -16.81 24.78
C THR C 619 33.64 -15.50 24.05
N ARG C 620 34.51 -15.00 23.17
CA ARG C 620 34.30 -13.77 22.41
C ARG C 620 33.01 -13.77 21.59
N ALA C 621 32.52 -14.95 21.20
CA ALA C 621 31.22 -15.09 20.52
C ALA C 621 30.03 -14.76 21.42
N GLY C 622 30.12 -14.98 22.72
CA GLY C 622 29.04 -14.82 23.69
C GLY C 622 29.14 -15.78 24.87
N CYS C 623 28.21 -15.71 25.79
CA CYS C 623 28.13 -16.66 26.90
C CYS C 623 27.62 -18.01 26.41
N LEU C 624 28.33 -19.09 26.68
CA LEU C 624 28.01 -20.44 26.19
C LEU C 624 27.63 -21.34 27.37
N ILE C 625 26.41 -21.86 27.34
CA ILE C 625 25.77 -22.55 28.46
C ILE C 625 25.40 -23.97 28.04
N GLY C 626 25.68 -24.94 28.89
CA GLY C 626 25.41 -26.35 28.60
C GLY C 626 26.51 -27.05 27.79
N ALA C 627 27.64 -26.40 27.53
CA ALA C 627 28.83 -27.00 26.93
C ALA C 627 30.05 -26.94 27.85
N GLU C 628 30.89 -27.95 27.77
CA GLU C 628 32.04 -28.19 28.64
C GLU C 628 33.35 -27.75 27.96
N HIS C 629 34.06 -26.78 28.51
CA HIS C 629 35.33 -26.32 27.94
C HIS C 629 36.43 -27.36 28.10
N VAL C 630 37.14 -27.74 27.03
CA VAL C 630 38.25 -28.71 27.06
C VAL C 630 39.50 -28.20 26.34
N ASN C 631 40.68 -28.63 26.80
CA ASN C 631 41.97 -28.13 26.35
C ASN C 631 42.55 -28.89 25.14
N ASN C 632 41.95 -30.01 24.75
CA ASN C 632 42.32 -30.73 23.52
C ASN C 632 41.78 -29.98 22.29
N SER C 633 42.65 -29.41 21.47
CA SER C 633 42.25 -28.76 20.23
C SER C 633 41.97 -29.77 19.11
N TYR C 634 40.79 -30.39 19.12
CA TYR C 634 40.33 -31.21 18.00
C TYR C 634 40.11 -30.38 16.73
N GLU C 635 39.90 -31.03 15.58
CA GLU C 635 39.40 -30.35 14.38
C GLU C 635 38.02 -29.75 14.63
N CYS C 636 37.60 -28.76 13.84
CA CYS C 636 36.28 -28.15 14.04
C CYS C 636 35.14 -29.12 13.68
N ASP C 637 33.96 -28.91 14.25
CA ASP C 637 32.80 -29.78 14.06
C ASP C 637 31.52 -28.96 13.93
N ILE C 638 31.04 -28.34 15.00
CA ILE C 638 30.07 -27.24 14.94
C ILE C 638 30.83 -25.94 15.18
N PRO C 639 30.91 -24.99 14.25
CA PRO C 639 31.62 -23.73 14.47
C PRO C 639 30.82 -22.81 15.39
N ILE C 640 31.49 -22.04 16.26
CA ILE C 640 30.83 -21.06 17.13
C ILE C 640 31.27 -19.63 16.81
N GLY C 641 32.57 -19.37 16.80
CA GLY C 641 33.12 -18.03 16.52
C GLY C 641 34.45 -17.80 17.22
N ALA C 642 35.27 -16.90 16.70
CA ALA C 642 36.56 -16.55 17.32
C ALA C 642 37.44 -17.75 17.67
N GLY C 643 37.45 -18.77 16.82
CA GLY C 643 38.24 -19.99 16.94
C GLY C 643 37.62 -21.10 17.78
N ILE C 644 36.51 -20.87 18.48
CA ILE C 644 35.82 -21.94 19.21
C ILE C 644 34.97 -22.79 18.26
N CYS C 645 34.98 -24.09 18.48
CA CYS C 645 34.04 -25.05 17.92
C CYS C 645 33.48 -25.92 19.04
N ALA C 646 32.35 -26.56 18.81
CA ALA C 646 31.76 -27.53 19.74
C ALA C 646 31.48 -28.86 19.07
N SER C 647 31.43 -29.94 19.86
CA SER C 647 31.26 -31.32 19.38
C SER C 647 30.72 -32.22 20.49
N TYR C 648 30.22 -33.41 20.17
CA TYR C 648 29.67 -34.33 21.17
C TYR C 648 30.67 -35.44 21.48
N GLN C 649 31.02 -35.63 22.75
CA GLN C 649 32.14 -36.50 23.14
C GLN C 649 31.96 -37.12 24.53
N THR C 650 32.63 -38.25 24.79
CA THR C 650 32.70 -38.87 26.12
C THR C 650 33.58 -38.06 27.09
N GLN C 664 28.09 -39.01 27.87
CA GLN C 664 28.65 -38.01 26.96
C GLN C 664 28.14 -36.60 27.25
N SER C 665 28.85 -35.58 26.77
CA SER C 665 28.53 -34.16 26.91
C SER C 665 28.86 -33.43 25.60
N ILE C 666 28.31 -32.22 25.43
CA ILE C 666 28.77 -31.31 24.39
C ILE C 666 30.02 -30.59 24.92
N ILE C 667 31.16 -30.81 24.29
CA ILE C 667 32.39 -30.08 24.57
C ILE C 667 32.48 -28.83 23.70
N ALA C 668 33.20 -27.82 24.16
CA ALA C 668 33.60 -26.67 23.35
C ALA C 668 35.09 -26.41 23.54
N TYR C 669 35.82 -26.10 22.47
CA TYR C 669 37.29 -26.07 22.46
C TYR C 669 37.80 -25.09 21.41
N THR C 670 39.03 -24.60 21.55
CA THR C 670 39.68 -23.87 20.45
C THR C 670 40.11 -24.86 19.38
N MET C 671 39.62 -24.73 18.16
CA MET C 671 39.91 -25.69 17.09
C MET C 671 41.39 -25.69 16.70
N SER C 672 41.92 -26.84 16.31
CA SER C 672 43.18 -26.93 15.57
C SER C 672 42.91 -26.90 14.07
N LEU C 673 43.83 -26.33 13.31
CA LEU C 673 43.68 -26.15 11.87
C LEU C 673 44.09 -27.42 11.10
N GLY C 674 45.00 -28.20 11.67
CA GLY C 674 45.47 -29.47 11.14
C GLY C 674 46.63 -29.99 11.97
N ALA C 675 47.12 -31.19 11.66
CA ALA C 675 48.33 -31.71 12.28
C ALA C 675 49.52 -30.78 12.02
N GLU C 676 50.31 -30.48 13.04
CA GLU C 676 51.55 -29.71 12.86
C GLU C 676 52.63 -30.57 12.17
N ASN C 677 53.41 -29.99 11.28
CA ASN C 677 54.41 -30.71 10.48
C ASN C 677 55.66 -29.88 10.23
N SER C 678 56.73 -30.07 11.00
CA SER C 678 58.04 -29.55 10.64
C SER C 678 58.60 -30.36 9.46
N VAL C 679 58.56 -29.77 8.26
CA VAL C 679 59.04 -30.41 7.02
C VAL C 679 60.53 -30.66 7.13
N ALA C 680 61.00 -31.84 6.70
CA ALA C 680 62.38 -32.31 6.84
C ALA C 680 63.41 -31.62 5.93
N TYR C 681 63.31 -30.30 5.77
CA TYR C 681 64.15 -29.49 4.88
C TYR C 681 65.62 -29.49 5.30
N SER C 682 66.52 -29.50 4.33
CA SER C 682 67.94 -29.13 4.46
C SER C 682 68.48 -28.74 3.10
N ASN C 683 69.57 -27.97 3.03
CA ASN C 683 70.17 -27.48 1.79
C ASN C 683 70.60 -28.58 0.79
N ASN C 684 70.60 -29.85 1.19
CA ASN C 684 71.00 -30.98 0.36
C ASN C 684 70.00 -32.13 0.37
N SER C 685 68.79 -32.00 0.92
CA SER C 685 67.83 -33.11 1.01
C SER C 685 66.64 -32.90 0.11
N ILE C 686 66.28 -33.89 -0.70
CA ILE C 686 65.05 -33.91 -1.50
C ILE C 686 64.31 -35.21 -1.24
N ALA C 687 62.99 -35.20 -1.16
CA ALA C 687 62.20 -36.42 -1.11
C ALA C 687 61.48 -36.63 -2.43
N ILE C 688 61.55 -37.83 -3.01
CA ILE C 688 60.98 -38.13 -4.33
C ILE C 688 59.99 -39.28 -4.18
N PRO C 689 58.79 -39.22 -4.80
CA PRO C 689 57.75 -40.22 -4.61
C PRO C 689 58.08 -41.49 -5.37
N THR C 690 58.24 -42.60 -4.65
CA THR C 690 58.59 -43.86 -5.32
C THR C 690 57.34 -44.53 -5.88
N ASN C 691 56.17 -43.95 -5.67
CA ASN C 691 54.91 -44.62 -6.11
C ASN C 691 53.78 -43.61 -6.00
N PHE C 692 52.68 -43.84 -6.67
CA PHE C 692 51.57 -42.86 -6.74
C PHE C 692 50.23 -43.59 -6.65
N THR C 693 49.18 -42.83 -6.42
CA THR C 693 47.81 -43.33 -6.53
C THR C 693 47.07 -42.48 -7.51
N ILE C 694 46.38 -43.08 -8.47
CA ILE C 694 45.27 -42.42 -9.15
C ILE C 694 44.16 -42.20 -8.12
N SER C 695 43.46 -41.09 -8.16
CA SER C 695 42.23 -40.88 -7.39
C SER C 695 41.21 -40.19 -8.26
N VAL C 696 39.94 -40.21 -7.87
CA VAL C 696 38.82 -39.75 -8.72
C VAL C 696 37.94 -38.83 -7.90
N THR C 697 38.46 -37.68 -7.48
CA THR C 697 37.73 -36.73 -6.63
C THR C 697 36.47 -36.26 -7.35
N THR C 698 35.30 -36.42 -6.74
CA THR C 698 34.06 -35.90 -7.32
C THR C 698 33.93 -34.41 -7.03
N GLU C 699 33.51 -33.62 -8.00
CA GLU C 699 33.13 -32.21 -7.80
C GLU C 699 31.75 -31.97 -8.39
N ILE C 700 30.88 -31.30 -7.65
CA ILE C 700 29.50 -31.03 -8.05
C ILE C 700 29.34 -29.52 -8.26
N LEU C 701 28.68 -29.09 -9.33
CA LEU C 701 28.36 -27.67 -9.55
C LEU C 701 26.88 -27.50 -9.95
N PRO C 702 26.13 -26.56 -9.37
CA PRO C 702 24.85 -26.18 -9.90
C PRO C 702 25.01 -25.41 -11.21
N VAL C 703 24.08 -25.58 -12.13
CA VAL C 703 24.13 -24.99 -13.48
C VAL C 703 22.85 -24.26 -13.83
N SER C 704 21.71 -24.71 -13.31
CA SER C 704 20.39 -24.17 -13.65
C SER C 704 19.58 -23.96 -12.39
N MET C 705 18.85 -22.86 -12.28
CA MET C 705 17.67 -22.82 -11.43
C MET C 705 16.54 -23.60 -12.09
N THR C 706 15.44 -23.85 -11.39
CA THR C 706 14.19 -24.22 -12.08
C THR C 706 13.68 -23.00 -12.82
N LYS C 707 13.43 -23.08 -14.14
CA LYS C 707 12.85 -21.96 -14.91
C LYS C 707 11.47 -21.62 -14.37
N THR C 708 11.22 -20.36 -14.07
CA THR C 708 9.92 -19.93 -13.54
C THR C 708 9.50 -18.59 -14.12
N SER C 709 8.20 -18.40 -14.23
CA SER C 709 7.58 -17.12 -14.53
C SER C 709 6.36 -16.96 -13.64
N VAL C 710 6.10 -15.75 -13.17
CA VAL C 710 4.93 -15.47 -12.33
C VAL C 710 4.09 -14.44 -13.06
N ASP C 711 2.84 -14.78 -13.39
CA ASP C 711 1.90 -13.83 -14.00
C ASP C 711 1.47 -12.84 -12.92
N CYS C 712 2.22 -11.77 -12.77
CA CYS C 712 2.13 -10.91 -11.60
C CYS C 712 0.76 -10.26 -11.43
N THR C 713 -0.01 -10.02 -12.49
CA THR C 713 -1.39 -9.53 -12.32
C THR C 713 -2.28 -10.57 -11.67
N MET C 714 -2.16 -11.85 -12.04
CA MET C 714 -2.92 -12.90 -11.36
C MET C 714 -2.42 -13.11 -9.94
N TYR C 715 -1.12 -13.03 -9.69
CA TYR C 715 -0.60 -13.12 -8.32
C TYR C 715 -1.18 -12.02 -7.44
N ILE C 716 -1.07 -10.76 -7.87
CA ILE C 716 -1.50 -9.60 -7.08
C ILE C 716 -3.01 -9.56 -6.90
N CYS C 717 -3.79 -9.73 -7.97
CA CYS C 717 -5.24 -9.48 -7.99
C CYS C 717 -6.16 -10.70 -8.11
N GLY C 718 -5.66 -11.91 -8.35
CA GLY C 718 -6.49 -13.14 -8.28
C GLY C 718 -7.70 -13.16 -9.21
N ASP C 719 -7.58 -12.55 -10.39
CA ASP C 719 -8.67 -12.37 -11.35
C ASP C 719 -9.86 -11.50 -10.86
N SER C 720 -9.67 -10.66 -9.84
CA SER C 720 -10.62 -9.60 -9.48
C SER C 720 -10.56 -8.42 -10.44
N THR C 721 -11.71 -8.01 -10.97
CA THR C 721 -11.81 -6.80 -11.83
C THR C 721 -11.65 -5.51 -11.02
N GLU C 722 -12.13 -5.49 -9.78
CA GLU C 722 -11.99 -4.34 -8.89
C GLU C 722 -10.55 -4.06 -8.50
N CYS C 723 -9.73 -5.12 -8.31
CA CYS C 723 -8.30 -4.99 -8.06
C CYS C 723 -7.51 -4.66 -9.33
N SER C 724 -7.78 -5.33 -10.44
CA SER C 724 -6.97 -5.19 -11.66
C SER C 724 -6.92 -3.74 -12.17
N ASN C 725 -8.04 -3.02 -12.12
CA ASN C 725 -8.09 -1.61 -12.46
C ASN C 725 -7.22 -0.72 -11.56
N LEU C 726 -7.03 -1.07 -10.28
CA LEU C 726 -6.08 -0.36 -9.41
C LEU C 726 -4.64 -0.69 -9.76
N LEU C 727 -4.31 -1.95 -10.06
CA LEU C 727 -2.94 -2.34 -10.39
C LEU C 727 -2.42 -1.54 -11.59
N LEU C 728 -3.25 -1.27 -12.60
CA LEU C 728 -2.86 -0.45 -13.75
C LEU C 728 -2.37 0.96 -13.39
N GLN C 729 -2.75 1.51 -12.23
CA GLN C 729 -2.28 2.83 -11.80
C GLN C 729 -0.81 2.82 -11.40
N TYR C 730 -0.28 1.67 -10.99
CA TYR C 730 1.15 1.47 -10.68
C TYR C 730 2.00 1.32 -11.94
N GLY C 731 1.37 1.27 -13.13
CA GLY C 731 2.04 1.36 -14.42
C GLY C 731 2.86 0.13 -14.78
N SER C 732 4.08 0.36 -15.26
CA SER C 732 4.92 -0.68 -15.88
C SER C 732 5.50 -1.72 -14.93
N PHE C 733 5.32 -1.61 -13.60
CA PHE C 733 5.93 -2.53 -12.64
C PHE C 733 5.69 -3.98 -13.00
N CYS C 734 4.45 -4.36 -13.25
CA CYS C 734 4.13 -5.75 -13.58
C CYS C 734 4.68 -6.20 -14.94
N THR C 735 4.80 -5.33 -15.94
CA THR C 735 5.49 -5.69 -17.20
C THR C 735 6.98 -5.95 -16.95
N GLN C 736 7.66 -5.11 -16.19
CA GLN C 736 9.09 -5.33 -15.93
C GLN C 736 9.36 -6.51 -15.01
N LEU C 737 8.44 -6.92 -14.13
CA LEU C 737 8.58 -8.15 -13.34
C LEU C 737 8.45 -9.39 -14.23
N ASN C 738 7.46 -9.45 -15.14
CA ASN C 738 7.38 -10.53 -16.13
C ASN C 738 8.65 -10.59 -16.98
N ARG C 739 9.18 -9.44 -17.43
CA ARG C 739 10.42 -9.36 -18.22
C ARG C 739 11.63 -9.80 -17.42
N ALA C 740 11.77 -9.41 -16.15
CA ALA C 740 12.87 -9.83 -15.30
C ALA C 740 12.92 -11.34 -15.13
N LEU C 741 11.81 -11.98 -14.74
CA LEU C 741 11.75 -13.45 -14.66
C LEU C 741 11.90 -14.12 -16.02
N THR C 742 11.44 -13.52 -17.12
CA THR C 742 11.68 -14.05 -18.46
C THR C 742 13.17 -14.06 -18.80
N GLY C 743 13.92 -13.01 -18.46
CA GLY C 743 15.37 -12.98 -18.68
C GLY C 743 16.08 -14.10 -17.92
N ILE C 744 15.68 -14.34 -16.67
CA ILE C 744 16.15 -15.47 -15.85
C ILE C 744 15.78 -16.79 -16.50
N ALA C 745 14.55 -16.97 -16.96
CA ALA C 745 14.08 -18.20 -17.56
C ALA C 745 14.81 -18.52 -18.87
N VAL C 746 15.01 -17.55 -19.76
CA VAL C 746 15.81 -17.74 -20.99
C VAL C 746 17.25 -18.11 -20.64
N GLU C 747 17.83 -17.48 -19.62
CA GLU C 747 19.21 -17.69 -19.26
C GLU C 747 19.49 -19.11 -18.74
N GLN C 748 18.53 -19.81 -18.14
CA GLN C 748 18.80 -21.16 -17.65
C GLN C 748 19.12 -22.14 -18.79
N ASP C 749 18.57 -21.94 -19.97
CA ASP C 749 18.93 -22.71 -21.16
C ASP C 749 20.26 -22.26 -21.77
N LYS C 750 20.62 -20.98 -21.66
CA LYS C 750 21.96 -20.51 -22.00
C LYS C 750 23.00 -21.13 -21.09
N ASN C 751 22.80 -21.15 -19.77
CA ASN C 751 23.66 -21.89 -18.85
C ASN C 751 23.76 -23.36 -19.25
N THR C 752 22.63 -24.02 -19.41
CA THR C 752 22.61 -25.46 -19.60
C THR C 752 23.21 -25.87 -20.94
N GLN C 753 23.05 -25.11 -22.02
CA GLN C 753 23.73 -25.43 -23.27
C GLN C 753 25.19 -25.00 -23.28
N GLU C 754 25.60 -23.92 -22.61
CA GLU C 754 27.03 -23.57 -22.54
C GLU C 754 27.86 -24.57 -21.76
N VAL C 755 27.28 -25.22 -20.75
CA VAL C 755 27.94 -26.31 -20.03
C VAL C 755 28.01 -27.56 -20.89
N PHE C 756 26.90 -28.11 -21.36
CA PHE C 756 26.90 -29.43 -22.00
C PHE C 756 27.12 -29.41 -23.52
N ALA C 757 26.59 -28.44 -24.25
CA ALA C 757 26.64 -28.42 -25.72
C ALA C 757 27.96 -27.87 -26.27
N GLN C 758 29.08 -28.25 -25.66
CA GLN C 758 30.43 -27.93 -26.12
C GLN C 758 30.90 -28.84 -27.26
N VAL C 759 30.13 -29.86 -27.59
CA VAL C 759 30.44 -30.90 -28.57
C VAL C 759 29.55 -30.77 -29.81
N LYS C 760 30.13 -30.70 -31.00
CA LYS C 760 29.39 -30.44 -32.24
C LYS C 760 28.64 -31.66 -32.78
N GLN C 761 29.13 -32.87 -32.50
CA GLN C 761 28.56 -34.14 -32.94
C GLN C 761 28.33 -35.06 -31.76
N ILE C 762 27.27 -35.87 -31.79
CA ILE C 762 27.01 -36.82 -30.70
C ILE C 762 27.86 -38.05 -30.96
N TYR C 763 29.07 -38.06 -30.39
CA TYR C 763 29.92 -39.23 -30.43
C TYR C 763 29.29 -40.39 -29.67
N LYS C 764 29.64 -41.63 -30.03
CA LYS C 764 29.29 -42.83 -29.26
C LYS C 764 30.44 -43.84 -29.27
N THR C 765 30.58 -44.61 -28.19
CA THR C 765 31.62 -45.65 -28.06
C THR C 765 31.31 -46.86 -28.93
N PRO C 766 32.35 -47.60 -29.39
CA PRO C 766 32.15 -48.83 -30.16
C PRO C 766 31.53 -49.96 -29.31
N PRO C 767 31.10 -51.08 -29.92
CA PRO C 767 30.54 -52.21 -29.19
C PRO C 767 31.56 -52.87 -28.24
N ILE C 768 32.83 -52.97 -28.67
CA ILE C 768 33.97 -53.41 -27.83
C ILE C 768 34.26 -52.40 -26.70
N LYS C 769 34.84 -52.87 -25.60
CA LYS C 769 35.11 -52.06 -24.38
C LYS C 769 36.54 -52.24 -23.84
N ASP C 770 37.49 -52.54 -24.72
CA ASP C 770 38.91 -52.68 -24.38
C ASP C 770 39.61 -51.31 -24.29
N PHE C 771 39.21 -50.52 -23.30
CA PHE C 771 39.90 -49.29 -22.92
C PHE C 771 41.14 -49.56 -22.08
N GLY C 772 42.04 -50.43 -22.54
CA GLY C 772 43.32 -50.70 -21.87
C GLY C 772 43.21 -51.32 -20.47
N GLY C 773 42.05 -51.85 -20.08
CA GLY C 773 41.76 -52.37 -18.75
C GLY C 773 40.99 -51.42 -17.83
N PHE C 774 40.85 -50.14 -18.21
CA PHE C 774 39.99 -49.18 -17.52
C PHE C 774 38.52 -49.55 -17.76
N ASN C 775 37.65 -49.39 -16.77
CA ASN C 775 36.26 -49.85 -16.83
C ASN C 775 35.27 -48.69 -16.68
N PHE C 776 34.90 -48.10 -17.80
CA PHE C 776 33.94 -46.99 -17.84
C PHE C 776 32.47 -47.41 -17.81
N SER C 777 32.13 -48.69 -17.64
CA SER C 777 30.73 -49.17 -17.67
C SER C 777 29.82 -48.48 -16.64
N GLN C 778 30.40 -47.97 -15.56
CA GLN C 778 29.70 -47.25 -14.50
C GLN C 778 29.33 -45.81 -14.89
N ILE C 779 29.93 -45.26 -15.97
CA ILE C 779 29.77 -43.87 -16.39
C ILE C 779 29.32 -43.68 -17.84
N LEU C 780 29.54 -44.65 -18.73
CA LEU C 780 28.89 -44.72 -20.04
C LEU C 780 27.39 -45.02 -19.87
N PRO C 781 26.53 -44.65 -20.82
CA PRO C 781 25.09 -44.86 -20.73
C PRO C 781 24.74 -46.34 -20.59
N ASP C 782 23.79 -46.67 -19.72
CA ASP C 782 23.23 -48.02 -19.61
C ASP C 782 22.03 -48.16 -20.58
N PRO C 783 22.14 -48.95 -21.65
CA PRO C 783 21.07 -49.06 -22.65
C PRO C 783 19.81 -49.77 -22.10
N SER C 784 19.92 -50.48 -20.97
CA SER C 784 18.79 -51.12 -20.29
C SER C 784 18.01 -50.19 -19.36
N LYS C 785 18.52 -49.00 -19.08
CA LYS C 785 17.88 -48.02 -18.18
C LYS C 785 16.69 -47.28 -18.80
N SER C 787 15.49 -43.62 -18.31
CA SER C 787 16.26 -42.98 -19.38
C SER C 787 17.65 -43.62 -19.56
N LYS C 788 18.32 -43.37 -20.68
CA LYS C 788 19.63 -43.90 -21.03
C LYS C 788 20.82 -43.27 -20.29
N ARG C 789 20.67 -42.94 -19.01
CA ARG C 789 21.74 -42.44 -18.13
C ARG C 789 22.73 -43.55 -17.76
N SER C 790 23.93 -43.19 -17.30
CA SER C 790 24.88 -44.16 -16.73
C SER C 790 24.44 -44.69 -15.36
N PHE C 791 25.17 -45.62 -14.77
CA PHE C 791 24.91 -46.07 -13.40
C PHE C 791 25.11 -44.94 -12.38
N ILE C 792 26.28 -44.29 -12.35
CA ILE C 792 26.52 -43.16 -11.42
C ILE C 792 25.53 -42.03 -11.69
N GLU C 793 25.23 -41.76 -12.95
CA GLU C 793 24.30 -40.74 -13.37
C GLU C 793 22.85 -41.07 -13.00
N ASP C 794 22.50 -42.30 -12.62
CA ASP C 794 21.22 -42.61 -11.96
C ASP C 794 21.27 -42.36 -10.46
N LEU C 795 22.36 -42.71 -9.77
CA LEU C 795 22.49 -42.38 -8.34
C LEU C 795 22.31 -40.87 -8.12
N LEU C 796 22.97 -40.06 -8.93
CA LEU C 796 22.85 -38.61 -8.87
C LEU C 796 21.42 -38.11 -9.10
N PHE C 797 20.61 -38.80 -9.89
CA PHE C 797 19.20 -38.42 -10.06
C PHE C 797 18.33 -38.90 -8.89
N ASN C 798 18.67 -40.00 -8.23
CA ASN C 798 17.92 -40.47 -7.06
C ASN C 798 18.21 -39.67 -5.77
N LYS C 799 19.44 -39.17 -5.59
CA LYS C 799 19.85 -38.46 -4.36
C LYS C 799 19.27 -37.04 -4.17
N VAL C 800 18.63 -36.45 -5.18
CA VAL C 800 18.03 -35.09 -5.08
C VAL C 800 16.51 -35.17 -5.15
N THR C 801 15.81 -34.36 -4.33
CA THR C 801 14.35 -34.40 -4.17
C THR C 801 13.71 -33.01 -4.03
N ASN C 830 -2.07 -20.40 -9.36
CA ASN C 830 -2.02 -19.23 -8.48
C ASN C 830 -1.16 -18.09 -9.05
N GLY C 831 -1.13 -17.95 -10.37
CA GLY C 831 -0.25 -17.04 -11.12
C GLY C 831 1.18 -17.54 -11.28
N LEU C 832 1.72 -18.28 -10.31
CA LEU C 832 3.05 -18.91 -10.40
C LEU C 832 3.05 -20.04 -11.43
N THR C 833 4.15 -20.18 -12.18
CA THR C 833 4.33 -21.24 -13.18
C THR C 833 5.78 -21.73 -13.20
N VAL C 834 5.98 -22.98 -13.61
CA VAL C 834 7.29 -23.58 -13.85
C VAL C 834 7.36 -23.99 -15.30
N LEU C 835 8.34 -23.46 -16.03
CA LEU C 835 8.54 -23.75 -17.45
C LEU C 835 9.49 -24.94 -17.62
N PRO C 836 9.38 -25.75 -18.67
CA PRO C 836 10.32 -26.84 -18.90
C PRO C 836 11.70 -26.31 -19.36
N PRO C 837 12.80 -27.02 -19.05
CA PRO C 837 14.08 -26.76 -19.67
C PRO C 837 14.05 -27.09 -21.16
N LEU C 838 14.84 -26.42 -22.00
CA LEU C 838 14.85 -26.72 -23.42
C LEU C 838 15.44 -28.10 -23.69
N LEU C 839 16.56 -28.41 -23.06
CA LEU C 839 17.22 -29.72 -23.13
C LEU C 839 16.63 -30.62 -22.04
N THR C 840 15.80 -31.61 -22.40
CA THR C 840 15.21 -32.56 -21.44
C THR C 840 16.28 -33.40 -20.72
N ASP C 841 16.04 -33.95 -19.54
CA ASP C 841 17.06 -34.74 -18.82
C ASP C 841 17.61 -35.93 -19.62
N GLU C 842 16.76 -36.60 -20.41
CA GLU C 842 17.14 -37.67 -21.34
C GLU C 842 17.94 -37.20 -22.56
N MET C 843 18.23 -35.91 -22.66
CA MET C 843 18.93 -35.23 -23.76
C MET C 843 20.18 -34.52 -23.25
N ILE C 844 20.19 -34.01 -22.01
CA ILE C 844 21.42 -33.71 -21.27
C ILE C 844 22.27 -34.98 -21.11
N ALA C 845 21.67 -36.11 -20.72
CA ALA C 845 22.37 -37.38 -20.61
C ALA C 845 22.90 -37.90 -21.96
N GLN C 846 22.39 -37.40 -23.08
CA GLN C 846 22.94 -37.68 -24.40
C GLN C 846 24.17 -36.83 -24.68
N TYR C 847 24.20 -35.56 -24.25
CA TYR C 847 25.43 -34.76 -24.29
C TYR C 847 26.50 -35.28 -23.34
N THR C 848 26.23 -35.59 -22.07
CA THR C 848 27.28 -36.15 -21.21
C THR C 848 27.83 -37.45 -21.76
N SER C 849 26.99 -38.30 -22.35
CA SER C 849 27.46 -39.46 -23.09
C SER C 849 28.35 -39.07 -24.26
N ALA C 850 27.98 -38.11 -25.10
CA ALA C 850 28.83 -37.67 -26.20
C ALA C 850 30.16 -37.07 -25.74
N LEU C 851 30.18 -36.32 -24.65
CA LEU C 851 31.38 -35.70 -24.11
C LEU C 851 32.35 -36.74 -23.59
N LEU C 852 31.91 -37.71 -22.79
CA LEU C 852 32.81 -38.76 -22.34
C LEU C 852 33.08 -39.83 -23.39
N ALA C 853 32.17 -40.13 -24.31
CA ALA C 853 32.47 -41.02 -25.43
C ALA C 853 33.48 -40.41 -26.40
N GLY C 854 33.49 -39.09 -26.58
CA GLY C 854 34.59 -38.40 -27.24
C GLY C 854 35.87 -38.54 -26.42
N THR C 855 35.85 -38.16 -25.15
CA THR C 855 37.01 -38.17 -24.25
C THR C 855 37.67 -39.54 -24.14
N ILE C 856 36.90 -40.61 -24.10
CA ILE C 856 37.39 -41.98 -23.96
C ILE C 856 37.98 -42.50 -25.26
N THR C 857 37.50 -42.08 -26.42
CA THR C 857 37.98 -42.61 -27.71
C THR C 857 39.01 -41.73 -28.40
N SER C 858 39.11 -40.45 -28.06
CA SER C 858 39.81 -39.45 -28.87
C SER C 858 40.55 -38.37 -28.08
N GLY C 859 40.78 -38.56 -26.80
CA GLY C 859 41.54 -37.62 -25.98
C GLY C 859 40.90 -36.23 -25.90
N TRP C 860 41.72 -35.20 -25.93
CA TRP C 860 41.25 -33.82 -26.03
C TRP C 860 40.91 -33.39 -27.46
N THR C 861 41.32 -34.13 -28.49
CA THR C 861 41.34 -33.59 -29.85
C THR C 861 39.95 -33.25 -30.36
N PHE C 862 38.89 -33.88 -29.87
CA PHE C 862 37.53 -33.53 -30.23
C PHE C 862 37.09 -32.13 -29.75
N GLY C 863 37.87 -31.49 -28.88
CA GLY C 863 37.74 -30.05 -28.57
C GLY C 863 38.31 -29.18 -29.69
N ALA C 864 39.49 -29.53 -30.18
CA ALA C 864 40.14 -28.94 -31.35
C ALA C 864 39.60 -29.48 -32.69
N GLY C 865 38.28 -29.43 -32.88
CA GLY C 865 37.60 -29.81 -34.12
C GLY C 865 37.46 -31.31 -34.37
N ALA C 866 38.56 -32.02 -34.60
CA ALA C 866 38.56 -33.39 -35.09
C ALA C 866 38.56 -34.45 -33.97
N ALA C 867 37.59 -35.36 -33.91
CA ALA C 867 37.65 -36.51 -33.01
C ALA C 867 38.57 -37.59 -33.58
N LEU C 868 39.87 -37.42 -33.41
CA LEU C 868 40.89 -38.35 -33.84
C LEU C 868 40.92 -39.55 -32.90
N GLN C 869 40.60 -40.77 -33.33
CA GLN C 869 40.69 -41.91 -32.41
C GLN C 869 42.13 -42.15 -31.97
N ILE C 870 42.31 -42.69 -30.77
CA ILE C 870 43.59 -43.08 -30.19
C ILE C 870 43.33 -44.15 -29.12
N PRO C 871 44.04 -45.28 -29.08
CA PRO C 871 43.76 -46.32 -28.10
C PRO C 871 44.03 -45.82 -26.69
N PHE C 872 43.24 -46.22 -25.70
CA PHE C 872 43.19 -45.48 -24.44
C PHE C 872 44.50 -45.51 -23.62
N ALA C 873 45.23 -46.62 -23.60
CA ALA C 873 46.54 -46.64 -22.95
C ALA C 873 47.58 -45.74 -23.63
N MET C 874 47.33 -45.26 -24.85
CA MET C 874 48.14 -44.22 -25.49
C MET C 874 47.67 -42.82 -25.16
N GLN C 875 46.37 -42.60 -25.01
CA GLN C 875 45.87 -41.35 -24.46
C GLN C 875 46.38 -41.11 -23.04
N MET C 876 46.37 -42.13 -22.17
CA MET C 876 46.89 -41.92 -20.83
C MET C 876 48.39 -41.66 -20.82
N ALA C 877 49.17 -42.19 -21.76
CA ALA C 877 50.57 -41.80 -21.88
C ALA C 877 50.75 -40.34 -22.29
N TYR C 878 49.86 -39.77 -23.10
CA TYR C 878 49.89 -38.34 -23.36
C TYR C 878 49.51 -37.55 -22.11
N ARG C 879 48.55 -38.02 -21.32
CA ARG C 879 48.14 -37.35 -20.08
C ARG C 879 49.16 -37.49 -18.94
N PHE C 880 49.94 -38.56 -18.87
CA PHE C 880 51.10 -38.66 -17.99
C PHE C 880 52.21 -37.69 -18.41
N ASN C 881 52.50 -37.52 -19.70
CA ASN C 881 53.40 -36.46 -20.13
C ASN C 881 52.91 -35.07 -19.70
N GLY C 882 51.60 -34.83 -19.71
CA GLY C 882 51.00 -33.56 -19.28
C GLY C 882 51.20 -33.21 -17.81
N ILE C 883 51.73 -34.12 -16.99
CA ILE C 883 52.08 -33.90 -15.58
C ILE C 883 53.58 -34.14 -15.30
N GLY C 884 54.40 -34.24 -16.32
CA GLY C 884 55.85 -34.42 -16.16
C GLY C 884 56.28 -35.78 -15.62
N VAL C 885 55.41 -36.80 -15.70
CA VAL C 885 55.74 -38.19 -15.40
C VAL C 885 55.98 -38.89 -16.73
N THR C 886 57.21 -39.22 -17.08
CA THR C 886 57.50 -39.68 -18.45
C THR C 886 56.86 -41.03 -18.72
N GLN C 887 56.36 -41.22 -19.95
CA GLN C 887 55.27 -42.17 -20.23
C GLN C 887 55.55 -43.63 -19.95
N ASN C 888 56.79 -44.09 -19.88
CA ASN C 888 57.05 -45.49 -19.59
C ASN C 888 56.57 -45.86 -18.18
N VAL C 889 56.40 -44.89 -17.29
CA VAL C 889 55.76 -45.09 -16.00
C VAL C 889 54.33 -45.60 -16.13
N LEU C 890 53.57 -45.22 -17.16
CA LEU C 890 52.25 -45.78 -17.38
C LEU C 890 52.35 -47.23 -17.81
N TYR C 891 53.04 -47.53 -18.91
CA TYR C 891 53.07 -48.88 -19.45
C TYR C 891 53.66 -49.90 -18.51
N GLU C 892 54.72 -49.56 -17.80
CA GLU C 892 55.31 -50.46 -16.81
C GLU C 892 54.40 -50.71 -15.59
N ASN C 893 53.31 -49.94 -15.46
CA ASN C 893 52.35 -50.04 -14.37
C ASN C 893 50.90 -50.08 -14.88
N GLN C 894 50.64 -50.49 -16.12
CA GLN C 894 49.32 -50.29 -16.72
C GLN C 894 48.24 -51.09 -15.99
N LYS C 895 48.50 -52.34 -15.61
CA LYS C 895 47.54 -53.13 -14.83
C LYS C 895 47.25 -52.49 -13.48
N LEU C 896 48.27 -52.00 -12.77
CA LEU C 896 48.10 -51.28 -11.52
C LEU C 896 47.27 -50.00 -11.69
N ILE C 897 47.59 -49.18 -12.68
CA ILE C 897 46.90 -47.91 -12.92
C ILE C 897 45.45 -48.16 -13.32
N ALA C 898 45.18 -49.13 -14.19
CA ALA C 898 43.83 -49.53 -14.52
C ALA C 898 43.07 -50.05 -13.31
N ASN C 899 43.66 -50.91 -12.47
CA ASN C 899 43.02 -51.38 -11.25
C ASN C 899 42.78 -50.25 -10.25
N GLN C 900 43.71 -49.32 -10.05
CA GLN C 900 43.50 -48.16 -9.20
C GLN C 900 42.37 -47.28 -9.72
N PHE C 901 42.27 -47.04 -11.03
CA PHE C 901 41.14 -46.28 -11.57
C PHE C 901 39.82 -47.03 -11.36
N ASN C 902 39.73 -48.31 -11.72
CA ASN C 902 38.52 -49.12 -11.57
C ASN C 902 38.05 -49.18 -10.12
N SER C 903 38.97 -49.40 -9.18
CA SER C 903 38.68 -49.36 -7.75
C SER C 903 38.20 -47.99 -7.31
N ALA C 904 38.91 -46.92 -7.67
CA ALA C 904 38.56 -45.56 -7.29
C ALA C 904 37.19 -45.13 -7.82
N ILE C 905 36.85 -45.46 -9.07
CA ILE C 905 35.52 -45.14 -9.60
C ILE C 905 34.43 -45.98 -8.95
N GLY C 906 34.72 -47.23 -8.59
CA GLY C 906 33.83 -48.06 -7.79
C GLY C 906 33.49 -47.43 -6.43
N LYS C 907 34.45 -46.82 -5.74
CA LYS C 907 34.19 -46.09 -4.49
C LYS C 907 33.26 -44.90 -4.67
N ILE C 908 33.13 -44.32 -5.86
CA ILE C 908 32.17 -43.24 -6.10
C ILE C 908 30.74 -43.77 -6.06
N GLN C 909 30.49 -44.97 -6.62
CA GLN C 909 29.18 -45.62 -6.48
C GLN C 909 28.83 -45.86 -5.02
N ASP C 910 29.77 -46.39 -4.25
CA ASP C 910 29.59 -46.64 -2.82
C ASP C 910 29.33 -45.34 -2.06
N SER C 911 30.09 -44.27 -2.30
CA SER C 911 29.89 -42.96 -1.67
C SER C 911 28.50 -42.40 -1.99
N LEU C 912 28.12 -42.35 -3.27
CA LEU C 912 26.84 -41.80 -3.69
C LEU C 912 25.64 -42.72 -3.36
N SER C 913 25.85 -44.00 -3.03
CA SER C 913 24.81 -44.89 -2.51
C SER C 913 24.67 -44.82 -0.98
N SER C 914 25.79 -44.78 -0.26
CA SER C 914 25.82 -44.81 1.20
C SER C 914 25.49 -43.48 1.89
N THR C 915 25.62 -42.34 1.19
CA THR C 915 25.14 -41.05 1.70
C THR C 915 24.56 -40.16 0.58
N ALA C 916 23.50 -39.41 0.91
CA ALA C 916 22.98 -38.33 0.07
C ALA C 916 23.72 -36.99 0.28
N SER C 917 24.52 -36.85 1.34
CA SER C 917 25.11 -35.58 1.78
C SER C 917 26.14 -34.98 0.82
N ALA C 918 26.62 -35.76 -0.16
CA ALA C 918 27.57 -35.28 -1.16
C ALA C 918 26.96 -34.21 -2.09
N LEU C 919 25.70 -34.37 -2.51
CA LEU C 919 25.01 -33.44 -3.42
C LEU C 919 24.46 -32.19 -2.70
N GLY C 920 25.13 -31.73 -1.65
CA GLY C 920 24.67 -30.61 -0.83
C GLY C 920 24.38 -29.35 -1.63
N LYS C 921 25.22 -29.00 -2.61
CA LYS C 921 25.04 -27.81 -3.46
C LYS C 921 23.77 -27.86 -4.31
N LEU C 922 23.49 -29.01 -4.93
CA LEU C 922 22.31 -29.17 -5.79
C LEU C 922 21.03 -29.24 -4.96
N GLN C 923 21.01 -30.03 -3.90
CA GLN C 923 19.84 -30.06 -3.03
C GLN C 923 19.61 -28.69 -2.39
N ASP C 924 20.66 -27.92 -2.11
CA ASP C 924 20.52 -26.56 -1.62
C ASP C 924 19.93 -25.60 -2.66
N VAL C 925 20.36 -25.60 -3.93
CA VAL C 925 19.70 -24.74 -4.94
C VAL C 925 18.25 -25.13 -5.17
N VAL C 926 17.90 -26.42 -5.06
CA VAL C 926 16.49 -26.84 -5.07
C VAL C 926 15.75 -26.33 -3.82
N ASN C 927 16.32 -26.46 -2.63
CA ASN C 927 15.71 -25.96 -1.39
C ASN C 927 15.49 -24.44 -1.44
N GLN C 928 16.48 -23.65 -1.85
CA GLN C 928 16.35 -22.19 -1.92
C GLN C 928 15.20 -21.76 -2.83
N ASN C 929 15.03 -22.40 -3.99
CA ASN C 929 13.92 -22.08 -4.89
C ASN C 929 12.57 -22.50 -4.33
N ALA C 930 12.42 -23.71 -3.77
CA ALA C 930 11.17 -24.09 -3.16
C ALA C 930 10.81 -23.20 -1.96
N GLN C 931 11.78 -22.82 -1.14
CA GLN C 931 11.56 -21.87 -0.04
C GLN C 931 11.20 -20.48 -0.53
N ALA C 932 11.76 -20.00 -1.64
CA ALA C 932 11.39 -18.70 -2.20
C ALA C 932 9.97 -18.72 -2.77
N LEU C 933 9.57 -19.71 -3.56
CA LEU C 933 8.19 -19.82 -4.05
C LEU C 933 7.21 -20.02 -2.91
N ASN C 934 7.47 -20.91 -1.95
CA ASN C 934 6.57 -21.09 -0.82
C ASN C 934 6.49 -19.82 0.02
N THR C 935 7.54 -19.03 0.16
CA THR C 935 7.42 -17.73 0.84
C THR C 935 6.59 -16.74 0.04
N LEU C 936 6.78 -16.66 -1.29
CA LEU C 936 5.96 -15.80 -2.14
C LEU C 936 4.48 -16.17 -2.07
N VAL C 937 4.15 -17.45 -1.97
CA VAL C 937 2.76 -17.91 -1.83
C VAL C 937 2.24 -17.69 -0.41
N LYS C 938 3.01 -17.94 0.65
CA LYS C 938 2.60 -17.61 2.02
C LYS C 938 2.28 -16.13 2.18
N GLN C 939 3.02 -15.26 1.51
CA GLN C 939 2.77 -13.82 1.51
C GLN C 939 1.41 -13.41 0.91
N LEU C 940 0.66 -14.29 0.24
CA LEU C 940 -0.73 -13.99 -0.13
C LEU C 940 -1.68 -14.00 1.08
N SER C 941 -1.38 -14.77 2.14
CA SER C 941 -2.19 -14.81 3.36
C SER C 941 -1.92 -13.63 4.30
N SER C 942 -0.82 -12.91 4.13
CA SER C 942 -0.47 -11.73 4.92
C SER C 942 -1.36 -10.55 4.55
N ASN C 943 -1.82 -9.76 5.52
CA ASN C 943 -2.80 -8.71 5.28
C ASN C 943 -2.22 -7.29 5.18
N PHE C 944 -0.93 -7.05 5.47
CA PHE C 944 -0.27 -5.76 5.25
C PHE C 944 -0.98 -4.54 5.88
N GLY C 945 -1.69 -4.74 6.98
CA GLY C 945 -2.48 -3.72 7.66
C GLY C 945 -3.89 -3.51 7.12
N ALA C 946 -4.26 -4.18 6.02
CA ALA C 946 -5.64 -4.18 5.52
C ALA C 946 -6.56 -5.03 6.41
N ILE C 947 -7.87 -4.83 6.33
CA ILE C 947 -8.85 -5.54 7.15
C ILE C 947 -8.84 -7.08 6.99
N SER C 948 -8.45 -7.59 5.83
CA SER C 948 -8.32 -9.04 5.58
C SER C 948 -7.34 -9.30 4.44
N SER C 949 -6.76 -10.48 4.37
CA SER C 949 -5.94 -10.92 3.23
C SER C 949 -6.75 -11.59 2.11
N VAL C 950 -8.02 -11.93 2.32
CA VAL C 950 -8.89 -12.47 1.27
C VAL C 950 -9.54 -11.31 0.52
N LEU C 951 -9.10 -11.02 -0.70
CA LEU C 951 -9.54 -9.82 -1.40
C LEU C 951 -11.05 -9.82 -1.71
N ASN C 952 -11.61 -10.99 -1.98
CA ASN C 952 -13.05 -11.18 -2.17
C ASN C 952 -13.89 -10.90 -0.90
N ASP C 953 -13.32 -10.97 0.30
CA ASP C 953 -14.02 -10.52 1.51
C ASP C 953 -14.02 -8.99 1.61
N ILE C 954 -12.94 -8.29 1.24
CA ILE C 954 -12.91 -6.82 1.28
C ILE C 954 -14.03 -6.26 0.40
N LEU C 955 -14.14 -6.77 -0.83
CA LEU C 955 -15.19 -6.39 -1.78
C LEU C 955 -16.61 -6.78 -1.32
N SER C 956 -16.75 -7.67 -0.33
CA SER C 956 -18.04 -8.03 0.26
C SER C 956 -18.39 -7.15 1.46
N ARG C 957 -17.49 -7.07 2.46
CA ARG C 957 -17.77 -6.42 3.76
C ARG C 957 -17.62 -4.91 3.78
N LEU C 958 -17.03 -4.31 2.74
CA LEU C 958 -16.71 -2.87 2.67
C LEU C 958 -17.28 -2.22 1.41
N ASP C 959 -17.67 -0.95 1.51
CA ASP C 959 -18.17 -0.15 0.38
C ASP C 959 -17.05 0.25 -0.59
N PRO C 960 -17.33 0.42 -1.90
CA PRO C 960 -16.33 0.69 -2.92
C PRO C 960 -15.28 1.79 -2.63
N PRO C 961 -15.61 3.00 -2.15
CA PRO C 961 -14.60 4.05 -1.96
C PRO C 961 -13.59 3.70 -0.86
N GLU C 962 -14.00 2.98 0.19
CA GLU C 962 -13.09 2.49 1.22
C GLU C 962 -12.42 1.17 0.85
N ALA C 963 -13.08 0.29 0.09
CA ALA C 963 -12.46 -0.93 -0.43
C ALA C 963 -11.22 -0.63 -1.27
N GLU C 964 -11.21 0.44 -2.07
CA GLU C 964 -9.98 0.84 -2.78
C GLU C 964 -8.82 1.17 -1.84
N VAL C 965 -9.06 1.78 -0.68
CA VAL C 965 -8.00 2.06 0.31
C VAL C 965 -7.44 0.76 0.89
N GLN C 966 -8.31 -0.21 1.19
CA GLN C 966 -7.90 -1.52 1.68
C GLN C 966 -7.18 -2.35 0.62
N ILE C 967 -7.64 -2.32 -0.63
CA ILE C 967 -6.98 -3.02 -1.73
C ILE C 967 -5.66 -2.36 -2.10
N ASP C 968 -5.50 -1.03 -2.02
CA ASP C 968 -4.19 -0.41 -2.20
C ASP C 968 -3.16 -0.94 -1.21
N ARG C 969 -3.53 -1.30 0.03
CA ARG C 969 -2.63 -2.00 0.94
C ARG C 969 -2.29 -3.40 0.45
N LEU C 970 -3.26 -4.23 0.08
CA LEU C 970 -2.95 -5.57 -0.44
C LEU C 970 -2.10 -5.51 -1.71
N ILE C 971 -2.42 -4.64 -2.66
CA ILE C 971 -1.61 -4.44 -3.85
C ILE C 971 -0.22 -3.99 -3.46
N THR C 972 -0.06 -2.98 -2.61
CA THR C 972 1.29 -2.49 -2.23
C THR C 972 2.10 -3.56 -1.53
N GLY C 973 1.48 -4.36 -0.66
CA GLY C 973 2.13 -5.48 0.02
C GLY C 973 2.54 -6.58 -0.96
N ARG C 974 1.59 -7.11 -1.72
CA ARG C 974 1.84 -8.18 -2.70
C ARG C 974 2.82 -7.75 -3.78
N LEU C 975 2.74 -6.51 -4.25
CA LEU C 975 3.66 -5.97 -5.25
C LEU C 975 5.08 -5.86 -4.70
N GLN C 976 5.28 -5.30 -3.50
CA GLN C 976 6.64 -5.27 -2.92
C GLN C 976 7.12 -6.66 -2.51
N SER C 977 6.21 -7.61 -2.25
CA SER C 977 6.56 -9.02 -2.07
C SER C 977 7.03 -9.68 -3.36
N LEU C 978 6.45 -9.32 -4.51
CA LEU C 978 6.94 -9.78 -5.80
C LEU C 978 8.28 -9.14 -6.14
N GLN C 979 8.42 -7.82 -5.98
CA GLN C 979 9.71 -7.15 -6.22
C GLN C 979 10.82 -7.73 -5.36
N THR C 980 10.52 -8.10 -4.11
CA THR C 980 11.49 -8.75 -3.22
C THR C 980 11.86 -10.14 -3.73
N TYR C 981 10.89 -10.94 -4.12
CA TYR C 981 11.14 -12.27 -4.71
C TYR C 981 11.94 -12.17 -6.01
N VAL C 982 11.51 -11.35 -6.96
CA VAL C 982 12.21 -11.17 -8.24
C VAL C 982 13.61 -10.65 -8.02
N THR C 983 13.82 -9.69 -7.12
CA THR C 983 15.18 -9.21 -6.80
C THR C 983 16.06 -10.34 -6.28
N GLN C 984 15.56 -11.18 -5.38
CA GLN C 984 16.35 -12.29 -4.86
C GLN C 984 16.54 -13.39 -5.90
N GLN C 985 15.59 -13.64 -6.81
CA GLN C 985 15.84 -14.54 -7.95
C GLN C 985 16.87 -13.97 -8.94
N LEU C 986 16.92 -12.66 -9.18
CA LEU C 986 17.94 -12.04 -10.03
C LEU C 986 19.34 -12.21 -9.45
N ILE C 987 19.49 -11.97 -8.16
CA ILE C 987 20.76 -12.16 -7.43
C ILE C 987 21.14 -13.65 -7.43
N ARG C 988 20.20 -14.53 -7.11
CA ARG C 988 20.42 -15.98 -7.12
C ARG C 988 20.77 -16.50 -8.51
N ALA C 989 20.14 -16.00 -9.56
CA ALA C 989 20.51 -16.35 -10.93
C ALA C 989 21.91 -15.89 -11.29
N ALA C 990 22.39 -14.74 -10.83
CA ALA C 990 23.79 -14.36 -11.03
C ALA C 990 24.75 -15.29 -10.28
N GLU C 991 24.40 -15.73 -9.08
CA GLU C 991 25.17 -16.76 -8.34
C GLU C 991 25.18 -18.11 -9.06
N ILE C 992 24.05 -18.58 -9.60
CA ILE C 992 24.01 -19.82 -10.36
C ILE C 992 24.70 -19.68 -11.70
N ARG C 993 24.63 -18.53 -12.38
CA ARG C 993 25.40 -18.28 -13.61
C ARG C 993 26.89 -18.20 -13.35
N ALA C 994 27.36 -17.64 -12.23
CA ALA C 994 28.77 -17.69 -11.89
C ALA C 994 29.24 -19.14 -11.75
N SER C 995 28.39 -20.02 -11.22
CA SER C 995 28.62 -21.46 -11.20
C SER C 995 28.47 -22.14 -12.56
N ALA C 996 27.53 -21.73 -13.43
CA ALA C 996 27.44 -22.25 -14.79
C ALA C 996 28.61 -21.85 -15.67
N ASN C 997 29.14 -20.63 -15.55
CA ASN C 997 30.36 -20.22 -16.22
C ASN C 997 31.57 -21.00 -15.69
N LEU C 998 31.65 -21.25 -14.39
CA LEU C 998 32.67 -22.13 -13.84
C LEU C 998 32.54 -23.55 -14.37
N ALA C 999 31.34 -24.12 -14.43
CA ALA C 999 31.13 -25.44 -15.00
C ALA C 999 31.44 -25.50 -16.49
N ALA C 1000 31.08 -24.49 -17.28
CA ALA C 1000 31.44 -24.43 -18.68
C ALA C 1000 32.95 -24.36 -18.85
N THR C 1001 33.64 -23.65 -17.96
CA THR C 1001 35.09 -23.55 -17.93
C THR C 1001 35.74 -24.87 -17.55
N LYS C 1002 35.28 -25.57 -16.51
CA LYS C 1002 35.81 -26.89 -16.16
C LYS C 1002 35.54 -27.90 -17.25
N MET C 1003 34.39 -27.83 -17.92
CA MET C 1003 34.14 -28.75 -19.01
C MET C 1003 35.09 -28.53 -20.18
N SER C 1004 35.34 -27.29 -20.57
CA SER C 1004 36.30 -27.01 -21.62
C SER C 1004 37.71 -27.37 -21.20
N GLU C 1005 38.16 -26.96 -20.02
CA GLU C 1005 39.56 -27.04 -19.63
C GLU C 1005 39.96 -28.36 -18.98
N CYS C 1006 39.02 -29.21 -18.58
CA CYS C 1006 39.29 -30.49 -17.93
C CYS C 1006 38.63 -31.70 -18.57
N VAL C 1007 37.47 -31.61 -19.21
CA VAL C 1007 36.95 -32.73 -20.00
C VAL C 1007 37.56 -32.71 -21.39
N LEU C 1008 37.35 -31.62 -22.13
CA LEU C 1008 37.86 -31.42 -23.48
C LEU C 1008 39.38 -31.19 -23.52
N GLY C 1009 40.10 -31.26 -22.41
CA GLY C 1009 41.52 -30.92 -22.32
C GLY C 1009 42.23 -31.63 -21.19
N GLN C 1010 43.35 -31.08 -20.75
CA GLN C 1010 43.99 -31.40 -19.48
C GLN C 1010 44.51 -30.11 -18.87
N SER C 1011 44.38 -29.93 -17.56
CA SER C 1011 44.71 -28.64 -16.94
C SER C 1011 46.05 -28.70 -16.20
N LYS C 1012 46.95 -27.78 -16.54
CA LYS C 1012 48.16 -27.47 -15.75
C LYS C 1012 47.90 -26.45 -14.64
N ARG C 1013 46.63 -26.08 -14.41
CA ARG C 1013 46.16 -25.17 -13.36
C ARG C 1013 46.07 -25.91 -12.04
N VAL C 1014 46.94 -25.61 -11.07
CA VAL C 1014 46.97 -26.37 -9.81
C VAL C 1014 45.68 -26.22 -9.00
N ASP C 1015 45.19 -27.31 -8.43
CA ASP C 1015 43.94 -27.43 -7.68
C ASP C 1015 42.66 -27.02 -8.44
N PHE C 1016 42.70 -26.77 -9.75
CA PHE C 1016 41.47 -26.46 -10.50
C PHE C 1016 40.57 -27.67 -10.74
N CYS C 1017 41.16 -28.83 -11.04
CA CYS C 1017 40.44 -30.08 -11.31
C CYS C 1017 40.90 -31.20 -10.38
N GLY C 1018 40.37 -31.21 -9.16
CA GLY C 1018 40.75 -32.10 -8.07
C GLY C 1018 42.10 -31.76 -7.45
N LYS C 1019 42.33 -32.22 -6.22
CA LYS C 1019 43.67 -32.29 -5.66
C LYS C 1019 44.53 -33.31 -6.43
N GLY C 1020 45.85 -33.15 -6.42
CA GLY C 1020 46.76 -33.93 -7.26
C GLY C 1020 46.99 -33.30 -8.63
N TYR C 1021 47.92 -33.83 -9.39
CA TYR C 1021 48.16 -33.37 -10.75
C TYR C 1021 47.05 -33.92 -11.65
N HIS C 1022 46.41 -33.09 -12.47
CA HIS C 1022 45.22 -33.51 -13.21
C HIS C 1022 45.56 -34.44 -14.36
N LEU C 1023 44.82 -35.54 -14.55
CA LEU C 1023 44.95 -36.42 -15.70
C LEU C 1023 43.82 -36.23 -16.71
N MET C 1024 42.56 -36.35 -16.30
CA MET C 1024 41.38 -36.20 -17.17
C MET C 1024 40.13 -35.98 -16.35
N SER C 1025 39.01 -35.66 -16.96
CA SER C 1025 37.76 -35.55 -16.22
C SER C 1025 36.60 -36.09 -17.02
N PHE C 1026 35.65 -36.74 -16.36
CA PHE C 1026 34.42 -37.19 -16.97
C PHE C 1026 33.25 -36.40 -16.38
N PRO C 1027 32.38 -35.77 -17.18
CA PRO C 1027 31.17 -35.21 -16.66
C PRO C 1027 30.13 -36.29 -16.49
N GLN C 1028 29.25 -36.13 -15.54
CA GLN C 1028 28.00 -36.87 -15.38
C GLN C 1028 26.94 -35.80 -15.11
N SER C 1029 25.75 -35.93 -15.69
CA SER C 1029 24.69 -34.98 -15.43
C SER C 1029 24.11 -35.18 -14.03
N ALA C 1030 23.46 -34.17 -13.50
CA ALA C 1030 22.71 -34.25 -12.25
C ALA C 1030 21.52 -33.31 -12.34
N PRO C 1031 20.44 -33.52 -11.56
CA PRO C 1031 19.27 -32.68 -11.67
C PRO C 1031 19.62 -31.23 -11.33
N HIS C 1032 19.44 -30.33 -12.29
CA HIS C 1032 19.82 -28.91 -12.22
C HIS C 1032 21.32 -28.64 -12.01
N GLY C 1033 22.20 -29.57 -12.39
CA GLY C 1033 23.64 -29.38 -12.23
C GLY C 1033 24.50 -30.34 -13.03
N VAL C 1034 25.78 -30.37 -12.72
CA VAL C 1034 26.77 -31.25 -13.34
C VAL C 1034 27.72 -31.77 -12.30
N VAL C 1035 28.24 -32.98 -12.50
CA VAL C 1035 29.19 -33.62 -11.61
C VAL C 1035 30.41 -34.03 -12.41
N PHE C 1036 31.60 -33.68 -11.95
CA PHE C 1036 32.84 -34.04 -12.60
C PHE C 1036 33.55 -35.09 -11.79
N LEU C 1037 33.94 -36.18 -12.42
CA LEU C 1037 34.77 -37.20 -11.81
C LEU C 1037 36.22 -36.91 -12.18
N HIS C 1038 36.86 -35.97 -11.51
CA HIS C 1038 38.22 -35.54 -11.87
C HIS C 1038 39.23 -36.62 -11.55
N VAL C 1039 39.79 -37.28 -12.55
CA VAL C 1039 40.84 -38.27 -12.36
C VAL C 1039 42.17 -37.56 -12.19
N THR C 1040 42.89 -37.80 -11.10
CA THR C 1040 44.15 -37.12 -10.81
C THR C 1040 45.21 -38.09 -10.33
N TYR C 1041 46.47 -37.76 -10.57
CA TYR C 1041 47.63 -38.49 -10.11
C TYR C 1041 48.07 -37.84 -8.80
N VAL C 1042 48.24 -38.62 -7.74
CA VAL C 1042 48.78 -38.14 -6.48
C VAL C 1042 50.09 -38.88 -6.20
N PRO C 1043 51.24 -38.21 -6.09
CA PRO C 1043 52.48 -38.86 -5.67
C PRO C 1043 52.35 -39.33 -4.22
N ALA C 1044 52.68 -40.59 -3.91
CA ALA C 1044 52.09 -41.28 -2.78
C ALA C 1044 53.03 -41.94 -1.75
N GLN C 1045 54.26 -42.32 -2.12
CA GLN C 1045 55.20 -42.95 -1.19
C GLN C 1045 56.60 -42.35 -1.32
N GLU C 1046 56.83 -41.19 -0.74
CA GLU C 1046 58.14 -40.56 -0.78
C GLU C 1046 59.19 -41.25 0.08
N LYS C 1047 60.45 -41.07 -0.31
CA LYS C 1047 61.62 -41.38 0.51
C LYS C 1047 62.70 -40.34 0.30
N ASN C 1048 63.54 -40.10 1.31
CA ASN C 1048 64.53 -39.04 1.31
C ASN C 1048 65.74 -39.41 0.44
N PHE C 1049 66.41 -38.43 -0.14
CA PHE C 1049 67.68 -38.57 -0.82
C PHE C 1049 68.56 -37.35 -0.59
N THR C 1050 69.87 -37.53 -0.64
CA THR C 1050 70.79 -36.39 -0.75
C THR C 1050 70.79 -35.90 -2.20
N THR C 1051 70.97 -34.61 -2.44
CA THR C 1051 70.84 -33.98 -3.75
C THR C 1051 71.82 -32.82 -3.93
N ALA C 1052 72.16 -32.46 -5.16
CA ALA C 1052 73.03 -31.35 -5.49
C ALA C 1052 72.63 -30.76 -6.85
N PRO C 1053 72.67 -29.43 -7.05
CA PRO C 1053 72.08 -28.77 -8.20
C PRO C 1053 72.72 -29.11 -9.55
N ALA C 1054 73.99 -29.47 -9.54
CA ALA C 1054 74.79 -29.81 -10.70
C ALA C 1054 75.83 -30.84 -10.30
N ILE C 1055 76.41 -31.62 -11.23
CA ILE C 1055 77.60 -32.42 -10.92
C ILE C 1055 78.82 -31.98 -11.73
N CYS C 1056 79.92 -31.71 -11.04
CA CYS C 1056 81.20 -31.35 -11.61
C CYS C 1056 81.90 -32.60 -12.18
N HIS C 1057 82.34 -32.56 -13.44
CA HIS C 1057 83.05 -33.67 -14.08
C HIS C 1057 84.51 -33.31 -14.40
N ASP C 1058 84.91 -33.22 -15.68
CA ASP C 1058 86.23 -32.74 -16.10
C ASP C 1058 86.34 -31.21 -15.98
N GLY C 1059 86.26 -30.69 -14.76
CA GLY C 1059 86.33 -29.26 -14.44
C GLY C 1059 85.10 -28.43 -14.86
N LYS C 1060 84.11 -29.05 -15.50
CA LYS C 1060 82.90 -28.41 -16.03
C LYS C 1060 81.65 -28.94 -15.34
N ALA C 1061 80.65 -28.09 -15.18
CA ALA C 1061 79.44 -28.40 -14.41
C ALA C 1061 78.35 -28.93 -15.32
N HIS C 1062 77.77 -30.08 -15.00
CA HIS C 1062 76.64 -30.69 -15.69
C HIS C 1062 75.35 -30.50 -14.90
N PHE C 1063 74.28 -30.09 -15.58
CA PHE C 1063 72.96 -29.84 -15.01
C PHE C 1063 71.96 -30.86 -15.56
N PRO C 1064 70.96 -31.34 -14.81
CA PRO C 1064 70.06 -32.36 -15.30
C PRO C 1064 69.15 -31.78 -16.38
N ARG C 1065 69.04 -32.44 -17.53
CA ARG C 1065 68.32 -31.89 -18.69
C ARG C 1065 66.81 -31.84 -18.47
N GLU C 1066 66.25 -32.92 -17.98
CA GLU C 1066 64.85 -33.04 -17.57
C GLU C 1066 64.77 -34.05 -16.43
N GLY C 1067 64.87 -33.57 -15.20
CA GLY C 1067 65.07 -34.40 -14.02
C GLY C 1067 65.81 -33.66 -12.92
N VAL C 1068 66.19 -34.36 -11.86
CA VAL C 1068 66.93 -33.83 -10.72
C VAL C 1068 67.97 -34.84 -10.28
N PHE C 1069 69.12 -34.41 -9.79
CA PHE C 1069 70.13 -35.32 -9.26
C PHE C 1069 69.78 -35.77 -7.86
N VAL C 1070 70.03 -37.03 -7.56
CA VAL C 1070 69.83 -37.62 -6.23
C VAL C 1070 70.88 -38.66 -5.98
N SER C 1071 71.14 -38.96 -4.73
CA SER C 1071 71.96 -40.10 -4.36
C SER C 1071 71.40 -40.83 -3.17
N ASN C 1072 71.57 -42.14 -3.19
CA ASN C 1072 71.10 -43.07 -2.17
C ASN C 1072 72.12 -43.25 -1.02
N GLY C 1073 72.98 -42.25 -0.82
CA GLY C 1073 74.11 -42.30 0.11
C GLY C 1073 75.44 -42.70 -0.53
N THR C 1074 75.46 -43.45 -1.64
CA THR C 1074 76.71 -43.95 -2.25
C THR C 1074 76.83 -43.74 -3.76
N HIS C 1075 75.72 -43.69 -4.49
CA HIS C 1075 75.71 -43.58 -5.95
C HIS C 1075 74.82 -42.42 -6.39
N TRP C 1076 75.23 -41.68 -7.40
CA TRP C 1076 74.52 -40.51 -7.92
C TRP C 1076 73.77 -40.85 -9.19
N PHE C 1077 72.49 -40.49 -9.23
CA PHE C 1077 71.55 -40.75 -10.32
C PHE C 1077 70.84 -39.47 -10.70
N VAL C 1078 70.36 -39.39 -11.93
CA VAL C 1078 69.37 -38.39 -12.34
C VAL C 1078 68.03 -39.08 -12.46
N THR C 1079 66.98 -38.48 -11.91
CA THR C 1079 65.62 -39.04 -11.91
C THR C 1079 64.64 -38.02 -12.39
N GLN C 1080 63.56 -38.43 -13.04
CA GLN C 1080 62.40 -37.56 -13.22
C GLN C 1080 61.85 -37.13 -11.86
N ARG C 1081 61.18 -35.98 -11.81
CA ARG C 1081 60.92 -35.24 -10.56
C ARG C 1081 59.71 -35.76 -9.79
N ASN C 1082 58.67 -36.24 -10.49
CA ASN C 1082 57.37 -36.65 -9.94
C ASN C 1082 57.20 -38.16 -9.76
N PHE C 1083 58.25 -38.96 -9.92
CA PHE C 1083 58.24 -40.41 -9.74
C PHE C 1083 59.68 -40.91 -9.69
N TYR C 1084 60.07 -41.69 -8.70
CA TYR C 1084 61.46 -42.11 -8.59
C TYR C 1084 61.80 -43.12 -9.68
N GLU C 1085 62.72 -42.76 -10.57
CA GLU C 1085 63.25 -43.64 -11.61
C GLU C 1085 64.71 -43.31 -11.86
N PRO C 1086 65.64 -43.86 -11.05
CA PRO C 1086 67.04 -43.49 -11.12
C PRO C 1086 67.67 -44.00 -12.40
N GLN C 1087 68.35 -43.10 -13.12
CA GLN C 1087 69.13 -43.41 -14.31
C GLN C 1087 70.57 -43.01 -14.09
N ILE C 1088 71.51 -43.72 -14.70
CA ILE C 1088 72.93 -43.34 -14.68
C ILE C 1088 73.10 -41.94 -15.27
N ILE C 1089 73.98 -41.14 -14.68
CA ILE C 1089 74.21 -39.80 -15.17
C ILE C 1089 75.11 -39.87 -16.41
N THR C 1090 74.67 -39.28 -17.51
CA THR C 1090 75.36 -39.32 -18.80
C THR C 1090 75.32 -37.96 -19.49
N THR C 1091 76.13 -37.78 -20.52
CA THR C 1091 76.06 -36.58 -21.37
C THR C 1091 74.77 -36.49 -22.20
N ASP C 1092 73.87 -37.48 -22.17
CA ASP C 1092 72.54 -37.39 -22.80
C ASP C 1092 71.47 -36.78 -21.89
N ASN C 1093 71.38 -37.25 -20.64
CA ASN C 1093 70.41 -36.72 -19.67
C ASN C 1093 70.92 -35.51 -18.87
N THR C 1094 72.05 -34.93 -19.25
CA THR C 1094 72.61 -33.70 -18.66
C THR C 1094 73.16 -32.75 -19.72
N PHE C 1095 73.34 -31.48 -19.39
CA PHE C 1095 73.97 -30.49 -20.25
C PHE C 1095 74.98 -29.63 -19.49
N VAL C 1096 76.03 -29.15 -20.17
CA VAL C 1096 77.11 -28.38 -19.53
C VAL C 1096 76.78 -26.90 -19.43
N SER C 1097 77.21 -26.22 -18.38
CA SER C 1097 77.39 -24.77 -18.42
C SER C 1097 78.52 -24.27 -17.50
N GLY C 1098 79.66 -23.95 -18.08
CA GLY C 1098 80.79 -23.34 -17.37
C GLY C 1098 81.55 -24.27 -16.43
N ASN C 1099 82.53 -23.70 -15.73
CA ASN C 1099 83.40 -24.41 -14.80
C ASN C 1099 82.72 -24.69 -13.45
N CYS C 1100 83.32 -25.53 -12.61
CA CYS C 1100 82.75 -25.95 -11.33
C CYS C 1100 82.75 -24.89 -10.22
N ASP C 1101 83.38 -23.72 -10.38
CA ASP C 1101 83.55 -22.77 -9.26
C ASP C 1101 82.27 -22.00 -8.92
N VAL C 1102 81.44 -21.68 -9.91
CA VAL C 1102 80.38 -20.66 -9.77
C VAL C 1102 79.16 -21.18 -9.02
N VAL C 1103 78.83 -22.47 -9.20
CA VAL C 1103 77.64 -23.10 -8.62
C VAL C 1103 77.82 -23.31 -7.12
N ILE C 1104 76.91 -22.77 -6.31
CA ILE C 1104 76.87 -23.05 -4.86
C ILE C 1104 76.35 -24.47 -4.62
N GLY C 1105 77.06 -25.29 -3.86
CA GLY C 1105 76.59 -26.63 -3.50
C GLY C 1105 76.72 -27.71 -4.59
N ILE C 1106 77.53 -27.51 -5.62
CA ILE C 1106 77.89 -28.55 -6.60
C ILE C 1106 78.52 -29.79 -5.92
N VAL C 1107 78.49 -30.95 -6.58
CA VAL C 1107 79.12 -32.19 -6.10
C VAL C 1107 79.94 -32.84 -7.21
N ASN C 1108 80.88 -33.73 -6.88
CA ASN C 1108 81.76 -34.38 -7.85
C ASN C 1108 81.29 -35.82 -8.11
N ASN C 1109 81.11 -36.20 -9.38
CA ASN C 1109 80.89 -37.60 -9.76
C ASN C 1109 81.20 -37.84 -11.25
N THR C 1110 81.33 -39.10 -11.65
CA THR C 1110 81.60 -39.44 -13.04
C THR C 1110 80.33 -39.34 -13.86
N VAL C 1111 80.27 -38.43 -14.82
CA VAL C 1111 79.27 -38.50 -15.91
C VAL C 1111 79.75 -39.51 -16.95
N TYR C 1112 79.02 -40.60 -17.14
CA TYR C 1112 79.33 -41.59 -18.16
C TYR C 1112 79.09 -40.99 -19.56
N ASP C 1113 80.15 -40.87 -20.36
CA ASP C 1113 80.04 -40.47 -21.77
C ASP C 1113 79.69 -41.69 -22.64
N PRO C 1114 78.48 -41.77 -23.24
CA PRO C 1114 78.02 -42.96 -23.95
C PRO C 1114 78.85 -43.32 -25.19
N LEU C 1115 79.67 -42.40 -25.70
CA LEU C 1115 80.51 -42.67 -26.87
C LEU C 1115 81.79 -43.44 -26.49
N GLN C 1116 82.23 -43.42 -25.23
CA GLN C 1116 83.53 -44.01 -24.87
C GLN C 1116 83.62 -45.54 -25.10
N PRO C 1117 82.60 -46.36 -24.83
CA PRO C 1117 82.62 -47.78 -25.22
C PRO C 1117 82.68 -48.00 -26.73
N GLU C 1118 82.18 -47.04 -27.51
CA GLU C 1118 82.21 -47.08 -28.98
C GLU C 1118 83.54 -46.58 -29.54
N LEU C 1119 84.20 -45.64 -28.87
CA LEU C 1119 85.58 -45.23 -29.14
C LEU C 1119 86.57 -46.35 -28.79
N ASP C 1120 86.26 -47.16 -27.78
CA ASP C 1120 86.92 -48.44 -27.49
C ASP C 1120 86.55 -49.57 -28.48
N SER C 1121 85.80 -49.27 -29.55
CA SER C 1121 85.30 -50.24 -30.54
C SER C 1121 85.13 -49.61 -31.92
N GLN D 1 -34.20 48.23 22.92
CA GLN D 1 -33.44 48.06 24.18
C GLN D 1 -32.89 49.39 24.69
N VAL D 2 -31.73 49.86 24.19
CA VAL D 2 -31.08 51.10 24.65
C VAL D 2 -31.90 52.37 24.30
N GLN D 3 -31.92 53.36 25.19
CA GLN D 3 -32.23 54.75 24.87
C GLN D 3 -31.00 55.62 25.13
N LEU D 4 -30.65 56.47 24.17
CA LEU D 4 -29.54 57.43 24.30
C LEU D 4 -29.98 58.64 25.15
N VAL D 5 -29.21 58.99 26.17
CA VAL D 5 -29.48 60.14 27.07
C VAL D 5 -28.30 61.11 27.04
N GLN D 6 -28.54 62.40 27.22
CA GLN D 6 -27.68 63.46 26.65
C GLN D 6 -27.59 64.72 27.51
N SER D 7 -26.49 65.46 27.39
CA SER D 7 -26.21 66.70 28.13
C SER D 7 -27.23 67.81 27.89
N GLY D 8 -27.49 68.58 28.95
CA GLY D 8 -28.33 69.78 28.94
C GLY D 8 -27.75 70.91 28.09
N ALA D 9 -28.57 71.93 27.84
CA ALA D 9 -28.26 73.00 26.88
C ALA D 9 -27.02 73.84 27.25
N GLU D 10 -26.29 74.30 26.24
CA GLU D 10 -25.06 75.08 26.39
C GLU D 10 -25.20 76.48 25.78
N VAL D 11 -25.09 77.52 26.60
CA VAL D 11 -25.07 78.91 26.16
C VAL D 11 -23.63 79.40 26.28
N LYS D 12 -23.01 79.80 25.17
CA LYS D 12 -21.56 80.09 25.09
C LYS D 12 -21.27 81.30 24.20
N LYS D 13 -20.25 82.09 24.53
CA LYS D 13 -19.87 83.30 23.77
C LYS D 13 -19.36 82.95 22.37
N PRO D 14 -19.50 83.84 21.36
CA PRO D 14 -19.02 83.58 20.01
C PRO D 14 -17.52 83.27 19.98
N GLY D 15 -17.08 82.44 19.05
CA GLY D 15 -15.70 81.93 18.94
C GLY D 15 -15.33 80.87 19.98
N SER D 16 -15.77 81.00 21.23
CA SER D 16 -15.34 80.20 22.38
C SER D 16 -15.81 78.74 22.27
N SER D 17 -14.96 77.78 22.64
CA SER D 17 -15.28 76.35 22.54
C SER D 17 -16.41 75.89 23.47
N VAL D 18 -17.09 74.80 23.09
CA VAL D 18 -18.23 74.20 23.81
C VAL D 18 -17.99 72.72 24.10
N LYS D 19 -18.63 72.17 25.12
CA LYS D 19 -18.57 70.75 25.53
C LYS D 19 -19.97 70.16 25.68
N VAL D 20 -20.22 68.98 25.11
CA VAL D 20 -21.49 68.22 25.22
C VAL D 20 -21.20 66.72 25.30
N SER D 21 -22.14 65.91 25.82
CA SER D 21 -21.93 64.48 26.05
C SER D 21 -23.22 63.67 25.94
N CYS D 22 -23.09 62.38 25.66
CA CYS D 22 -24.19 61.41 25.61
C CYS D 22 -23.79 60.08 26.27
N LYS D 23 -24.75 59.28 26.70
CA LYS D 23 -24.51 57.96 27.29
C LYS D 23 -25.68 57.00 27.07
N ALA D 24 -25.41 55.71 27.15
CA ALA D 24 -26.44 54.69 27.08
C ALA D 24 -27.33 54.66 28.34
N SER D 25 -28.61 54.28 28.19
CA SER D 25 -29.51 53.91 29.28
C SER D 25 -30.33 52.68 28.86
N GLY D 26 -30.63 51.77 29.79
CA GLY D 26 -31.23 50.46 29.47
C GLY D 26 -30.27 49.49 28.76
N GLY D 27 -28.97 49.78 28.71
CA GLY D 27 -27.94 48.98 28.03
C GLY D 27 -26.55 49.62 28.08
N THR D 28 -25.69 49.26 27.13
CA THR D 28 -24.35 49.84 26.92
C THR D 28 -24.02 49.92 25.42
N PHE D 29 -22.97 50.64 25.03
CA PHE D 29 -22.49 50.78 23.65
C PHE D 29 -21.80 49.49 23.12
N SER D 30 -22.58 48.42 22.93
CA SER D 30 -22.12 47.12 22.42
C SER D 30 -21.80 47.12 20.92
N SER D 31 -20.67 47.71 20.53
CA SER D 31 -20.19 47.77 19.14
C SER D 31 -21.15 48.44 18.14
N TYR D 32 -21.98 49.37 18.60
CA TYR D 32 -22.75 50.26 17.73
C TYR D 32 -21.79 51.28 17.08
N ALA D 33 -22.14 51.78 15.89
CA ALA D 33 -21.69 53.09 15.49
C ALA D 33 -22.68 54.15 16.03
N ILE D 34 -22.18 55.34 16.31
CA ILE D 34 -22.99 56.47 16.75
C ILE D 34 -22.48 57.72 16.07
N SER D 35 -23.30 58.75 16.00
CA SER D 35 -23.05 59.98 15.26
C SER D 35 -23.51 61.17 16.05
N TRP D 36 -23.00 62.35 15.71
CA TRP D 36 -23.54 63.64 16.18
C TRP D 36 -24.21 64.36 15.01
N VAL D 37 -25.42 64.88 15.21
CA VAL D 37 -26.27 65.45 14.14
C VAL D 37 -26.95 66.73 14.62
N ARG D 38 -27.04 67.76 13.78
CA ARG D 38 -27.73 69.03 14.12
C ARG D 38 -29.09 69.13 13.43
N GLN D 39 -30.13 69.44 14.19
CA GLN D 39 -31.32 70.16 13.71
C GLN D 39 -31.09 71.66 13.92
N ALA D 40 -30.48 72.33 12.94
CA ALA D 40 -30.55 73.78 12.85
C ALA D 40 -32.00 74.23 12.51
N PRO D 41 -32.49 75.37 13.02
CA PRO D 41 -33.92 75.66 13.09
C PRO D 41 -34.63 75.71 11.72
N GLY D 42 -35.33 74.61 11.40
CA GLY D 42 -36.12 74.41 10.17
C GLY D 42 -35.40 73.73 9.00
N GLN D 43 -34.09 73.48 9.09
CA GLN D 43 -33.28 72.89 8.00
C GLN D 43 -33.38 71.34 7.96
N GLY D 44 -32.89 70.73 6.86
CA GLY D 44 -32.55 69.30 6.86
C GLY D 44 -31.46 68.98 7.89
N LEU D 45 -31.44 67.76 8.42
CA LEU D 45 -30.52 67.36 9.49
C LEU D 45 -29.06 67.32 9.01
N GLU D 46 -28.15 67.97 9.73
CA GLU D 46 -26.72 68.05 9.41
C GLU D 46 -25.92 67.02 10.22
N TRP D 47 -25.54 65.91 9.59
CA TRP D 47 -24.67 64.89 10.19
C TRP D 47 -23.24 65.40 10.32
N MET D 48 -22.73 65.54 11.55
CA MET D 48 -21.42 66.11 11.84
C MET D 48 -20.28 65.10 11.72
N GLY D 49 -20.53 63.83 12.07
CA GLY D 49 -19.49 62.80 12.08
C GLY D 49 -19.93 61.46 12.67
N ARG D 50 -19.02 60.48 12.55
CA ARG D 50 -19.11 59.07 12.97
C ARG D 50 -18.20 58.82 14.17
N ILE D 51 -18.61 58.04 15.15
CA ILE D 51 -17.72 57.47 16.18
C ILE D 51 -18.16 56.06 16.57
N ILE D 52 -17.21 55.20 16.92
CA ILE D 52 -17.45 53.81 17.35
C ILE D 52 -16.87 53.61 18.76
N PRO D 53 -17.67 53.73 19.83
CA PRO D 53 -17.19 53.67 21.22
C PRO D 53 -16.45 52.39 21.61
N MET D 54 -16.68 51.27 20.89
CA MET D 54 -15.93 50.02 21.03
C MET D 54 -14.40 50.23 20.91
N PHE D 55 -13.98 51.16 20.05
CA PHE D 55 -12.58 51.41 19.69
C PHE D 55 -12.11 52.87 19.86
N GLY D 56 -13.03 53.83 20.01
CA GLY D 56 -12.74 55.27 20.04
C GLY D 56 -12.44 55.89 18.66
N ILE D 57 -12.67 55.14 17.57
CA ILE D 57 -12.44 55.56 16.18
C ILE D 57 -13.49 56.58 15.77
N ALA D 58 -13.10 57.68 15.09
CA ALA D 58 -14.03 58.71 14.64
C ALA D 58 -13.69 59.34 13.27
N ASN D 59 -14.72 59.91 12.62
CA ASN D 59 -14.66 60.63 11.34
C ASN D 59 -15.62 61.81 11.36
N TYR D 60 -15.46 62.74 10.42
CA TYR D 60 -16.25 63.98 10.35
C TYR D 60 -16.71 64.28 8.91
N ALA D 61 -17.84 64.96 8.77
CA ALA D 61 -18.20 65.63 7.52
C ALA D 61 -17.30 66.86 7.31
N GLN D 62 -16.92 67.15 6.06
CA GLN D 62 -16.00 68.24 5.72
C GLN D 62 -16.52 69.64 6.14
N LYS D 63 -17.84 69.77 6.30
CA LYS D 63 -18.52 70.94 6.87
C LYS D 63 -18.00 71.34 8.26
N PHE D 64 -17.60 70.36 9.08
CA PHE D 64 -17.24 70.54 10.49
C PHE D 64 -15.86 70.01 10.86
N GLN D 65 -15.20 69.23 10.01
CA GLN D 65 -13.90 68.62 10.30
C GLN D 65 -12.86 69.68 10.71
N GLY D 66 -12.29 69.55 11.92
CA GLY D 66 -11.38 70.53 12.52
C GLY D 66 -12.08 71.63 13.34
N ARG D 67 -13.29 72.06 12.94
CA ARG D 67 -14.17 72.90 13.78
C ARG D 67 -14.71 72.10 14.97
N VAL D 68 -15.02 70.82 14.76
CA VAL D 68 -15.60 69.89 15.74
C VAL D 68 -14.64 68.70 16.01
N THR D 69 -14.67 68.17 17.23
CA THR D 69 -14.04 66.87 17.56
C THR D 69 -14.91 66.07 18.52
N ILE D 70 -14.94 64.74 18.34
CA ILE D 70 -15.79 63.80 19.09
C ILE D 70 -14.96 62.63 19.63
N THR D 71 -15.27 62.16 20.84
CA THR D 71 -14.51 61.12 21.57
C THR D 71 -15.44 60.22 22.40
N ALA D 72 -14.94 59.07 22.87
CA ALA D 72 -15.70 58.10 23.65
C ALA D 72 -15.05 57.77 25.00
N ASP D 73 -15.90 57.62 26.01
CA ASP D 73 -15.63 57.29 27.40
C ASP D 73 -16.23 55.90 27.72
N LYS D 74 -15.77 54.88 26.96
CA LYS D 74 -16.33 53.52 26.96
C LYS D 74 -16.33 52.83 28.33
N SER D 75 -15.38 53.19 29.19
CA SER D 75 -15.28 52.70 30.58
C SER D 75 -16.53 53.02 31.42
N THR D 76 -17.27 54.06 31.05
CA THR D 76 -18.52 54.49 31.71
C THR D 76 -19.67 54.71 30.72
N SER D 77 -19.71 53.93 29.62
CA SER D 77 -20.81 53.90 28.63
C SER D 77 -21.19 55.27 28.02
N THR D 78 -20.20 56.16 27.88
CA THR D 78 -20.38 57.60 27.63
C THR D 78 -19.60 58.05 26.37
N ALA D 79 -20.04 59.13 25.73
CA ALA D 79 -19.49 59.74 24.52
C ALA D 79 -19.57 61.27 24.58
N TYR D 80 -18.82 61.96 23.72
CA TYR D 80 -18.50 63.38 23.86
C TYR D 80 -18.40 64.10 22.50
N LEU D 81 -18.73 65.38 22.47
CA LEU D 81 -18.43 66.31 21.39
C LEU D 81 -17.94 67.64 21.95
N GLU D 82 -17.02 68.28 21.23
CA GLU D 82 -16.69 69.69 21.39
C GLU D 82 -16.66 70.41 20.04
N LEU D 83 -17.10 71.67 20.04
CA LEU D 83 -17.16 72.55 18.88
C LEU D 83 -16.42 73.86 19.17
N SER D 84 -15.84 74.48 18.14
CA SER D 84 -14.97 75.67 18.23
C SER D 84 -15.30 76.68 17.12
N SER D 85 -14.73 77.89 17.17
CA SER D 85 -14.96 78.97 16.17
C SER D 85 -16.45 79.36 16.05
N LEU D 86 -17.15 79.33 17.18
CA LEU D 86 -18.61 79.33 17.28
C LEU D 86 -19.29 80.59 16.69
N ARG D 87 -20.50 80.40 16.14
CA ARG D 87 -21.36 81.42 15.50
C ARG D 87 -20.87 81.91 14.13
N SER D 88 -20.87 81.01 13.15
CA SER D 88 -21.05 81.37 11.73
C SER D 88 -22.45 80.95 11.25
N GLU D 89 -22.95 79.79 11.71
CA GLU D 89 -24.34 79.32 11.61
C GLU D 89 -24.52 78.07 12.49
N ASP D 90 -24.49 78.23 13.82
CA ASP D 90 -24.27 77.11 14.77
C ASP D 90 -25.27 77.00 15.94
N THR D 91 -26.18 77.96 16.09
CA THR D 91 -27.30 77.85 17.04
C THR D 91 -28.28 76.78 16.54
N ALA D 92 -28.37 75.67 17.27
CA ALA D 92 -29.09 74.47 16.81
C ALA D 92 -29.38 73.50 17.96
N VAL D 93 -30.25 72.53 17.72
CA VAL D 93 -30.37 71.34 18.57
C VAL D 93 -29.46 70.26 18.02
N TYR D 94 -28.63 69.68 18.87
CA TYR D 94 -27.66 68.64 18.57
C TYR D 94 -28.18 67.34 19.18
N TYR D 95 -28.16 66.24 18.42
CA TYR D 95 -28.50 64.90 18.88
C TYR D 95 -27.31 63.96 18.69
N CYS D 96 -27.11 63.00 19.58
CA CYS D 96 -26.45 61.76 19.18
C CYS D 96 -27.46 60.87 18.41
N ALA D 97 -27.00 59.97 17.55
CA ALA D 97 -27.87 58.98 16.91
C ALA D 97 -27.09 57.71 16.51
N ARG D 98 -27.58 56.53 16.91
CA ARG D 98 -26.88 55.23 16.73
C ARG D 98 -27.33 54.46 15.50
N TYR D 99 -26.44 53.69 14.90
CA TYR D 99 -26.75 52.70 13.85
C TYR D 99 -25.82 51.49 13.99
N MET D 100 -26.28 50.30 13.59
CA MET D 100 -25.56 49.05 13.90
C MET D 100 -24.58 48.65 12.77
N VAL D 101 -23.42 49.31 12.72
CA VAL D 101 -22.38 49.09 11.69
C VAL D 101 -21.89 47.64 11.61
N THR D 102 -21.95 46.88 12.70
CA THR D 102 -21.48 45.48 12.75
C THR D 102 -22.58 44.43 12.48
N ARG D 103 -23.84 44.86 12.29
CA ARG D 103 -25.04 43.99 12.17
C ARG D 103 -25.34 43.56 10.73
N ASP D 104 -24.88 44.31 9.74
CA ASP D 104 -25.03 44.04 8.31
C ASP D 104 -23.99 44.82 7.50
N GLN D 105 -23.84 44.52 6.21
CA GLN D 105 -23.11 45.31 5.23
C GLN D 105 -23.89 46.59 4.81
N TYR D 106 -24.67 47.15 5.75
CA TYR D 106 -25.52 48.32 5.56
C TYR D 106 -25.53 49.22 6.81
N TYR D 107 -25.65 50.53 6.59
CA TYR D 107 -25.13 51.57 7.47
C TYR D 107 -26.02 52.81 7.54
N TYR D 108 -25.74 53.67 8.53
CA TYR D 108 -26.33 55.00 8.73
C TYR D 108 -27.85 55.03 8.94
N ASP D 109 -28.47 53.87 9.15
CA ASP D 109 -29.86 53.72 9.57
C ASP D 109 -29.99 54.10 11.05
N MET D 110 -30.00 55.40 11.33
CA MET D 110 -29.96 55.94 12.67
C MET D 110 -31.25 55.66 13.44
N ASP D 111 -31.30 54.57 14.20
CA ASP D 111 -32.55 53.96 14.64
C ASP D 111 -33.06 54.47 16.01
N VAL D 112 -32.17 55.03 16.83
CA VAL D 112 -32.47 55.70 18.11
C VAL D 112 -31.65 56.99 18.19
N TRP D 113 -32.29 58.04 18.70
CA TRP D 113 -31.78 59.42 18.75
C TRP D 113 -31.74 59.94 20.18
N GLY D 114 -30.74 60.77 20.48
CA GLY D 114 -30.48 61.32 21.80
C GLY D 114 -31.56 62.24 22.34
N GLN D 115 -31.58 62.36 23.67
CA GLN D 115 -32.40 63.32 24.43
C GLN D 115 -32.22 64.79 24.00
N GLY D 116 -31.12 65.12 23.29
CA GLY D 116 -30.90 66.40 22.62
C GLY D 116 -30.26 67.49 23.49
N THR D 117 -29.38 68.28 22.88
CA THR D 117 -28.73 69.47 23.48
C THR D 117 -29.00 70.69 22.60
N THR D 118 -29.58 71.77 23.12
CA THR D 118 -29.48 73.08 22.45
C THR D 118 -28.08 73.66 22.68
N VAL D 119 -27.32 73.98 21.63
CA VAL D 119 -26.08 74.77 21.75
C VAL D 119 -26.31 76.11 21.09
N THR D 120 -25.98 77.21 21.76
CA THR D 120 -26.35 78.55 21.30
C THR D 120 -25.54 79.66 21.96
N VAL D 121 -25.74 80.90 21.50
CA VAL D 121 -24.87 82.07 21.73
C VAL D 121 -25.68 83.34 22.01
N SER D 122 -25.06 84.36 22.62
CA SER D 122 -25.65 85.70 22.81
C SER D 122 -24.62 86.82 22.68
N ASP E 1 -21.37 66.02 -2.94
CA ASP E 1 -21.62 65.31 -4.22
C ASP E 1 -23.07 64.83 -4.35
N ILE E 2 -23.43 63.68 -3.78
CA ILE E 2 -24.76 63.04 -3.92
C ILE E 2 -25.76 63.71 -2.97
N GLN E 3 -26.18 64.92 -3.34
CA GLN E 3 -27.16 65.73 -2.61
C GLN E 3 -28.57 65.12 -2.71
N MET E 4 -29.31 65.11 -1.59
CA MET E 4 -30.73 64.74 -1.54
C MET E 4 -31.63 65.86 -2.06
N THR E 5 -32.76 65.51 -2.68
CA THR E 5 -33.95 66.35 -2.80
C THR E 5 -35.18 65.55 -2.38
N GLN E 6 -36.13 66.19 -1.70
CA GLN E 6 -37.28 65.53 -1.08
C GLN E 6 -38.56 66.34 -1.32
N SER E 7 -39.64 65.68 -1.71
CA SER E 7 -40.85 66.31 -2.24
C SER E 7 -42.12 65.54 -1.87
N PRO E 8 -43.29 66.21 -1.84
CA PRO E 8 -43.47 67.67 -1.86
C PRO E 8 -42.97 68.31 -0.56
N SER E 9 -42.77 69.63 -0.52
CA SER E 9 -42.28 70.33 0.69
C SER E 9 -43.29 70.33 1.86
N SER E 10 -44.59 70.29 1.59
CA SER E 10 -45.65 70.03 2.58
C SER E 10 -46.98 69.63 1.92
N LEU E 11 -47.91 69.05 2.69
CA LEU E 11 -49.29 68.74 2.25
C LEU E 11 -50.31 68.90 3.38
N SER E 12 -51.55 69.25 3.04
CA SER E 12 -52.69 69.01 3.92
C SER E 12 -53.22 67.57 3.74
N ALA E 13 -53.88 67.04 4.76
CA ALA E 13 -54.47 65.70 4.77
C ALA E 13 -55.62 65.63 5.80
N SER E 14 -56.17 64.43 6.01
CA SER E 14 -57.21 64.13 7.01
C SER E 14 -56.92 62.80 7.71
N VAL E 15 -57.48 62.58 8.89
CA VAL E 15 -57.36 61.28 9.56
C VAL E 15 -58.06 60.21 8.72
N GLY E 16 -57.38 59.09 8.49
CA GLY E 16 -57.81 58.03 7.58
C GLY E 16 -57.43 58.25 6.11
N ASP E 17 -56.80 59.36 5.73
CA ASP E 17 -56.37 59.58 4.33
C ASP E 17 -55.14 58.72 3.94
N ARG E 18 -54.82 58.61 2.65
CA ARG E 18 -53.56 58.00 2.15
C ARG E 18 -52.68 59.06 1.50
N VAL E 19 -51.41 59.13 1.90
CA VAL E 19 -50.45 60.16 1.48
C VAL E 19 -49.10 59.54 1.13
N THR E 20 -48.45 60.00 0.06
CA THR E 20 -47.14 59.48 -0.39
C THR E 20 -46.11 60.60 -0.50
N ILE E 21 -44.86 60.30 -0.12
CA ILE E 21 -43.75 61.25 0.02
C ILE E 21 -42.55 60.68 -0.76
N THR E 22 -41.80 61.49 -1.51
CA THR E 22 -40.76 61.00 -2.43
C THR E 22 -39.38 61.64 -2.23
N CYS E 23 -38.36 60.87 -2.55
CA CYS E 23 -36.93 61.19 -2.42
C CYS E 23 -36.22 60.93 -3.75
N ARG E 24 -35.25 61.79 -4.09
CA ARG E 24 -34.40 61.70 -5.27
C ARG E 24 -33.03 62.29 -4.95
N ALA E 25 -32.00 61.98 -5.73
CA ALA E 25 -30.66 62.56 -5.54
C ALA E 25 -29.96 62.89 -6.85
N SER E 26 -28.88 63.67 -6.79
CA SER E 26 -28.03 64.02 -7.93
C SER E 26 -27.32 62.84 -8.61
N GLN E 27 -27.35 61.65 -8.00
CA GLN E 27 -26.88 60.38 -8.57
C GLN E 27 -27.69 59.21 -7.98
N SER E 28 -27.73 58.05 -8.65
CA SER E 28 -28.42 56.84 -8.14
C SER E 28 -27.79 56.29 -6.85
N ILE E 29 -28.62 55.64 -6.02
CA ILE E 29 -28.34 55.29 -4.61
C ILE E 29 -28.38 53.77 -4.31
N SER E 30 -28.76 52.93 -5.28
CA SER E 30 -28.71 51.45 -5.16
C SER E 30 -29.40 50.89 -3.90
N ASN E 31 -30.51 51.53 -3.49
CA ASN E 31 -31.33 51.24 -2.31
C ASN E 31 -30.67 51.52 -0.94
N TYR E 32 -29.47 52.09 -0.90
CA TYR E 32 -28.82 52.51 0.36
C TYR E 32 -29.41 53.85 0.86
N LEU E 33 -30.66 53.80 1.33
CA LEU E 33 -31.46 54.95 1.79
C LEU E 33 -32.23 54.60 3.07
N ASN E 34 -32.53 55.59 3.92
CA ASN E 34 -33.42 55.47 5.08
C ASN E 34 -34.45 56.61 5.14
N TRP E 35 -35.54 56.40 5.88
CA TRP E 35 -36.60 57.37 6.12
C TRP E 35 -36.93 57.55 7.61
N TYR E 36 -37.27 58.77 8.02
CA TYR E 36 -37.42 59.22 9.41
C TYR E 36 -38.62 60.14 9.59
N GLN E 37 -39.11 60.30 10.82
CA GLN E 37 -39.98 61.42 11.22
C GLN E 37 -39.59 61.98 12.59
N GLN E 38 -39.94 63.23 12.89
CA GLN E 38 -39.76 63.82 14.23
C GLN E 38 -41.03 64.55 14.70
N LYS E 39 -41.44 64.26 15.94
CA LYS E 39 -42.65 64.82 16.58
C LYS E 39 -42.38 66.22 17.16
N PRO E 40 -43.42 67.07 17.35
CA PRO E 40 -43.24 68.44 17.84
C PRO E 40 -42.53 68.48 19.20
N GLY E 41 -41.30 69.03 19.23
CA GLY E 41 -40.48 69.15 20.44
C GLY E 41 -39.65 67.92 20.83
N LYS E 42 -39.55 66.88 19.98
CA LYS E 42 -38.80 65.64 20.24
C LYS E 42 -37.85 65.28 19.08
N ALA E 43 -36.81 64.51 19.39
CA ALA E 43 -35.83 64.01 18.43
C ALA E 43 -36.46 63.06 17.38
N PRO E 44 -35.81 62.83 16.23
CA PRO E 44 -36.31 61.91 15.21
C PRO E 44 -36.48 60.45 15.69
N LYS E 45 -37.23 59.67 14.91
CA LYS E 45 -37.13 58.21 14.86
C LYS E 45 -37.22 57.71 13.41
N LEU E 46 -36.45 56.69 13.09
CA LEU E 46 -36.42 56.05 11.78
C LEU E 46 -37.68 55.17 11.57
N LEU E 47 -38.32 55.28 10.41
CA LEU E 47 -39.40 54.38 9.97
C LEU E 47 -38.87 53.25 9.09
N ILE E 48 -37.98 53.56 8.13
CA ILE E 48 -37.56 52.62 7.09
C ILE E 48 -36.03 52.62 6.97
N TYR E 49 -35.40 51.45 6.95
CA TYR E 49 -33.93 51.32 6.88
C TYR E 49 -33.44 50.74 5.54
N ALA E 50 -34.25 50.90 4.49
CA ALA E 50 -33.95 50.63 3.08
C ALA E 50 -34.97 51.43 2.25
N ALA E 51 -35.15 51.08 0.97
CA ALA E 51 -36.27 51.59 0.17
C ALA E 51 -37.65 51.12 0.70
N SER E 52 -37.74 49.89 1.26
CA SER E 52 -39.01 49.29 1.72
C SER E 52 -39.00 48.65 3.12
N SER E 53 -37.86 48.21 3.66
CA SER E 53 -37.79 47.50 4.95
C SER E 53 -38.12 48.41 6.14
N LEU E 54 -39.29 48.18 6.74
CA LEU E 54 -39.81 48.90 7.90
C LEU E 54 -39.13 48.48 9.21
N GLN E 55 -38.75 49.45 10.04
CA GLN E 55 -38.07 49.26 11.33
C GLN E 55 -38.97 48.64 12.41
N SER E 56 -38.35 48.01 13.41
CA SER E 56 -39.07 47.33 14.50
C SER E 56 -39.96 48.28 15.32
N GLY E 57 -41.08 47.76 15.82
CA GLY E 57 -42.06 48.47 16.64
C GLY E 57 -42.91 49.51 15.91
N VAL E 58 -42.54 49.90 14.69
CA VAL E 58 -43.33 50.78 13.81
C VAL E 58 -44.60 50.06 13.32
N PRO E 59 -45.81 50.68 13.40
CA PRO E 59 -47.05 50.07 12.89
C PRO E 59 -47.13 50.08 11.36
N SER E 60 -47.98 49.22 10.79
CA SER E 60 -48.20 49.09 9.33
C SER E 60 -48.84 50.32 8.66
N ARG E 61 -49.12 51.38 9.43
CA ARG E 61 -49.48 52.74 8.95
C ARG E 61 -48.44 53.33 8.00
N PHE E 62 -47.18 52.90 8.13
CA PHE E 62 -46.03 53.33 7.34
C PHE E 62 -45.60 52.23 6.36
N SER E 63 -45.12 52.61 5.17
CA SER E 63 -44.57 51.70 4.14
C SER E 63 -43.62 52.46 3.20
N GLY E 64 -42.83 51.76 2.37
CA GLY E 64 -41.95 52.38 1.38
C GLY E 64 -41.75 51.55 0.11
N SER E 65 -41.38 52.20 -0.99
CA SER E 65 -41.38 51.63 -2.35
C SER E 65 -40.32 52.27 -3.26
N GLY E 66 -40.03 51.63 -4.41
CA GLY E 66 -39.07 52.09 -5.41
C GLY E 66 -37.70 51.42 -5.30
N SER E 67 -36.83 51.63 -6.30
CA SER E 67 -35.45 51.15 -6.31
C SER E 67 -34.54 52.04 -7.18
N GLY E 68 -33.24 52.07 -6.85
CA GLY E 68 -32.20 52.84 -7.57
C GLY E 68 -32.25 54.36 -7.34
N THR E 69 -33.41 54.98 -7.59
CA THR E 69 -33.72 56.40 -7.34
C THR E 69 -35.24 56.60 -7.26
N ASP E 70 -35.72 57.84 -7.09
CA ASP E 70 -37.14 58.23 -7.05
C ASP E 70 -38.01 57.52 -5.99
N PHE E 71 -37.36 57.04 -4.92
CA PHE E 71 -37.96 56.27 -3.83
C PHE E 71 -39.14 57.00 -3.16
N THR E 72 -40.01 56.25 -2.48
CA THR E 72 -41.11 56.82 -1.71
C THR E 72 -41.27 56.19 -0.34
N LEU E 73 -41.49 57.01 0.70
CA LEU E 73 -42.24 56.61 1.89
C LEU E 73 -43.74 56.84 1.61
N THR E 74 -44.62 56.07 2.25
CA THR E 74 -46.07 56.28 2.16
C THR E 74 -46.76 56.00 3.49
N ILE E 75 -47.83 56.75 3.73
CA ILE E 75 -48.70 56.69 4.91
C ILE E 75 -50.06 56.16 4.45
N SER E 76 -50.55 55.08 5.07
CA SER E 76 -51.84 54.44 4.72
C SER E 76 -52.79 54.43 5.92
N SER E 77 -53.96 55.06 5.78
CA SER E 77 -54.88 55.40 6.87
C SER E 77 -54.22 56.32 7.92
N LEU E 78 -53.91 57.54 7.49
CA LEU E 78 -53.15 58.58 8.19
C LEU E 78 -53.72 58.94 9.58
N GLN E 79 -52.87 59.36 10.51
CA GLN E 79 -53.18 59.56 11.93
C GLN E 79 -52.60 60.89 12.45
N PRO E 80 -53.06 61.41 13.61
CA PRO E 80 -52.35 62.46 14.33
C PRO E 80 -50.90 62.09 14.68
N GLU E 81 -50.56 60.79 14.74
CA GLU E 81 -49.17 60.32 14.86
C GLU E 81 -48.28 60.72 13.65
N ASP E 82 -48.89 61.05 12.52
CA ASP E 82 -48.23 61.38 11.24
C ASP E 82 -48.10 62.90 11.01
N PHE E 83 -48.46 63.72 12.02
CA PHE E 83 -48.24 65.18 12.03
C PHE E 83 -46.74 65.58 12.08
N ALA E 84 -45.87 64.63 12.41
CA ALA E 84 -44.42 64.78 12.44
C ALA E 84 -43.82 65.24 11.09
N THR E 85 -42.69 65.94 11.14
CA THR E 85 -41.90 66.26 9.93
C THR E 85 -41.12 65.01 9.47
N TYR E 86 -41.20 64.65 8.19
CA TYR E 86 -40.51 63.49 7.60
C TYR E 86 -39.21 63.86 6.91
N TYR E 87 -38.17 63.03 7.03
CA TYR E 87 -36.90 63.16 6.29
C TYR E 87 -36.54 61.87 5.55
N CYS E 88 -35.96 61.97 4.36
CA CYS E 88 -35.12 60.92 3.77
C CYS E 88 -33.63 61.15 4.09
N GLN E 89 -32.79 60.11 4.04
CA GLN E 89 -31.33 60.27 4.03
C GLN E 89 -30.64 59.17 3.21
N GLN E 90 -29.56 59.53 2.50
CA GLN E 90 -28.73 58.59 1.74
C GLN E 90 -27.60 58.01 2.58
N SER E 91 -27.37 56.71 2.41
CA SER E 91 -26.34 55.88 3.07
C SER E 91 -25.32 55.32 2.07
N TYR E 92 -25.48 55.62 0.78
CA TYR E 92 -24.75 55.06 -0.34
C TYR E 92 -23.28 55.52 -0.36
N SER E 93 -22.98 56.76 0.01
CA SER E 93 -21.60 57.30 -0.01
C SER E 93 -21.39 58.39 1.05
N PRO E 94 -20.15 58.59 1.54
CA PRO E 94 -19.86 59.52 2.62
C PRO E 94 -19.96 61.00 2.20
N PRO E 95 -20.34 61.92 3.11
CA PRO E 95 -21.02 61.66 4.38
C PRO E 95 -22.52 61.35 4.16
N PRO E 96 -23.17 60.54 5.03
CA PRO E 96 -24.62 60.35 4.96
C PRO E 96 -25.34 61.70 5.11
N THR E 97 -26.32 61.96 4.25
CA THR E 97 -26.91 63.30 4.09
C THR E 97 -28.43 63.20 4.02
N PHE E 98 -29.13 64.11 4.70
CA PHE E 98 -30.59 64.18 4.77
C PHE E 98 -31.20 65.12 3.73
N GLY E 99 -32.43 64.84 3.30
CA GLY E 99 -33.26 65.74 2.50
C GLY E 99 -33.77 66.96 3.27
N GLN E 100 -34.36 67.92 2.55
CA GLN E 100 -34.93 69.15 3.14
C GLN E 100 -36.12 68.92 4.09
N GLY E 101 -36.66 67.70 4.13
CA GLY E 101 -37.81 67.31 4.93
C GLY E 101 -39.16 67.62 4.28
N THR E 102 -40.26 67.18 4.91
CA THR E 102 -41.62 67.58 4.55
C THR E 102 -42.57 67.55 5.74
N LYS E 103 -43.60 68.41 5.74
CA LYS E 103 -44.62 68.54 6.78
C LYS E 103 -46.00 68.10 6.28
N LEU E 104 -46.68 67.25 7.05
CA LEU E 104 -48.10 66.96 6.85
C LEU E 104 -48.94 67.69 7.91
N GLU E 105 -49.88 68.52 7.46
CA GLU E 105 -50.89 69.16 8.31
C GLU E 105 -52.17 68.30 8.33
N ILE E 106 -52.61 67.92 9.54
CA ILE E 106 -53.73 67.01 9.72
C ILE E 106 -55.05 67.67 9.27
N GLN F 1 -56.83 22.97 -0.36
CA GLN F 1 -56.28 24.06 -1.21
C GLN F 1 -57.08 24.21 -2.52
N VAL F 2 -56.74 23.45 -3.57
CA VAL F 2 -57.37 23.52 -4.91
C VAL F 2 -58.84 23.04 -4.91
N GLN F 3 -59.67 23.58 -5.79
CA GLN F 3 -60.99 23.02 -6.15
C GLN F 3 -61.06 22.76 -7.67
N LEU F 4 -61.50 21.57 -8.06
CA LEU F 4 -61.70 21.21 -9.46
C LEU F 4 -62.98 21.85 -10.01
N VAL F 5 -62.92 22.41 -11.21
CA VAL F 5 -64.07 22.98 -11.95
C VAL F 5 -64.20 22.29 -13.31
N GLN F 6 -65.42 22.21 -13.85
CA GLN F 6 -65.77 21.20 -14.86
C GLN F 6 -66.81 21.70 -15.89
N SER F 7 -66.81 21.13 -17.09
CA SER F 7 -67.72 21.43 -18.21
C SER F 7 -69.20 21.25 -17.88
N GLY F 8 -70.06 22.08 -18.48
CA GLY F 8 -71.52 21.99 -18.36
C GLY F 8 -72.14 20.75 -19.04
N ALA F 9 -73.41 20.46 -18.73
CA ALA F 9 -74.15 19.29 -19.20
C ALA F 9 -74.34 19.23 -20.72
N GLU F 10 -74.56 18.03 -21.25
CA GLU F 10 -74.81 17.77 -22.68
C GLU F 10 -76.02 16.84 -22.89
N VAL F 11 -76.85 17.19 -23.88
CA VAL F 11 -77.94 16.34 -24.41
C VAL F 11 -77.60 15.86 -25.82
N LYS F 12 -77.69 14.55 -26.04
CA LYS F 12 -77.09 13.82 -27.17
C LYS F 12 -78.03 12.76 -27.75
N LYS F 13 -77.52 11.97 -28.71
CA LYS F 13 -78.21 10.88 -29.44
C LYS F 13 -77.49 9.53 -29.24
N PRO F 14 -78.17 8.38 -29.34
CA PRO F 14 -77.50 7.08 -29.34
C PRO F 14 -76.53 6.94 -30.53
N GLY F 15 -75.43 6.22 -30.33
CA GLY F 15 -74.35 6.07 -31.32
C GLY F 15 -73.44 7.30 -31.48
N SER F 16 -73.67 8.38 -30.73
CA SER F 16 -72.85 9.59 -30.72
C SER F 16 -71.46 9.39 -30.07
N SER F 17 -70.58 10.36 -30.21
CA SER F 17 -69.34 10.53 -29.43
C SER F 17 -69.24 11.96 -28.88
N VAL F 18 -68.66 12.10 -27.69
CA VAL F 18 -68.89 13.24 -26.79
C VAL F 18 -67.60 13.74 -26.13
N LYS F 19 -67.62 14.97 -25.62
CA LYS F 19 -66.48 15.71 -25.03
C LYS F 19 -66.87 16.35 -23.69
N VAL F 20 -66.01 16.20 -22.67
CA VAL F 20 -66.09 16.86 -21.36
C VAL F 20 -64.68 17.23 -20.86
N SER F 21 -64.56 18.20 -19.95
CA SER F 21 -63.26 18.68 -19.45
C SER F 21 -63.32 19.20 -18.01
N CYS F 22 -62.19 19.17 -17.32
CA CYS F 22 -62.02 19.61 -15.94
C CYS F 22 -60.68 20.33 -15.75
N LYS F 23 -60.60 21.28 -14.83
CA LYS F 23 -59.40 22.10 -14.58
C LYS F 23 -59.32 22.59 -13.14
N ALA F 24 -58.11 22.96 -12.72
CA ALA F 24 -57.89 23.52 -11.39
C ALA F 24 -58.50 24.93 -11.21
N SER F 25 -58.85 25.28 -9.97
CA SER F 25 -59.13 26.64 -9.50
C SER F 25 -58.67 26.81 -8.04
N GLY F 26 -58.28 28.02 -7.64
CA GLY F 26 -57.67 28.26 -6.31
C GLY F 26 -56.30 27.58 -6.10
N GLY F 27 -55.64 27.16 -7.18
CA GLY F 27 -54.41 26.36 -7.18
C GLY F 27 -54.04 25.85 -8.58
N THR F 28 -53.23 24.79 -8.67
CA THR F 28 -52.78 24.19 -9.94
C THR F 28 -52.46 22.69 -9.80
N PHE F 29 -52.39 21.97 -10.92
CA PHE F 29 -52.06 20.53 -11.01
C PHE F 29 -50.57 20.25 -10.74
N SER F 30 -50.15 20.35 -9.49
CA SER F 30 -48.79 20.00 -9.05
C SER F 30 -48.58 18.48 -8.95
N SER F 31 -48.54 17.83 -10.12
CA SER F 31 -48.29 16.39 -10.28
C SER F 31 -49.25 15.44 -9.55
N TYR F 32 -50.47 15.89 -9.22
CA TYR F 32 -51.54 15.00 -8.77
C TYR F 32 -51.91 14.03 -9.91
N ALA F 33 -52.34 12.82 -9.59
CA ALA F 33 -53.17 12.07 -10.54
C ALA F 33 -54.55 12.72 -10.59
N ILE F 34 -55.19 12.67 -11.74
CA ILE F 34 -56.61 12.99 -11.89
C ILE F 34 -57.29 11.82 -12.60
N SER F 35 -58.53 11.60 -12.24
CA SER F 35 -59.28 10.39 -12.57
C SER F 35 -60.72 10.75 -12.91
N TRP F 36 -61.38 9.88 -13.67
CA TRP F 36 -62.75 10.10 -14.11
C TRP F 36 -63.67 8.96 -13.62
N VAL F 37 -64.88 9.32 -13.23
CA VAL F 37 -65.86 8.42 -12.59
C VAL F 37 -67.26 8.68 -13.15
N ARG F 38 -68.05 7.63 -13.39
CA ARG F 38 -69.49 7.72 -13.69
C ARG F 38 -70.34 7.46 -12.46
N GLN F 39 -71.27 8.36 -12.20
CA GLN F 39 -72.45 8.12 -11.38
C GLN F 39 -73.63 7.84 -12.33
N ALA F 40 -73.91 6.56 -12.61
CA ALA F 40 -75.22 6.19 -13.14
C ALA F 40 -76.29 6.46 -12.06
N PRO F 41 -77.48 6.98 -12.41
CA PRO F 41 -78.40 7.62 -11.46
C PRO F 41 -78.91 6.66 -10.37
N GLY F 42 -78.32 6.77 -9.18
CA GLY F 42 -78.64 5.97 -7.99
C GLY F 42 -77.87 4.65 -7.83
N GLN F 43 -76.98 4.29 -8.75
CA GLN F 43 -76.13 3.09 -8.68
C GLN F 43 -74.80 3.37 -7.94
N GLY F 44 -73.93 2.35 -7.81
CA GLY F 44 -72.53 2.55 -7.39
C GLY F 44 -71.71 3.37 -8.39
N LEU F 45 -70.67 4.04 -7.90
CA LEU F 45 -69.72 4.81 -8.72
C LEU F 45 -68.81 3.89 -9.56
N GLU F 46 -68.61 4.21 -10.84
CA GLU F 46 -67.75 3.42 -11.74
C GLU F 46 -66.52 4.22 -12.19
N TRP F 47 -65.33 3.74 -11.86
CA TRP F 47 -64.06 4.36 -12.27
C TRP F 47 -63.74 4.08 -13.73
N MET F 48 -63.42 5.14 -14.48
CA MET F 48 -63.15 5.09 -15.92
C MET F 48 -61.65 4.92 -16.21
N GLY F 49 -60.80 5.71 -15.55
CA GLY F 49 -59.36 5.74 -15.81
C GLY F 49 -58.57 6.75 -14.98
N ARG F 50 -57.24 6.68 -15.13
CA ARG F 50 -56.20 7.53 -14.51
C ARG F 50 -55.46 8.32 -15.59
N ILE F 51 -55.11 9.56 -15.31
CA ILE F 51 -54.07 10.32 -16.04
C ILE F 51 -53.28 11.20 -15.06
N ILE F 52 -52.00 11.46 -15.33
CA ILE F 52 -51.19 12.38 -14.54
C ILE F 52 -50.76 13.54 -15.44
N PRO F 53 -51.25 14.79 -15.26
CA PRO F 53 -50.96 15.91 -16.17
C PRO F 53 -49.47 16.23 -16.32
N MET F 54 -48.66 15.94 -15.30
CA MET F 54 -47.21 16.15 -15.29
C MET F 54 -46.45 15.27 -16.32
N PHE F 55 -47.00 14.09 -16.67
CA PHE F 55 -46.32 13.08 -17.49
C PHE F 55 -47.14 12.55 -18.68
N GLY F 56 -48.44 12.81 -18.73
CA GLY F 56 -49.34 12.43 -19.84
C GLY F 56 -49.70 10.93 -19.91
N ILE F 57 -49.05 10.08 -19.12
CA ILE F 57 -49.35 8.64 -19.06
C ILE F 57 -50.76 8.43 -18.48
N ALA F 58 -51.53 7.52 -19.07
CA ALA F 58 -52.91 7.26 -18.72
C ALA F 58 -53.29 5.77 -18.81
N ASN F 59 -54.36 5.39 -18.12
CA ASN F 59 -54.87 4.02 -18.02
C ASN F 59 -56.41 4.01 -17.97
N TYR F 60 -57.02 2.91 -18.41
CA TYR F 60 -58.48 2.71 -18.41
C TYR F 60 -58.85 1.35 -17.82
N ALA F 61 -60.02 1.23 -17.19
CA ALA F 61 -60.63 -0.08 -16.94
C ALA F 61 -61.11 -0.71 -18.26
N GLN F 62 -61.15 -2.04 -18.35
CA GLN F 62 -61.61 -2.76 -19.55
C GLN F 62 -63.05 -2.39 -19.97
N LYS F 63 -63.88 -1.96 -19.01
CA LYS F 63 -65.25 -1.44 -19.26
C LYS F 63 -65.27 -0.17 -20.13
N PHE F 64 -64.20 0.60 -20.13
CA PHE F 64 -64.07 1.88 -20.82
C PHE F 64 -62.96 1.92 -21.87
N GLN F 65 -61.99 0.99 -21.83
CA GLN F 65 -60.89 0.93 -22.78
C GLN F 65 -61.39 0.87 -24.24
N GLY F 66 -60.85 1.73 -25.10
CA GLY F 66 -61.29 1.91 -26.49
C GLY F 66 -62.58 2.72 -26.64
N ARG F 67 -63.56 2.55 -25.73
CA ARG F 67 -64.78 3.39 -25.67
C ARG F 67 -64.47 4.84 -25.27
N VAL F 68 -63.51 5.04 -24.36
CA VAL F 68 -63.08 6.34 -23.82
C VAL F 68 -61.62 6.64 -24.15
N THR F 69 -61.26 7.91 -24.28
CA THR F 69 -59.87 8.38 -24.19
C THR F 69 -59.78 9.70 -23.43
N ILE F 70 -58.68 9.92 -22.72
CA ILE F 70 -58.43 11.11 -21.88
C ILE F 70 -57.05 11.73 -22.15
N THR F 71 -56.93 13.05 -21.97
CA THR F 71 -55.68 13.82 -22.16
C THR F 71 -55.60 14.97 -21.15
N ALA F 72 -54.41 15.55 -20.96
CA ALA F 72 -54.25 16.73 -20.10
C ALA F 72 -53.05 17.61 -20.50
N ASP F 73 -53.15 18.91 -20.21
CA ASP F 73 -52.06 19.89 -20.32
C ASP F 73 -51.74 20.51 -18.95
N LYS F 74 -50.49 20.34 -18.46
CA LYS F 74 -49.99 21.12 -17.32
C LYS F 74 -49.85 22.61 -17.65
N SER F 75 -49.65 22.95 -18.93
CA SER F 75 -49.50 24.31 -19.46
C SER F 75 -50.67 25.24 -19.10
N THR F 76 -51.88 24.68 -18.93
CA THR F 76 -53.09 25.40 -18.51
C THR F 76 -53.90 24.62 -17.46
N SER F 77 -53.23 23.75 -16.69
CA SER F 77 -53.79 22.95 -15.58
C SER F 77 -55.18 22.35 -15.88
N THR F 78 -55.32 21.69 -17.04
CA THR F 78 -56.60 21.23 -17.59
C THR F 78 -56.52 19.80 -18.12
N ALA F 79 -57.56 19.02 -17.85
CA ALA F 79 -57.74 17.63 -18.27
C ALA F 79 -59.05 17.45 -19.07
N TYR F 80 -59.07 16.46 -19.94
CA TYR F 80 -60.07 16.25 -20.99
C TYR F 80 -60.46 14.78 -21.08
N LEU F 81 -61.74 14.51 -21.36
CA LEU F 81 -62.29 13.19 -21.62
C LEU F 81 -63.18 13.21 -22.86
N GLU F 82 -63.05 12.19 -23.70
CA GLU F 82 -63.99 11.89 -24.78
C GLU F 82 -64.44 10.44 -24.72
N LEU F 83 -65.71 10.20 -25.06
CA LEU F 83 -66.37 8.90 -24.99
C LEU F 83 -67.10 8.65 -26.32
N SER F 84 -67.25 7.38 -26.71
CA SER F 84 -67.78 6.95 -28.01
C SER F 84 -68.83 5.83 -27.86
N SER F 85 -69.57 5.53 -28.92
CA SER F 85 -70.63 4.51 -28.94
C SER F 85 -71.73 4.77 -27.89
N LEU F 86 -72.12 6.05 -27.73
CA LEU F 86 -72.98 6.51 -26.62
C LEU F 86 -74.33 5.77 -26.56
N ARG F 87 -74.83 5.60 -25.33
CA ARG F 87 -76.19 5.15 -24.97
C ARG F 87 -76.45 3.66 -25.22
N SER F 88 -75.49 2.79 -24.92
CA SER F 88 -75.85 1.41 -24.52
C SER F 88 -76.43 1.44 -23.10
N GLU F 89 -75.80 2.22 -22.20
CA GLU F 89 -76.30 2.54 -20.85
C GLU F 89 -75.72 3.87 -20.30
N ASP F 90 -75.08 4.66 -21.16
CA ASP F 90 -74.13 5.75 -20.80
C ASP F 90 -74.75 7.06 -20.30
N THR F 91 -76.07 7.14 -20.13
CA THR F 91 -76.74 8.25 -19.43
C THR F 91 -76.29 8.27 -17.97
N ALA F 92 -75.51 9.28 -17.58
CA ALA F 92 -74.86 9.36 -16.27
C ALA F 92 -74.37 10.79 -15.96
N VAL F 93 -74.02 11.03 -14.69
CA VAL F 93 -73.24 12.20 -14.30
C VAL F 93 -71.77 11.78 -14.20
N TYR F 94 -70.91 12.48 -14.91
CA TYR F 94 -69.49 12.21 -15.05
C TYR F 94 -68.74 13.20 -14.15
N TYR F 95 -67.80 12.72 -13.33
CA TYR F 95 -67.01 13.56 -12.44
C TYR F 95 -65.52 13.32 -12.64
N CYS F 96 -64.70 14.37 -12.61
CA CYS F 96 -63.29 14.20 -12.26
C CYS F 96 -63.12 14.07 -10.73
N ALA F 97 -62.04 13.43 -10.30
CA ALA F 97 -61.49 13.60 -8.96
C ALA F 97 -59.95 13.45 -8.98
N ARG F 98 -59.26 14.25 -8.15
CA ARG F 98 -57.80 14.18 -7.98
C ARG F 98 -57.42 13.16 -6.90
N TYR F 99 -56.22 12.61 -6.96
CA TYR F 99 -55.58 11.98 -5.80
C TYR F 99 -54.06 12.09 -5.91
N MET F 100 -53.36 12.03 -4.78
CA MET F 100 -51.93 12.38 -4.73
C MET F 100 -51.02 11.15 -4.88
N VAL F 101 -50.88 10.66 -6.11
CA VAL F 101 -50.03 9.50 -6.47
C VAL F 101 -48.53 9.68 -6.15
N THR F 102 -48.09 10.91 -5.86
CA THR F 102 -46.68 11.28 -5.62
C THR F 102 -46.46 11.92 -4.24
N ARG F 103 -47.24 11.47 -3.24
CA ARG F 103 -47.30 12.04 -1.88
C ARG F 103 -47.00 11.03 -0.77
N ASP F 104 -47.35 9.77 -0.99
CA ASP F 104 -47.11 8.61 -0.11
C ASP F 104 -47.30 7.33 -0.94
N GLN F 105 -46.89 6.17 -0.43
CA GLN F 105 -47.13 4.86 -1.07
C GLN F 105 -48.58 4.37 -0.89
N TYR F 106 -49.54 5.30 -0.98
CA TYR F 106 -50.97 5.06 -0.93
C TYR F 106 -51.73 5.97 -1.92
N TYR F 107 -52.85 5.46 -2.44
CA TYR F 107 -53.38 5.85 -3.76
C TYR F 107 -54.91 5.91 -3.79
N TYR F 108 -55.45 6.53 -4.85
CA TYR F 108 -56.88 6.58 -5.16
C TYR F 108 -57.77 7.26 -4.10
N ASP F 109 -57.20 7.97 -3.13
CA ASP F 109 -57.93 8.79 -2.17
C ASP F 109 -58.47 10.06 -2.84
N MET F 110 -59.64 9.93 -3.44
CA MET F 110 -60.31 10.98 -4.23
C MET F 110 -60.86 12.10 -3.34
N ASP F 111 -59.98 12.93 -2.80
CA ASP F 111 -60.30 13.91 -1.75
C ASP F 111 -61.01 15.17 -2.26
N VAL F 112 -60.90 15.51 -3.54
CA VAL F 112 -61.63 16.60 -4.19
C VAL F 112 -62.22 16.12 -5.52
N TRP F 113 -63.48 16.49 -5.76
CA TRP F 113 -64.27 16.10 -6.92
C TRP F 113 -64.71 17.33 -7.72
N GLY F 114 -64.85 17.18 -9.04
CA GLY F 114 -65.37 18.20 -9.93
C GLY F 114 -66.86 18.50 -9.72
N GLN F 115 -67.35 19.55 -10.38
CA GLN F 115 -68.74 20.00 -10.30
C GLN F 115 -69.77 18.96 -10.84
N GLY F 116 -69.32 18.04 -11.68
CA GLY F 116 -70.16 17.02 -12.34
C GLY F 116 -70.75 17.48 -13.67
N THR F 117 -70.62 16.67 -14.72
CA THR F 117 -71.22 16.88 -16.03
C THR F 117 -72.28 15.80 -16.29
N THR F 118 -73.55 16.17 -16.48
CA THR F 118 -74.54 15.21 -17.00
C THR F 118 -74.29 15.00 -18.50
N VAL F 119 -74.18 13.76 -18.96
CA VAL F 119 -74.35 13.42 -20.39
C VAL F 119 -75.55 12.48 -20.51
N THR F 120 -76.53 12.83 -21.36
CA THR F 120 -77.79 12.11 -21.43
C THR F 120 -78.47 12.23 -22.81
N VAL F 121 -79.52 11.45 -23.05
CA VAL F 121 -80.29 11.42 -24.30
C VAL F 121 -81.75 11.80 -24.05
N SER F 122 -82.35 12.59 -24.95
CA SER F 122 -83.72 13.13 -24.83
C SER F 122 -84.37 13.41 -26.19
N ASP G 1 -59.84 -9.21 -10.83
CA ASP G 1 -59.32 -9.45 -9.46
C ASP G 1 -60.42 -9.37 -8.40
N ILE G 2 -60.79 -8.18 -7.93
CA ILE G 2 -61.71 -7.99 -6.80
C ILE G 2 -63.07 -7.47 -7.27
N GLN G 3 -64.15 -8.18 -6.91
CA GLN G 3 -65.50 -7.65 -6.86
C GLN G 3 -65.80 -7.06 -5.48
N MET G 4 -66.74 -6.11 -5.40
CA MET G 4 -67.19 -5.51 -4.14
C MET G 4 -68.71 -5.52 -3.97
N THR G 5 -69.17 -5.42 -2.73
CA THR G 5 -70.54 -5.10 -2.33
C THR G 5 -70.53 -4.30 -1.03
N GLN G 6 -71.66 -3.66 -0.70
CA GLN G 6 -71.78 -2.78 0.46
C GLN G 6 -73.17 -2.92 1.08
N SER G 7 -73.27 -2.92 2.40
CA SER G 7 -74.51 -3.26 3.13
C SER G 7 -74.69 -2.42 4.40
N PRO G 8 -75.93 -2.30 4.92
CA PRO G 8 -77.20 -2.66 4.26
C PRO G 8 -77.53 -1.71 3.09
N SER G 9 -78.62 -1.95 2.37
CA SER G 9 -79.10 -1.05 1.29
C SER G 9 -79.50 0.33 1.81
N SER G 10 -80.15 0.42 2.98
CA SER G 10 -80.48 1.67 3.65
C SER G 10 -80.78 1.47 5.14
N LEU G 11 -80.78 2.58 5.90
CA LEU G 11 -81.15 2.66 7.32
C LEU G 11 -81.95 3.95 7.60
N SER G 12 -82.71 3.99 8.71
CA SER G 12 -83.33 5.21 9.23
C SER G 12 -82.94 5.45 10.70
N ALA G 13 -82.74 6.71 11.06
CA ALA G 13 -82.09 7.14 12.30
C ALA G 13 -82.52 8.55 12.72
N SER G 14 -81.91 9.07 13.79
CA SER G 14 -82.14 10.41 14.34
C SER G 14 -80.83 11.19 14.43
N VAL G 15 -80.91 12.52 14.36
CA VAL G 15 -79.74 13.39 14.58
C VAL G 15 -79.18 13.17 16.00
N GLY G 16 -77.87 13.02 16.11
CA GLY G 16 -77.14 12.69 17.33
C GLY G 16 -77.04 11.19 17.65
N ASP G 17 -77.68 10.31 16.86
CA ASP G 17 -77.60 8.85 17.05
C ASP G 17 -76.28 8.25 16.51
N ARG G 18 -75.98 6.97 16.82
CA ARG G 18 -74.83 6.22 16.27
C ARG G 18 -75.33 5.15 15.29
N VAL G 19 -74.71 5.06 14.11
CA VAL G 19 -75.16 4.21 12.98
C VAL G 19 -73.97 3.58 12.27
N THR G 20 -74.04 2.32 11.82
CA THR G 20 -72.88 1.60 11.25
C THR G 20 -73.18 0.93 9.90
N ILE G 21 -72.19 0.96 9.00
CA ILE G 21 -72.25 0.60 7.57
C ILE G 21 -71.08 -0.34 7.26
N THR G 22 -71.21 -1.30 6.35
CA THR G 22 -70.16 -2.29 6.05
C THR G 22 -69.83 -2.43 4.56
N CYS G 23 -68.53 -2.50 4.28
CA CYS G 23 -67.92 -2.89 3.01
C CYS G 23 -67.77 -4.42 2.97
N ARG G 24 -67.81 -5.03 1.78
CA ARG G 24 -67.44 -6.45 1.56
C ARG G 24 -66.80 -6.62 0.18
N ALA G 25 -65.88 -7.58 0.04
CA ALA G 25 -65.11 -7.77 -1.18
C ALA G 25 -64.56 -9.21 -1.32
N SER G 26 -64.10 -9.57 -2.53
CA SER G 26 -63.60 -10.92 -2.85
C SER G 26 -62.32 -11.38 -2.13
N GLN G 27 -61.55 -10.46 -1.53
CA GLN G 27 -60.14 -10.69 -1.17
C GLN G 27 -59.70 -9.87 0.06
N SER G 28 -58.58 -10.26 0.69
CA SER G 28 -57.85 -9.43 1.65
C SER G 28 -57.35 -8.14 0.97
N ILE G 29 -57.58 -6.99 1.62
CA ILE G 29 -57.37 -5.64 1.07
C ILE G 29 -56.26 -4.88 1.82
N SER G 30 -55.65 -5.47 2.86
CA SER G 30 -54.49 -4.91 3.59
C SER G 30 -54.69 -3.46 4.04
N ASN G 31 -55.92 -3.11 4.44
CA ASN G 31 -56.35 -1.76 4.84
C ASN G 31 -56.32 -0.68 3.73
N TYR G 32 -56.02 -1.03 2.47
CA TYR G 32 -56.03 -0.11 1.33
C TYR G 32 -57.47 0.14 0.85
N LEU G 33 -58.22 0.99 1.56
CA LEU G 33 -59.63 1.31 1.29
C LEU G 33 -59.95 2.78 1.67
N ASN G 34 -60.91 3.41 0.98
CA ASN G 34 -61.41 4.75 1.24
C ASN G 34 -62.94 4.75 1.47
N TRP G 35 -63.46 5.78 2.14
CA TRP G 35 -64.88 6.04 2.34
C TRP G 35 -65.26 7.48 1.94
N TYR G 36 -66.43 7.63 1.32
CA TYR G 36 -66.94 8.88 0.75
C TYR G 36 -68.43 9.08 1.06
N GLN G 37 -68.91 10.32 0.91
CA GLN G 37 -70.33 10.65 0.97
C GLN G 37 -70.74 11.71 -0.07
N GLN G 38 -72.01 11.74 -0.46
CA GLN G 38 -72.62 12.79 -1.29
C GLN G 38 -74.12 12.98 -0.98
N LYS G 39 -74.66 14.17 -1.24
CA LYS G 39 -76.09 14.29 -1.58
C LYS G 39 -76.25 14.01 -3.09
N PRO G 40 -77.36 13.45 -3.60
CA PRO G 40 -77.47 13.06 -5.01
C PRO G 40 -77.18 14.20 -5.98
N GLY G 41 -76.34 13.95 -6.99
CA GLY G 41 -75.90 14.94 -7.98
C GLY G 41 -74.80 15.93 -7.51
N LYS G 42 -74.58 16.11 -6.21
CA LYS G 42 -73.51 16.98 -5.68
C LYS G 42 -72.13 16.34 -5.88
N ALA G 43 -71.07 17.15 -5.80
CA ALA G 43 -69.70 16.65 -5.72
C ALA G 43 -69.48 15.83 -4.43
N PRO G 44 -69.00 14.58 -4.48
CA PRO G 44 -68.69 13.80 -3.28
C PRO G 44 -67.57 14.40 -2.42
N LYS G 45 -67.46 13.94 -1.17
CA LYS G 45 -66.37 14.26 -0.23
C LYS G 45 -65.89 13.02 0.53
N LEU G 46 -64.58 12.86 0.71
CA LEU G 46 -63.95 11.77 1.44
C LEU G 46 -64.07 11.97 2.96
N LEU G 47 -64.26 10.89 3.72
CA LEU G 47 -64.19 10.89 5.19
C LEU G 47 -62.89 10.22 5.68
N ILE G 48 -62.63 9.00 5.21
CA ILE G 48 -61.62 8.08 5.73
C ILE G 48 -60.84 7.50 4.55
N TYR G 49 -59.52 7.38 4.68
CA TYR G 49 -58.61 7.04 3.58
C TYR G 49 -57.75 5.78 3.83
N ALA G 50 -58.16 4.97 4.81
CA ALA G 50 -57.60 3.65 5.10
C ALA G 50 -58.71 2.79 5.74
N ALA G 51 -58.38 1.66 6.36
CA ALA G 51 -59.36 0.93 7.18
C ALA G 51 -59.96 1.76 8.34
N SER G 52 -59.20 2.72 8.90
CA SER G 52 -59.62 3.53 10.05
C SER G 52 -59.29 5.03 9.99
N SER G 53 -58.25 5.47 9.26
CA SER G 53 -57.72 6.84 9.39
C SER G 53 -58.66 7.92 8.82
N LEU G 54 -59.08 8.87 9.66
CA LEU G 54 -59.91 10.03 9.35
C LEU G 54 -59.10 11.14 8.66
N GLN G 55 -59.60 11.67 7.54
CA GLN G 55 -58.93 12.75 6.80
C GLN G 55 -58.88 14.07 7.58
N SER G 56 -57.76 14.81 7.47
CA SER G 56 -57.57 16.09 8.15
C SER G 56 -58.61 17.13 7.69
N GLY G 57 -59.22 17.83 8.65
CA GLY G 57 -60.33 18.77 8.42
C GLY G 57 -61.73 18.14 8.39
N VAL G 58 -61.84 16.81 8.28
CA VAL G 58 -63.11 16.09 8.56
C VAL G 58 -63.28 16.01 10.09
N PRO G 59 -64.46 16.37 10.65
CA PRO G 59 -64.68 16.28 12.09
C PRO G 59 -64.75 14.82 12.55
N SER G 60 -64.59 14.58 13.85
CA SER G 60 -64.62 13.24 14.49
C SER G 60 -66.02 12.57 14.54
N ARG G 61 -66.87 12.88 13.56
CA ARG G 61 -68.21 12.32 13.31
C ARG G 61 -68.19 10.91 12.69
N PHE G 62 -67.01 10.35 12.48
CA PHE G 62 -66.84 9.05 11.82
C PHE G 62 -65.72 8.23 12.48
N SER G 63 -65.79 6.91 12.40
CA SER G 63 -64.65 6.02 12.66
C SER G 63 -64.73 4.76 11.79
N GLY G 64 -63.59 4.21 11.39
CA GLY G 64 -63.52 2.98 10.60
C GLY G 64 -63.19 1.77 11.45
N SER G 65 -64.19 1.11 12.02
CA SER G 65 -64.02 -0.15 12.74
C SER G 65 -63.86 -1.33 11.77
N GLY G 66 -62.66 -1.52 11.24
CA GLY G 66 -62.32 -2.64 10.37
C GLY G 66 -60.82 -2.90 10.27
N SER G 67 -60.46 -4.02 9.65
CA SER G 67 -59.07 -4.49 9.49
C SER G 67 -59.01 -5.63 8.45
N GLY G 68 -58.03 -5.61 7.56
CA GLY G 68 -57.81 -6.65 6.54
C GLY G 68 -58.75 -6.55 5.33
N THR G 69 -60.03 -6.83 5.52
CA THR G 69 -61.09 -6.71 4.50
C THR G 69 -62.47 -6.59 5.16
N ASP G 70 -63.54 -6.62 4.38
CA ASP G 70 -64.95 -6.51 4.78
C ASP G 70 -65.23 -5.53 5.95
N PHE G 71 -64.68 -4.32 5.81
CA PHE G 71 -64.60 -3.28 6.83
C PHE G 71 -65.95 -2.75 7.30
N THR G 72 -65.96 -1.97 8.40
CA THR G 72 -67.12 -1.15 8.77
C THR G 72 -66.73 0.31 8.99
N LEU G 73 -67.62 1.23 8.60
CA LEU G 73 -67.60 2.63 8.98
C LEU G 73 -68.77 2.87 9.94
N THR G 74 -68.52 3.54 11.06
CA THR G 74 -69.58 4.06 11.91
C THR G 74 -69.65 5.58 11.77
N ILE G 75 -70.88 6.08 11.66
CA ILE G 75 -71.24 7.43 12.04
C ILE G 75 -71.18 7.52 13.57
N SER G 76 -70.73 8.66 14.10
CA SER G 76 -70.62 8.94 15.53
C SER G 76 -71.27 10.30 15.85
N SER G 77 -72.44 10.29 16.49
CA SER G 77 -73.33 11.45 16.63
C SER G 77 -73.77 12.01 15.27
N LEU G 78 -74.71 11.33 14.65
CA LEU G 78 -75.20 11.55 13.29
C LEU G 78 -75.65 13.00 13.05
N GLN G 79 -75.04 13.69 12.08
CA GLN G 79 -75.43 15.04 11.69
C GLN G 79 -76.59 15.01 10.68
N PRO G 80 -77.37 16.10 10.54
CA PRO G 80 -78.32 16.21 9.42
C PRO G 80 -77.63 16.10 8.04
N GLU G 81 -76.38 16.55 7.91
CA GLU G 81 -75.56 16.35 6.70
C GLU G 81 -75.30 14.86 6.39
N ASP G 82 -75.33 13.99 7.39
CA ASP G 82 -75.14 12.54 7.24
C ASP G 82 -76.40 11.83 6.68
N PHE G 83 -77.43 12.58 6.29
CA PHE G 83 -78.45 12.16 5.34
C PHE G 83 -77.87 11.77 3.96
N ALA G 84 -76.63 12.13 3.67
CA ALA G 84 -75.90 11.76 2.47
C ALA G 84 -75.88 10.24 2.19
N THR G 85 -75.75 9.88 0.91
CA THR G 85 -75.38 8.52 0.48
C THR G 85 -73.90 8.27 0.76
N TYR G 86 -73.56 7.08 1.26
CA TYR G 86 -72.18 6.69 1.60
C TYR G 86 -71.65 5.60 0.66
N TYR G 87 -70.37 5.70 0.28
CA TYR G 87 -69.66 4.71 -0.54
C TYR G 87 -68.36 4.25 0.12
N CYS G 88 -68.08 2.94 0.07
CA CYS G 88 -66.73 2.40 0.26
C CYS G 88 -66.00 2.24 -1.08
N GLN G 89 -64.67 2.09 -1.06
CA GLN G 89 -63.87 1.87 -2.27
C GLN G 89 -62.52 1.20 -1.95
N GLN G 90 -62.21 0.06 -2.56
CA GLN G 90 -60.90 -0.56 -2.43
C GLN G 90 -59.85 0.18 -3.27
N SER G 91 -58.68 0.40 -2.69
CA SER G 91 -57.47 0.96 -3.31
C SER G 91 -56.36 -0.09 -3.48
N TYR G 92 -56.64 -1.33 -3.09
CA TYR G 92 -55.68 -2.44 -3.09
C TYR G 92 -55.20 -2.82 -4.49
N SER G 93 -56.05 -2.76 -5.52
CA SER G 93 -55.65 -3.06 -6.90
C SER G 93 -56.50 -2.33 -7.93
N PRO G 94 -55.96 -2.04 -9.13
CA PRO G 94 -56.72 -1.43 -10.21
C PRO G 94 -57.74 -2.42 -10.84
N PRO G 95 -58.91 -1.94 -11.28
CA PRO G 95 -59.43 -0.59 -11.05
C PRO G 95 -59.87 -0.38 -9.57
N PRO G 96 -59.68 0.82 -9.00
CA PRO G 96 -60.03 1.17 -7.62
C PRO G 96 -61.55 1.16 -7.38
N THR G 97 -62.09 -0.04 -7.18
CA THR G 97 -63.52 -0.32 -7.28
C THR G 97 -64.30 0.25 -6.09
N PHE G 98 -65.46 0.87 -6.33
CA PHE G 98 -66.39 1.31 -5.29
C PHE G 98 -67.43 0.24 -4.94
N GLY G 99 -68.01 0.30 -3.75
CA GLY G 99 -69.22 -0.44 -3.39
C GLY G 99 -70.50 0.16 -3.98
N GLN G 100 -71.61 -0.58 -3.91
CA GLN G 100 -72.92 -0.15 -4.43
C GLN G 100 -73.54 1.07 -3.69
N GLY G 101 -72.96 1.48 -2.57
CA GLY G 101 -73.45 2.57 -1.74
C GLY G 101 -74.56 2.19 -0.75
N THR G 102 -74.89 3.10 0.16
CA THR G 102 -76.01 2.98 1.10
C THR G 102 -76.61 4.35 1.45
N LYS G 103 -77.89 4.39 1.82
CA LYS G 103 -78.65 5.59 2.17
C LYS G 103 -79.01 5.63 3.67
N LEU G 104 -78.79 6.77 4.34
CA LEU G 104 -79.30 7.03 5.69
C LEU G 104 -80.46 8.02 5.65
N GLU G 105 -81.56 7.71 6.31
CA GLU G 105 -82.76 8.56 6.48
C GLU G 105 -82.79 9.18 7.89
N ILE G 106 -83.13 10.46 7.99
CA ILE G 106 -83.25 11.17 9.27
C ILE G 106 -84.56 10.80 9.98
N GLN H 1 -75.90 -17.67 30.54
CA GLN H 1 -75.08 -18.86 30.23
C GLN H 1 -74.52 -19.49 31.51
N VAL H 2 -73.43 -18.96 32.10
CA VAL H 2 -72.75 -19.55 33.26
C VAL H 2 -73.67 -19.63 34.49
N GLN H 3 -73.55 -20.70 35.26
CA GLN H 3 -74.31 -20.96 36.49
C GLN H 3 -73.38 -21.51 37.58
N LEU H 4 -73.68 -21.20 38.84
CA LEU H 4 -72.97 -21.71 40.02
C LEU H 4 -73.80 -22.82 40.70
N VAL H 5 -73.18 -23.96 41.02
CA VAL H 5 -73.80 -25.09 41.75
C VAL H 5 -73.02 -25.35 43.05
N GLN H 6 -73.67 -25.89 44.09
CA GLN H 6 -73.19 -25.78 45.48
C GLN H 6 -73.45 -27.03 46.33
N SER H 7 -72.63 -27.23 47.36
CA SER H 7 -72.71 -28.31 48.36
C SER H 7 -74.07 -28.43 49.07
N GLY H 8 -74.54 -29.65 49.31
CA GLY H 8 -75.79 -29.94 50.05
C GLY H 8 -75.73 -29.58 51.54
N ALA H 9 -76.92 -29.39 52.15
CA ALA H 9 -77.11 -28.95 53.53
C ALA H 9 -76.50 -29.87 54.61
N GLU H 10 -76.19 -29.33 55.78
CA GLU H 10 -75.52 -30.02 56.89
C GLU H 10 -76.04 -29.59 58.27
N VAL H 11 -75.91 -30.49 59.24
CA VAL H 11 -76.10 -30.21 60.68
C VAL H 11 -74.84 -30.60 61.48
N LYS H 12 -74.50 -29.82 62.51
CA LYS H 12 -73.14 -29.76 63.09
C LYS H 12 -73.13 -29.72 64.62
N LYS H 13 -71.97 -30.02 65.23
CA LYS H 13 -71.71 -29.86 66.68
C LYS H 13 -71.47 -28.38 67.07
N PRO H 14 -71.90 -27.93 68.27
CA PRO H 14 -71.68 -26.55 68.73
C PRO H 14 -70.18 -26.24 68.93
N GLY H 15 -69.78 -25.00 68.63
CA GLY H 15 -68.39 -24.53 68.76
C GLY H 15 -67.40 -25.09 67.74
N SER H 16 -67.84 -25.95 66.82
CA SER H 16 -67.02 -26.55 65.77
C SER H 16 -66.69 -25.56 64.63
N SER H 17 -65.91 -26.01 63.63
CA SER H 17 -65.80 -25.35 62.32
C SER H 17 -66.77 -25.97 61.29
N VAL H 18 -67.11 -25.21 60.24
CA VAL H 18 -68.02 -25.63 59.16
C VAL H 18 -67.44 -25.32 57.78
N LYS H 19 -67.89 -26.06 56.76
CA LYS H 19 -67.33 -26.11 55.40
C LYS H 19 -68.45 -26.08 54.35
N VAL H 20 -68.26 -25.32 53.28
CA VAL H 20 -69.10 -25.32 52.06
C VAL H 20 -68.24 -25.15 50.80
N SER H 21 -68.76 -25.56 49.64
CA SER H 21 -68.06 -25.38 48.37
C SER H 21 -69.04 -25.21 47.19
N CYS H 22 -68.58 -24.52 46.15
CA CYS H 22 -69.37 -24.18 44.97
C CYS H 22 -68.50 -24.28 43.70
N LYS H 23 -69.11 -24.52 42.53
CA LYS H 23 -68.39 -24.62 41.25
C LYS H 23 -69.16 -24.04 40.08
N ALA H 24 -68.44 -23.50 39.10
CA ALA H 24 -68.99 -23.03 37.85
C ALA H 24 -69.45 -24.18 36.94
N SER H 25 -70.46 -23.90 36.11
CA SER H 25 -71.04 -24.83 35.13
C SER H 25 -71.53 -24.02 33.92
N GLY H 26 -71.49 -24.62 32.73
CA GLY H 26 -71.62 -23.89 31.45
C GLY H 26 -70.40 -23.01 31.11
N GLY H 27 -69.31 -23.12 31.88
CA GLY H 27 -68.09 -22.32 31.77
C GLY H 27 -67.18 -22.47 33.00
N THR H 28 -66.25 -21.55 33.18
CA THR H 28 -65.40 -21.41 34.38
C THR H 28 -65.38 -19.95 34.87
N PHE H 29 -64.61 -19.65 35.92
CA PHE H 29 -64.38 -18.31 36.48
C PHE H 29 -63.58 -17.37 35.56
N SER H 30 -64.14 -17.04 34.39
CA SER H 30 -63.52 -16.23 33.32
C SER H 30 -63.34 -14.75 33.70
N SER H 31 -62.36 -14.45 34.56
CA SER H 31 -62.09 -13.11 35.10
C SER H 31 -63.26 -12.50 35.91
N TYR H 32 -64.07 -13.34 36.56
CA TYR H 32 -65.09 -12.89 37.50
C TYR H 32 -64.47 -12.54 38.86
N ALA H 33 -65.18 -11.77 39.68
CA ALA H 33 -65.03 -11.83 41.13
C ALA H 33 -66.15 -12.72 41.70
N ILE H 34 -65.87 -13.47 42.77
CA ILE H 34 -66.85 -14.31 43.46
C ILE H 34 -66.80 -14.05 44.97
N SER H 35 -67.95 -14.17 45.62
CA SER H 35 -68.17 -13.73 47.00
C SER H 35 -69.14 -14.65 47.73
N TRP H 36 -69.16 -14.56 49.06
CA TRP H 36 -69.97 -15.42 49.94
C TRP H 36 -70.94 -14.60 50.78
N VAL H 37 -72.15 -15.12 50.98
CA VAL H 37 -73.29 -14.43 51.62
C VAL H 37 -74.08 -15.41 52.50
N ARG H 38 -74.68 -14.93 53.60
CA ARG H 38 -75.57 -15.71 54.48
C ARG H 38 -76.95 -15.07 54.64
N GLN H 39 -77.95 -15.92 54.87
CA GLN H 39 -79.32 -15.59 55.25
C GLN H 39 -79.66 -16.26 56.59
N ALA H 40 -79.51 -15.54 57.69
CA ALA H 40 -80.03 -15.94 59.01
C ALA H 40 -81.56 -15.68 59.07
N PRO H 41 -82.34 -16.44 59.86
CA PRO H 41 -83.81 -16.46 59.76
C PRO H 41 -84.47 -15.12 60.14
N GLY H 42 -84.92 -14.38 59.12
CA GLY H 42 -85.58 -13.08 59.24
C GLY H 42 -84.67 -11.85 59.23
N GLN H 43 -83.36 -12.02 59.08
CA GLN H 43 -82.37 -10.93 59.02
C GLN H 43 -82.11 -10.46 57.58
N GLY H 44 -81.48 -9.29 57.41
CA GLY H 44 -80.88 -8.91 56.13
C GLY H 44 -79.74 -9.85 55.71
N LEU H 45 -79.47 -9.96 54.40
CA LEU H 45 -78.37 -10.77 53.88
C LEU H 45 -77.00 -10.24 54.37
N GLU H 46 -76.15 -11.11 54.93
CA GLU H 46 -74.83 -10.75 55.44
C GLU H 46 -73.73 -11.22 54.47
N TRP H 47 -72.88 -10.30 54.03
CA TRP H 47 -71.81 -10.57 53.05
C TRP H 47 -70.48 -10.82 53.76
N MET H 48 -69.78 -11.90 53.41
CA MET H 48 -68.65 -12.43 54.18
C MET H 48 -67.28 -12.02 53.64
N GLY H 49 -67.12 -11.95 52.31
CA GLY H 49 -65.83 -11.66 51.67
C GLY H 49 -65.82 -11.85 50.16
N ARG H 50 -64.68 -11.49 49.56
CA ARG H 50 -64.39 -11.45 48.11
C ARG H 50 -63.20 -12.36 47.79
N ILE H 51 -63.24 -13.03 46.64
CA ILE H 51 -62.05 -13.61 45.99
C ILE H 51 -62.14 -13.44 44.47
N ILE H 52 -61.00 -13.25 43.79
CA ILE H 52 -60.90 -13.20 42.32
C ILE H 52 -60.17 -14.46 41.83
N PRO H 53 -60.88 -15.50 41.33
CA PRO H 53 -60.26 -16.80 41.02
C PRO H 53 -59.28 -16.81 39.83
N MET H 54 -59.17 -15.69 39.09
CA MET H 54 -58.12 -15.45 38.10
C MET H 54 -56.71 -15.31 38.73
N PHE H 55 -56.63 -14.87 40.00
CA PHE H 55 -55.37 -14.54 40.70
C PHE H 55 -55.27 -15.07 42.14
N GLY H 56 -56.39 -15.49 42.76
CA GLY H 56 -56.44 -15.89 44.18
C GLY H 56 -56.44 -14.73 45.18
N ILE H 57 -56.55 -13.48 44.71
CA ILE H 57 -56.64 -12.27 45.55
C ILE H 57 -57.94 -12.32 46.34
N ALA H 58 -57.89 -12.20 47.68
CA ALA H 58 -59.05 -12.35 48.56
C ALA H 58 -59.01 -11.46 49.81
N ASN H 59 -60.18 -11.06 50.31
CA ASN H 59 -60.39 -10.24 51.51
C ASN H 59 -61.73 -10.58 52.19
N TYR H 60 -61.86 -10.22 53.48
CA TYR H 60 -63.02 -10.54 54.32
C TYR H 60 -63.67 -9.28 54.92
N ALA H 61 -64.99 -9.30 55.10
CA ALA H 61 -65.71 -8.25 55.84
C ALA H 61 -65.46 -8.36 57.36
N GLN H 62 -65.59 -7.26 58.09
CA GLN H 62 -65.11 -7.12 59.47
C GLN H 62 -65.72 -8.10 60.49
N LYS H 63 -66.96 -8.59 60.26
CA LYS H 63 -67.58 -9.64 61.09
C LYS H 63 -66.94 -11.02 60.90
N PHE H 64 -66.44 -11.30 59.69
CA PHE H 64 -65.95 -12.62 59.27
C PHE H 64 -64.42 -12.72 59.21
N GLN H 65 -63.72 -11.60 59.09
CA GLN H 65 -62.26 -11.52 59.18
C GLN H 65 -61.75 -12.18 60.49
N GLY H 66 -60.79 -13.10 60.37
CA GLY H 66 -60.29 -13.92 61.47
C GLY H 66 -61.15 -15.14 61.84
N ARG H 67 -62.46 -15.16 61.49
CA ARG H 67 -63.34 -16.34 61.65
C ARG H 67 -63.35 -17.24 60.40
N VAL H 68 -63.26 -16.66 59.21
CA VAL H 68 -63.46 -17.32 57.91
C VAL H 68 -62.16 -17.44 57.10
N THR H 69 -62.04 -18.50 56.31
CA THR H 69 -60.98 -18.69 55.30
C THR H 69 -61.57 -19.26 54.02
N ILE H 70 -61.16 -18.73 52.86
CA ILE H 70 -61.67 -19.14 51.53
C ILE H 70 -60.53 -19.38 50.54
N THR H 71 -60.77 -20.21 49.51
CA THR H 71 -59.88 -20.37 48.33
C THR H 71 -60.70 -20.62 47.07
N ALA H 72 -60.18 -20.23 45.89
CA ALA H 72 -60.83 -20.41 44.59
C ALA H 72 -59.82 -20.19 43.45
N ASP H 73 -59.86 -21.01 42.40
CA ASP H 73 -59.03 -20.84 41.20
C ASP H 73 -59.79 -21.23 39.92
N LYS H 74 -59.53 -20.55 38.81
CA LYS H 74 -60.16 -20.79 37.50
C LYS H 74 -59.84 -22.16 36.87
N SER H 75 -58.72 -22.77 37.22
CA SER H 75 -58.34 -24.12 36.76
C SER H 75 -59.27 -25.21 37.34
N THR H 76 -59.47 -25.20 38.67
CA THR H 76 -60.41 -26.11 39.35
C THR H 76 -61.88 -25.71 39.16
N SER H 77 -62.17 -24.48 38.70
CA SER H 77 -63.53 -23.93 38.49
C SER H 77 -64.41 -23.95 39.76
N THR H 78 -63.77 -24.07 40.93
CA THR H 78 -64.37 -24.38 42.22
C THR H 78 -63.88 -23.41 43.29
N ALA H 79 -64.80 -22.94 44.12
CA ALA H 79 -64.57 -22.07 45.27
C ALA H 79 -64.94 -22.83 46.55
N TYR H 80 -64.20 -22.55 47.62
CA TYR H 80 -64.29 -23.23 48.91
C TYR H 80 -64.32 -22.19 50.03
N LEU H 81 -65.15 -22.44 51.05
CA LEU H 81 -65.21 -21.65 52.27
C LEU H 81 -65.22 -22.56 53.50
N GLU H 82 -64.49 -22.17 54.54
CA GLU H 82 -64.67 -22.70 55.89
C GLU H 82 -64.69 -21.59 56.95
N LEU H 83 -65.46 -21.82 58.01
CA LEU H 83 -65.78 -20.85 59.06
C LEU H 83 -65.62 -21.49 60.44
N SER H 84 -64.99 -20.80 61.39
CA SER H 84 -64.65 -21.31 62.73
C SER H 84 -65.64 -20.86 63.82
N SER H 85 -65.56 -21.48 65.01
CA SER H 85 -66.26 -21.08 66.25
C SER H 85 -67.79 -20.93 66.09
N LEU H 86 -68.44 -21.97 65.57
CA LEU H 86 -69.87 -21.99 65.25
C LEU H 86 -70.81 -21.69 66.45
N ARG H 87 -71.94 -21.04 66.16
CA ARG H 87 -73.12 -20.81 67.02
C ARG H 87 -73.09 -19.57 67.94
N SER H 88 -72.56 -18.45 67.45
CA SER H 88 -72.89 -17.12 67.98
C SER H 88 -74.15 -16.53 67.32
N GLU H 89 -74.35 -16.74 66.01
CA GLU H 89 -75.58 -16.34 65.27
C GLU H 89 -75.73 -17.12 63.94
N ASP H 90 -75.27 -18.37 63.90
CA ASP H 90 -74.80 -19.02 62.67
C ASP H 90 -75.74 -20.07 62.04
N THR H 91 -76.92 -20.29 62.60
CA THR H 91 -78.00 -21.07 61.97
C THR H 91 -78.56 -20.29 60.78
N ALA H 92 -78.26 -20.72 59.54
CA ALA H 92 -78.49 -19.90 58.34
C ALA H 92 -78.47 -20.72 57.03
N VAL H 93 -78.94 -20.09 55.94
CA VAL H 93 -78.68 -20.54 54.56
C VAL H 93 -77.48 -19.75 54.00
N TYR H 94 -76.54 -20.46 53.39
CA TYR H 94 -75.26 -19.97 52.91
C TYR H 94 -75.26 -20.00 51.38
N TYR H 95 -74.79 -18.94 50.73
CA TYR H 95 -74.72 -18.80 49.27
C TYR H 95 -73.32 -18.31 48.84
N CYS H 96 -72.92 -18.60 47.61
CA CYS H 96 -71.59 -18.19 47.12
C CYS H 96 -71.62 -17.25 45.90
N ALA H 97 -72.25 -16.08 46.02
CA ALA H 97 -72.42 -15.14 44.88
C ALA H 97 -71.23 -14.30 44.36
N ARG H 98 -71.13 -14.29 43.02
CA ARG H 98 -70.11 -13.56 42.24
C ARG H 98 -70.74 -12.37 41.52
N TYR H 99 -69.93 -11.46 40.98
CA TYR H 99 -70.47 -10.28 40.29
C TYR H 99 -70.04 -10.16 38.83
N MET H 100 -69.23 -9.14 38.56
CA MET H 100 -68.64 -8.83 37.26
C MET H 100 -67.62 -7.72 37.55
N VAL H 101 -66.32 -8.00 37.43
CA VAL H 101 -65.34 -6.96 37.81
C VAL H 101 -64.57 -6.33 36.63
N THR H 102 -64.44 -7.04 35.50
CA THR H 102 -63.70 -6.59 34.31
C THR H 102 -64.59 -6.12 33.13
N ARG H 103 -65.91 -6.11 33.32
CA ARG H 103 -66.92 -5.76 32.29
C ARG H 103 -67.18 -4.24 32.19
N ASP H 104 -67.12 -3.57 33.34
CA ASP H 104 -67.24 -2.12 33.54
C ASP H 104 -66.72 -1.84 34.97
N GLN H 105 -66.49 -0.59 35.35
CA GLN H 105 -66.13 -0.20 36.72
C GLN H 105 -67.34 -0.23 37.69
N TYR H 106 -68.22 -1.23 37.51
CA TYR H 106 -69.37 -1.58 38.35
C TYR H 106 -69.13 -2.94 39.03
N TYR H 107 -69.47 -3.03 40.32
CA TYR H 107 -69.04 -4.10 41.21
C TYR H 107 -70.16 -4.55 42.15
N TYR H 108 -70.07 -5.78 42.67
CA TYR H 108 -70.99 -6.36 43.65
C TYR H 108 -72.47 -6.43 43.20
N ASP H 109 -72.78 -6.15 41.94
CA ASP H 109 -74.02 -6.53 41.29
C ASP H 109 -74.00 -8.05 41.05
N MET H 110 -74.33 -8.79 42.11
CA MET H 110 -74.27 -10.24 42.20
C MET H 110 -75.31 -10.92 41.29
N ASP H 111 -75.00 -11.07 40.01
CA ASP H 111 -76.00 -11.42 38.98
C ASP H 111 -76.39 -12.91 38.97
N VAL H 112 -75.52 -13.79 39.47
CA VAL H 112 -75.70 -15.24 39.55
C VAL H 112 -75.26 -15.74 40.93
N TRP H 113 -76.09 -16.60 41.54
CA TRP H 113 -75.95 -17.08 42.92
C TRP H 113 -75.85 -18.61 42.97
N GLY H 114 -75.12 -19.13 43.95
CA GLY H 114 -74.99 -20.56 44.23
C GLY H 114 -76.29 -21.23 44.66
N GLN H 115 -76.35 -22.56 44.53
CA GLN H 115 -77.57 -23.36 44.75
C GLN H 115 -78.06 -23.41 46.22
N GLY H 116 -77.24 -22.94 47.17
CA GLY H 116 -77.59 -22.76 48.59
C GLY H 116 -77.32 -23.98 49.48
N THR H 117 -76.66 -23.74 50.62
CA THR H 117 -76.40 -24.74 51.67
C THR H 117 -77.05 -24.28 52.98
N THR H 118 -77.97 -25.03 53.58
CA THR H 118 -78.33 -24.77 55.00
C THR H 118 -77.23 -25.33 55.92
N VAL H 119 -76.77 -24.57 56.91
CA VAL H 119 -75.87 -25.07 57.97
C VAL H 119 -76.40 -24.63 59.34
N THR H 120 -76.39 -25.53 60.32
CA THR H 120 -76.92 -25.25 61.66
C THR H 120 -76.38 -26.26 62.69
N VAL H 121 -76.46 -25.94 63.98
CA VAL H 121 -76.19 -26.91 65.05
C VAL H 121 -77.36 -27.87 65.26
N SER H 122 -77.06 -29.10 65.69
CA SER H 122 -78.02 -30.09 66.20
C SER H 122 -77.45 -30.89 67.39
N ASP I 1 -68.86 -0.25 57.78
CA ASP I 1 -68.64 1.08 57.16
C ASP I 1 -69.97 1.74 56.79
N ILE I 2 -70.50 1.53 55.57
CA ILE I 2 -71.83 2.01 55.19
C ILE I 2 -72.92 1.21 55.89
N GLN I 3 -74.09 1.81 56.09
CA GLN I 3 -75.27 1.20 56.67
C GLN I 3 -76.46 1.35 55.69
N MET I 4 -77.39 0.41 55.73
CA MET I 4 -78.61 0.40 54.90
C MET I 4 -79.87 0.32 55.74
N THR I 5 -80.97 0.88 55.25
CA THR I 5 -82.31 0.68 55.81
C THR I 5 -83.38 0.72 54.70
N GLN I 6 -84.47 -0.01 54.87
CA GLN I 6 -85.38 -0.33 53.77
C GLN I 6 -86.80 -0.48 54.29
N SER I 7 -87.79 0.08 53.59
CA SER I 7 -89.14 0.26 54.14
C SER I 7 -90.24 0.00 53.13
N PRO I 8 -91.42 -0.46 53.60
CA PRO I 8 -91.72 -0.96 54.96
C PRO I 8 -91.22 -2.40 55.15
N SER I 9 -91.49 -3.02 56.30
CA SER I 9 -91.23 -4.45 56.50
C SER I 9 -92.11 -5.33 55.61
N SER I 10 -93.39 -4.97 55.42
CA SER I 10 -94.33 -5.73 54.58
C SER I 10 -95.43 -4.89 53.96
N LEU I 11 -96.02 -5.38 52.86
CA LEU I 11 -97.19 -4.82 52.18
C LEU I 11 -98.14 -5.94 51.72
N SER I 12 -99.45 -5.72 51.80
CA SER I 12 -100.41 -6.48 51.02
C SER I 12 -100.61 -5.85 49.63
N ALA I 13 -101.02 -6.65 48.65
CA ALA I 13 -101.28 -6.23 47.27
C ALA I 13 -102.27 -7.20 46.59
N SER I 14 -102.51 -7.02 45.30
CA SER I 14 -103.35 -7.89 44.45
C SER I 14 -102.69 -8.11 43.09
N VAL I 15 -103.07 -9.17 42.37
CA VAL I 15 -102.58 -9.38 41.00
C VAL I 15 -103.09 -8.24 40.11
N GLY I 16 -102.19 -7.65 39.32
CA GLY I 16 -102.45 -6.45 38.53
C GLY I 16 -102.28 -5.12 39.29
N ASP I 17 -101.96 -5.13 40.59
CA ASP I 17 -101.74 -3.89 41.37
C ASP I 17 -100.43 -3.18 40.97
N ARG I 18 -100.27 -1.91 41.37
CA ARG I 18 -99.01 -1.16 41.29
C ARG I 18 -98.51 -0.80 42.68
N VAL I 19 -97.24 -1.07 42.97
CA VAL I 19 -96.66 -0.97 44.33
C VAL I 19 -95.25 -0.39 44.28
N THR I 20 -94.84 0.39 45.29
CA THR I 20 -93.50 1.01 45.35
C THR I 20 -92.87 0.87 46.74
N ILE I 21 -91.55 0.68 46.77
CA ILE I 21 -90.71 0.31 47.91
C ILE I 21 -89.50 1.26 47.98
N THR I 22 -88.91 1.51 49.15
CA THR I 22 -87.77 2.43 49.30
C THR I 22 -86.60 1.87 50.10
N CYS I 23 -85.39 2.34 49.79
CA CYS I 23 -84.15 2.07 50.52
C CYS I 23 -83.38 3.38 50.71
N ARG I 24 -82.72 3.54 51.86
CA ARG I 24 -82.02 4.75 52.28
C ARG I 24 -80.63 4.44 52.81
N ALA I 25 -79.66 5.29 52.51
CA ALA I 25 -78.25 5.04 52.80
C ALA I 25 -77.60 6.13 53.66
N SER I 26 -76.79 5.70 54.62
CA SER I 26 -76.22 6.59 55.65
C SER I 26 -74.91 7.30 55.25
N GLN I 27 -74.34 6.95 54.10
CA GLN I 27 -73.42 7.78 53.34
C GLN I 27 -73.98 7.86 51.92
N SER I 28 -73.80 8.96 51.20
CA SER I 28 -74.28 9.11 49.82
C SER I 28 -73.52 8.22 48.82
N ILE I 29 -74.18 7.81 47.73
CA ILE I 29 -73.85 6.57 46.97
C ILE I 29 -73.54 6.78 45.47
N SER I 30 -73.78 7.96 44.89
CA SER I 30 -73.59 8.23 43.44
C SER I 30 -74.27 7.17 42.54
N ASN I 31 -75.43 6.67 42.97
CA ASN I 31 -76.24 5.61 42.32
C ASN I 31 -75.61 4.20 42.21
N TYR I 32 -74.49 3.91 42.87
CA TYR I 32 -73.95 2.54 43.03
C TYR I 32 -74.78 1.68 44.03
N LEU I 33 -75.96 1.21 43.62
CA LEU I 33 -76.85 0.35 44.41
C LEU I 33 -77.61 -0.65 43.50
N ASN I 34 -77.99 -1.83 44.02
CA ASN I 34 -78.59 -2.95 43.30
C ASN I 34 -79.83 -3.49 44.04
N TRP I 35 -80.68 -4.27 43.36
CA TRP I 35 -81.93 -4.82 43.90
C TRP I 35 -82.11 -6.30 43.54
N TYR I 36 -82.66 -7.07 44.47
CA TYR I 36 -82.79 -8.54 44.43
C TYR I 36 -84.13 -9.01 45.03
N GLN I 37 -84.55 -10.24 44.71
CA GLN I 37 -85.65 -10.94 45.40
C GLN I 37 -85.28 -12.39 45.71
N GLN I 38 -85.94 -13.04 46.68
CA GLN I 38 -85.81 -14.49 46.93
C GLN I 38 -87.15 -15.14 47.33
N LYS I 39 -87.29 -16.44 47.06
CA LYS I 39 -88.47 -17.27 47.36
C LYS I 39 -88.08 -18.46 48.24
N PRO I 40 -88.98 -19.03 49.07
CA PRO I 40 -88.66 -20.15 49.95
C PRO I 40 -88.04 -21.34 49.20
N GLY I 41 -86.88 -21.81 49.68
CA GLY I 41 -86.11 -22.91 49.07
C GLY I 41 -85.16 -22.52 47.92
N LYS I 42 -85.01 -21.23 47.58
CA LYS I 42 -84.11 -20.73 46.51
C LYS I 42 -83.21 -19.59 47.01
N ALA I 43 -82.02 -19.47 46.44
CA ALA I 43 -81.13 -18.32 46.64
C ALA I 43 -81.67 -17.05 45.94
N PRO I 44 -81.23 -15.84 46.34
CA PRO I 44 -81.63 -14.59 45.69
C PRO I 44 -81.35 -14.54 44.18
N LYS I 45 -82.10 -13.66 43.49
CA LYS I 45 -81.90 -13.31 42.08
C LYS I 45 -81.97 -11.78 41.90
N LEU I 46 -81.06 -11.23 41.10
CA LEU I 46 -80.90 -9.79 40.85
C LEU I 46 -81.93 -9.29 39.82
N LEU I 47 -82.70 -8.25 40.18
CA LEU I 47 -83.62 -7.54 39.28
C LEU I 47 -82.93 -6.34 38.62
N ILE I 48 -82.20 -5.54 39.41
CA ILE I 48 -81.63 -4.25 38.98
C ILE I 48 -80.16 -4.19 39.40
N TYR I 49 -79.24 -3.87 38.49
CA TYR I 49 -77.79 -3.80 38.76
C TYR I 49 -77.28 -2.36 38.99
N ALA I 50 -78.21 -1.41 39.16
CA ALA I 50 -77.98 0.02 39.32
C ALA I 50 -79.23 0.66 39.99
N ALA I 51 -79.29 1.99 40.06
CA ALA I 51 -80.47 2.69 40.54
C ALA I 51 -81.72 2.47 39.65
N SER I 52 -81.54 2.20 38.34
CA SER I 52 -82.65 2.00 37.38
C SER I 52 -82.46 0.88 36.35
N SER I 53 -81.24 0.61 35.88
CA SER I 53 -81.03 -0.33 34.75
C SER I 53 -81.35 -1.80 35.11
N LEU I 54 -82.31 -2.37 34.38
CA LEU I 54 -82.86 -3.70 34.61
C LEU I 54 -81.94 -4.81 34.07
N GLN I 55 -81.81 -5.91 34.83
CA GLN I 55 -81.01 -7.08 34.45
C GLN I 55 -81.59 -7.84 33.23
N SER I 56 -80.71 -8.49 32.45
CA SER I 56 -81.08 -9.30 31.29
C SER I 56 -82.10 -10.40 31.65
N GLY I 57 -83.08 -10.63 30.77
CA GLY I 57 -84.11 -11.66 30.91
C GLY I 57 -85.25 -11.32 31.88
N VAL I 58 -85.07 -10.33 32.76
CA VAL I 58 -86.11 -9.88 33.69
C VAL I 58 -87.26 -9.23 32.90
N PRO I 59 -88.53 -9.54 33.20
CA PRO I 59 -89.69 -8.92 32.53
C PRO I 59 -89.84 -7.43 32.89
N SER I 60 -90.60 -6.70 32.09
CA SER I 60 -90.81 -5.24 32.24
C SER I 60 -91.62 -4.82 33.48
N ARG I 61 -91.99 -5.77 34.34
CA ARG I 61 -92.76 -5.55 35.58
C ARG I 61 -92.12 -4.58 36.56
N PHE I 62 -90.79 -4.45 36.51
CA PHE I 62 -89.98 -3.73 37.51
C PHE I 62 -89.40 -2.44 36.93
N SER I 63 -89.19 -1.45 37.81
CA SER I 63 -88.37 -0.27 37.54
C SER I 63 -87.74 0.26 38.83
N GLY I 64 -86.69 1.06 38.73
CA GLY I 64 -86.01 1.68 39.87
C GLY I 64 -85.68 3.16 39.63
N SER I 65 -85.48 3.94 40.68
CA SER I 65 -85.09 5.36 40.62
C SER I 65 -84.36 5.81 41.90
N GLY I 66 -83.62 6.91 41.80
CA GLY I 66 -82.96 7.59 42.92
C GLY I 66 -81.82 8.50 42.48
N SER I 67 -81.22 9.20 43.44
CA SER I 67 -80.23 10.25 43.20
C SER I 67 -79.37 10.52 44.44
N GLY I 68 -78.27 9.80 44.60
CA GLY I 68 -77.31 10.01 45.70
C GLY I 68 -77.70 9.36 47.03
N THR I 69 -78.98 9.34 47.38
CA THR I 69 -79.59 8.46 48.39
C THR I 69 -81.11 8.40 48.15
N ASP I 70 -81.89 7.84 49.08
CA ASP I 70 -83.35 7.66 48.98
C ASP I 70 -83.83 7.06 47.64
N PHE I 71 -83.45 5.81 47.38
CA PHE I 71 -83.82 5.04 46.19
C PHE I 71 -85.17 4.36 46.30
N THR I 72 -85.78 4.01 45.17
CA THR I 72 -87.05 3.29 45.12
C THR I 72 -87.06 2.21 44.04
N LEU I 73 -87.80 1.13 44.31
CA LEU I 73 -88.14 0.08 43.35
C LEU I 73 -89.67 0.02 43.22
N THR I 74 -90.18 -0.24 42.02
CA THR I 74 -91.63 -0.26 41.74
C THR I 74 -92.06 -1.44 40.89
N ILE I 75 -93.24 -2.00 41.23
CA ILE I 75 -93.90 -3.10 40.54
C ILE I 75 -95.14 -2.55 39.83
N SER I 76 -95.30 -2.81 38.53
CA SER I 76 -96.48 -2.41 37.74
C SER I 76 -97.17 -3.62 37.12
N SER I 77 -98.47 -3.81 37.39
CA SER I 77 -99.21 -5.05 37.15
C SER I 77 -98.61 -6.26 37.87
N LEU I 78 -98.67 -6.20 39.20
CA LEU I 78 -98.05 -7.15 40.13
C LEU I 78 -98.54 -8.59 39.91
N GLN I 79 -97.67 -9.58 40.13
CA GLN I 79 -97.91 -10.98 39.78
C GLN I 79 -97.61 -11.92 40.96
N PRO I 80 -98.07 -13.18 40.94
CA PRO I 80 -97.56 -14.19 41.87
C PRO I 80 -96.03 -14.37 41.78
N GLU I 81 -95.39 -14.03 40.65
CA GLU I 81 -93.92 -13.98 40.55
C GLU I 81 -93.27 -12.98 41.53
N ASP I 82 -94.05 -12.07 42.11
CA ASP I 82 -93.63 -11.02 43.03
C ASP I 82 -93.97 -11.36 44.51
N PHE I 83 -94.36 -12.60 44.81
CA PHE I 83 -94.54 -13.14 46.17
C PHE I 83 -93.24 -13.10 47.02
N ALA I 84 -92.09 -12.94 46.37
CA ALA I 84 -90.76 -12.94 46.94
C ALA I 84 -90.49 -11.86 48.02
N THR I 85 -89.51 -12.11 48.87
CA THR I 85 -88.90 -11.08 49.75
C THR I 85 -87.85 -10.31 48.97
N TYR I 86 -87.89 -8.97 48.98
CA TYR I 86 -86.99 -8.10 48.19
C TYR I 86 -85.89 -7.48 49.04
N TYR I 87 -84.64 -7.54 48.57
CA TYR I 87 -83.47 -6.91 49.19
C TYR I 87 -82.82 -5.87 48.27
N CYS I 88 -82.57 -4.68 48.79
CA CYS I 88 -81.67 -3.67 48.25
C CYS I 88 -80.21 -3.93 48.71
N GLN I 89 -79.20 -3.37 48.02
CA GLN I 89 -77.78 -3.45 48.42
C GLN I 89 -76.87 -2.39 47.77
N GLN I 90 -76.07 -1.67 48.56
CA GLN I 90 -75.06 -0.73 48.07
C GLN I 90 -73.78 -1.40 47.53
N SER I 91 -73.21 -0.80 46.48
CA SER I 91 -71.93 -1.17 45.83
C SER I 91 -70.87 -0.05 45.84
N TYR I 92 -71.17 1.11 46.43
CA TYR I 92 -70.34 2.32 46.33
C TYR I 92 -68.95 2.17 46.98
N SER I 93 -68.87 1.50 48.13
CA SER I 93 -67.60 1.19 48.81
C SER I 93 -67.72 -0.10 49.63
N PRO I 94 -66.62 -0.84 49.83
CA PRO I 94 -66.67 -2.14 50.50
C PRO I 94 -66.83 -2.01 52.03
N PRO I 95 -67.38 -3.06 52.70
CA PRO I 95 -68.01 -4.23 52.09
C PRO I 95 -69.38 -3.88 51.49
N PRO I 96 -69.77 -4.45 50.32
CA PRO I 96 -71.13 -4.30 49.80
C PRO I 96 -72.14 -4.81 50.83
N THR I 97 -73.24 -4.10 51.02
CA THR I 97 -74.11 -4.29 52.19
C THR I 97 -75.56 -4.23 51.78
N PHE I 98 -76.35 -5.22 52.19
CA PHE I 98 -77.79 -5.34 51.92
C PHE I 98 -78.66 -4.68 52.99
N GLY I 99 -79.88 -4.28 52.64
CA GLY I 99 -80.92 -3.87 53.59
C GLY I 99 -81.55 -5.04 54.36
N GLN I 100 -82.50 -4.72 55.24
CA GLN I 100 -83.24 -5.70 56.06
C GLN I 100 -84.28 -6.54 55.27
N GLY I 101 -84.61 -6.16 54.04
CA GLY I 101 -85.60 -6.82 53.20
C GLY I 101 -87.03 -6.33 53.39
N THR I 102 -87.90 -6.60 52.41
CA THR I 102 -89.35 -6.33 52.51
C THR I 102 -90.20 -7.44 51.88
N LYS I 103 -91.35 -7.78 52.50
CA LYS I 103 -92.23 -8.88 52.10
C LYS I 103 -93.51 -8.37 51.43
N LEU I 104 -93.83 -8.90 50.26
CA LEU I 104 -95.08 -8.63 49.55
C LEU I 104 -96.03 -9.83 49.66
N GLU I 105 -97.24 -9.63 50.17
CA GLU I 105 -98.28 -10.66 50.24
C GLU I 105 -99.31 -10.42 49.13
N ILE I 106 -99.54 -11.44 48.30
CA ILE I 106 -100.40 -11.33 47.11
C ILE I 106 -101.87 -11.14 47.53
#